data_8DEW
#
_entry.id   8DEW
#
_cell.length_a   1.00
_cell.length_b   1.00
_cell.length_c   1.00
_cell.angle_alpha   90.00
_cell.angle_beta   90.00
_cell.angle_gamma   90.00
#
_symmetry.space_group_name_H-M   'P 1'
#
loop_
_entity.id
_entity.type
_entity.pdbx_description
1 polymer 'Efflux pump membrane transporter'
2 polymer 'Antibacterial peptide LL-37'
3 non-polymer PHOSPHATIDYLETHANOLAMINE
#
loop_
_entity_poly.entity_id
_entity_poly.type
_entity_poly.pdbx_seq_one_letter_code
_entity_poly.pdbx_strand_id
1 'polypeptide(L)'
;MAKFFIDRPIFAWVISIFIIAAGIFGIKSLPVSQYPSVAAPTITLHAIYPGASAQVMEGSVLSVIERNMNGVEGLDYMST
SADSSGSGSVSLTFTPDTDENLAQVEVQNKLSEVLSTLPATVQQYGVTVSKARSNFLMIVMLSSDVQSTEEMNDYAQRNV
VPELQRIEGVGQVRLFGAQRAMRIWVDPKKLQNYNLSFADVGSALSAQNIQISAGSIGSLPAVRGQTVTATVTAQGQLGT
AEEFGNVILRANTDGSNIYLKDVAKVGLGMEDYSSSTRLNGVNTTGMAVMLSNSGNAMATAKAVKERLAVLEKYFPQGMS
WKTPYDTSKFVEISIEKVIHTLIEAMVLVFVVMYLFLQNIRYTLIPTIVVPISLLGGFAFISYMGMSINVLTMFAMILVI
GIVVDDAIVVVENVERIMAGEGLPPKEATKKAMGQISGAVIGITAVLISVFVPLAMFSGAAGNIYKQFALTMASSIAFSA
FLALTLTPALCATMLKTIPKGHHEEKKGFFGWFNKKFDSWTHGYEGRVAKVLRKTFRMMVVYIGLAVVGVFLFMRLPTSF
LPTEDQGFVMVSVQLPAGATKERTDATLAQVTQLAKSIPEIENIITVSGFSFSGSGQNMAMGFAILKDWNERTASGSDAV
AVAGKLTGMMMGTLKDGFGIAVVPPPILELGNGSGLSINLQDRNNTGHTALLAKRNELIQKMRASGLFDPSTVRAGGLED
SPQLKIDINRAAAAAQGVSFADIRTALASALSSSYVSDFPNQGRLQRVMVQADGDARMQPADILNLTVPNSSGIAVPLSS
IATVSWQMGTEQSVRFNGYPAMELSGSPATGVSTGQAMEAVQKMVDELGSGYSLEWGGQSREEAKGGSQTIALYALAAVA
VFLVLAALYESWSIPLAVLLVMPLGLAGAAAGVTGRNLFEGLLGSVPSFANDIYFQVGFVTVMGLSAKNAILIIEFAKDL
QAQGKSAVEAALEAARLRFRPIIMTSFAFILGVVPLYIAGGASSASQRAIGTTVFWGMLIGTLLSVFLVPLFYVVVRKFF
KETAHEHEMAVRHASKAGITGSDDKQY
;
A,B,C
2 'polypeptide(L)' FKRIVQRIKDFLRNLV D
#
# COMPACT_ATOMS: atom_id res chain seq x y z
N MET A 1 4.44 -32.76 29.68
CA MET A 1 3.82 -31.40 29.69
C MET A 1 3.32 -31.05 31.08
N ALA A 2 2.45 -31.90 31.62
CA ALA A 2 1.90 -31.64 32.95
C ALA A 2 2.98 -31.74 34.02
N LYS A 3 3.76 -32.83 34.03
CA LYS A 3 4.76 -33.02 35.07
C LYS A 3 5.80 -31.90 35.05
N PHE A 4 6.15 -31.43 33.85
CA PHE A 4 7.13 -30.36 33.73
C PHE A 4 6.80 -29.20 34.64
N PHE A 5 5.54 -28.77 34.62
CA PHE A 5 5.11 -27.63 35.42
C PHE A 5 4.66 -28.03 36.81
N ILE A 6 4.22 -29.27 37.01
CA ILE A 6 3.93 -29.74 38.36
C ILE A 6 5.17 -29.68 39.22
N ASP A 7 6.35 -29.86 38.61
CA ASP A 7 7.60 -29.74 39.33
C ASP A 7 8.10 -28.30 39.42
N ARG A 8 7.45 -27.36 38.75
CA ARG A 8 7.88 -25.95 38.73
C ARG A 8 6.67 -25.04 38.63
N PRO A 9 5.94 -24.88 39.74
CA PRO A 9 4.74 -24.02 39.68
C PRO A 9 5.03 -22.57 39.35
N ILE A 10 6.16 -22.02 39.81
CA ILE A 10 6.40 -20.60 39.62
C ILE A 10 6.61 -20.28 38.14
N PHE A 11 7.20 -21.19 37.37
CA PHE A 11 7.33 -20.98 35.94
C PHE A 11 5.97 -20.91 35.27
N ALA A 12 5.04 -21.78 35.67
CA ALA A 12 3.68 -21.71 35.15
C ALA A 12 3.01 -20.40 35.53
N TRP A 13 3.22 -19.96 36.77
CA TRP A 13 2.67 -18.67 37.20
C TRP A 13 3.23 -17.54 36.35
N VAL A 14 4.52 -17.59 36.03
CA VAL A 14 5.13 -16.55 35.22
C VAL A 14 4.52 -16.53 33.83
N ILE A 15 4.34 -17.70 33.22
CA ILE A 15 3.72 -17.77 31.90
C ILE A 15 2.31 -17.20 31.95
N SER A 16 1.56 -17.54 33.00
CA SER A 16 0.20 -17.04 33.14
C SER A 16 0.19 -15.52 33.30
N ILE A 17 1.12 -14.98 34.08
CA ILE A 17 1.18 -13.53 34.28
C ILE A 17 1.55 -12.83 32.97
N PHE A 18 2.43 -13.44 32.18
CA PHE A 18 2.73 -12.88 30.87
C PHE A 18 1.49 -12.87 29.98
N ILE A 19 0.71 -13.94 30.03
CA ILE A 19 -0.54 -13.97 29.25
C ILE A 19 -1.48 -12.87 29.74
N ILE A 20 -1.55 -12.66 31.04
CA ILE A 20 -2.43 -11.62 31.60
C ILE A 20 -1.99 -10.25 31.09
N ALA A 21 -0.68 -9.99 31.11
CA ALA A 21 -0.18 -8.71 30.64
C ALA A 21 -0.48 -8.52 29.16
N ALA A 22 -0.29 -9.57 28.36
CA ALA A 22 -0.62 -9.49 26.94
C ALA A 22 -2.09 -9.19 26.74
N GLY A 23 -2.96 -9.81 27.54
CA GLY A 23 -4.38 -9.54 27.44
C GLY A 23 -4.73 -8.11 27.78
N ILE A 24 -4.10 -7.55 28.82
CA ILE A 24 -4.34 -6.16 29.17
C ILE A 24 -3.90 -5.24 28.03
N PHE A 25 -2.71 -5.48 27.50
CA PHE A 25 -2.24 -4.67 26.37
C PHE A 25 -3.17 -4.80 25.17
N GLY A 26 -3.69 -6.00 24.94
CA GLY A 26 -4.63 -6.18 23.85
C GLY A 26 -5.92 -5.42 24.07
N ILE A 27 -6.42 -5.43 25.31
CA ILE A 27 -7.64 -4.68 25.62
C ILE A 27 -7.42 -3.19 25.38
N LYS A 28 -6.30 -2.64 25.83
CA LYS A 28 -6.09 -1.20 25.72
C LYS A 28 -5.96 -0.74 24.28
N SER A 29 -5.55 -1.62 23.37
CA SER A 29 -5.40 -1.27 21.96
C SER A 29 -6.49 -1.91 21.09
N LEU A 30 -7.72 -1.97 21.59
CA LEU A 30 -8.81 -2.65 20.90
C LEU A 30 -9.95 -1.66 20.68
N PRO A 31 -10.28 -1.30 19.44
CA PRO A 31 -11.39 -0.36 19.23
C PRO A 31 -12.72 -0.95 19.65
N VAL A 32 -13.63 -0.07 20.06
CA VAL A 32 -14.94 -0.46 20.58
C VAL A 32 -16.01 -0.01 19.59
N SER A 33 -16.90 -0.92 19.24
CA SER A 33 -17.98 -0.62 18.31
C SER A 33 -19.21 -1.42 18.73
N GLN A 34 -20.27 -1.33 17.94
CA GLN A 34 -21.50 -2.07 18.20
C GLN A 34 -21.46 -3.43 17.50
N TYR A 35 -21.29 -3.43 16.19
CA TYR A 35 -21.05 -4.62 15.39
C TYR A 35 -19.80 -4.41 14.57
N PRO A 36 -19.22 -5.48 14.02
CA PRO A 36 -18.09 -5.31 13.11
C PRO A 36 -18.52 -4.57 11.85
N SER A 37 -17.57 -3.86 11.25
CA SER A 37 -17.85 -3.13 10.03
C SER A 37 -18.15 -4.11 8.90
N VAL A 38 -19.26 -3.88 8.20
CA VAL A 38 -19.72 -4.80 7.16
C VAL A 38 -19.87 -4.11 5.81
N ALA A 39 -19.92 -2.79 5.76
CA ALA A 39 -20.15 -2.08 4.51
C ALA A 39 -18.88 -2.01 3.67
N ALA A 40 -19.04 -1.62 2.42
CA ALA A 40 -17.98 -1.59 1.43
C ALA A 40 -17.51 -0.16 1.17
N PRO A 41 -16.36 0.01 0.52
CA PRO A 41 -15.90 1.36 0.21
C PRO A 41 -16.82 2.06 -0.78
N THR A 42 -16.90 3.38 -0.63
CA THR A 42 -17.67 4.21 -1.55
C THR A 42 -16.98 5.56 -1.68
N ILE A 43 -16.88 6.04 -2.91
CA ILE A 43 -16.30 7.35 -3.21
C ILE A 43 -17.33 8.14 -4.01
N THR A 44 -17.55 9.40 -3.62
CA THR A 44 -18.53 10.25 -4.25
C THR A 44 -17.86 11.50 -4.81
N LEU A 45 -18.32 11.93 -5.98
CA LEU A 45 -17.88 13.16 -6.62
C LEU A 45 -19.05 14.13 -6.62
N HIS A 46 -18.82 15.34 -6.13
CA HIS A 46 -19.86 16.35 -5.97
C HIS A 46 -19.59 17.52 -6.91
N ALA A 47 -20.65 18.00 -7.56
CA ALA A 47 -20.56 19.11 -8.49
C ALA A 47 -21.66 20.12 -8.20
N ILE A 48 -21.41 21.38 -8.57
CA ILE A 48 -22.34 22.47 -8.35
C ILE A 48 -22.51 23.20 -9.68
N TYR A 49 -23.74 23.26 -10.17
CA TYR A 49 -24.08 23.98 -11.39
C TYR A 49 -25.29 24.84 -11.10
N PRO A 50 -25.10 25.97 -10.42
CA PRO A 50 -26.26 26.77 -9.97
C PRO A 50 -27.12 27.22 -11.14
N GLY A 51 -28.43 27.15 -10.93
CA GLY A 51 -29.39 27.56 -11.93
C GLY A 51 -29.79 26.48 -12.93
N ALA A 52 -29.13 25.32 -12.90
CA ALA A 52 -29.40 24.28 -13.87
C ALA A 52 -30.44 23.30 -13.35
N SER A 53 -31.21 22.74 -14.27
CA SER A 53 -32.23 21.77 -13.92
C SER A 53 -31.62 20.38 -13.80
N ALA A 54 -32.42 19.44 -13.30
CA ALA A 54 -31.93 18.08 -13.10
C ALA A 54 -31.48 17.46 -14.42
N GLN A 55 -32.29 17.62 -15.48
CA GLN A 55 -31.93 17.05 -16.77
C GLN A 55 -30.65 17.67 -17.31
N VAL A 56 -30.55 19.00 -17.23
CA VAL A 56 -29.35 19.69 -17.70
C VAL A 56 -28.14 19.27 -16.88
N MET A 57 -28.29 19.28 -15.56
CA MET A 57 -27.19 18.86 -14.68
C MET A 57 -26.69 17.48 -15.08
N GLU A 58 -27.61 16.52 -15.17
CA GLU A 58 -27.26 15.16 -15.53
C GLU A 58 -26.50 15.15 -16.84
N GLY A 59 -27.17 15.55 -17.92
CA GLY A 59 -26.66 15.36 -19.26
C GLY A 59 -25.44 16.20 -19.58
N SER A 60 -25.16 17.23 -18.79
CA SER A 60 -24.01 18.09 -19.06
C SER A 60 -22.82 17.82 -18.15
N VAL A 61 -23.03 17.25 -16.95
CA VAL A 61 -21.96 17.07 -15.99
C VAL A 61 -21.80 15.61 -15.58
N LEU A 62 -22.89 14.98 -15.11
CA LEU A 62 -22.74 13.74 -14.37
C LEU A 62 -22.50 12.56 -15.30
N SER A 63 -23.23 12.49 -16.42
CA SER A 63 -22.96 11.46 -17.41
C SER A 63 -21.56 11.61 -17.98
N VAL A 64 -21.13 12.84 -18.24
CA VAL A 64 -19.80 13.09 -18.77
C VAL A 64 -18.75 12.59 -17.78
N ILE A 65 -18.93 12.87 -16.49
CA ILE A 65 -17.96 12.44 -15.50
C ILE A 65 -17.94 10.92 -15.39
N GLU A 66 -19.12 10.29 -15.34
CA GLU A 66 -19.18 8.85 -15.09
C GLU A 66 -18.89 8.01 -16.33
N ARG A 67 -18.85 8.61 -17.52
CA ARG A 67 -18.44 7.86 -18.70
C ARG A 67 -16.95 7.57 -18.70
N ASN A 68 -16.16 8.30 -17.92
CA ASN A 68 -14.74 8.06 -17.79
C ASN A 68 -14.37 7.28 -16.54
N MET A 69 -15.36 6.79 -15.80
CA MET A 69 -15.11 6.06 -14.56
C MET A 69 -15.12 4.55 -14.75
N ASN A 70 -15.55 4.05 -15.89
CA ASN A 70 -15.39 2.63 -16.19
C ASN A 70 -13.93 2.35 -16.44
N GLY A 71 -13.37 1.39 -15.73
CA GLY A 71 -11.96 1.08 -15.80
C GLY A 71 -11.17 1.34 -14.54
N VAL A 72 -11.83 1.73 -13.44
CA VAL A 72 -11.16 1.84 -12.15
C VAL A 72 -11.11 0.46 -11.53
N GLU A 73 -9.90 0.02 -11.17
CA GLU A 73 -9.70 -1.35 -10.71
C GLU A 73 -10.46 -1.58 -9.42
N GLY A 74 -11.38 -2.56 -9.43
CA GLY A 74 -12.14 -2.93 -8.26
C GLY A 74 -13.55 -2.39 -8.20
N LEU A 75 -13.98 -1.64 -9.22
CA LEU A 75 -15.31 -1.04 -9.19
C LEU A 75 -16.39 -2.12 -9.22
N ASP A 76 -17.38 -1.98 -8.35
CA ASP A 76 -18.54 -2.87 -8.35
C ASP A 76 -19.68 -2.29 -9.18
N TYR A 77 -20.15 -1.10 -8.82
CA TYR A 77 -21.18 -0.42 -9.60
C TYR A 77 -21.11 1.06 -9.32
N MET A 78 -21.75 1.83 -10.19
CA MET A 78 -21.81 3.29 -10.08
C MET A 78 -23.24 3.75 -10.26
N SER A 79 -23.53 4.92 -9.68
CA SER A 79 -24.86 5.50 -9.80
C SER A 79 -24.74 7.02 -9.82
N THR A 80 -25.77 7.65 -10.39
CA THR A 80 -25.84 9.10 -10.52
C THR A 80 -27.16 9.58 -9.92
N SER A 81 -27.16 10.80 -9.40
CA SER A 81 -28.36 11.40 -8.85
C SER A 81 -28.30 12.91 -9.04
N ALA A 82 -29.38 13.47 -9.58
CA ALA A 82 -29.48 14.91 -9.80
C ALA A 82 -30.87 15.37 -9.39
N ASP A 83 -30.96 16.64 -9.00
CA ASP A 83 -32.24 17.23 -8.59
C ASP A 83 -32.23 18.69 -9.03
N SER A 84 -33.30 19.40 -8.67
CA SER A 84 -33.46 20.81 -9.03
C SER A 84 -32.76 21.76 -8.07
N SER A 85 -31.84 21.26 -7.24
CA SER A 85 -31.18 22.08 -6.23
C SER A 85 -29.90 22.72 -6.74
N GLY A 86 -29.51 22.48 -7.98
CA GLY A 86 -28.24 22.94 -8.48
C GLY A 86 -27.05 22.10 -8.09
N SER A 87 -27.28 20.89 -7.61
CA SER A 87 -26.22 20.00 -7.17
C SER A 87 -26.44 18.61 -7.75
N GLY A 88 -25.34 17.88 -7.89
CA GLY A 88 -25.40 16.51 -8.38
C GLY A 88 -24.18 15.76 -7.92
N SER A 89 -24.30 14.43 -7.89
CA SER A 89 -23.25 13.58 -7.38
C SER A 89 -23.12 12.32 -8.23
N VAL A 90 -21.92 11.75 -8.19
CA VAL A 90 -21.62 10.47 -8.83
C VAL A 90 -21.00 9.57 -7.77
N SER A 91 -21.69 8.46 -7.46
CA SER A 91 -21.27 7.57 -6.39
C SER A 91 -20.68 6.30 -6.99
N LEU A 92 -19.45 5.98 -6.59
CA LEU A 92 -18.75 4.77 -7.03
C LEU A 92 -18.61 3.83 -5.86
N THR A 93 -19.07 2.60 -6.02
CA THR A 93 -19.00 1.57 -4.99
C THR A 93 -18.02 0.49 -5.44
N PHE A 94 -17.14 0.09 -4.54
CA PHE A 94 -16.09 -0.88 -4.83
C PHE A 94 -16.34 -2.16 -4.04
N THR A 95 -15.62 -3.21 -4.44
CA THR A 95 -15.71 -4.48 -3.74
C THR A 95 -15.01 -4.38 -2.39
N PRO A 96 -15.38 -5.23 -1.43
CA PRO A 96 -14.86 -5.06 -0.05
C PRO A 96 -13.34 -5.13 0.05
N ASP A 97 -12.68 -5.87 -0.84
CA ASP A 97 -11.23 -6.06 -0.76
C ASP A 97 -10.45 -4.95 -1.45
N THR A 98 -11.04 -3.77 -1.61
CA THR A 98 -10.39 -2.64 -2.26
C THR A 98 -10.05 -1.59 -1.22
N ASP A 99 -8.89 -0.95 -1.39
CA ASP A 99 -8.44 0.10 -0.48
C ASP A 99 -8.82 1.46 -1.06
N GLU A 100 -9.26 2.35 -0.19
CA GLU A 100 -9.85 3.61 -0.63
C GLU A 100 -8.81 4.57 -1.19
N ASN A 101 -7.57 4.50 -0.73
CA ASN A 101 -6.57 5.48 -1.14
C ASN A 101 -6.24 5.36 -2.61
N LEU A 102 -5.91 4.15 -3.07
CA LEU A 102 -5.56 3.96 -4.47
C LEU A 102 -6.77 4.16 -5.37
N ALA A 103 -7.94 3.74 -4.91
CA ALA A 103 -9.16 3.99 -5.67
C ALA A 103 -9.39 5.48 -5.85
N GLN A 104 -9.16 6.27 -4.79
CA GLN A 104 -9.29 7.72 -4.90
C GLN A 104 -8.26 8.28 -5.85
N VAL A 105 -7.04 7.74 -5.83
CA VAL A 105 -6.01 8.21 -6.77
C VAL A 105 -6.45 8.00 -8.20
N GLU A 106 -6.97 6.81 -8.50
CA GLU A 106 -7.43 6.52 -9.86
C GLU A 106 -8.61 7.41 -10.25
N VAL A 107 -9.56 7.59 -9.33
CA VAL A 107 -10.72 8.43 -9.62
C VAL A 107 -10.28 9.87 -9.87
N GLN A 108 -9.30 10.35 -9.12
CA GLN A 108 -8.78 11.69 -9.32
C GLN A 108 -8.11 11.84 -10.68
N ASN A 109 -7.34 10.82 -11.09
CA ASN A 109 -6.73 10.86 -12.41
C ASN A 109 -7.80 10.95 -13.50
N LYS A 110 -8.83 10.11 -13.39
CA LYS A 110 -9.88 10.13 -14.40
C LYS A 110 -10.64 11.45 -14.40
N LEU A 111 -10.87 12.03 -13.22
CA LEU A 111 -11.57 13.32 -13.15
C LEU A 111 -10.73 14.43 -13.78
N SER A 112 -9.42 14.41 -13.54
CA SER A 112 -8.56 15.40 -14.16
C SER A 112 -8.52 15.24 -15.67
N GLU A 113 -8.68 14.00 -16.15
CA GLU A 113 -8.68 13.77 -17.60
C GLU A 113 -9.81 14.52 -18.30
N VAL A 114 -10.91 14.80 -17.61
CA VAL A 114 -12.11 15.33 -18.25
C VAL A 114 -12.56 16.67 -17.67
N LEU A 115 -11.92 17.18 -16.62
CA LEU A 115 -12.41 18.40 -15.98
C LEU A 115 -12.62 19.52 -17.00
N SER A 116 -11.71 19.68 -17.95
CA SER A 116 -11.79 20.81 -18.87
C SER A 116 -13.03 20.75 -19.76
N THR A 117 -13.63 19.58 -19.93
CA THR A 117 -14.79 19.43 -20.80
C THR A 117 -16.08 19.93 -20.15
N LEU A 118 -16.07 20.15 -18.84
CA LEU A 118 -17.28 20.52 -18.12
C LEU A 118 -17.61 21.99 -18.33
N PRO A 119 -18.85 22.40 -18.00
CA PRO A 119 -19.24 23.80 -18.22
C PRO A 119 -18.41 24.77 -17.40
N ALA A 120 -18.40 26.02 -17.85
CA ALA A 120 -17.50 27.02 -17.29
C ALA A 120 -17.78 27.26 -15.80
N THR A 121 -19.06 27.44 -15.44
CA THR A 121 -19.37 27.70 -14.04
C THR A 121 -19.13 26.48 -13.17
N VAL A 122 -19.32 25.28 -13.72
CA VAL A 122 -19.02 24.06 -12.98
C VAL A 122 -17.54 24.02 -12.62
N GLN A 123 -16.68 24.46 -13.55
CA GLN A 123 -15.25 24.57 -13.24
C GLN A 123 -14.97 25.72 -12.29
N GLN A 124 -15.75 26.80 -12.39
CA GLN A 124 -15.57 27.93 -11.48
C GLN A 124 -15.79 27.51 -10.04
N TYR A 125 -16.81 26.71 -9.78
CA TYR A 125 -17.06 26.23 -8.42
C TYR A 125 -16.12 25.10 -8.04
N GLY A 126 -15.73 24.26 -8.98
CA GLY A 126 -14.84 23.15 -8.69
C GLY A 126 -15.59 21.89 -8.31
N VAL A 127 -14.96 20.75 -8.57
CA VAL A 127 -15.53 19.44 -8.29
C VAL A 127 -14.79 18.84 -7.10
N THR A 128 -15.55 18.31 -6.15
CA THR A 128 -15.03 17.78 -4.90
C THR A 128 -15.17 16.26 -4.87
N VAL A 129 -14.21 15.61 -4.22
CA VAL A 129 -14.21 14.17 -4.04
C VAL A 129 -14.17 13.87 -2.55
N SER A 130 -15.04 12.97 -2.10
CA SER A 130 -15.09 12.58 -0.70
C SER A 130 -15.30 11.08 -0.59
N LYS A 131 -14.76 10.50 0.46
CA LYS A 131 -14.93 9.08 0.78
C LYS A 131 -15.39 9.01 2.23
N ALA A 132 -16.69 9.15 2.44
CA ALA A 132 -17.26 9.24 3.77
C ALA A 132 -18.62 8.57 3.79
N ARG A 133 -19.12 8.32 4.99
CA ARG A 133 -20.42 7.68 5.12
C ARG A 133 -21.52 8.67 4.76
N SER A 134 -22.75 8.16 4.66
CA SER A 134 -23.91 8.98 4.38
C SER A 134 -24.73 9.30 5.62
N ASN A 135 -24.74 8.41 6.61
CA ASN A 135 -25.46 8.64 7.85
C ASN A 135 -24.68 9.60 8.73
N PHE A 136 -25.42 10.34 9.56
CA PHE A 136 -24.81 11.32 10.44
C PHE A 136 -24.31 10.65 11.71
N LEU A 137 -23.05 10.91 12.07
CA LEU A 137 -22.52 10.43 13.33
C LEU A 137 -23.08 11.24 14.50
N MET A 138 -23.13 12.55 14.36
CA MET A 138 -23.64 13.43 15.39
C MET A 138 -23.93 14.78 14.75
N ILE A 139 -24.74 15.59 15.43
CA ILE A 139 -25.07 16.93 14.98
C ILE A 139 -24.72 17.91 16.09
N VAL A 140 -24.00 18.97 15.74
CA VAL A 140 -23.50 19.96 16.69
C VAL A 140 -24.28 21.24 16.50
N MET A 141 -24.88 21.74 17.57
CA MET A 141 -25.62 22.99 17.57
C MET A 141 -24.75 24.12 18.11
N LEU A 142 -25.18 25.35 17.85
CA LEU A 142 -24.53 26.54 18.40
C LEU A 142 -25.42 27.34 19.33
N SER A 143 -26.61 27.74 18.88
CA SER A 143 -27.65 28.26 19.77
C SER A 143 -27.15 29.47 20.57
N SER A 144 -26.90 30.55 19.85
CA SER A 144 -26.62 31.83 20.49
C SER A 144 -27.92 32.52 20.87
N ASP A 145 -27.80 33.70 21.47
CA ASP A 145 -28.93 34.51 21.88
C ASP A 145 -28.82 35.97 21.47
N VAL A 146 -27.64 36.44 21.10
CA VAL A 146 -27.46 37.81 20.63
C VAL A 146 -27.07 37.87 19.16
N GLN A 147 -26.71 36.75 18.54
CA GLN A 147 -26.31 36.71 17.14
C GLN A 147 -27.34 35.91 16.35
N SER A 148 -27.50 36.29 15.09
CA SER A 148 -28.43 35.61 14.19
C SER A 148 -27.77 34.37 13.60
N THR A 149 -28.57 33.60 12.87
CA THR A 149 -28.06 32.37 12.27
C THR A 149 -27.02 32.65 11.20
N GLU A 150 -27.09 33.81 10.55
CA GLU A 150 -26.09 34.15 9.54
C GLU A 150 -24.71 34.34 10.17
N GLU A 151 -24.66 35.15 11.24
CA GLU A 151 -23.39 35.37 11.91
C GLU A 151 -22.84 34.08 12.50
N MET A 152 -23.70 33.28 13.12
CA MET A 152 -23.27 32.02 13.68
C MET A 152 -22.80 31.05 12.61
N ASN A 153 -23.48 31.02 11.46
CA ASN A 153 -23.04 30.17 10.36
C ASN A 153 -21.66 30.58 9.88
N ASP A 154 -21.43 31.89 9.73
CA ASP A 154 -20.12 32.35 9.31
C ASP A 154 -19.05 31.99 10.34
N TYR A 155 -19.34 32.21 11.62
CA TYR A 155 -18.37 31.86 12.66
C TYR A 155 -18.08 30.37 12.64
N ALA A 156 -19.10 29.54 12.45
CA ALA A 156 -18.88 28.10 12.37
C ALA A 156 -17.96 27.77 11.21
N GLN A 157 -18.30 28.24 10.00
CA GLN A 157 -17.49 27.93 8.84
C GLN A 157 -16.04 28.36 9.02
N ARG A 158 -15.82 29.48 9.72
CA ARG A 158 -14.47 30.01 9.83
C ARG A 158 -13.67 29.43 11.00
N ASN A 159 -14.32 28.93 12.04
CA ASN A 159 -13.61 28.50 13.24
C ASN A 159 -13.84 27.05 13.63
N VAL A 160 -15.06 26.53 13.51
CA VAL A 160 -15.38 25.22 14.05
C VAL A 160 -15.20 24.13 13.01
N VAL A 161 -15.67 24.35 11.77
CA VAL A 161 -15.64 23.30 10.76
C VAL A 161 -14.22 22.82 10.48
N PRO A 162 -13.23 23.70 10.25
CA PRO A 162 -11.87 23.19 10.00
C PRO A 162 -11.32 22.38 11.15
N GLU A 163 -11.58 22.82 12.40
CA GLU A 163 -11.11 22.08 13.55
C GLU A 163 -11.73 20.69 13.59
N LEU A 164 -13.02 20.59 13.30
CA LEU A 164 -13.69 19.29 13.34
C LEU A 164 -13.20 18.38 12.24
N GLN A 165 -13.03 18.90 11.01
CA GLN A 165 -12.58 18.04 9.93
C GLN A 165 -11.08 17.77 9.98
N ARG A 166 -10.35 18.41 10.88
CA ARG A 166 -8.98 18.00 11.17
C ARG A 166 -8.90 16.91 12.22
N ILE A 167 -10.02 16.47 12.77
CA ILE A 167 -10.04 15.40 13.76
C ILE A 167 -9.96 14.06 13.07
N GLU A 168 -9.26 13.11 13.70
CA GLU A 168 -9.07 11.80 13.09
C GLU A 168 -10.38 11.03 13.07
N GLY A 169 -10.64 10.34 11.96
CA GLY A 169 -11.84 9.57 11.78
C GLY A 169 -12.99 10.32 11.17
N VAL A 170 -12.88 11.63 11.00
CA VAL A 170 -13.94 12.42 10.38
C VAL A 170 -13.80 12.33 8.88
N GLY A 171 -14.92 12.08 8.21
CA GLY A 171 -14.92 12.01 6.76
C GLY A 171 -15.42 13.29 6.12
N GLN A 172 -16.40 13.93 6.73
CA GLN A 172 -16.99 15.12 6.15
C GLN A 172 -17.82 15.85 7.21
N VAL A 173 -17.81 17.18 7.13
CA VAL A 173 -18.63 18.03 7.99
C VAL A 173 -19.53 18.85 7.08
N ARG A 174 -20.84 18.83 7.36
CA ARG A 174 -21.83 19.56 6.57
C ARG A 174 -22.50 20.59 7.44
N LEU A 175 -22.42 21.85 7.04
CA LEU A 175 -23.14 22.93 7.69
C LEU A 175 -24.48 23.11 6.99
N PHE A 176 -25.56 23.05 7.77
CA PHE A 176 -26.90 23.29 7.25
C PHE A 176 -27.12 24.79 7.07
N GLY A 177 -26.30 25.36 6.19
CA GLY A 177 -26.27 26.80 6.00
C GLY A 177 -25.09 27.16 5.12
N ALA A 178 -24.76 28.45 5.11
CA ALA A 178 -23.67 28.93 4.28
C ALA A 178 -22.93 30.05 4.98
N GLN A 179 -21.68 30.25 4.56
CA GLN A 179 -20.89 31.39 5.02
C GLN A 179 -21.39 32.65 4.31
N ARG A 180 -20.84 33.80 4.72
CA ARG A 180 -21.42 35.05 4.28
C ARG A 180 -20.97 35.36 2.86
N ALA A 181 -21.63 36.33 2.25
CA ALA A 181 -21.23 36.81 0.93
C ALA A 181 -21.76 38.21 0.76
N MET A 182 -21.21 38.92 -0.22
CA MET A 182 -21.69 40.24 -0.60
C MET A 182 -22.79 40.05 -1.64
N ARG A 183 -24.02 40.35 -1.27
CA ARG A 183 -25.17 40.11 -2.12
C ARG A 183 -25.65 41.42 -2.72
N ILE A 184 -25.77 41.45 -4.05
CA ILE A 184 -26.36 42.56 -4.80
C ILE A 184 -27.71 42.09 -5.29
N TRP A 185 -28.75 42.86 -4.98
CA TRP A 185 -30.13 42.52 -5.34
C TRP A 185 -30.62 43.57 -6.32
N VAL A 186 -30.61 43.23 -7.60
CA VAL A 186 -30.84 44.18 -8.68
C VAL A 186 -32.34 44.27 -8.97
N ASP A 187 -32.79 45.48 -9.29
CA ASP A 187 -34.16 45.72 -9.72
C ASP A 187 -34.16 45.95 -11.22
N PRO A 188 -34.75 45.08 -12.03
CA PRO A 188 -34.73 45.30 -13.48
C PRO A 188 -35.40 46.58 -13.91
N LYS A 189 -36.43 47.04 -13.19
CA LYS A 189 -37.12 48.26 -13.59
C LYS A 189 -36.20 49.47 -13.52
N LYS A 190 -35.37 49.56 -12.49
CA LYS A 190 -34.41 50.65 -12.40
C LYS A 190 -33.38 50.57 -13.52
N LEU A 191 -32.95 49.35 -13.87
CA LEU A 191 -32.05 49.19 -15.01
C LEU A 191 -32.70 49.73 -16.28
N GLN A 192 -33.99 49.44 -16.48
CA GLN A 192 -34.69 50.01 -17.62
C GLN A 192 -34.72 51.53 -17.54
N ASN A 193 -34.96 52.08 -16.35
CA ASN A 193 -35.02 53.53 -16.21
C ASN A 193 -33.71 54.17 -16.62
N TYR A 194 -32.58 53.59 -16.22
CA TYR A 194 -31.27 54.14 -16.58
C TYR A 194 -30.69 53.53 -17.84
N ASN A 195 -31.38 52.58 -18.46
CA ASN A 195 -30.91 51.94 -19.69
C ASN A 195 -29.56 51.24 -19.45
N LEU A 196 -29.60 50.26 -18.54
CA LEU A 196 -28.42 49.46 -18.22
C LEU A 196 -28.75 47.98 -18.35
N SER A 197 -27.83 47.11 -17.91
CA SER A 197 -27.97 45.68 -18.11
C SER A 197 -27.34 44.94 -16.95
N PHE A 198 -27.70 43.66 -16.81
CA PHE A 198 -27.04 42.81 -15.82
C PHE A 198 -25.56 42.67 -16.13
N ALA A 199 -25.23 42.50 -17.41
CA ALA A 199 -23.83 42.40 -17.80
C ALA A 199 -23.06 43.67 -17.46
N ASP A 200 -23.72 44.82 -17.53
CA ASP A 200 -23.07 46.06 -17.12
C ASP A 200 -22.69 46.03 -15.65
N VAL A 201 -23.59 45.57 -14.80
CA VAL A 201 -23.30 45.47 -13.37
C VAL A 201 -22.15 44.50 -13.15
N GLY A 202 -22.19 43.35 -13.81
CA GLY A 202 -21.11 42.38 -13.65
C GLY A 202 -19.76 42.94 -14.07
N SER A 203 -19.73 43.59 -15.23
CA SER A 203 -18.48 44.13 -15.75
C SER A 203 -17.94 45.24 -14.85
N ALA A 204 -18.82 46.12 -14.37
CA ALA A 204 -18.37 47.18 -13.47
C ALA A 204 -17.81 46.61 -12.17
N LEU A 205 -18.48 45.58 -11.62
CA LEU A 205 -17.96 44.96 -10.42
C LEU A 205 -16.61 44.30 -10.67
N SER A 206 -16.45 43.66 -11.83
CA SER A 206 -15.19 42.98 -12.12
C SER A 206 -14.06 43.98 -12.31
N ALA A 207 -14.33 45.10 -12.97
CA ALA A 207 -13.28 46.03 -13.34
C ALA A 207 -12.82 46.93 -12.20
N GLN A 208 -13.62 47.08 -11.14
CA GLN A 208 -13.34 48.04 -10.09
C GLN A 208 -13.05 47.39 -8.75
N ASN A 209 -12.92 46.07 -8.70
CA ASN A 209 -12.62 45.35 -7.45
C ASN A 209 -11.68 44.21 -7.81
N ILE A 210 -10.37 44.47 -7.71
CA ILE A 210 -9.36 43.46 -8.01
C ILE A 210 -8.15 43.68 -7.12
N GLN A 211 -7.31 42.64 -7.03
CA GLN A 211 -6.08 42.72 -6.27
C GLN A 211 -4.97 43.28 -7.14
N ILE A 212 -4.26 44.28 -6.62
CA ILE A 212 -3.15 44.91 -7.34
C ILE A 212 -1.84 44.49 -6.71
N SER A 213 -0.90 44.07 -7.55
CA SER A 213 0.47 43.79 -7.14
C SER A 213 1.34 44.92 -7.69
N ALA A 214 1.74 45.84 -6.82
CA ALA A 214 2.46 47.02 -7.27
C ALA A 214 3.89 46.66 -7.68
N GLY A 215 4.66 46.12 -6.74
CA GLY A 215 6.04 45.76 -7.03
C GLY A 215 6.99 46.28 -5.98
N SER A 216 8.12 46.82 -6.41
CA SER A 216 9.11 47.35 -5.49
C SER A 216 9.93 48.42 -6.19
N ILE A 217 10.59 49.24 -5.39
CA ILE A 217 11.51 50.26 -5.85
C ILE A 217 12.92 49.77 -5.65
N GLY A 218 13.82 50.12 -6.57
CA GLY A 218 15.17 49.62 -6.49
C GLY A 218 15.24 48.11 -6.58
N SER A 219 14.49 47.52 -7.51
CA SER A 219 14.42 46.08 -7.62
C SER A 219 15.78 45.51 -8.00
N LEU A 220 15.86 44.17 -8.01
CA LEU A 220 17.15 43.51 -7.94
C LEU A 220 18.13 43.95 -9.02
N PRO A 221 17.77 43.97 -10.32
CA PRO A 221 18.67 44.61 -11.29
C PRO A 221 18.62 46.12 -11.15
N ALA A 222 19.67 46.70 -10.57
CA ALA A 222 19.64 48.11 -10.19
C ALA A 222 20.84 48.84 -10.76
N VAL A 223 20.67 50.14 -10.94
CA VAL A 223 21.76 51.01 -11.37
C VAL A 223 22.81 51.08 -10.27
N ARG A 224 24.00 51.55 -10.60
CA ARG A 224 25.05 51.68 -9.60
C ARG A 224 24.74 52.87 -8.68
N GLY A 225 24.90 52.66 -7.38
CA GLY A 225 24.65 53.69 -6.40
C GLY A 225 23.27 53.66 -5.77
N GLN A 226 22.54 52.57 -5.91
CA GLN A 226 21.22 52.45 -5.29
C GLN A 226 21.38 51.94 -3.87
N THR A 227 20.87 52.71 -2.91
CA THR A 227 20.95 52.36 -1.50
C THR A 227 19.61 52.15 -0.84
N VAL A 228 18.50 52.47 -1.51
CA VAL A 228 17.16 52.43 -0.91
C VAL A 228 16.31 51.44 -1.69
N THR A 229 15.68 50.52 -0.96
CA THR A 229 14.73 49.57 -1.51
C THR A 229 13.45 49.64 -0.71
N ALA A 230 12.32 49.42 -1.37
CA ALA A 230 11.03 49.52 -0.69
C ALA A 230 10.00 48.67 -1.42
N THR A 231 8.91 48.41 -0.72
CA THR A 231 7.77 47.68 -1.27
C THR A 231 6.65 48.65 -1.56
N VAL A 232 6.09 48.58 -2.76
CA VAL A 232 4.98 49.44 -3.17
C VAL A 232 3.68 48.68 -2.99
N THR A 233 2.61 49.42 -2.68
CA THR A 233 1.33 48.83 -2.32
C THR A 233 0.19 49.70 -2.84
N ALA A 234 -0.88 49.06 -3.29
CA ALA A 234 -2.10 49.74 -3.68
C ALA A 234 -3.27 48.83 -3.37
N GLN A 235 -4.38 49.41 -2.91
CA GLN A 235 -5.47 48.60 -2.37
C GLN A 235 -6.33 48.00 -3.49
N GLY A 236 -7.02 48.84 -4.25
CA GLY A 236 -7.80 48.38 -5.38
C GLY A 236 -8.99 47.48 -5.07
N GLN A 237 -9.20 47.10 -3.81
CA GLN A 237 -10.26 46.18 -3.43
C GLN A 237 -11.23 46.85 -2.47
N LEU A 238 -12.49 46.44 -2.57
CA LEU A 238 -13.56 46.95 -1.71
C LEU A 238 -13.85 45.92 -0.62
N GLY A 239 -14.23 46.42 0.56
CA GLY A 239 -14.39 45.56 1.71
C GLY A 239 -15.67 45.77 2.51
N THR A 240 -16.45 46.78 2.17
CA THR A 240 -17.68 47.08 2.89
C THR A 240 -18.81 47.34 1.91
N ALA A 241 -20.04 47.13 2.39
CA ALA A 241 -21.20 47.24 1.52
C ALA A 241 -21.36 48.64 0.96
N GLU A 242 -21.00 49.68 1.73
CA GLU A 242 -21.09 51.04 1.21
C GLU A 242 -20.12 51.25 0.06
N GLU A 243 -18.89 50.73 0.19
CA GLU A 243 -17.93 50.83 -0.89
C GLU A 243 -18.44 50.16 -2.15
N PHE A 244 -19.03 48.97 -2.00
CA PHE A 244 -19.64 48.28 -3.14
C PHE A 244 -20.81 49.08 -3.71
N GLY A 245 -21.52 49.81 -2.85
CA GLY A 245 -22.62 50.64 -3.33
C GLY A 245 -22.12 51.84 -4.11
N ASN A 246 -20.89 52.29 -3.85
CA ASN A 246 -20.29 53.39 -4.58
C ASN A 246 -19.54 52.95 -5.82
N VAL A 247 -19.92 51.81 -6.40
CA VAL A 247 -19.30 51.35 -7.65
C VAL A 247 -19.97 52.08 -8.81
N ILE A 248 -19.14 52.66 -9.68
CA ILE A 248 -19.63 53.52 -10.76
C ILE A 248 -20.02 52.64 -11.94
N LEU A 249 -21.31 52.67 -12.30
CA LEU A 249 -21.83 51.92 -13.43
C LEU A 249 -21.65 52.68 -14.74
N ARG A 250 -21.84 53.99 -14.72
CA ARG A 250 -21.59 54.83 -15.88
C ARG A 250 -21.25 56.23 -15.41
N ALA A 251 -20.30 56.87 -16.08
CA ALA A 251 -19.89 58.23 -15.79
C ALA A 251 -20.45 59.16 -16.86
N ASN A 252 -21.14 60.21 -16.42
CA ASN A 252 -21.77 61.16 -17.32
C ASN A 252 -20.91 62.42 -17.44
N THR A 253 -21.00 63.07 -18.60
CA THR A 253 -20.19 64.27 -18.84
C THR A 253 -20.50 65.37 -17.84
N ASP A 254 -21.72 65.38 -17.28
CA ASP A 254 -22.08 66.42 -16.33
C ASP A 254 -21.19 66.39 -15.11
N GLY A 255 -20.88 65.21 -14.59
CA GLY A 255 -20.08 65.07 -13.40
C GLY A 255 -20.69 64.10 -12.40
N SER A 256 -22.01 63.91 -12.50
CA SER A 256 -22.71 62.96 -11.65
C SER A 256 -22.74 61.60 -12.32
N ASN A 257 -22.49 60.55 -11.55
CA ASN A 257 -22.43 59.20 -12.05
C ASN A 257 -23.66 58.41 -11.62
N ILE A 258 -23.90 57.31 -12.33
CA ILE A 258 -24.94 56.36 -11.96
C ILE A 258 -24.27 55.27 -11.14
N TYR A 259 -24.56 55.24 -9.84
CA TYR A 259 -23.87 54.33 -8.92
C TYR A 259 -24.64 53.01 -8.81
N LEU A 260 -23.95 52.01 -8.23
CA LEU A 260 -24.57 50.71 -8.04
C LEU A 260 -25.73 50.79 -7.05
N LYS A 261 -25.70 51.75 -6.13
CA LYS A 261 -26.78 51.91 -5.16
C LYS A 261 -28.05 52.45 -5.80
N ASP A 262 -27.99 52.90 -7.06
CA ASP A 262 -29.15 53.47 -7.73
C ASP A 262 -30.04 52.42 -8.39
N VAL A 263 -29.59 51.17 -8.47
CA VAL A 263 -30.34 50.14 -9.19
C VAL A 263 -30.48 48.88 -8.35
N ALA A 264 -29.70 48.77 -7.27
CA ALA A 264 -29.67 47.54 -6.49
C ALA A 264 -29.49 47.87 -5.02
N LYS A 265 -29.76 46.86 -4.18
CA LYS A 265 -29.50 46.92 -2.75
C LYS A 265 -28.30 46.04 -2.45
N VAL A 266 -27.31 46.61 -1.77
CA VAL A 266 -26.04 45.94 -1.52
C VAL A 266 -25.92 45.69 -0.03
N GLY A 267 -25.59 44.45 0.34
CA GLY A 267 -25.43 44.10 1.73
C GLY A 267 -24.90 42.70 1.88
N LEU A 268 -24.48 42.38 3.10
CA LEU A 268 -23.92 41.07 3.39
C LEU A 268 -25.03 40.04 3.52
N GLY A 269 -24.80 38.88 2.92
CA GLY A 269 -25.78 37.81 2.96
C GLY A 269 -25.13 36.45 3.11
N MET A 270 -25.63 35.47 2.38
CA MET A 270 -25.04 34.14 2.34
C MET A 270 -24.90 33.70 0.90
N GLU A 271 -23.88 32.88 0.65
CA GLU A 271 -23.63 32.41 -0.71
C GLU A 271 -24.63 31.33 -1.14
N ASP A 272 -25.47 30.84 -0.24
CA ASP A 272 -26.49 29.87 -0.58
C ASP A 272 -27.57 29.91 0.49
N TYR A 273 -28.78 29.47 0.13
CA TYR A 273 -29.91 29.52 1.04
C TYR A 273 -30.64 28.18 1.14
N SER A 274 -29.94 27.08 0.86
CA SER A 274 -30.61 25.78 0.74
C SER A 274 -31.32 25.39 2.03
N SER A 275 -30.56 25.14 3.09
CA SER A 275 -31.05 24.44 4.26
C SER A 275 -30.97 25.31 5.50
N SER A 276 -31.68 24.86 6.54
CA SER A 276 -31.68 25.51 7.85
C SER A 276 -32.08 24.47 8.88
N THR A 277 -31.84 24.78 10.15
CA THR A 277 -32.12 23.85 11.24
C THR A 277 -32.78 24.58 12.39
N ARG A 278 -33.58 23.84 13.15
CA ARG A 278 -34.19 24.31 14.38
C ARG A 278 -34.03 23.23 15.44
N LEU A 279 -33.80 23.65 16.68
CA LEU A 279 -33.72 22.76 17.83
C LEU A 279 -34.89 23.11 18.76
N ASN A 280 -35.89 22.24 18.80
CA ASN A 280 -37.10 22.48 19.58
C ASN A 280 -37.79 23.77 19.14
N GLY A 281 -37.77 24.02 17.83
CA GLY A 281 -38.45 25.17 17.27
C GLY A 281 -37.68 26.47 17.30
N VAL A 282 -36.42 26.45 17.71
CA VAL A 282 -35.58 27.64 17.81
C VAL A 282 -34.51 27.56 16.74
N ASN A 283 -34.38 28.63 15.95
CA ASN A 283 -33.38 28.68 14.89
C ASN A 283 -31.98 28.56 15.48
N THR A 284 -31.24 27.56 15.02
CA THR A 284 -29.89 27.32 15.51
C THR A 284 -28.98 27.00 14.33
N THR A 285 -27.68 27.22 14.54
CA THR A 285 -26.67 26.81 13.58
C THR A 285 -26.23 25.37 13.88
N GLY A 286 -26.26 24.53 12.87
CA GLY A 286 -25.97 23.12 13.05
C GLY A 286 -25.00 22.58 12.02
N MET A 287 -24.16 21.65 12.45
CA MET A 287 -23.27 20.92 11.57
C MET A 287 -23.58 19.43 11.68
N ALA A 288 -23.35 18.70 10.61
CA ALA A 288 -23.48 17.25 10.59
C ALA A 288 -22.11 16.62 10.37
N VAL A 289 -21.73 15.71 11.24
CA VAL A 289 -20.44 15.04 11.17
C VAL A 289 -20.66 13.64 10.63
N MET A 290 -20.09 13.36 9.47
CA MET A 290 -20.13 12.04 8.86
C MET A 290 -18.83 11.31 9.13
N LEU A 291 -18.95 10.05 9.54
CA LEU A 291 -17.78 9.24 9.83
C LEU A 291 -17.05 8.87 8.53
N SER A 292 -15.80 8.47 8.68
CA SER A 292 -14.96 8.08 7.56
C SER A 292 -14.94 6.56 7.40
N ASN A 293 -14.78 6.11 6.16
CA ASN A 293 -14.54 4.69 5.92
C ASN A 293 -13.36 4.23 6.78
N SER A 294 -13.60 3.25 7.62
CA SER A 294 -12.65 2.74 8.60
C SER A 294 -12.55 3.64 9.82
N GLY A 295 -13.48 4.58 10.01
CA GLY A 295 -13.50 5.36 11.22
C GLY A 295 -14.19 4.64 12.35
N ASN A 296 -13.95 5.12 13.57
CA ASN A 296 -14.56 4.57 14.78
C ASN A 296 -15.50 5.61 15.37
N ALA A 297 -16.74 5.19 15.61
CA ALA A 297 -17.75 6.15 16.09
C ALA A 297 -17.40 6.67 17.48
N MET A 298 -17.07 5.78 18.40
CA MET A 298 -16.87 6.19 19.79
C MET A 298 -15.68 7.12 19.93
N ALA A 299 -14.53 6.74 19.35
CA ALA A 299 -13.34 7.57 19.44
C ALA A 299 -13.56 8.91 18.75
N THR A 300 -14.19 8.90 17.57
CA THR A 300 -14.43 10.14 16.86
C THR A 300 -15.35 11.06 17.63
N ALA A 301 -16.40 10.51 18.24
CA ALA A 301 -17.31 11.33 19.04
C ALA A 301 -16.60 11.93 20.24
N LYS A 302 -15.77 11.13 20.91
CA LYS A 302 -15.03 11.65 22.06
C LYS A 302 -14.08 12.75 21.64
N ALA A 303 -13.38 12.58 20.52
CA ALA A 303 -12.47 13.62 20.04
C ALA A 303 -13.23 14.88 19.68
N VAL A 304 -14.38 14.74 19.01
CA VAL A 304 -15.18 15.90 18.64
C VAL A 304 -15.62 16.66 19.89
N LYS A 305 -16.09 15.94 20.91
CA LYS A 305 -16.57 16.61 22.11
C LYS A 305 -15.42 17.29 22.86
N GLU A 306 -14.26 16.64 22.96
CA GLU A 306 -13.13 17.29 23.63
C GLU A 306 -12.68 18.53 22.86
N ARG A 307 -12.60 18.44 21.53
CA ARG A 307 -12.19 19.59 20.75
C ARG A 307 -13.20 20.74 20.88
N LEU A 308 -14.50 20.41 20.90
CA LEU A 308 -15.51 21.44 21.08
C LEU A 308 -15.38 22.10 22.45
N ALA A 309 -15.13 21.30 23.49
CA ALA A 309 -14.93 21.87 24.81
C ALA A 309 -13.74 22.81 24.84
N VAL A 310 -12.66 22.44 24.14
CA VAL A 310 -11.49 23.31 24.06
C VAL A 310 -11.83 24.59 23.31
N LEU A 311 -12.52 24.47 22.18
CA LEU A 311 -12.83 25.63 21.36
C LEU A 311 -13.85 26.57 21.99
N GLU A 312 -14.64 26.07 22.94
CA GLU A 312 -15.62 26.92 23.60
C GLU A 312 -14.98 28.13 24.25
N LYS A 313 -13.69 28.04 24.60
CA LYS A 313 -13.01 29.11 25.31
C LYS A 313 -12.82 30.36 24.46
N TYR A 314 -13.03 30.27 23.15
CA TYR A 314 -12.85 31.39 22.24
C TYR A 314 -14.14 31.89 21.62
N PHE A 315 -15.29 31.39 22.09
CA PHE A 315 -16.55 31.76 21.49
C PHE A 315 -16.86 33.24 21.72
N PRO A 316 -17.64 33.86 20.84
CA PRO A 316 -18.22 35.16 21.18
C PRO A 316 -19.23 35.03 22.32
N GLN A 317 -19.45 36.14 23.01
CA GLN A 317 -20.30 36.13 24.18
C GLN A 317 -21.73 35.74 23.83
N GLY A 318 -22.30 34.86 24.63
CA GLY A 318 -23.66 34.39 24.44
C GLY A 318 -23.80 33.14 23.59
N MET A 319 -22.70 32.55 23.16
CA MET A 319 -22.71 31.41 22.26
C MET A 319 -22.35 30.15 23.02
N SER A 320 -23.13 29.08 22.82
CA SER A 320 -22.90 27.81 23.47
C SER A 320 -22.83 26.69 22.43
N TRP A 321 -22.78 25.44 22.87
CA TRP A 321 -22.81 24.33 21.93
C TRP A 321 -23.45 23.12 22.59
N LYS A 322 -24.10 22.30 21.77
CA LYS A 322 -24.76 21.09 22.22
C LYS A 322 -24.59 20.00 21.17
N THR A 323 -24.75 18.76 21.61
CA THR A 323 -24.80 17.60 20.71
C THR A 323 -26.00 16.76 21.09
N PRO A 324 -27.22 17.28 20.87
CA PRO A 324 -28.42 16.52 21.24
C PRO A 324 -28.56 15.21 20.49
N TYR A 325 -27.95 15.09 19.31
CA TYR A 325 -27.96 13.86 18.53
C TYR A 325 -26.55 13.28 18.55
N ASP A 326 -26.43 12.03 19.00
CA ASP A 326 -25.13 11.38 19.12
C ASP A 326 -25.35 9.87 19.17
N THR A 327 -24.78 9.15 18.21
CA THR A 327 -25.00 7.72 18.10
C THR A 327 -24.02 6.89 18.93
N SER A 328 -23.00 7.50 19.50
CA SER A 328 -22.04 6.75 20.30
C SER A 328 -22.54 6.44 21.69
N LYS A 329 -23.55 7.17 22.17
CA LYS A 329 -24.09 6.90 23.50
C LYS A 329 -24.70 5.51 23.57
N PHE A 330 -25.46 5.12 22.55
CA PHE A 330 -26.03 3.78 22.53
C PHE A 330 -24.94 2.72 22.54
N VAL A 331 -23.89 2.92 21.74
CA VAL A 331 -22.81 1.95 21.69
C VAL A 331 -22.17 1.79 23.06
N GLU A 332 -21.84 2.91 23.70
CA GLU A 332 -21.16 2.83 24.99
C GLU A 332 -22.06 2.19 26.05
N ILE A 333 -23.34 2.56 26.09
CA ILE A 333 -24.22 2.01 27.11
C ILE A 333 -24.41 0.51 26.90
N SER A 334 -24.59 0.09 25.64
CA SER A 334 -24.77 -1.33 25.38
C SER A 334 -23.53 -2.13 25.74
N ILE A 335 -22.35 -1.59 25.41
CA ILE A 335 -21.11 -2.28 25.77
C ILE A 335 -21.00 -2.41 27.28
N GLU A 336 -21.32 -1.34 28.01
CA GLU A 336 -21.26 -1.40 29.47
C GLU A 336 -22.21 -2.47 30.01
N LYS A 337 -23.43 -2.52 29.47
CA LYS A 337 -24.39 -3.50 29.96
C LYS A 337 -23.92 -4.93 29.70
N VAL A 338 -23.35 -5.18 28.52
CA VAL A 338 -22.86 -6.54 28.24
C VAL A 338 -21.69 -6.88 29.15
N ILE A 339 -20.82 -5.91 29.45
CA ILE A 339 -19.71 -6.17 30.36
C ILE A 339 -20.24 -6.51 31.74
N HIS A 340 -21.26 -5.80 32.21
CA HIS A 340 -21.85 -6.10 33.50
C HIS A 340 -22.46 -7.50 33.51
N THR A 341 -23.08 -7.89 32.39
CA THR A 341 -23.62 -9.25 32.30
C THR A 341 -22.50 -10.29 32.41
N LEU A 342 -21.36 -10.02 31.76
CA LEU A 342 -20.21 -10.92 31.87
C LEU A 342 -19.77 -11.06 33.33
N ILE A 343 -19.68 -9.93 34.04
CA ILE A 343 -19.27 -9.99 35.45
C ILE A 343 -20.27 -10.82 36.25
N GLU A 344 -21.56 -10.59 36.03
CA GLU A 344 -22.58 -11.34 36.78
C GLU A 344 -22.47 -12.84 36.50
N ALA A 345 -22.21 -13.21 35.24
CA ALA A 345 -22.03 -14.62 34.93
C ALA A 345 -20.85 -15.20 35.68
N MET A 346 -19.75 -14.46 35.74
CA MET A 346 -18.59 -14.93 36.51
C MET A 346 -18.97 -15.18 37.96
N VAL A 347 -19.67 -14.23 38.58
CA VAL A 347 -20.01 -14.38 40.00
C VAL A 347 -20.92 -15.58 40.21
N LEU A 348 -21.91 -15.76 39.33
CA LEU A 348 -22.84 -16.88 39.50
C LEU A 348 -22.10 -18.20 39.36
N VAL A 349 -21.15 -18.28 38.43
CA VAL A 349 -20.35 -19.49 38.30
C VAL A 349 -19.58 -19.75 39.58
N PHE A 350 -18.97 -18.71 40.15
CA PHE A 350 -18.20 -18.90 41.39
C PHE A 350 -19.08 -19.40 42.53
N VAL A 351 -20.30 -18.85 42.63
CA VAL A 351 -21.22 -19.28 43.67
C VAL A 351 -21.60 -20.74 43.47
N VAL A 352 -21.86 -21.15 42.23
CA VAL A 352 -22.18 -22.55 41.98
C VAL A 352 -20.99 -23.42 42.33
N MET A 353 -19.77 -22.93 42.12
CA MET A 353 -18.59 -23.69 42.50
C MET A 353 -18.57 -23.93 44.00
N TYR A 354 -18.72 -22.86 44.78
CA TYR A 354 -18.71 -23.00 46.22
C TYR A 354 -19.83 -23.94 46.69
N LEU A 355 -20.96 -23.96 45.97
CA LEU A 355 -22.06 -24.83 46.36
C LEU A 355 -21.60 -26.28 46.47
N PHE A 356 -20.91 -26.78 45.43
CA PHE A 356 -20.54 -28.19 45.38
C PHE A 356 -19.24 -28.47 46.13
N LEU A 357 -18.28 -27.56 46.09
CA LEU A 357 -16.97 -27.89 46.67
C LEU A 357 -16.89 -27.57 48.16
N GLN A 358 -17.64 -26.57 48.63
CA GLN A 358 -17.66 -26.18 50.05
C GLN A 358 -16.27 -25.88 50.60
N ASN A 359 -15.31 -25.54 49.75
CA ASN A 359 -13.97 -25.17 50.20
C ASN A 359 -13.45 -24.03 49.35
N ILE A 360 -12.84 -23.05 49.99
CA ILE A 360 -12.33 -21.88 49.27
C ILE A 360 -11.14 -22.25 48.41
N ARG A 361 -10.20 -23.02 48.96
CA ARG A 361 -9.02 -23.40 48.21
C ARG A 361 -9.39 -24.25 46.99
N TYR A 362 -10.49 -24.98 47.08
CA TYR A 362 -10.98 -25.75 45.94
C TYR A 362 -11.61 -24.87 44.88
N THR A 363 -12.16 -23.72 45.26
CA THR A 363 -12.86 -22.84 44.35
C THR A 363 -11.96 -21.79 43.71
N LEU A 364 -10.83 -21.47 44.33
CA LEU A 364 -9.95 -20.43 43.77
C LEU A 364 -9.31 -20.85 42.46
N ILE A 365 -9.34 -22.12 42.09
CA ILE A 365 -8.62 -22.59 40.90
C ILE A 365 -9.40 -22.22 39.64
N PRO A 366 -10.68 -22.61 39.51
CA PRO A 366 -11.45 -22.11 38.36
C PRO A 366 -11.50 -20.60 38.29
N THR A 367 -11.65 -19.95 39.45
CA THR A 367 -11.75 -18.50 39.51
C THR A 367 -10.50 -17.84 38.94
N ILE A 368 -9.35 -18.50 39.05
CA ILE A 368 -8.11 -17.94 38.52
C ILE A 368 -7.92 -18.29 37.06
N VAL A 369 -8.21 -19.54 36.67
CA VAL A 369 -7.92 -19.96 35.30
C VAL A 369 -8.85 -19.26 34.31
N VAL A 370 -10.13 -19.08 34.67
CA VAL A 370 -11.09 -18.55 33.70
C VAL A 370 -10.71 -17.15 33.22
N PRO A 371 -10.45 -16.17 34.08
CA PRO A 371 -10.06 -14.85 33.59
C PRO A 371 -8.81 -14.88 32.74
N ILE A 372 -7.85 -15.75 33.06
CA ILE A 372 -6.62 -15.82 32.28
C ILE A 372 -6.91 -16.28 30.86
N SER A 373 -7.78 -17.29 30.71
CA SER A 373 -8.16 -17.73 29.37
C SER A 373 -8.88 -16.63 28.62
N LEU A 374 -9.78 -15.92 29.28
CA LEU A 374 -10.48 -14.82 28.60
C LEU A 374 -9.51 -13.73 28.17
N LEU A 375 -8.53 -13.42 29.01
CA LEU A 375 -7.54 -12.41 28.65
C LEU A 375 -6.67 -12.88 27.48
N GLY A 376 -6.32 -14.16 27.45
CA GLY A 376 -5.60 -14.68 26.30
C GLY A 376 -6.40 -14.56 25.02
N GLY A 377 -7.69 -14.85 25.07
CA GLY A 377 -8.54 -14.63 23.92
C GLY A 377 -8.59 -13.17 23.51
N PHE A 378 -8.65 -12.27 24.50
CA PHE A 378 -8.62 -10.84 24.21
C PHE A 378 -7.36 -10.48 23.44
N ALA A 379 -6.21 -10.96 23.92
CA ALA A 379 -4.95 -10.67 23.25
C ALA A 379 -4.94 -11.23 21.83
N PHE A 380 -5.45 -12.44 21.64
CA PHE A 380 -5.44 -13.02 20.30
C PHE A 380 -6.31 -12.21 19.36
N ILE A 381 -7.51 -11.81 19.80
CA ILE A 381 -8.37 -11.03 18.91
C ILE A 381 -7.75 -9.66 18.64
N SER A 382 -7.00 -9.11 19.61
CA SER A 382 -6.29 -7.87 19.37
C SER A 382 -5.24 -8.04 18.28
N TYR A 383 -4.50 -9.15 18.32
CA TYR A 383 -3.49 -9.40 17.30
C TYR A 383 -4.10 -9.53 15.91
N MET A 384 -5.40 -9.81 15.82
CA MET A 384 -6.06 -10.09 14.55
C MET A 384 -6.74 -8.85 13.96
N GLY A 385 -6.56 -7.69 14.57
CA GLY A 385 -7.21 -6.49 14.09
C GLY A 385 -8.70 -6.51 14.24
N MET A 386 -9.20 -7.07 15.34
CA MET A 386 -10.62 -7.18 15.61
C MET A 386 -11.05 -5.98 16.45
N SER A 387 -12.26 -6.03 17.02
CA SER A 387 -12.77 -4.95 17.84
C SER A 387 -13.62 -5.52 18.97
N ILE A 388 -13.95 -4.68 19.93
CA ILE A 388 -14.82 -5.05 21.04
C ILE A 388 -16.26 -4.78 20.63
N ASN A 389 -16.98 -5.85 20.31
CA ASN A 389 -18.34 -5.78 19.80
C ASN A 389 -19.27 -6.49 20.76
N VAL A 390 -20.58 -6.28 20.58
CA VAL A 390 -21.54 -7.09 21.33
C VAL A 390 -21.37 -8.55 20.98
N LEU A 391 -20.96 -8.84 19.74
CA LEU A 391 -20.75 -10.23 19.34
C LEU A 391 -19.56 -10.85 20.07
N THR A 392 -18.46 -10.11 20.17
CA THR A 392 -17.28 -10.63 20.88
C THR A 392 -17.56 -10.77 22.37
N MET A 393 -18.28 -9.81 22.95
CA MET A 393 -18.63 -9.92 24.36
C MET A 393 -19.56 -11.10 24.61
N PHE A 394 -20.51 -11.34 23.71
CA PHE A 394 -21.35 -12.52 23.82
C PHE A 394 -20.51 -13.79 23.69
N ALA A 395 -19.53 -13.78 22.80
CA ALA A 395 -18.64 -14.92 22.69
C ALA A 395 -17.92 -15.19 24.00
N MET A 396 -17.44 -14.12 24.65
CA MET A 396 -16.79 -14.27 25.94
C MET A 396 -17.75 -14.89 26.97
N ILE A 397 -18.98 -14.37 27.03
CA ILE A 397 -19.94 -14.85 28.00
C ILE A 397 -20.24 -16.33 27.78
N LEU A 398 -20.42 -16.73 26.52
CA LEU A 398 -20.72 -18.14 26.25
C LEU A 398 -19.52 -19.04 26.49
N VAL A 399 -18.32 -18.60 26.14
CA VAL A 399 -17.14 -19.44 26.33
C VAL A 399 -16.76 -19.53 27.81
N ILE A 400 -17.35 -18.71 28.66
CA ILE A 400 -17.21 -18.89 30.10
C ILE A 400 -17.39 -20.37 30.45
N GLY A 401 -18.49 -20.97 29.97
CA GLY A 401 -18.79 -22.35 30.30
C GLY A 401 -17.78 -23.33 29.73
N ILE A 402 -17.41 -23.16 28.46
CA ILE A 402 -16.42 -24.03 27.84
C ILE A 402 -15.12 -24.00 28.64
N VAL A 403 -14.68 -22.81 29.01
CA VAL A 403 -13.42 -22.67 29.74
C VAL A 403 -13.52 -23.31 31.12
N VAL A 404 -14.63 -23.07 31.81
CA VAL A 404 -14.72 -23.53 33.20
C VAL A 404 -14.92 -25.03 33.29
N ASP A 405 -15.47 -25.66 32.25
CA ASP A 405 -15.70 -27.10 32.32
C ASP A 405 -14.38 -27.86 32.38
N ASP A 406 -13.35 -27.36 31.69
CA ASP A 406 -12.03 -27.99 31.78
C ASP A 406 -11.48 -27.92 33.20
N ALA A 407 -11.63 -26.76 33.85
CA ALA A 407 -11.19 -26.62 35.23
C ALA A 407 -11.95 -27.59 36.13
N ILE A 408 -13.26 -27.73 35.93
CA ILE A 408 -14.02 -28.71 36.67
C ILE A 408 -13.43 -30.10 36.48
N VAL A 409 -13.16 -30.47 35.23
CA VAL A 409 -12.66 -31.81 34.96
C VAL A 409 -11.39 -32.06 35.76
N VAL A 410 -10.41 -31.15 35.64
CA VAL A 410 -9.13 -31.38 36.29
C VAL A 410 -9.28 -31.41 37.81
N VAL A 411 -9.93 -30.39 38.36
CA VAL A 411 -9.98 -30.24 39.82
C VAL A 411 -10.76 -31.40 40.43
N GLU A 412 -11.92 -31.73 39.84
CA GLU A 412 -12.72 -32.81 40.38
C GLU A 412 -12.03 -34.15 40.26
N ASN A 413 -11.35 -34.42 39.14
CA ASN A 413 -10.62 -35.67 39.05
C ASN A 413 -9.58 -35.77 40.16
N VAL A 414 -8.81 -34.69 40.35
CA VAL A 414 -7.75 -34.73 41.37
C VAL A 414 -8.35 -34.96 42.75
N GLU A 415 -9.40 -34.22 43.09
CA GLU A 415 -9.92 -34.31 44.46
C GLU A 415 -10.71 -35.58 44.69
N ARG A 416 -11.37 -36.10 43.65
CA ARG A 416 -12.03 -37.40 43.78
C ARG A 416 -11.00 -38.51 44.00
N ILE A 417 -9.88 -38.45 43.28
CA ILE A 417 -8.83 -39.44 43.49
C ILE A 417 -8.27 -39.29 44.91
N MET A 418 -8.09 -38.06 45.38
CA MET A 418 -7.64 -37.85 46.75
C MET A 418 -8.62 -38.46 47.75
N ALA A 419 -9.91 -38.19 47.59
CA ALA A 419 -10.91 -38.68 48.53
C ALA A 419 -10.99 -40.21 48.50
N GLY A 420 -10.89 -40.80 47.32
CA GLY A 420 -10.95 -42.24 47.19
C GLY A 420 -9.73 -42.93 47.74
N GLU A 421 -8.57 -42.71 47.13
CA GLU A 421 -7.36 -43.42 47.49
C GLU A 421 -6.56 -42.73 48.59
N GLY A 422 -6.99 -41.57 49.06
CA GLY A 422 -6.22 -40.86 50.06
C GLY A 422 -4.82 -40.51 49.62
N LEU A 423 -4.59 -40.43 48.32
CA LEU A 423 -3.26 -40.17 47.79
C LEU A 423 -2.85 -38.73 48.08
N PRO A 424 -1.56 -38.47 48.26
CA PRO A 424 -1.11 -37.09 48.49
C PRO A 424 -1.44 -36.23 47.29
N PRO A 425 -1.62 -34.92 47.49
CA PRO A 425 -2.07 -34.06 46.38
C PRO A 425 -1.19 -34.12 45.14
N LYS A 426 0.13 -34.18 45.31
CA LYS A 426 1.02 -34.20 44.13
C LYS A 426 0.76 -35.45 43.29
N GLU A 427 0.78 -36.62 43.92
CA GLU A 427 0.59 -37.86 43.18
C GLU A 427 -0.81 -37.94 42.59
N ALA A 428 -1.81 -37.46 43.32
CA ALA A 428 -3.16 -37.45 42.80
C ALA A 428 -3.27 -36.58 41.56
N THR A 429 -2.65 -35.40 41.58
CA THR A 429 -2.66 -34.53 40.41
C THR A 429 -1.97 -35.20 39.24
N LYS A 430 -0.82 -35.84 39.49
CA LYS A 430 -0.11 -36.53 38.42
C LYS A 430 -0.97 -37.64 37.82
N LYS A 431 -1.65 -38.40 38.67
CA LYS A 431 -2.50 -39.49 38.19
C LYS A 431 -3.64 -38.94 37.33
N ALA A 432 -4.31 -37.89 37.81
CA ALA A 432 -5.43 -37.33 37.05
C ALA A 432 -4.97 -36.80 35.70
N MET A 433 -3.81 -36.14 35.67
CA MET A 433 -3.31 -35.63 34.40
C MET A 433 -2.96 -36.77 33.45
N GLY A 434 -2.28 -37.81 33.96
CA GLY A 434 -2.03 -38.97 33.13
C GLY A 434 -3.32 -39.59 32.61
N GLN A 435 -4.40 -39.46 33.38
CA GLN A 435 -5.69 -39.97 32.94
C GLN A 435 -6.26 -39.17 31.79
N ILE A 436 -6.25 -37.84 31.89
CA ILE A 436 -7.11 -37.00 31.06
C ILE A 436 -6.35 -36.15 30.05
N SER A 437 -5.02 -36.26 29.96
CA SER A 437 -4.28 -35.38 29.06
C SER A 437 -4.72 -35.55 27.61
N GLY A 438 -4.70 -36.79 27.12
CA GLY A 438 -5.07 -37.03 25.73
C GLY A 438 -6.52 -36.70 25.46
N ALA A 439 -7.40 -36.95 26.42
CA ALA A 439 -8.79 -36.59 26.25
C ALA A 439 -8.95 -35.09 26.10
N VAL A 440 -8.23 -34.32 26.90
CA VAL A 440 -8.28 -32.86 26.78
C VAL A 440 -7.79 -32.42 25.41
N ILE A 441 -6.69 -33.02 24.93
CA ILE A 441 -6.17 -32.65 23.62
C ILE A 441 -7.20 -32.93 22.53
N GLY A 442 -7.81 -34.12 22.57
CA GLY A 442 -8.81 -34.46 21.58
C GLY A 442 -10.02 -33.57 21.63
N ILE A 443 -10.45 -33.21 22.85
CA ILE A 443 -11.59 -32.32 23.01
C ILE A 443 -11.27 -30.95 22.43
N THR A 444 -10.07 -30.44 22.67
CA THR A 444 -9.68 -29.16 22.09
C THR A 444 -9.74 -29.23 20.57
N ALA A 445 -9.23 -30.33 20.00
CA ALA A 445 -9.29 -30.50 18.55
C ALA A 445 -10.73 -30.50 18.07
N VAL A 446 -11.61 -31.22 18.77
CA VAL A 446 -13.02 -31.31 18.35
C VAL A 446 -13.68 -29.94 18.39
N LEU A 447 -13.52 -29.21 19.49
CA LEU A 447 -14.22 -27.93 19.65
C LEU A 447 -13.78 -26.94 18.59
N ILE A 448 -12.49 -26.91 18.31
CA ILE A 448 -11.98 -26.00 17.30
C ILE A 448 -12.60 -26.38 15.96
N SER A 449 -12.73 -27.67 15.70
CA SER A 449 -13.32 -28.14 14.44
C SER A 449 -14.76 -27.70 14.30
N VAL A 450 -15.52 -27.70 15.38
CA VAL A 450 -16.90 -27.21 15.34
C VAL A 450 -16.96 -25.71 15.04
N PHE A 451 -16.14 -24.92 15.73
CA PHE A 451 -16.13 -23.45 15.53
C PHE A 451 -15.56 -22.89 14.23
N VAL A 452 -14.50 -23.48 13.71
CA VAL A 452 -13.84 -22.92 12.50
C VAL A 452 -14.71 -22.82 11.23
N PRO A 453 -15.68 -23.72 11.04
CA PRO A 453 -16.58 -23.54 9.89
C PRO A 453 -17.33 -22.22 9.95
N LEU A 454 -17.68 -21.75 11.14
CA LEU A 454 -18.32 -20.44 11.24
C LEU A 454 -17.51 -19.31 10.59
N ALA A 455 -16.17 -19.39 10.58
CA ALA A 455 -15.37 -18.34 9.98
C ALA A 455 -15.21 -18.51 8.47
N MET A 456 -15.74 -19.58 7.88
CA MET A 456 -15.50 -19.84 6.47
C MET A 456 -16.47 -19.06 5.57
N PHE A 457 -17.76 -19.32 5.68
CA PHE A 457 -18.70 -18.74 4.74
C PHE A 457 -18.68 -17.23 4.82
N SER A 458 -18.61 -16.59 3.66
CA SER A 458 -18.47 -15.14 3.55
C SER A 458 -19.83 -14.50 3.25
N GLY A 459 -19.80 -13.19 3.07
CA GLY A 459 -20.98 -12.39 2.83
C GLY A 459 -21.01 -11.21 3.79
N ALA A 460 -22.18 -10.57 3.88
CA ALA A 460 -22.33 -9.45 4.79
C ALA A 460 -22.14 -9.88 6.24
N ALA A 461 -22.73 -11.02 6.62
CA ALA A 461 -22.61 -11.53 7.98
C ALA A 461 -21.42 -12.47 8.16
N GLY A 462 -20.73 -12.82 7.09
CA GLY A 462 -19.60 -13.73 7.22
C GLY A 462 -18.54 -13.20 8.16
N ASN A 463 -18.28 -11.88 8.10
CA ASN A 463 -17.32 -11.30 9.03
C ASN A 463 -17.82 -11.37 10.47
N ILE A 464 -19.13 -11.22 10.69
CA ILE A 464 -19.67 -11.34 12.04
C ILE A 464 -19.43 -12.75 12.58
N TYR A 465 -19.77 -13.75 11.77
CA TYR A 465 -19.55 -15.13 12.19
C TYR A 465 -18.06 -15.39 12.43
N LYS A 466 -17.20 -14.79 11.61
CA LYS A 466 -15.76 -14.95 11.79
C LYS A 466 -15.32 -14.36 13.12
N GLN A 467 -15.82 -13.18 13.46
CA GLN A 467 -15.51 -12.57 14.74
C GLN A 467 -15.85 -13.51 15.89
N PHE A 468 -17.10 -13.98 15.90
CA PHE A 468 -17.54 -14.84 17.00
C PHE A 468 -16.71 -16.12 17.06
N ALA A 469 -16.51 -16.77 15.91
CA ALA A 469 -15.81 -18.04 15.88
C ALA A 469 -14.36 -17.89 16.33
N LEU A 470 -13.68 -16.83 15.87
CA LEU A 470 -12.30 -16.62 16.27
C LEU A 470 -12.18 -16.37 17.76
N THR A 471 -13.08 -15.55 18.31
CA THR A 471 -13.04 -15.33 19.76
C THR A 471 -13.19 -16.66 20.51
N MET A 472 -14.19 -17.45 20.12
CA MET A 472 -14.45 -18.72 20.80
C MET A 472 -13.23 -19.63 20.69
N ALA A 473 -12.68 -19.78 19.49
CA ALA A 473 -11.59 -20.72 19.28
C ALA A 473 -10.35 -20.31 20.07
N SER A 474 -10.00 -19.01 20.05
CA SER A 474 -8.84 -18.56 20.79
C SER A 474 -9.02 -18.82 22.28
N SER A 475 -10.20 -18.50 22.82
CA SER A 475 -10.43 -18.73 24.24
C SER A 475 -10.30 -20.21 24.58
N ILE A 476 -10.87 -21.08 23.75
CA ILE A 476 -10.79 -22.51 24.01
C ILE A 476 -9.34 -22.99 23.98
N ALA A 477 -8.56 -22.51 23.02
CA ALA A 477 -7.17 -22.94 22.93
C ALA A 477 -6.37 -22.52 24.15
N PHE A 478 -6.52 -21.27 24.58
CA PHE A 478 -5.82 -20.86 25.80
C PHE A 478 -6.30 -21.65 27.01
N SER A 479 -7.61 -21.93 27.08
CA SER A 479 -8.12 -22.70 28.21
C SER A 479 -7.48 -24.08 28.25
N ALA A 480 -7.35 -24.74 27.11
CA ALA A 480 -6.71 -26.05 27.07
C ALA A 480 -5.26 -25.96 27.51
N PHE A 481 -4.54 -24.97 26.98
CA PHE A 481 -3.14 -24.82 27.38
C PHE A 481 -3.01 -24.62 28.88
N LEU A 482 -3.87 -23.77 29.46
CA LEU A 482 -3.87 -23.58 30.91
C LEU A 482 -4.17 -24.89 31.62
N ALA A 483 -5.13 -25.65 31.11
CA ALA A 483 -5.48 -26.92 31.74
C ALA A 483 -4.28 -27.85 31.80
N LEU A 484 -3.42 -27.81 30.78
CA LEU A 484 -2.24 -28.66 30.80
C LEU A 484 -1.09 -28.07 31.61
N THR A 485 -1.04 -26.74 31.77
CA THR A 485 0.11 -26.08 32.37
C THR A 485 -0.13 -25.64 33.81
N LEU A 486 -1.13 -24.78 34.04
CA LEU A 486 -1.28 -24.11 35.32
C LEU A 486 -2.14 -24.87 36.31
N THR A 487 -3.25 -25.45 35.85
CA THR A 487 -4.17 -26.11 36.77
C THR A 487 -3.52 -27.24 37.55
N PRO A 488 -2.74 -28.13 36.93
CA PRO A 488 -2.06 -29.17 37.72
C PRO A 488 -1.13 -28.58 38.77
N ALA A 489 -0.41 -27.52 38.44
CA ALA A 489 0.50 -26.91 39.40
C ALA A 489 -0.26 -26.32 40.58
N LEU A 490 -1.36 -25.62 40.29
CA LEU A 490 -2.16 -25.05 41.37
C LEU A 490 -2.75 -26.15 42.25
N CYS A 491 -3.25 -27.22 41.63
CA CYS A 491 -3.80 -28.32 42.42
C CYS A 491 -2.74 -28.96 43.28
N ALA A 492 -1.53 -29.13 42.75
CA ALA A 492 -0.46 -29.76 43.51
C ALA A 492 0.01 -28.87 44.67
N THR A 493 0.01 -27.56 44.48
CA THR A 493 0.53 -26.65 45.49
C THR A 493 -0.55 -26.18 46.47
N MET A 494 -1.69 -25.72 45.95
CA MET A 494 -2.69 -25.09 46.81
C MET A 494 -3.50 -26.10 47.63
N LEU A 495 -3.76 -27.28 47.09
CA LEU A 495 -4.61 -28.23 47.80
C LEU A 495 -3.87 -28.84 48.99
N LYS A 496 -4.66 -29.36 49.93
CA LYS A 496 -4.15 -30.01 51.13
C LYS A 496 -4.70 -31.42 51.22
N THR A 497 -3.86 -32.35 51.66
CA THR A 497 -4.31 -33.73 51.83
C THR A 497 -5.49 -33.78 52.80
N ILE A 498 -6.48 -34.58 52.45
CA ILE A 498 -7.67 -34.76 53.29
C ILE A 498 -7.42 -35.93 54.23
N PRO A 499 -7.78 -35.83 55.51
CA PRO A 499 -7.64 -37.00 56.39
C PRO A 499 -8.45 -38.18 55.87
N LYS A 500 -8.30 -39.32 56.54
CA LYS A 500 -8.95 -40.54 56.09
C LYS A 500 -10.41 -40.58 56.54
N GLY A 501 -11.15 -39.51 56.23
CA GLY A 501 -12.58 -39.48 56.44
C GLY A 501 -13.31 -39.32 55.13
N HIS A 502 -14.00 -40.36 54.69
CA HIS A 502 -14.57 -40.38 53.34
C HIS A 502 -15.61 -39.26 53.17
N HIS A 503 -16.58 -39.19 54.06
CA HIS A 503 -17.64 -38.19 53.97
C HIS A 503 -17.61 -37.21 55.13
N GLU A 504 -17.70 -37.69 56.37
CA GLU A 504 -17.73 -36.83 57.55
C GLU A 504 -18.72 -35.69 57.36
N GLU A 505 -20.00 -36.07 57.24
CA GLU A 505 -21.05 -35.11 56.92
C GLU A 505 -20.97 -33.88 57.81
N LYS A 506 -21.01 -32.71 57.19
CA LYS A 506 -20.92 -31.44 57.90
C LYS A 506 -22.33 -30.92 58.16
N LYS A 507 -22.67 -30.73 59.43
CA LYS A 507 -24.01 -30.28 59.78
C LYS A 507 -24.27 -28.88 59.25
N GLY A 508 -25.49 -28.67 58.75
CA GLY A 508 -25.92 -27.41 58.20
C GLY A 508 -26.47 -27.60 56.81
N PHE A 509 -26.47 -26.51 56.04
CA PHE A 509 -26.98 -26.58 54.68
C PHE A 509 -26.14 -27.52 53.82
N PHE A 510 -24.83 -27.50 54.00
CA PHE A 510 -23.96 -28.31 53.14
C PHE A 510 -24.20 -29.80 53.35
N GLY A 511 -24.39 -30.24 54.59
CA GLY A 511 -24.69 -31.64 54.82
C GLY A 511 -26.01 -32.06 54.20
N TRP A 512 -27.03 -31.23 54.34
CA TRP A 512 -28.31 -31.52 53.70
C TRP A 512 -28.16 -31.60 52.19
N PHE A 513 -27.40 -30.67 51.61
CA PHE A 513 -27.19 -30.68 50.16
C PHE A 513 -26.46 -31.93 49.73
N ASN A 514 -25.45 -32.37 50.50
CA ASN A 514 -24.73 -33.58 50.14
C ASN A 514 -25.63 -34.80 50.20
N LYS A 515 -26.45 -34.89 51.25
CA LYS A 515 -27.39 -36.00 51.37
C LYS A 515 -28.38 -35.98 50.20
N LYS A 516 -28.93 -34.82 49.86
CA LYS A 516 -29.89 -34.73 48.77
C LYS A 516 -29.23 -35.08 47.43
N PHE A 517 -27.99 -34.66 47.24
CA PHE A 517 -27.29 -34.96 46.00
C PHE A 517 -26.98 -36.45 45.90
N ASP A 518 -26.67 -37.10 47.02
CA ASP A 518 -26.49 -38.54 47.01
C ASP A 518 -27.79 -39.25 46.63
N SER A 519 -28.91 -38.78 47.20
CA SER A 519 -30.21 -39.34 46.83
C SER A 519 -30.48 -39.15 45.34
N TRP A 520 -30.17 -37.96 44.81
CA TRP A 520 -30.37 -37.68 43.40
C TRP A 520 -29.49 -38.59 42.54
N THR A 521 -28.24 -38.81 42.96
CA THR A 521 -27.35 -39.66 42.20
C THR A 521 -27.87 -41.10 42.16
N HIS A 522 -28.36 -41.60 43.29
CA HIS A 522 -28.90 -42.96 43.31
C HIS A 522 -30.15 -43.06 42.44
N GLY A 523 -31.01 -42.05 42.49
CA GLY A 523 -32.17 -42.04 41.60
C GLY A 523 -31.76 -42.01 40.14
N TYR A 524 -30.74 -41.23 39.81
CA TYR A 524 -30.22 -41.18 38.45
C TYR A 524 -29.70 -42.54 38.02
N GLU A 525 -28.97 -43.22 38.90
CA GLU A 525 -28.45 -44.55 38.58
C GLU A 525 -29.60 -45.50 38.26
N GLY A 526 -30.63 -45.49 39.11
CA GLY A 526 -31.78 -46.35 38.84
C GLY A 526 -32.44 -46.04 37.52
N ARG A 527 -32.68 -44.75 37.25
CA ARG A 527 -33.35 -44.36 36.01
C ARG A 527 -32.53 -44.79 34.80
N VAL A 528 -31.22 -44.57 34.84
CA VAL A 528 -30.40 -44.90 33.68
C VAL A 528 -30.30 -46.41 33.49
N ALA A 529 -30.32 -47.18 34.58
CA ALA A 529 -30.35 -48.63 34.43
C ALA A 529 -31.64 -49.08 33.75
N LYS A 530 -32.77 -48.54 34.20
CA LYS A 530 -34.04 -48.80 33.52
C LYS A 530 -33.94 -48.48 32.04
N VAL A 531 -33.33 -47.33 31.71
CA VAL A 531 -33.18 -46.95 30.31
C VAL A 531 -32.36 -48.00 29.57
N LEU A 532 -31.25 -48.44 30.16
CA LEU A 532 -30.38 -49.39 29.47
C LEU A 532 -31.09 -50.70 29.18
N ARG A 533 -31.85 -51.23 30.15
CA ARG A 533 -32.43 -52.54 29.81
C ARG A 533 -33.56 -52.46 28.78
N LYS A 534 -33.79 -51.33 28.11
CA LYS A 534 -34.77 -51.26 27.03
C LYS A 534 -34.22 -50.32 25.97
N THR A 535 -33.84 -50.88 24.82
CA THR A 535 -33.09 -50.16 23.79
C THR A 535 -33.94 -49.75 22.61
N PHE A 536 -34.75 -50.66 22.06
CA PHE A 536 -35.55 -50.31 20.89
C PHE A 536 -36.51 -49.17 21.21
N ARG A 537 -37.18 -49.24 22.36
CA ARG A 537 -38.10 -48.17 22.75
C ARG A 537 -37.36 -46.85 22.90
N MET A 538 -36.21 -46.87 23.58
CA MET A 538 -35.46 -45.64 23.78
C MET A 538 -34.95 -45.08 22.46
N MET A 539 -34.53 -45.96 21.55
CA MET A 539 -34.01 -45.48 20.27
C MET A 539 -35.11 -44.87 19.42
N VAL A 540 -36.30 -45.49 19.39
CA VAL A 540 -37.40 -44.89 18.63
C VAL A 540 -37.83 -43.58 19.26
N VAL A 541 -37.78 -43.49 20.59
CA VAL A 541 -38.09 -42.24 21.26
C VAL A 541 -37.08 -41.17 20.88
N TYR A 542 -35.79 -41.52 20.85
CA TYR A 542 -34.76 -40.58 20.45
C TYR A 542 -34.99 -40.09 19.02
N ILE A 543 -35.34 -41.02 18.11
CA ILE A 543 -35.64 -40.62 16.74
C ILE A 543 -36.80 -39.65 16.71
N GLY A 544 -37.83 -39.91 17.53
CA GLY A 544 -38.97 -39.01 17.58
C GLY A 544 -38.59 -37.62 18.04
N LEU A 545 -37.81 -37.54 19.11
CA LEU A 545 -37.36 -36.22 19.59
C LEU A 545 -36.52 -35.51 18.55
N ALA A 546 -35.64 -36.24 17.85
CA ALA A 546 -34.81 -35.61 16.84
C ALA A 546 -35.65 -35.04 15.71
N VAL A 547 -36.61 -35.82 15.20
CA VAL A 547 -37.44 -35.33 14.10
C VAL A 547 -38.30 -34.17 14.56
N VAL A 548 -38.84 -34.24 15.78
CA VAL A 548 -39.65 -33.13 16.30
C VAL A 548 -38.80 -31.87 16.42
N GLY A 549 -37.56 -32.02 16.91
CA GLY A 549 -36.70 -30.85 17.06
C GLY A 549 -36.35 -30.21 15.73
N VAL A 550 -36.03 -31.02 14.73
CA VAL A 550 -35.71 -30.45 13.42
C VAL A 550 -36.95 -29.79 12.82
N PHE A 551 -38.12 -30.40 13.00
CA PHE A 551 -39.35 -29.78 12.51
C PHE A 551 -39.59 -28.43 13.18
N LEU A 552 -39.40 -28.36 14.50
CA LEU A 552 -39.57 -27.10 15.20
C LEU A 552 -38.56 -26.06 14.74
N PHE A 553 -37.32 -26.47 14.53
CA PHE A 553 -36.30 -25.54 14.06
C PHE A 553 -36.64 -24.98 12.69
N MET A 554 -37.15 -25.84 11.79
CA MET A 554 -37.45 -25.40 10.44
C MET A 554 -38.70 -24.51 10.39
N ARG A 555 -39.58 -24.60 11.38
CA ARG A 555 -40.81 -23.81 11.39
C ARG A 555 -40.63 -22.51 12.18
N LEU A 556 -39.59 -21.76 11.85
CA LEU A 556 -39.31 -20.50 12.53
C LEU A 556 -39.00 -19.41 11.51
N PRO A 557 -39.29 -18.15 11.83
CA PRO A 557 -38.91 -17.06 10.93
C PRO A 557 -37.40 -16.93 10.84
N THR A 558 -36.91 -16.59 9.65
CA THR A 558 -35.49 -16.45 9.40
C THR A 558 -35.16 -14.98 9.17
N SER A 559 -34.23 -14.45 9.95
CA SER A 559 -33.82 -13.06 9.86
C SER A 559 -32.32 -12.96 10.03
N PHE A 560 -31.80 -11.75 9.88
CA PHE A 560 -30.37 -11.50 10.09
C PHE A 560 -30.10 -10.98 11.50
N LEU A 561 -30.69 -9.85 11.86
CA LEU A 561 -30.54 -9.26 13.18
C LEU A 561 -31.87 -8.67 13.61
N PRO A 562 -32.13 -8.57 14.91
CA PRO A 562 -33.36 -7.97 15.38
C PRO A 562 -33.27 -6.45 15.33
N THR A 563 -34.34 -5.80 15.77
CA THR A 563 -34.42 -4.34 15.83
C THR A 563 -34.38 -3.91 17.28
N GLU A 564 -33.51 -2.94 17.58
CA GLU A 564 -33.33 -2.40 18.91
C GLU A 564 -33.73 -0.94 18.94
N ASP A 565 -34.28 -0.50 20.06
CA ASP A 565 -34.56 0.93 20.24
C ASP A 565 -33.25 1.62 20.63
N GLN A 566 -32.73 2.44 19.72
CA GLN A 566 -31.43 3.06 19.89
C GLN A 566 -31.52 4.45 20.49
N GLY A 567 -32.70 4.86 20.96
CA GLY A 567 -32.85 6.12 21.65
C GLY A 567 -33.38 7.26 20.81
N PHE A 568 -33.81 7.01 19.58
CA PHE A 568 -34.34 8.07 18.74
C PHE A 568 -35.22 7.46 17.66
N VAL A 569 -36.04 8.31 17.06
CA VAL A 569 -36.88 7.95 15.93
C VAL A 569 -36.69 8.98 14.83
N MET A 570 -36.63 8.53 13.58
CA MET A 570 -36.42 9.41 12.45
C MET A 570 -37.76 9.83 11.85
N VAL A 571 -37.92 11.12 11.60
CA VAL A 571 -39.14 11.67 11.03
C VAL A 571 -38.82 12.24 9.65
N SER A 572 -39.69 11.97 8.69
CA SER A 572 -39.59 12.51 7.34
C SER A 572 -40.85 13.27 7.01
N VAL A 573 -40.71 14.38 6.27
CA VAL A 573 -41.82 15.21 5.86
C VAL A 573 -41.71 15.47 4.37
N GLN A 574 -42.85 15.47 3.68
CA GLN A 574 -42.88 15.73 2.26
C GLN A 574 -44.18 16.45 1.92
N LEU A 575 -44.07 17.53 1.16
CA LEU A 575 -45.21 18.33 0.73
C LEU A 575 -45.43 18.18 -0.77
N PRO A 576 -46.63 18.48 -1.25
CA PRO A 576 -46.91 18.31 -2.69
C PRO A 576 -45.91 19.05 -3.57
N ALA A 577 -45.87 18.69 -4.85
CA ALA A 577 -44.88 19.26 -5.75
C ALA A 577 -45.07 20.78 -5.85
N GLY A 578 -43.95 21.49 -5.91
CA GLY A 578 -43.99 22.94 -6.06
C GLY A 578 -44.25 23.70 -4.78
N ALA A 579 -44.31 23.02 -3.64
CA ALA A 579 -44.51 23.70 -2.37
C ALA A 579 -43.26 24.49 -1.98
N THR A 580 -43.46 25.60 -1.29
CA THR A 580 -42.38 26.50 -0.94
C THR A 580 -41.83 26.20 0.45
N LYS A 581 -40.82 26.96 0.86
CA LYS A 581 -40.19 26.75 2.16
C LYS A 581 -41.10 27.16 3.30
N GLU A 582 -41.94 28.18 3.09
CA GLU A 582 -42.82 28.65 4.16
C GLU A 582 -43.82 27.57 4.56
N ARG A 583 -44.38 26.87 3.56
CA ARG A 583 -45.32 25.79 3.85
C ARG A 583 -44.64 24.66 4.62
N THR A 584 -43.42 24.30 4.20
CA THR A 584 -42.68 23.27 4.90
C THR A 584 -42.38 23.69 6.33
N ASP A 585 -42.11 24.98 6.54
CA ASP A 585 -41.86 25.48 7.89
C ASP A 585 -43.10 25.37 8.75
N ALA A 586 -44.27 25.71 8.20
CA ALA A 586 -45.50 25.57 8.98
C ALA A 586 -45.76 24.12 9.34
N THR A 587 -45.55 23.21 8.40
CA THR A 587 -45.72 21.79 8.70
C THR A 587 -44.74 21.34 9.78
N LEU A 588 -43.49 21.82 9.71
CA LEU A 588 -42.50 21.46 10.71
C LEU A 588 -42.88 22.00 12.08
N ALA A 589 -43.45 23.20 12.14
CA ALA A 589 -43.91 23.73 13.42
C ALA A 589 -45.00 22.84 14.01
N GLN A 590 -45.93 22.41 13.17
CA GLN A 590 -46.97 21.49 13.65
C GLN A 590 -46.36 20.18 14.16
N VAL A 591 -45.40 19.65 13.41
CA VAL A 591 -44.75 18.40 13.80
C VAL A 591 -44.03 18.57 15.13
N THR A 592 -43.36 19.71 15.30
CA THR A 592 -42.63 19.98 16.54
C THR A 592 -43.58 20.05 17.73
N GLN A 593 -44.72 20.73 17.56
CA GLN A 593 -45.68 20.80 18.64
C GLN A 593 -46.19 19.40 18.99
N LEU A 594 -46.53 18.61 17.98
CA LEU A 594 -46.99 17.25 18.24
C LEU A 594 -45.95 16.45 19.01
N ALA A 595 -44.69 16.53 18.57
CA ALA A 595 -43.63 15.78 19.25
C ALA A 595 -43.49 16.24 20.70
N LYS A 596 -43.54 17.55 20.94
CA LYS A 596 -43.51 18.06 22.30
C LYS A 596 -44.64 17.48 23.12
N SER A 597 -45.78 17.21 22.50
CA SER A 597 -46.91 16.63 23.24
C SER A 597 -46.68 15.18 23.66
N ILE A 598 -45.63 14.54 23.18
CA ILE A 598 -45.32 13.15 23.54
C ILE A 598 -44.32 13.18 24.70
N PRO A 599 -44.66 12.64 25.87
CA PRO A 599 -43.70 12.69 26.99
C PRO A 599 -42.40 11.95 26.74
N GLU A 600 -42.38 10.97 25.85
CA GLU A 600 -41.20 10.13 25.67
C GLU A 600 -40.06 10.84 24.96
N ILE A 601 -40.28 12.05 24.42
CA ILE A 601 -39.32 12.72 23.57
C ILE A 601 -38.66 13.85 24.34
N GLU A 602 -37.34 13.94 24.26
CA GLU A 602 -36.59 15.01 24.91
C GLU A 602 -36.39 16.20 23.99
N ASN A 603 -35.71 15.99 22.87
CA ASN A 603 -35.35 17.05 21.95
C ASN A 603 -35.69 16.63 20.52
N ILE A 604 -36.06 17.62 19.72
CA ILE A 604 -36.39 17.43 18.31
C ILE A 604 -35.51 18.35 17.48
N ILE A 605 -34.80 17.79 16.51
CA ILE A 605 -34.01 18.55 15.55
C ILE A 605 -34.65 18.37 14.18
N THR A 606 -35.08 19.47 13.57
CA THR A 606 -35.66 19.45 12.24
C THR A 606 -34.74 20.20 11.28
N VAL A 607 -34.55 19.63 10.10
CA VAL A 607 -33.78 20.25 9.03
C VAL A 607 -34.73 20.54 7.87
N SER A 608 -34.78 21.80 7.45
CA SER A 608 -35.69 22.24 6.41
C SER A 608 -34.97 22.28 5.07
N GLY A 609 -35.64 21.75 4.04
CA GLY A 609 -35.13 21.78 2.69
C GLY A 609 -34.25 20.60 2.31
N PHE A 610 -33.89 19.76 3.27
CA PHE A 610 -33.03 18.61 3.02
C PHE A 610 -33.67 17.38 3.61
N SER A 611 -33.58 16.26 2.88
CA SER A 611 -34.09 14.98 3.34
C SER A 611 -33.24 13.89 2.72
N PHE A 612 -33.27 12.71 3.36
CA PHE A 612 -32.52 11.58 2.81
C PHE A 612 -33.16 11.05 1.53
N SER A 613 -34.44 11.31 1.32
CA SER A 613 -35.08 10.93 0.06
C SER A 613 -34.66 11.86 -1.08
N GLY A 614 -34.58 13.15 -0.82
CA GLY A 614 -34.17 14.10 -1.83
C GLY A 614 -34.13 15.50 -1.26
N SER A 615 -33.57 16.42 -2.04
CA SER A 615 -33.40 17.81 -1.66
C SER A 615 -34.35 18.69 -2.44
N GLY A 616 -35.06 19.55 -1.74
CA GLY A 616 -35.98 20.49 -2.38
C GLY A 616 -36.66 21.32 -1.32
N GLN A 617 -37.39 22.34 -1.79
CA GLN A 617 -38.08 23.22 -0.86
C GLN A 617 -39.23 22.53 -0.14
N ASN A 618 -39.72 21.40 -0.66
CA ASN A 618 -40.84 20.69 -0.09
C ASN A 618 -40.42 19.46 0.71
N MET A 619 -39.12 19.31 0.98
CA MET A 619 -38.59 18.16 1.70
C MET A 619 -38.04 18.62 3.05
N ALA A 620 -38.18 17.75 4.06
CA ALA A 620 -37.68 18.03 5.38
C ALA A 620 -37.59 16.73 6.16
N MET A 621 -36.67 16.69 7.12
CA MET A 621 -36.51 15.55 8.01
C MET A 621 -36.53 16.02 9.45
N GLY A 622 -36.45 15.07 10.37
CA GLY A 622 -36.46 15.39 11.79
C GLY A 622 -35.75 14.31 12.58
N PHE A 623 -35.11 14.73 13.67
CA PHE A 623 -34.44 13.83 14.60
C PHE A 623 -35.08 14.02 15.96
N ALA A 624 -35.80 13.00 16.43
CA ALA A 624 -36.44 13.03 17.74
C ALA A 624 -35.66 12.10 18.66
N ILE A 625 -35.12 12.66 19.74
CA ILE A 625 -34.31 11.91 20.70
C ILE A 625 -35.19 11.61 21.90
N LEU A 626 -35.30 10.33 22.25
CA LEU A 626 -36.15 9.89 23.34
C LEU A 626 -35.42 10.01 24.67
N LYS A 627 -36.20 9.97 25.76
CA LYS A 627 -35.62 10.01 27.08
C LYS A 627 -34.77 8.76 27.32
N ASP A 628 -34.05 8.76 28.42
CA ASP A 628 -33.20 7.62 28.74
C ASP A 628 -34.04 6.37 28.97
N TRP A 629 -33.45 5.22 28.64
CA TRP A 629 -34.18 3.96 28.77
C TRP A 629 -34.77 3.78 30.16
N ASN A 630 -34.06 4.25 31.19
CA ASN A 630 -34.54 4.11 32.55
C ASN A 630 -35.90 4.77 32.72
N GLU A 631 -36.11 5.93 32.10
CA GLU A 631 -37.39 6.61 32.20
C GLU A 631 -38.46 5.93 31.36
N ARG A 632 -38.05 5.22 30.31
CA ARG A 632 -39.01 4.61 29.38
C ARG A 632 -39.11 3.11 29.67
N THR A 633 -39.89 2.80 30.70
CA THR A 633 -40.21 1.43 31.10
C THR A 633 -41.71 1.36 31.35
N ALA A 634 -42.46 1.00 30.32
CA ALA A 634 -43.92 0.91 30.39
C ALA A 634 -44.40 0.20 29.14
N SER A 635 -45.72 0.13 28.98
CA SER A 635 -46.30 -0.66 27.90
C SER A 635 -45.87 -0.11 26.55
N GLY A 636 -46.07 1.19 26.32
CA GLY A 636 -45.82 1.78 25.01
C GLY A 636 -44.78 2.87 25.01
N SER A 637 -43.70 2.67 25.76
CA SER A 637 -42.64 3.67 25.86
C SER A 637 -41.41 3.30 25.03
N ASP A 638 -41.46 2.22 24.26
CA ASP A 638 -40.32 1.86 23.42
C ASP A 638 -40.33 2.68 22.14
N ALA A 639 -39.25 2.57 21.38
CA ALA A 639 -39.10 3.40 20.18
C ALA A 639 -40.22 3.13 19.18
N VAL A 640 -40.56 1.86 18.97
CA VAL A 640 -41.56 1.52 17.96
C VAL A 640 -42.93 2.09 18.34
N ALA A 641 -43.30 1.97 19.62
CA ALA A 641 -44.57 2.52 20.06
C ALA A 641 -44.61 4.03 19.91
N VAL A 642 -43.50 4.69 20.27
CA VAL A 642 -43.44 6.15 20.15
C VAL A 642 -43.56 6.57 18.69
N ALA A 643 -42.87 5.86 17.80
CA ALA A 643 -42.94 6.17 16.38
C ALA A 643 -44.36 5.98 15.85
N GLY A 644 -45.03 4.91 16.28
CA GLY A 644 -46.42 4.71 15.87
C GLY A 644 -47.34 5.80 16.37
N LYS A 645 -47.17 6.20 17.63
CA LYS A 645 -47.98 7.30 18.17
C LYS A 645 -47.77 8.56 17.36
N LEU A 646 -46.51 8.90 17.06
CA LEU A 646 -46.23 10.10 16.30
C LEU A 646 -46.80 10.01 14.89
N THR A 647 -46.68 8.85 14.25
CA THR A 647 -47.23 8.70 12.91
C THR A 647 -48.74 8.89 12.90
N GLY A 648 -49.43 8.29 13.88
CA GLY A 648 -50.86 8.49 13.95
C GLY A 648 -51.25 9.94 14.20
N MET A 649 -50.52 10.61 15.11
CA MET A 649 -50.81 12.01 15.38
C MET A 649 -50.60 12.88 14.15
N MET A 650 -49.51 12.64 13.41
CA MET A 650 -49.27 13.40 12.19
C MET A 650 -50.36 13.13 11.17
N MET A 651 -50.75 11.87 10.98
CA MET A 651 -51.79 11.56 10.01
C MET A 651 -53.09 12.26 10.37
N GLY A 652 -53.44 12.28 11.67
CA GLY A 652 -54.66 12.94 12.08
C GLY A 652 -54.59 14.46 12.08
N THR A 653 -53.39 15.03 12.13
CA THR A 653 -53.21 16.46 12.32
C THR A 653 -52.68 17.17 11.08
N LEU A 654 -51.65 16.63 10.44
CA LEU A 654 -50.92 17.35 9.42
C LEU A 654 -51.79 17.57 8.18
N LYS A 655 -52.07 18.82 7.87
CA LYS A 655 -52.61 19.22 6.57
C LYS A 655 -51.48 19.85 5.75
N ASP A 656 -51.66 19.82 4.43
CA ASP A 656 -50.64 20.33 3.52
C ASP A 656 -49.32 19.57 3.70
N GLY A 657 -49.36 18.29 3.40
CA GLY A 657 -48.20 17.42 3.46
C GLY A 657 -48.48 16.19 4.30
N PHE A 658 -47.44 15.39 4.47
CA PHE A 658 -47.53 14.18 5.27
C PHE A 658 -46.16 13.88 5.87
N GLY A 659 -46.16 13.07 6.91
CA GLY A 659 -44.92 12.67 7.55
C GLY A 659 -45.03 11.27 8.14
N ILE A 660 -43.91 10.58 8.19
CA ILE A 660 -43.82 9.22 8.71
C ILE A 660 -42.63 9.14 9.66
N ALA A 661 -42.86 8.56 10.83
CA ALA A 661 -41.82 8.33 11.82
C ALA A 661 -41.45 6.85 11.84
N VAL A 662 -40.15 6.57 11.81
CA VAL A 662 -39.66 5.20 11.74
C VAL A 662 -38.49 5.01 12.69
N VAL A 663 -38.16 3.76 12.95
CA VAL A 663 -37.04 3.35 13.80
C VAL A 663 -35.97 2.74 12.90
N PRO A 664 -34.78 3.34 12.80
CA PRO A 664 -33.81 2.83 11.83
C PRO A 664 -33.31 1.45 12.20
N PRO A 665 -32.88 0.65 11.23
CA PRO A 665 -32.34 -0.67 11.54
C PRO A 665 -30.94 -0.58 12.12
N PRO A 666 -30.48 -1.61 12.83
CA PRO A 666 -29.12 -1.54 13.40
C PRO A 666 -28.04 -1.51 12.34
N ILE A 667 -28.20 -2.26 11.26
CA ILE A 667 -27.29 -2.21 10.12
C ILE A 667 -28.14 -1.96 8.88
N LEU A 668 -27.80 -0.90 8.14
CA LEU A 668 -28.59 -0.54 6.97
C LEU A 668 -28.56 -1.63 5.91
N GLU A 669 -27.39 -2.23 5.69
CA GLU A 669 -27.25 -3.22 4.63
C GLU A 669 -28.00 -4.52 4.96
N LEU A 670 -27.92 -4.96 6.21
CA LEU A 670 -28.48 -6.25 6.59
C LEU A 670 -29.86 -6.12 7.24
N GLY A 671 -30.05 -5.13 8.10
CA GLY A 671 -31.26 -4.99 8.87
C GLY A 671 -32.36 -4.19 8.21
N ASN A 672 -32.21 -3.82 6.93
CA ASN A 672 -33.24 -3.00 6.29
C ASN A 672 -34.58 -3.70 6.28
N GLY A 673 -34.60 -5.00 5.98
CA GLY A 673 -35.84 -5.74 5.90
C GLY A 673 -36.68 -5.45 4.67
N SER A 674 -36.22 -4.58 3.77
CA SER A 674 -36.96 -4.28 2.55
C SER A 674 -36.76 -5.41 1.57
N GLY A 675 -37.86 -6.06 1.18
CA GLY A 675 -37.78 -7.27 0.37
C GLY A 675 -36.93 -7.14 -0.87
N LEU A 676 -37.38 -6.35 -1.84
CA LEU A 676 -36.71 -6.27 -3.13
C LEU A 676 -36.53 -4.82 -3.52
N SER A 677 -35.30 -4.46 -3.89
CA SER A 677 -34.98 -3.16 -4.47
C SER A 677 -34.65 -3.36 -5.93
N ILE A 678 -35.42 -2.70 -6.80
CA ILE A 678 -35.33 -2.88 -8.24
C ILE A 678 -34.85 -1.59 -8.88
N ASN A 679 -33.84 -1.69 -9.74
CA ASN A 679 -33.39 -0.58 -10.58
C ASN A 679 -33.76 -0.94 -12.01
N LEU A 680 -34.77 -0.25 -12.55
CA LEU A 680 -35.24 -0.50 -13.91
C LEU A 680 -34.45 0.38 -14.86
N GLN A 681 -33.66 -0.24 -15.74
CA GLN A 681 -32.75 0.47 -16.62
C GLN A 681 -33.36 0.63 -18.01
N ASP A 682 -33.00 1.71 -18.67
CA ASP A 682 -33.37 1.97 -20.06
C ASP A 682 -32.12 1.85 -20.91
N ARG A 683 -32.15 0.94 -21.89
CA ARG A 683 -30.96 0.60 -22.66
C ARG A 683 -30.89 1.31 -24.00
N ASN A 684 -32.02 1.61 -24.63
CA ASN A 684 -32.04 2.24 -25.95
C ASN A 684 -32.14 3.75 -25.89
N ASN A 685 -32.17 4.34 -24.70
CA ASN A 685 -32.34 5.79 -24.56
C ASN A 685 -33.61 6.25 -25.26
N THR A 686 -34.72 5.59 -24.95
CA THR A 686 -36.00 5.95 -25.55
C THR A 686 -36.48 7.30 -25.04
N GLY A 687 -36.47 7.51 -23.74
CA GLY A 687 -36.90 8.77 -23.16
C GLY A 687 -37.38 8.58 -21.75
N HIS A 688 -37.68 9.71 -21.10
CA HIS A 688 -38.13 9.68 -19.72
C HIS A 688 -39.58 9.23 -19.61
N THR A 689 -40.45 9.70 -20.49
CA THR A 689 -41.86 9.31 -20.41
C THR A 689 -42.03 7.82 -20.63
N ALA A 690 -41.29 7.26 -21.59
CA ALA A 690 -41.37 5.82 -21.84
C ALA A 690 -40.89 5.02 -20.63
N LEU A 691 -39.78 5.44 -20.02
CA LEU A 691 -39.28 4.74 -18.85
C LEU A 691 -40.27 4.82 -17.70
N LEU A 692 -40.90 5.98 -17.51
CA LEU A 692 -41.91 6.12 -16.47
C LEU A 692 -43.10 5.21 -16.73
N ALA A 693 -43.54 5.13 -17.99
CA ALA A 693 -44.65 4.24 -18.33
C ALA A 693 -44.29 2.79 -18.05
N LYS A 694 -43.06 2.38 -18.42
CA LYS A 694 -42.62 1.02 -18.15
C LYS A 694 -42.57 0.75 -16.65
N ARG A 695 -42.09 1.72 -15.87
CA ARG A 695 -42.04 1.53 -14.42
C ARG A 695 -43.44 1.35 -13.84
N ASN A 696 -44.39 2.17 -14.29
CA ASN A 696 -45.76 2.06 -13.78
C ASN A 696 -46.38 0.73 -14.20
N GLU A 697 -46.09 0.27 -15.42
CA GLU A 697 -46.57 -1.03 -15.85
C GLU A 697 -45.99 -2.15 -15.00
N LEU A 698 -44.71 -2.04 -14.66
CA LEU A 698 -44.08 -3.03 -13.78
C LEU A 698 -44.73 -3.02 -12.40
N ILE A 699 -45.06 -1.83 -11.89
CA ILE A 699 -45.76 -1.74 -10.61
C ILE A 699 -47.11 -2.42 -10.68
N GLN A 700 -47.85 -2.19 -11.77
CA GLN A 700 -49.15 -2.83 -11.94
C GLN A 700 -49.00 -4.34 -11.97
N LYS A 701 -48.00 -4.85 -12.71
CA LYS A 701 -47.77 -6.29 -12.76
C LYS A 701 -47.44 -6.83 -11.37
N MET A 702 -46.59 -6.14 -10.63
CA MET A 702 -46.22 -6.59 -9.29
C MET A 702 -47.42 -6.59 -8.36
N ARG A 703 -48.31 -5.61 -8.48
CA ARG A 703 -49.49 -5.56 -7.63
C ARG A 703 -50.50 -6.63 -8.00
N ALA A 704 -50.63 -6.97 -9.28
CA ALA A 704 -51.60 -7.95 -9.72
C ALA A 704 -51.10 -9.40 -9.63
N SER A 705 -49.79 -9.60 -9.54
CA SER A 705 -49.25 -10.96 -9.54
C SER A 705 -49.70 -11.74 -8.31
N GLY A 706 -49.71 -11.11 -7.15
CA GLY A 706 -50.06 -11.76 -5.91
C GLY A 706 -48.89 -12.24 -5.09
N LEU A 707 -47.67 -12.19 -5.64
CA LEU A 707 -46.49 -12.58 -4.89
C LEU A 707 -45.99 -11.48 -3.97
N PHE A 708 -46.51 -10.26 -4.10
CA PHE A 708 -46.16 -9.14 -3.24
C PHE A 708 -47.42 -8.59 -2.60
N ASP A 709 -47.29 -8.09 -1.38
CA ASP A 709 -48.38 -7.36 -0.75
C ASP A 709 -48.49 -6.00 -1.43
N PRO A 710 -49.65 -5.63 -1.99
CA PRO A 710 -49.71 -4.40 -2.78
C PRO A 710 -49.41 -3.14 -1.99
N SER A 711 -49.46 -3.20 -0.66
CA SER A 711 -49.25 -2.00 0.15
C SER A 711 -47.84 -1.45 -0.04
N THR A 712 -46.83 -2.33 -0.06
CA THR A 712 -45.44 -1.91 -0.02
C THR A 712 -44.79 -1.79 -1.39
N VAL A 713 -45.52 -2.05 -2.47
CA VAL A 713 -44.98 -1.95 -3.82
C VAL A 713 -45.14 -0.50 -4.27
N ARG A 714 -44.09 0.29 -4.11
CA ARG A 714 -44.12 1.71 -4.41
C ARG A 714 -42.88 2.13 -5.19
N ALA A 715 -43.03 3.19 -5.97
CA ALA A 715 -41.88 3.78 -6.67
C ALA A 715 -41.00 4.53 -5.69
N GLY A 716 -39.69 4.48 -5.94
CA GLY A 716 -38.72 4.98 -4.99
C GLY A 716 -38.05 6.28 -5.37
N GLY A 717 -38.82 7.24 -5.88
CA GLY A 717 -38.27 8.53 -6.24
C GLY A 717 -39.32 9.61 -6.22
N LEU A 718 -38.85 10.85 -6.29
CA LEU A 718 -39.75 12.00 -6.31
C LEU A 718 -40.49 12.06 -7.64
N GLU A 719 -41.79 12.30 -7.58
CA GLU A 719 -42.62 12.34 -8.79
C GLU A 719 -42.41 13.65 -9.52
N ASP A 720 -42.77 13.65 -10.80
CA ASP A 720 -42.56 14.82 -11.65
C ASP A 720 -43.36 16.01 -11.14
N SER A 721 -42.88 17.20 -11.47
CA SER A 721 -43.46 18.46 -11.05
C SER A 721 -43.76 19.33 -12.26
N PRO A 722 -44.70 20.27 -12.13
CA PRO A 722 -44.92 21.24 -13.22
C PRO A 722 -43.69 22.12 -13.42
N GLN A 723 -43.50 22.54 -14.67
CA GLN A 723 -42.34 23.36 -15.02
C GLN A 723 -42.71 24.29 -16.17
N LEU A 724 -41.94 25.36 -16.30
CA LEU A 724 -42.12 26.33 -17.38
C LEU A 724 -41.13 26.01 -18.50
N LYS A 725 -41.64 25.94 -19.72
CA LYS A 725 -40.83 25.64 -20.90
C LYS A 725 -40.89 26.84 -21.85
N ILE A 726 -39.73 27.29 -22.31
CA ILE A 726 -39.66 28.49 -23.14
C ILE A 726 -39.91 28.17 -24.61
N ASP A 727 -39.19 27.20 -25.17
CA ASP A 727 -39.41 26.74 -26.54
C ASP A 727 -39.22 27.90 -27.54
N ILE A 728 -37.96 28.34 -27.61
CA ILE A 728 -37.61 29.47 -28.47
C ILE A 728 -37.80 29.08 -29.93
N ASN A 729 -38.23 30.04 -30.74
CA ASN A 729 -38.47 29.85 -32.17
C ASN A 729 -37.38 30.59 -32.95
N ARG A 730 -36.45 29.83 -33.53
CA ARG A 730 -35.31 30.44 -34.20
C ARG A 730 -35.72 31.14 -35.49
N ALA A 731 -36.69 30.59 -36.21
CA ALA A 731 -37.15 31.25 -37.44
C ALA A 731 -37.75 32.61 -37.13
N ALA A 732 -38.52 32.72 -36.05
CA ALA A 732 -39.07 34.01 -35.65
C ALA A 732 -37.98 34.89 -35.05
N ALA A 733 -37.08 34.31 -34.26
CA ALA A 733 -35.97 35.09 -33.71
C ALA A 733 -35.24 35.83 -34.82
N ALA A 734 -34.89 35.11 -35.88
CA ALA A 734 -34.45 35.75 -37.10
C ALA A 734 -35.64 36.39 -37.81
N ALA A 735 -35.36 37.40 -38.61
CA ALA A 735 -36.35 38.27 -39.26
C ALA A 735 -36.87 39.29 -38.28
N GLN A 736 -36.46 39.25 -37.01
CA GLN A 736 -36.73 40.31 -36.05
C GLN A 736 -35.45 40.91 -35.49
N GLY A 737 -34.29 40.48 -35.95
CA GLY A 737 -33.03 41.03 -35.49
C GLY A 737 -32.60 40.57 -34.12
N VAL A 738 -33.14 39.45 -33.63
CA VAL A 738 -32.84 38.95 -32.30
C VAL A 738 -31.89 37.77 -32.43
N SER A 739 -30.72 37.88 -31.82
CA SER A 739 -29.75 36.79 -31.83
C SER A 739 -30.02 35.83 -30.69
N PHE A 740 -29.63 34.57 -30.88
CA PHE A 740 -29.85 33.56 -29.86
C PHE A 740 -29.05 33.86 -28.60
N ALA A 741 -27.83 34.40 -28.76
CA ALA A 741 -26.99 34.71 -27.62
C ALA A 741 -27.66 35.73 -26.70
N ASP A 742 -28.34 36.72 -27.29
CA ASP A 742 -29.06 37.69 -26.49
C ASP A 742 -30.18 37.04 -25.69
N ILE A 743 -30.92 36.12 -26.32
CA ILE A 743 -31.97 35.41 -25.60
C ILE A 743 -31.38 34.63 -24.44
N ARG A 744 -30.25 33.95 -24.67
CA ARG A 744 -29.62 33.18 -23.62
C ARG A 744 -29.20 34.08 -22.46
N THR A 745 -28.58 35.22 -22.77
CA THR A 745 -28.16 36.13 -21.71
C THR A 745 -29.35 36.64 -20.92
N ALA A 746 -30.42 37.02 -21.61
CA ALA A 746 -31.61 37.51 -20.92
C ALA A 746 -32.19 36.45 -20.00
N LEU A 747 -32.36 35.23 -20.50
CA LEU A 747 -32.95 34.18 -19.69
C LEU A 747 -32.05 33.82 -18.51
N ALA A 748 -30.73 33.85 -18.71
CA ALA A 748 -29.82 33.55 -17.62
C ALA A 748 -29.89 34.62 -16.54
N SER A 749 -29.80 35.89 -16.92
CA SER A 749 -29.81 36.97 -15.96
C SER A 749 -31.16 37.16 -15.30
N ALA A 750 -32.24 36.60 -15.86
CA ALA A 750 -33.55 36.78 -15.27
C ALA A 750 -33.63 36.18 -13.87
N LEU A 751 -33.05 35.00 -13.65
CA LEU A 751 -33.31 34.25 -12.44
C LEU A 751 -32.11 33.50 -11.83
N SER A 752 -30.91 33.62 -12.37
CA SER A 752 -29.92 32.56 -12.22
C SER A 752 -28.83 32.80 -11.19
N SER A 753 -28.77 33.98 -10.55
CA SER A 753 -27.83 34.19 -9.44
C SER A 753 -26.38 34.00 -9.88
N SER A 754 -25.91 34.94 -10.70
CA SER A 754 -24.53 34.93 -11.17
C SER A 754 -23.53 35.15 -10.03
N TYR A 755 -22.35 34.57 -10.17
CA TYR A 755 -21.24 34.74 -9.24
C TYR A 755 -20.09 35.45 -9.95
N VAL A 756 -19.64 36.56 -9.36
CA VAL A 756 -18.86 37.57 -10.08
C VAL A 756 -17.39 37.56 -9.64
N SER A 757 -17.12 37.88 -8.37
CA SER A 757 -15.75 38.03 -7.92
C SER A 757 -15.69 37.75 -6.42
N ASP A 758 -14.53 38.01 -5.83
CA ASP A 758 -14.29 37.85 -4.40
C ASP A 758 -13.97 39.21 -3.79
N PHE A 759 -14.01 39.27 -2.46
CA PHE A 759 -13.64 40.48 -1.75
C PHE A 759 -13.11 40.09 -0.38
N PRO A 760 -12.31 40.96 0.25
CA PRO A 760 -11.82 40.66 1.60
C PRO A 760 -12.88 41.00 2.65
N ASN A 761 -13.15 40.04 3.53
CA ASN A 761 -14.13 40.19 4.61
C ASN A 761 -13.48 39.76 5.91
N GLN A 762 -12.83 40.70 6.58
CA GLN A 762 -12.23 40.44 7.89
C GLN A 762 -11.23 39.28 7.84
N GLY A 763 -10.38 39.30 6.82
CA GLY A 763 -9.30 38.33 6.71
C GLY A 763 -9.58 37.14 5.83
N ARG A 764 -10.74 37.07 5.19
CA ARG A 764 -11.06 36.00 4.26
C ARG A 764 -11.50 36.59 2.92
N LEU A 765 -11.26 35.83 1.86
CA LEU A 765 -11.82 36.13 0.55
C LEU A 765 -13.15 35.41 0.44
N GLN A 766 -14.21 36.16 0.23
CA GLN A 766 -15.56 35.60 0.13
C GLN A 766 -16.22 36.14 -1.13
N ARG A 767 -17.26 35.43 -1.57
CA ARG A 767 -17.81 35.63 -2.89
C ARG A 767 -18.65 36.89 -2.99
N VAL A 768 -18.74 37.41 -4.21
CA VAL A 768 -19.64 38.50 -4.56
C VAL A 768 -20.63 37.95 -5.58
N MET A 769 -21.92 37.99 -5.26
CA MET A 769 -22.95 37.36 -6.08
C MET A 769 -24.02 38.37 -6.44
N VAL A 770 -24.46 38.31 -7.69
CA VAL A 770 -25.43 39.25 -8.25
C VAL A 770 -26.68 38.48 -8.65
N GLN A 771 -27.83 38.97 -8.24
CA GLN A 771 -29.10 38.36 -8.59
C GLN A 771 -30.18 39.42 -8.56
N ALA A 772 -31.26 39.17 -9.31
CA ALA A 772 -32.42 40.05 -9.25
C ALA A 772 -33.11 39.91 -7.90
N ASP A 773 -33.64 41.02 -7.39
CA ASP A 773 -34.30 40.99 -6.10
C ASP A 773 -35.54 40.11 -6.16
N GLY A 774 -35.93 39.60 -5.00
CA GLY A 774 -37.00 38.60 -4.97
C GLY A 774 -38.28 39.08 -5.60
N ASP A 775 -38.65 40.34 -5.37
CA ASP A 775 -39.91 40.86 -5.88
C ASP A 775 -39.97 40.82 -7.40
N ALA A 776 -38.83 40.73 -8.07
CA ALA A 776 -38.77 40.69 -9.53
C ALA A 776 -38.72 39.28 -10.09
N ARG A 777 -38.69 38.25 -9.23
CA ARG A 777 -38.58 36.88 -9.67
C ARG A 777 -39.48 35.98 -8.84
N MET A 778 -40.73 36.39 -8.64
CA MET A 778 -41.67 35.63 -7.82
C MET A 778 -42.79 34.97 -8.62
N GLN A 779 -43.18 35.52 -9.76
CA GLN A 779 -44.33 35.02 -10.49
C GLN A 779 -43.95 34.63 -11.92
N PRO A 780 -44.70 33.70 -12.54
CA PRO A 780 -44.36 33.33 -13.92
C PRO A 780 -44.43 34.49 -14.89
N ALA A 781 -45.25 35.51 -14.61
CA ALA A 781 -45.33 36.67 -15.50
C ALA A 781 -43.98 37.35 -15.66
N ASP A 782 -43.07 37.17 -14.70
CA ASP A 782 -41.75 37.78 -14.78
C ASP A 782 -40.99 37.28 -15.99
N ILE A 783 -41.32 36.10 -16.49
CA ILE A 783 -40.67 35.58 -17.69
C ILE A 783 -41.48 35.91 -18.95
N LEU A 784 -42.79 36.12 -18.81
CA LEU A 784 -43.64 36.34 -19.97
C LEU A 784 -43.30 37.63 -20.71
N ASN A 785 -42.63 38.58 -20.06
CA ASN A 785 -42.43 39.92 -20.57
C ASN A 785 -40.95 40.30 -20.52
N LEU A 786 -40.10 39.42 -21.03
CA LEU A 786 -38.66 39.59 -20.86
C LEU A 786 -38.10 40.69 -21.75
N THR A 787 -38.57 40.82 -22.99
CA THR A 787 -38.18 41.89 -23.90
C THR A 787 -36.68 41.88 -24.19
N VAL A 788 -36.26 40.84 -24.90
CA VAL A 788 -34.87 40.70 -25.36
C VAL A 788 -34.57 41.79 -26.39
N PRO A 789 -33.35 42.33 -26.44
CA PRO A 789 -33.01 43.30 -27.49
C PRO A 789 -32.81 42.63 -28.84
N ASN A 790 -32.74 43.46 -29.88
CA ASN A 790 -32.69 42.98 -31.26
C ASN A 790 -31.58 43.64 -32.07
N SER A 791 -30.47 44.00 -31.43
CA SER A 791 -29.28 44.46 -32.14
C SER A 791 -29.44 45.88 -32.68
N SER A 792 -30.63 46.45 -32.57
CA SER A 792 -30.86 47.84 -32.91
C SER A 792 -31.15 48.69 -31.68
N GLY A 793 -31.16 48.09 -30.49
CA GLY A 793 -31.48 48.81 -29.28
C GLY A 793 -32.94 48.88 -28.94
N ILE A 794 -33.81 48.29 -29.76
CA ILE A 794 -35.25 48.27 -29.51
C ILE A 794 -35.59 46.91 -28.92
N ALA A 795 -36.00 46.90 -27.65
CA ALA A 795 -36.33 45.66 -26.98
C ALA A 795 -37.52 45.00 -27.67
N VAL A 796 -37.40 43.71 -27.94
CA VAL A 796 -38.42 42.94 -28.63
C VAL A 796 -39.09 42.02 -27.61
N PRO A 797 -40.40 42.11 -27.41
CA PRO A 797 -41.03 41.29 -26.37
C PRO A 797 -40.81 39.81 -26.60
N LEU A 798 -40.54 39.10 -25.52
CA LEU A 798 -40.60 37.65 -25.58
C LEU A 798 -42.05 37.23 -25.74
N SER A 799 -42.24 35.98 -26.16
CA SER A 799 -43.52 35.40 -26.57
C SER A 799 -43.88 35.84 -27.98
N SER A 800 -43.15 36.77 -28.59
CA SER A 800 -43.21 36.99 -30.03
C SER A 800 -42.17 36.19 -30.78
N ILE A 801 -41.22 35.58 -30.08
CA ILE A 801 -40.18 34.76 -30.67
C ILE A 801 -40.11 33.43 -29.94
N ALA A 802 -41.12 33.13 -29.14
CA ALA A 802 -41.15 31.91 -28.35
C ALA A 802 -42.57 31.68 -27.85
N THR A 803 -42.80 30.48 -27.32
CA THR A 803 -44.08 30.11 -26.72
C THR A 803 -43.81 29.43 -25.39
N VAL A 804 -44.29 30.04 -24.30
CA VAL A 804 -44.05 29.56 -22.95
C VAL A 804 -45.32 28.92 -22.43
N SER A 805 -45.16 27.77 -21.77
CA SER A 805 -46.31 27.01 -21.29
C SER A 805 -45.88 26.15 -20.10
N TRP A 806 -46.87 25.65 -19.37
CA TRP A 806 -46.62 24.74 -18.27
C TRP A 806 -46.50 23.32 -18.80
N GLN A 807 -45.48 22.62 -18.34
CA GLN A 807 -45.20 21.24 -18.73
C GLN A 807 -45.12 20.39 -17.47
N MET A 808 -44.68 19.15 -17.63
CA MET A 808 -44.53 18.22 -16.51
C MET A 808 -43.16 17.55 -16.66
N GLY A 809 -42.13 18.18 -16.09
CA GLY A 809 -40.78 17.70 -16.20
C GLY A 809 -40.34 16.93 -14.96
N THR A 810 -39.08 16.50 -14.99
CA THR A 810 -38.51 15.66 -13.95
C THR A 810 -37.90 16.52 -12.85
N GLU A 811 -38.25 16.21 -11.61
CA GLU A 811 -37.64 16.87 -10.46
C GLU A 811 -36.38 16.16 -9.99
N GLN A 812 -36.16 14.92 -10.41
CA GLN A 812 -35.03 14.13 -9.96
C GLN A 812 -34.68 13.11 -11.03
N SER A 813 -33.39 12.93 -11.28
CA SER A 813 -32.92 12.03 -12.32
C SER A 813 -31.83 11.12 -11.76
N VAL A 814 -31.89 9.85 -12.11
CA VAL A 814 -30.96 8.83 -11.61
C VAL A 814 -30.51 7.96 -12.76
N ARG A 815 -29.23 7.58 -12.74
CA ARG A 815 -28.66 6.61 -13.66
C ARG A 815 -28.03 5.48 -12.87
N PHE A 816 -28.04 4.28 -13.44
CA PHE A 816 -27.40 3.13 -12.83
C PHE A 816 -26.50 2.45 -13.85
N ASN A 817 -25.22 2.35 -13.54
CA ASN A 817 -24.24 1.70 -14.40
C ASN A 817 -24.28 2.27 -15.81
N GLY A 818 -24.43 3.59 -15.90
CA GLY A 818 -24.35 4.26 -17.17
C GLY A 818 -25.60 4.27 -18.00
N TYR A 819 -26.75 3.96 -17.40
CA TYR A 819 -28.03 3.98 -18.10
C TYR A 819 -29.05 4.77 -17.29
N PRO A 820 -30.00 5.42 -17.94
CA PRO A 820 -31.13 5.98 -17.20
C PRO A 820 -31.88 4.88 -16.45
N ALA A 821 -32.32 5.20 -15.24
CA ALA A 821 -32.95 4.20 -14.39
C ALA A 821 -33.97 4.85 -13.48
N MET A 822 -34.86 4.03 -12.93
CA MET A 822 -35.83 4.46 -11.94
C MET A 822 -35.88 3.44 -10.83
N GLU A 823 -35.79 3.90 -9.58
CA GLU A 823 -35.84 3.01 -8.44
C GLU A 823 -37.25 2.45 -8.25
N LEU A 824 -37.32 1.22 -7.75
CA LEU A 824 -38.58 0.55 -7.49
C LEU A 824 -38.36 -0.45 -6.36
N SER A 825 -39.29 -0.48 -5.41
CA SER A 825 -39.12 -1.30 -4.22
C SER A 825 -40.43 -2.03 -3.92
N GLY A 826 -40.30 -3.15 -3.21
CA GLY A 826 -41.44 -3.93 -2.80
C GLY A 826 -41.03 -4.97 -1.79
N SER A 827 -42.03 -5.68 -1.28
CA SER A 827 -41.80 -6.77 -0.33
C SER A 827 -42.62 -7.98 -0.75
N PRO A 828 -42.15 -9.19 -0.43
CA PRO A 828 -42.86 -10.39 -0.85
C PRO A 828 -44.08 -10.67 0.03
N ALA A 829 -44.93 -11.55 -0.47
CA ALA A 829 -46.12 -11.98 0.27
C ALA A 829 -45.70 -12.98 1.33
N THR A 830 -46.68 -13.57 2.01
CA THR A 830 -46.42 -14.60 3.00
C THR A 830 -46.40 -15.97 2.34
N GLY A 831 -45.46 -16.81 2.75
CA GLY A 831 -45.31 -18.13 2.17
C GLY A 831 -44.56 -18.16 0.85
N VAL A 832 -43.96 -17.05 0.45
CA VAL A 832 -43.19 -16.96 -0.79
C VAL A 832 -41.80 -16.49 -0.45
N SER A 833 -40.79 -17.20 -0.97
CA SER A 833 -39.40 -16.89 -0.67
C SER A 833 -38.92 -15.69 -1.47
N THR A 834 -37.82 -15.10 -1.00
CA THR A 834 -37.24 -13.96 -1.70
C THR A 834 -36.76 -14.35 -3.08
N GLY A 835 -36.16 -15.54 -3.21
CA GLY A 835 -35.68 -15.98 -4.51
C GLY A 835 -36.81 -16.15 -5.51
N GLN A 836 -37.94 -16.70 -5.09
CA GLN A 836 -39.08 -16.84 -5.98
C GLN A 836 -39.59 -15.48 -6.42
N ALA A 837 -39.65 -14.52 -5.50
CA ALA A 837 -40.08 -13.17 -5.85
C ALA A 837 -39.12 -12.54 -6.86
N MET A 838 -37.82 -12.73 -6.65
CA MET A 838 -36.84 -12.18 -7.59
C MET A 838 -36.97 -12.81 -8.97
N GLU A 839 -37.18 -14.12 -9.02
CA GLU A 839 -37.39 -14.78 -10.31
C GLU A 839 -38.65 -14.27 -10.99
N ALA A 840 -39.71 -14.05 -10.20
CA ALA A 840 -40.94 -13.51 -10.77
C ALA A 840 -40.71 -12.11 -11.35
N VAL A 841 -39.98 -11.27 -10.62
CA VAL A 841 -39.69 -9.93 -11.11
C VAL A 841 -38.86 -9.99 -12.38
N GLN A 842 -37.88 -10.88 -12.42
CA GLN A 842 -37.06 -11.01 -13.62
C GLN A 842 -37.90 -11.45 -14.82
N LYS A 843 -38.84 -12.38 -14.59
CA LYS A 843 -39.73 -12.79 -15.66
C LYS A 843 -40.60 -11.63 -16.12
N MET A 844 -41.10 -10.82 -15.19
CA MET A 844 -41.91 -9.66 -15.56
C MET A 844 -41.10 -8.70 -16.42
N VAL A 845 -39.86 -8.43 -16.02
CA VAL A 845 -39.02 -7.52 -16.79
C VAL A 845 -38.74 -8.08 -18.18
N ASP A 846 -38.51 -9.39 -18.26
CA ASP A 846 -38.33 -10.02 -19.57
C ASP A 846 -39.58 -9.88 -20.43
N GLU A 847 -40.76 -9.96 -19.80
CA GLU A 847 -41.99 -9.80 -20.55
C GLU A 847 -42.06 -8.43 -21.22
N LEU A 848 -41.61 -7.39 -20.52
CA LEU A 848 -41.49 -6.08 -21.15
C LEU A 848 -40.55 -6.18 -22.35
N GLY A 849 -40.81 -5.35 -23.34
CA GLY A 849 -40.01 -5.37 -24.55
C GLY A 849 -38.53 -5.22 -24.25
N SER A 850 -37.73 -5.45 -25.29
CA SER A 850 -36.31 -5.20 -25.16
C SER A 850 -36.07 -3.72 -24.91
N GLY A 851 -34.83 -3.38 -24.59
CA GLY A 851 -34.48 -2.03 -24.25
C GLY A 851 -34.70 -1.67 -22.80
N TYR A 852 -35.17 -2.60 -21.99
CA TYR A 852 -35.33 -2.39 -20.56
C TYR A 852 -34.81 -3.63 -19.84
N SER A 853 -33.96 -3.42 -18.83
CA SER A 853 -33.32 -4.51 -18.12
C SER A 853 -33.45 -4.28 -16.62
N LEU A 854 -32.98 -5.26 -15.85
CA LEU A 854 -33.14 -5.28 -14.41
C LEU A 854 -31.77 -5.28 -13.74
N GLU A 855 -31.63 -4.47 -12.70
CA GLU A 855 -30.46 -4.46 -11.85
C GLU A 855 -30.92 -4.45 -10.39
N TRP A 856 -30.19 -5.18 -9.54
CA TRP A 856 -30.54 -5.30 -8.14
C TRP A 856 -29.77 -4.27 -7.32
N GLY A 857 -30.41 -3.79 -6.24
CA GLY A 857 -29.79 -2.83 -5.37
C GLY A 857 -29.92 -3.24 -3.92
N GLY A 858 -29.01 -2.72 -3.10
CA GLY A 858 -29.04 -3.04 -1.68
C GLY A 858 -28.74 -4.50 -1.44
N GLN A 859 -29.44 -5.09 -0.46
CA GLN A 859 -29.25 -6.49 -0.13
C GLN A 859 -29.68 -7.42 -1.25
N SER A 860 -30.40 -6.90 -2.25
CA SER A 860 -30.83 -7.74 -3.36
C SER A 860 -29.64 -8.27 -4.15
N ARG A 861 -28.58 -7.48 -4.29
CA ARG A 861 -27.41 -7.94 -5.00
C ARG A 861 -26.76 -9.12 -4.28
N GLU A 862 -26.63 -9.02 -2.95
CA GLU A 862 -26.11 -10.15 -2.18
C GLU A 862 -27.01 -11.36 -2.31
N GLU A 863 -28.33 -11.16 -2.23
CA GLU A 863 -29.24 -12.28 -2.33
C GLU A 863 -29.12 -12.98 -3.67
N ALA A 864 -29.01 -12.20 -4.75
CA ALA A 864 -28.93 -12.79 -6.09
C ALA A 864 -27.61 -13.52 -6.29
N LYS A 865 -26.49 -12.87 -5.97
CA LYS A 865 -25.20 -13.44 -6.31
C LYS A 865 -24.88 -14.66 -5.45
N GLY A 866 -25.20 -14.60 -4.16
CA GLY A 866 -24.81 -15.63 -3.21
C GLY A 866 -25.95 -16.58 -2.87
N GLY A 867 -25.58 -17.56 -2.04
CA GLY A 867 -26.54 -18.54 -1.56
C GLY A 867 -26.05 -19.16 -0.28
N SER A 868 -26.98 -19.74 0.47
CA SER A 868 -26.64 -20.34 1.75
C SER A 868 -25.70 -21.53 1.57
N GLN A 869 -24.68 -21.59 2.42
CA GLN A 869 -23.72 -22.69 2.41
C GLN A 869 -23.64 -23.36 3.78
N THR A 870 -24.65 -23.17 4.61
CA THR A 870 -24.61 -23.71 5.97
C THR A 870 -24.56 -25.23 5.96
N ILE A 871 -25.37 -25.87 5.12
CA ILE A 871 -25.51 -27.31 5.16
C ILE A 871 -24.19 -27.99 4.83
N ALA A 872 -23.56 -27.58 3.72
CA ALA A 872 -22.32 -28.22 3.30
C ALA A 872 -21.21 -27.99 4.32
N LEU A 873 -21.10 -26.76 4.82
CA LEU A 873 -20.05 -26.44 5.78
C LEU A 873 -20.21 -27.27 7.06
N TYR A 874 -21.43 -27.38 7.57
CA TYR A 874 -21.62 -28.17 8.79
C TYR A 874 -21.50 -29.67 8.53
N ALA A 875 -21.79 -30.13 7.31
CA ALA A 875 -21.50 -31.52 6.98
C ALA A 875 -20.00 -31.79 7.06
N LEU A 876 -19.20 -30.90 6.47
CA LEU A 876 -17.74 -31.05 6.58
C LEU A 876 -17.30 -30.96 8.03
N ALA A 877 -17.93 -30.07 8.81
CA ALA A 877 -17.57 -29.96 10.22
C ALA A 877 -17.85 -31.25 10.97
N ALA A 878 -19.00 -31.87 10.70
CA ALA A 878 -19.33 -33.14 11.35
C ALA A 878 -18.34 -34.22 10.94
N VAL A 879 -17.95 -34.25 9.67
CA VAL A 879 -16.98 -35.24 9.22
C VAL A 879 -15.64 -35.04 9.94
N ALA A 880 -15.22 -33.78 10.10
CA ALA A 880 -13.98 -33.50 10.80
C ALA A 880 -14.08 -33.95 12.26
N VAL A 881 -15.21 -33.70 12.90
CA VAL A 881 -15.40 -34.15 14.28
C VAL A 881 -15.30 -35.66 14.36
N PHE A 882 -15.93 -36.37 13.42
CA PHE A 882 -15.87 -37.82 13.40
C PHE A 882 -14.44 -38.30 13.26
N LEU A 883 -13.68 -37.69 12.35
CA LEU A 883 -12.29 -38.11 12.16
C LEU A 883 -11.46 -37.88 13.41
N VAL A 884 -11.65 -36.72 14.07
CA VAL A 884 -10.88 -36.43 15.26
C VAL A 884 -11.20 -37.45 16.35
N LEU A 885 -12.49 -37.75 16.54
CA LEU A 885 -12.87 -38.72 17.57
C LEU A 885 -12.37 -40.11 17.24
N ALA A 886 -12.37 -40.47 15.95
CA ALA A 886 -11.86 -41.79 15.57
C ALA A 886 -10.38 -41.89 15.86
N ALA A 887 -9.62 -40.83 15.58
CA ALA A 887 -8.22 -40.82 15.97
C ALA A 887 -8.06 -40.94 17.47
N LEU A 888 -8.91 -40.23 18.23
CA LEU A 888 -8.82 -40.28 19.69
C LEU A 888 -9.04 -41.69 20.21
N TYR A 889 -10.12 -42.33 19.78
CA TYR A 889 -10.50 -43.64 20.35
C TYR A 889 -9.78 -44.80 19.69
N GLU A 890 -9.22 -44.61 18.49
CA GLU A 890 -8.66 -45.71 17.72
C GLU A 890 -9.73 -46.73 17.37
N SER A 891 -10.82 -46.23 16.80
CA SER A 891 -11.94 -47.07 16.40
C SER A 891 -12.81 -46.27 15.44
N TRP A 892 -13.32 -46.94 14.40
CA TRP A 892 -14.16 -46.29 13.42
C TRP A 892 -15.60 -46.17 13.86
N SER A 893 -16.05 -47.00 14.80
CA SER A 893 -17.45 -47.08 15.16
C SER A 893 -17.82 -46.30 16.41
N ILE A 894 -16.90 -46.15 17.36
CA ILE A 894 -17.22 -45.45 18.61
C ILE A 894 -17.67 -44.01 18.33
N PRO A 895 -17.04 -43.25 17.45
CA PRO A 895 -17.45 -41.84 17.30
C PRO A 895 -18.92 -41.66 16.95
N LEU A 896 -19.53 -42.66 16.31
CA LEU A 896 -20.95 -42.57 16.01
C LEU A 896 -21.76 -42.31 17.27
N ALA A 897 -21.35 -42.90 18.40
CA ALA A 897 -22.06 -42.68 19.64
C ALA A 897 -22.04 -41.20 20.04
N VAL A 898 -20.87 -40.57 19.93
CA VAL A 898 -20.78 -39.15 20.26
C VAL A 898 -21.58 -38.32 19.27
N LEU A 899 -21.61 -38.72 18.01
CA LEU A 899 -22.30 -37.92 17.00
C LEU A 899 -23.79 -37.85 17.25
N LEU A 900 -24.39 -38.92 17.80
CA LEU A 900 -25.85 -38.99 17.91
C LEU A 900 -26.41 -37.94 18.86
N VAL A 901 -25.57 -37.32 19.70
CA VAL A 901 -26.07 -36.34 20.66
C VAL A 901 -26.30 -34.96 20.04
N MET A 902 -25.90 -34.77 18.79
CA MET A 902 -25.99 -33.43 18.19
C MET A 902 -27.41 -32.92 18.09
N PRO A 903 -28.40 -33.68 17.63
CA PRO A 903 -29.76 -33.13 17.50
C PRO A 903 -30.40 -32.74 18.82
N LEU A 904 -29.90 -33.23 19.95
CA LEU A 904 -30.54 -32.93 21.23
C LEU A 904 -30.49 -31.45 21.56
N GLY A 905 -29.33 -30.82 21.35
CA GLY A 905 -29.23 -29.38 21.59
C GLY A 905 -30.11 -28.58 20.65
N LEU A 906 -30.17 -28.99 19.38
CA LEU A 906 -31.06 -28.34 18.44
C LEU A 906 -32.50 -28.42 18.91
N ALA A 907 -32.93 -29.60 19.33
CA ALA A 907 -34.30 -29.76 19.80
C ALA A 907 -34.57 -28.87 21.00
N GLY A 908 -33.64 -28.84 21.95
CA GLY A 908 -33.83 -28.01 23.13
C GLY A 908 -33.95 -26.54 22.78
N ALA A 909 -33.04 -26.04 21.93
CA ALA A 909 -33.05 -24.62 21.58
C ALA A 909 -34.31 -24.25 20.81
N ALA A 910 -34.69 -25.08 19.83
CA ALA A 910 -35.88 -24.78 19.05
C ALA A 910 -37.13 -24.81 19.92
N ALA A 911 -37.24 -25.80 20.81
CA ALA A 911 -38.40 -25.87 21.69
C ALA A 911 -38.45 -24.66 22.61
N GLY A 912 -37.31 -24.26 23.17
CA GLY A 912 -37.31 -23.10 24.04
C GLY A 912 -37.70 -21.84 23.31
N VAL A 913 -37.18 -21.65 22.09
CA VAL A 913 -37.49 -20.45 21.32
C VAL A 913 -38.98 -20.40 21.00
N THR A 914 -39.53 -21.52 20.52
CA THR A 914 -40.96 -21.54 20.20
C THR A 914 -41.81 -21.33 21.45
N GLY A 915 -41.41 -21.94 22.57
CA GLY A 915 -42.17 -21.77 23.79
C GLY A 915 -42.18 -20.33 24.27
N ARG A 916 -41.02 -19.67 24.24
CA ARG A 916 -40.98 -18.27 24.65
C ARG A 916 -41.77 -17.39 23.67
N ASN A 917 -41.71 -17.71 22.36
CA ASN A 917 -42.47 -16.95 21.40
C ASN A 917 -43.97 -17.04 21.68
N LEU A 918 -44.47 -18.24 21.96
CA LEU A 918 -45.90 -18.38 22.20
C LEU A 918 -46.29 -17.81 23.56
N PHE A 919 -45.43 -17.96 24.56
CA PHE A 919 -45.71 -17.37 25.87
C PHE A 919 -45.75 -15.85 25.79
N GLU A 920 -44.95 -15.26 24.91
CA GLU A 920 -45.00 -13.81 24.69
C GLU A 920 -46.29 -13.49 23.94
N GLY A 921 -46.63 -14.27 22.91
CA GLY A 921 -47.83 -14.00 22.15
C GLY A 921 -49.07 -13.99 23.01
N LEU A 922 -49.13 -14.87 24.01
CA LEU A 922 -50.29 -14.91 24.90
C LEU A 922 -50.46 -13.58 25.63
N LEU A 923 -49.35 -12.98 26.06
CA LEU A 923 -49.42 -11.72 26.78
C LEU A 923 -49.80 -10.54 25.90
N GLY A 924 -49.86 -10.74 24.58
CA GLY A 924 -50.28 -9.70 23.67
C GLY A 924 -49.17 -8.99 22.92
N SER A 925 -47.93 -9.45 23.04
CA SER A 925 -46.80 -8.83 22.39
C SER A 925 -46.42 -9.62 21.13
N VAL A 926 -45.83 -8.91 20.16
CA VAL A 926 -45.38 -9.53 18.93
C VAL A 926 -44.13 -10.34 19.24
N PRO A 927 -44.08 -11.63 18.93
CA PRO A 927 -42.87 -12.42 19.21
C PRO A 927 -41.65 -11.79 18.55
N SER A 928 -40.55 -11.73 19.31
CA SER A 928 -39.33 -11.07 18.88
C SER A 928 -38.19 -12.03 18.64
N PHE A 929 -38.39 -13.33 18.85
CA PHE A 929 -37.34 -14.32 18.68
C PHE A 929 -37.49 -15.01 17.34
N ALA A 930 -36.38 -15.15 16.62
CA ALA A 930 -36.40 -15.73 15.29
C ALA A 930 -35.05 -16.41 15.03
N ASN A 931 -35.01 -17.17 13.94
CA ASN A 931 -33.80 -17.89 13.55
C ASN A 931 -32.80 -16.88 12.98
N ASP A 932 -32.11 -16.20 13.89
CA ASP A 932 -31.14 -15.17 13.55
C ASP A 932 -29.75 -15.63 13.97
N ILE A 933 -28.77 -14.73 13.82
CA ILE A 933 -27.38 -15.07 14.11
C ILE A 933 -27.24 -15.55 15.55
N TYR A 934 -27.92 -14.89 16.48
CA TYR A 934 -27.81 -15.24 17.88
C TYR A 934 -28.22 -16.69 18.13
N PHE A 935 -29.34 -17.10 17.54
CA PHE A 935 -29.78 -18.48 17.69
C PHE A 935 -28.75 -19.45 17.15
N GLN A 936 -28.16 -19.14 15.99
CA GLN A 936 -27.19 -20.04 15.40
C GLN A 936 -25.96 -20.20 16.28
N VAL A 937 -25.42 -19.09 16.78
CA VAL A 937 -24.23 -19.17 17.61
C VAL A 937 -24.55 -19.92 18.91
N GLY A 938 -25.70 -19.64 19.51
CA GLY A 938 -26.07 -20.36 20.71
C GLY A 938 -26.20 -21.86 20.48
N PHE A 939 -26.80 -22.23 19.35
CA PHE A 939 -26.93 -23.65 19.04
C PHE A 939 -25.57 -24.31 18.88
N VAL A 940 -24.64 -23.64 18.18
CA VAL A 940 -23.31 -24.21 18.02
C VAL A 940 -22.65 -24.40 19.38
N THR A 941 -22.77 -23.40 20.26
CA THR A 941 -22.17 -23.53 21.59
C THR A 941 -22.77 -24.71 22.35
N VAL A 942 -24.09 -24.85 22.31
CA VAL A 942 -24.75 -25.91 23.06
C VAL A 942 -24.31 -27.28 22.53
N MET A 943 -24.26 -27.43 21.21
CA MET A 943 -23.86 -28.71 20.64
C MET A 943 -22.40 -29.02 20.97
N GLY A 944 -21.55 -28.00 21.03
CA GLY A 944 -20.18 -28.23 21.45
C GLY A 944 -20.09 -28.75 22.87
N LEU A 945 -20.83 -28.12 23.79
CA LEU A 945 -20.83 -28.60 25.17
C LEU A 945 -21.37 -30.02 25.28
N SER A 946 -22.46 -30.31 24.57
CA SER A 946 -23.01 -31.65 24.61
C SER A 946 -22.00 -32.67 24.09
N ALA A 947 -21.29 -32.31 23.01
CA ALA A 947 -20.27 -33.20 22.48
C ALA A 947 -19.18 -33.45 23.50
N LYS A 948 -18.75 -32.41 24.21
CA LYS A 948 -17.68 -32.54 25.19
C LYS A 948 -18.10 -33.44 26.35
N ASN A 949 -19.33 -33.31 26.81
CA ASN A 949 -19.84 -34.17 27.88
C ASN A 949 -19.90 -35.62 27.42
N ALA A 950 -20.45 -35.85 26.22
CA ALA A 950 -20.52 -37.21 25.71
C ALA A 950 -19.13 -37.81 25.50
N ILE A 951 -18.18 -36.98 25.06
CA ILE A 951 -16.82 -37.47 24.83
C ILE A 951 -16.23 -38.00 26.12
N LEU A 952 -16.35 -37.22 27.19
CA LEU A 952 -15.82 -37.68 28.48
C LEU A 952 -16.55 -38.94 28.95
N ILE A 953 -17.88 -38.98 28.79
CA ILE A 953 -18.64 -40.14 29.21
C ILE A 953 -18.12 -41.40 28.51
N ILE A 954 -17.96 -41.32 27.18
CA ILE A 954 -17.57 -42.51 26.43
C ILE A 954 -16.10 -42.86 26.63
N GLU A 955 -15.24 -41.85 26.80
CA GLU A 955 -13.86 -42.13 27.18
C GLU A 955 -13.79 -42.94 28.46
N PHE A 956 -14.62 -42.57 29.45
CA PHE A 956 -14.62 -43.32 30.70
C PHE A 956 -15.31 -44.67 30.56
N ALA A 957 -16.29 -44.79 29.66
CA ALA A 957 -17.03 -46.04 29.50
C ALA A 957 -16.33 -47.06 28.62
N LYS A 958 -15.29 -46.60 27.91
CA LYS A 958 -14.43 -47.49 27.11
C LYS A 958 -13.29 -47.94 28.01
N ASP A 959 -12.84 -47.07 28.93
CA ASP A 959 -11.79 -47.48 29.88
C ASP A 959 -12.35 -48.61 30.69
N LEU A 960 -13.61 -48.48 31.10
CA LEU A 960 -14.22 -49.49 31.94
C LEU A 960 -14.51 -50.77 31.19
N GLN A 961 -14.94 -50.66 29.92
CA GLN A 961 -15.17 -51.86 29.11
C GLN A 961 -13.87 -52.56 28.71
N ALA A 962 -12.81 -51.80 28.50
CA ALA A 962 -11.50 -52.39 28.24
C ALA A 962 -11.08 -53.18 29.46
N GLN A 963 -11.42 -52.67 30.64
CA GLN A 963 -11.12 -53.37 31.89
C GLN A 963 -11.94 -54.66 32.02
N GLY A 964 -12.94 -54.91 31.19
CA GLY A 964 -13.64 -56.19 31.23
C GLY A 964 -15.00 -56.12 31.87
N LYS A 965 -15.93 -55.42 31.23
CA LYS A 965 -17.27 -55.28 31.72
C LYS A 965 -18.10 -55.34 30.48
N SER A 966 -19.38 -55.63 30.60
CA SER A 966 -20.25 -55.62 29.44
C SER A 966 -20.44 -54.17 29.05
N ALA A 967 -20.97 -53.92 27.87
CA ALA A 967 -21.23 -52.56 27.45
C ALA A 967 -22.17 -51.93 28.46
N VAL A 968 -23.14 -52.70 28.94
CA VAL A 968 -24.08 -52.20 29.96
C VAL A 968 -23.45 -51.86 31.32
N GLU A 969 -22.50 -52.65 31.81
CA GLU A 969 -21.91 -52.40 33.12
C GLU A 969 -20.93 -51.24 33.06
N ALA A 970 -20.12 -51.17 32.01
CA ALA A 970 -19.19 -50.06 31.81
C ALA A 970 -19.94 -48.76 31.59
N ALA A 971 -21.03 -48.79 30.83
CA ALA A 971 -21.82 -47.59 30.62
C ALA A 971 -22.37 -47.06 31.93
N LEU A 972 -22.91 -47.94 32.77
CA LEU A 972 -23.43 -47.52 34.06
C LEU A 972 -22.33 -46.95 34.94
N GLU A 973 -21.17 -47.60 34.98
CA GLU A 973 -20.08 -47.12 35.82
C GLU A 973 -19.62 -45.73 35.37
N ALA A 974 -19.47 -45.54 34.06
CA ALA A 974 -19.06 -44.23 33.55
C ALA A 974 -20.12 -43.17 33.83
N ALA A 975 -21.41 -43.54 33.69
CA ALA A 975 -22.47 -42.58 33.97
C ALA A 975 -22.44 -42.15 35.42
N ARG A 976 -22.24 -43.09 36.35
CA ARG A 976 -22.19 -42.72 37.75
C ARG A 976 -20.90 -41.98 38.11
N LEU A 977 -19.82 -42.21 37.37
CA LEU A 977 -18.56 -41.54 37.70
C LEU A 977 -18.51 -40.12 37.15
N ARG A 978 -19.25 -39.82 36.08
CA ARG A 978 -19.22 -38.52 35.45
C ARG A 978 -20.45 -37.66 35.77
N PHE A 979 -21.43 -38.20 36.50
CA PHE A 979 -22.67 -37.46 36.72
C PHE A 979 -22.42 -36.17 37.48
N ARG A 980 -21.59 -36.23 38.53
CA ARG A 980 -21.40 -35.05 39.36
C ARG A 980 -20.76 -33.89 38.59
N PRO A 981 -19.62 -34.07 37.91
CA PRO A 981 -19.07 -32.94 37.14
C PRO A 981 -20.00 -32.44 36.05
N ILE A 982 -20.75 -33.34 35.41
CA ILE A 982 -21.69 -32.92 34.37
C ILE A 982 -22.75 -32.01 34.95
N ILE A 983 -23.34 -32.41 36.08
CA ILE A 983 -24.34 -31.57 36.73
C ILE A 983 -23.71 -30.25 37.15
N MET A 984 -22.49 -30.29 37.69
CA MET A 984 -21.83 -29.05 38.09
C MET A 984 -21.73 -28.08 36.92
N THR A 985 -21.15 -28.54 35.81
CA THR A 985 -20.88 -27.63 34.70
C THR A 985 -22.19 -27.16 34.06
N SER A 986 -23.16 -28.07 33.91
CA SER A 986 -24.43 -27.70 33.30
C SER A 986 -25.16 -26.66 34.15
N PHE A 987 -25.22 -26.88 35.46
CA PHE A 987 -25.87 -25.91 36.34
C PHE A 987 -25.16 -24.57 36.30
N ALA A 988 -23.81 -24.59 36.32
CA ALA A 988 -23.06 -23.35 36.29
C ALA A 988 -23.37 -22.56 35.02
N PHE A 989 -23.34 -23.23 33.87
CA PHE A 989 -23.61 -22.51 32.62
C PHE A 989 -25.07 -22.06 32.54
N ILE A 990 -25.99 -22.85 33.07
CA ILE A 990 -27.40 -22.47 33.06
C ILE A 990 -27.62 -21.20 33.86
N LEU A 991 -27.00 -21.13 35.04
CA LEU A 991 -27.10 -19.89 35.84
C LEU A 991 -26.29 -18.75 35.24
N GLY A 992 -25.30 -19.05 34.39
CA GLY A 992 -24.49 -18.00 33.81
C GLY A 992 -25.28 -17.10 32.88
N VAL A 993 -26.19 -17.69 32.09
CA VAL A 993 -26.93 -16.93 31.09
C VAL A 993 -28.26 -16.41 31.61
N VAL A 994 -28.60 -16.69 32.86
CA VAL A 994 -29.81 -16.15 33.49
C VAL A 994 -29.83 -14.63 33.33
N PRO A 995 -28.71 -13.93 33.58
CA PRO A 995 -28.72 -12.48 33.30
C PRO A 995 -29.10 -12.13 31.87
N LEU A 996 -28.67 -12.93 30.89
CA LEU A 996 -29.11 -12.71 29.52
C LEU A 996 -30.61 -12.95 29.39
N TYR A 997 -31.13 -14.01 30.03
CA TYR A 997 -32.54 -14.36 29.91
C TYR A 997 -33.46 -13.22 30.29
N ILE A 998 -33.04 -12.34 31.19
CA ILE A 998 -33.92 -11.29 31.72
C ILE A 998 -33.31 -9.93 31.48
N ALA A 999 -32.50 -9.80 30.43
CA ALA A 999 -31.88 -8.52 30.12
C ALA A 999 -32.95 -7.45 29.91
N GLY A 1000 -32.72 -6.28 30.50
CA GLY A 1000 -33.62 -5.16 30.33
C GLY A 1000 -32.85 -3.89 30.04
N GLY A 1001 -33.44 -3.04 29.21
CA GLY A 1001 -32.84 -1.77 28.87
C GLY A 1001 -32.16 -1.76 27.51
N ALA A 1002 -30.98 -1.17 27.44
CA ALA A 1002 -30.30 -0.99 26.17
C ALA A 1002 -29.79 -2.32 25.63
N SER A 1003 -29.91 -2.51 24.33
CA SER A 1003 -29.45 -3.72 23.65
C SER A 1003 -30.00 -4.99 24.28
N SER A 1004 -31.14 -4.87 24.99
CA SER A 1004 -31.68 -6.01 25.72
C SER A 1004 -32.21 -7.09 24.77
N ALA A 1005 -32.68 -6.70 23.59
CA ALA A 1005 -33.28 -7.67 22.68
C ALA A 1005 -32.28 -8.74 22.27
N SER A 1006 -31.07 -8.34 21.89
CA SER A 1006 -30.06 -9.31 21.49
C SER A 1006 -29.64 -10.18 22.67
N GLN A 1007 -29.53 -9.59 23.85
CA GLN A 1007 -29.16 -10.36 25.03
C GLN A 1007 -30.20 -11.45 25.31
N ARG A 1008 -31.49 -11.09 25.29
CA ARG A 1008 -32.52 -12.09 25.46
C ARG A 1008 -32.47 -13.13 24.34
N ALA A 1009 -32.25 -12.69 23.11
CA ALA A 1009 -32.23 -13.61 21.99
C ALA A 1009 -31.18 -14.71 22.20
N ILE A 1010 -29.95 -14.31 22.51
CA ILE A 1010 -28.89 -15.30 22.69
C ILE A 1010 -29.11 -16.10 23.98
N GLY A 1011 -29.55 -15.44 25.05
CA GLY A 1011 -29.70 -16.13 26.31
C GLY A 1011 -30.78 -17.19 26.28
N THR A 1012 -31.88 -16.93 25.58
CA THR A 1012 -32.97 -17.90 25.53
C THR A 1012 -32.51 -19.19 24.89
N THR A 1013 -31.89 -19.09 23.71
CA THR A 1013 -31.42 -20.29 23.03
C THR A 1013 -30.38 -21.02 23.88
N VAL A 1014 -29.43 -20.28 24.45
CA VAL A 1014 -28.38 -20.94 25.22
C VAL A 1014 -28.99 -21.67 26.42
N PHE A 1015 -29.87 -20.99 27.15
CA PHE A 1015 -30.44 -21.56 28.37
C PHE A 1015 -31.25 -22.81 28.08
N TRP A 1016 -32.20 -22.71 27.15
CA TRP A 1016 -33.06 -23.87 26.91
C TRP A 1016 -32.30 -25.00 26.24
N GLY A 1017 -31.37 -24.67 25.34
CA GLY A 1017 -30.55 -25.71 24.76
C GLY A 1017 -29.76 -26.47 25.81
N MET A 1018 -29.09 -25.74 26.71
CA MET A 1018 -28.32 -26.43 27.74
C MET A 1018 -29.22 -27.28 28.61
N LEU A 1019 -30.33 -26.72 29.10
CA LEU A 1019 -31.21 -27.49 29.98
C LEU A 1019 -31.67 -28.78 29.31
N ILE A 1020 -32.37 -28.65 28.18
CA ILE A 1020 -32.97 -29.82 27.56
C ILE A 1020 -31.90 -30.79 27.07
N GLY A 1021 -30.83 -30.26 26.46
CA GLY A 1021 -29.79 -31.14 25.95
C GLY A 1021 -29.10 -31.94 27.04
N THR A 1022 -28.75 -31.29 28.15
CA THR A 1022 -28.15 -32.03 29.25
C THR A 1022 -29.10 -33.08 29.80
N LEU A 1023 -30.38 -32.71 29.98
CA LEU A 1023 -31.33 -33.66 30.53
C LEU A 1023 -31.46 -34.88 29.63
N LEU A 1024 -31.52 -34.68 28.32
CA LEU A 1024 -31.64 -35.81 27.41
C LEU A 1024 -30.33 -36.60 27.33
N SER A 1025 -29.19 -35.90 27.35
CA SER A 1025 -27.91 -36.55 27.14
C SER A 1025 -27.57 -37.48 28.30
N VAL A 1026 -27.73 -37.00 29.54
CA VAL A 1026 -27.39 -37.82 30.69
C VAL A 1026 -28.12 -39.15 30.72
N PHE A 1027 -29.17 -39.30 29.92
CA PHE A 1027 -29.88 -40.56 29.82
C PHE A 1027 -29.67 -41.27 28.49
N LEU A 1028 -29.30 -40.56 27.43
CA LEU A 1028 -29.17 -41.19 26.12
C LEU A 1028 -27.75 -41.56 25.73
N VAL A 1029 -26.73 -40.87 26.27
CA VAL A 1029 -25.35 -41.17 25.88
C VAL A 1029 -24.99 -42.62 26.20
N PRO A 1030 -25.27 -43.14 27.40
CA PRO A 1030 -25.03 -44.58 27.62
C PRO A 1030 -25.81 -45.47 26.67
N LEU A 1031 -27.04 -45.07 26.34
CA LEU A 1031 -27.81 -45.81 25.35
C LEU A 1031 -27.11 -45.82 24.00
N PHE A 1032 -26.58 -44.67 23.58
CA PHE A 1032 -25.85 -44.62 22.32
C PHE A 1032 -24.64 -45.53 22.35
N TYR A 1033 -23.90 -45.51 23.46
CA TYR A 1033 -22.73 -46.38 23.58
C TYR A 1033 -23.12 -47.85 23.44
N VAL A 1034 -24.16 -48.25 24.17
CA VAL A 1034 -24.58 -49.66 24.13
C VAL A 1034 -25.02 -50.04 22.73
N VAL A 1035 -25.82 -49.19 22.09
CA VAL A 1035 -26.33 -49.53 20.76
C VAL A 1035 -25.19 -49.63 19.75
N VAL A 1036 -24.25 -48.69 19.79
CA VAL A 1036 -23.13 -48.72 18.86
C VAL A 1036 -22.30 -49.98 19.07
N ARG A 1037 -21.99 -50.30 20.32
CA ARG A 1037 -21.20 -51.48 20.60
C ARG A 1037 -21.87 -52.70 20.04
N LYS A 1038 -23.17 -52.84 20.28
CA LYS A 1038 -23.88 -54.02 19.82
C LYS A 1038 -23.91 -54.13 18.30
N PHE A 1039 -24.19 -53.04 17.61
CA PHE A 1039 -24.27 -53.06 16.15
C PHE A 1039 -22.93 -53.32 15.48
N PHE A 1040 -21.86 -52.67 15.98
CA PHE A 1040 -20.55 -52.79 15.35
C PHE A 1040 -19.60 -53.59 16.22
N LYS A 1041 -19.09 -54.70 15.69
CA LYS A 1041 -18.15 -55.53 16.44
C LYS A 1041 -16.80 -54.83 16.54
N GLU A 1042 -16.17 -54.88 17.70
CA GLU A 1042 -14.85 -54.29 17.85
C GLU A 1042 -13.87 -55.16 17.07
N THR A 1043 -13.03 -54.54 16.25
CA THR A 1043 -12.08 -55.28 15.45
C THR A 1043 -11.07 -55.84 16.42
N ALA A 1044 -10.52 -57.00 16.10
CA ALA A 1044 -9.50 -57.56 16.96
C ALA A 1044 -8.45 -56.50 17.25
N HIS A 1045 -8.04 -55.73 16.23
CA HIS A 1045 -6.95 -54.79 16.48
C HIS A 1045 -7.38 -53.72 17.48
N GLU A 1046 -8.61 -53.26 17.38
CA GLU A 1046 -9.09 -52.20 18.27
C GLU A 1046 -9.04 -52.63 19.73
N HIS A 1047 -9.38 -53.89 20.00
CA HIS A 1047 -9.48 -54.36 21.38
C HIS A 1047 -8.17 -54.20 22.12
N GLU A 1048 -7.06 -54.61 21.51
CA GLU A 1048 -5.77 -54.60 22.21
C GLU A 1048 -5.32 -53.19 22.60
N MET A 1049 -5.55 -52.20 21.72
CA MET A 1049 -5.19 -50.83 22.07
C MET A 1049 -6.05 -50.32 23.22
N ALA A 1050 -7.32 -50.70 23.26
CA ALA A 1050 -8.18 -50.31 24.37
C ALA A 1050 -7.62 -50.85 25.69
N VAL A 1051 -7.21 -52.11 25.71
CA VAL A 1051 -6.66 -52.70 26.93
C VAL A 1051 -5.38 -51.97 27.33
N ARG A 1052 -4.51 -51.68 26.36
CA ARG A 1052 -3.26 -50.98 26.68
C ARG A 1052 -3.56 -49.61 27.28
N HIS A 1053 -4.47 -48.85 26.65
CA HIS A 1053 -4.80 -47.52 27.15
C HIS A 1053 -5.41 -47.59 28.55
N ALA A 1054 -6.33 -48.54 28.76
CA ALA A 1054 -6.95 -48.67 30.07
C ALA A 1054 -5.93 -49.02 31.14
N SER A 1055 -5.00 -49.92 30.83
CA SER A 1055 -3.97 -50.27 31.79
C SER A 1055 -3.08 -49.07 32.10
N LYS A 1056 -2.76 -48.27 31.08
CA LYS A 1056 -1.89 -47.12 31.31
C LYS A 1056 -2.61 -46.01 32.08
N ALA A 1057 -3.93 -45.89 31.92
CA ALA A 1057 -4.70 -44.82 32.54
C ALA A 1057 -5.44 -45.26 33.80
N GLY A 1058 -6.00 -46.47 33.80
CA GLY A 1058 -6.75 -46.95 34.96
C GLY A 1058 -8.04 -46.19 35.19
N MET B 1 20.38 -28.52 24.68
CA MET B 1 20.94 -28.19 23.33
C MET B 1 22.46 -28.27 23.33
N ALA B 2 23.09 -27.83 24.42
CA ALA B 2 24.54 -27.84 24.49
C ALA B 2 25.08 -29.26 24.38
N LYS B 3 24.45 -30.22 25.07
CA LYS B 3 24.89 -31.60 24.99
C LYS B 3 24.71 -32.13 23.56
N PHE B 4 23.64 -31.71 22.89
CA PHE B 4 23.39 -32.18 21.53
C PHE B 4 24.52 -31.79 20.60
N PHE B 5 25.00 -30.55 20.71
CA PHE B 5 26.02 -30.05 19.80
C PHE B 5 27.44 -30.39 20.25
N ILE B 6 27.64 -30.74 21.51
CA ILE B 6 28.95 -31.21 21.94
C ILE B 6 29.33 -32.49 21.21
N ASP B 7 28.33 -33.30 20.85
CA ASP B 7 28.56 -34.53 20.12
C ASP B 7 28.42 -34.36 18.60
N ARG B 8 28.06 -33.17 18.13
CA ARG B 8 27.90 -32.91 16.70
C ARG B 8 28.55 -31.58 16.34
N PRO B 9 29.88 -31.51 16.42
CA PRO B 9 30.57 -30.27 16.05
C PRO B 9 30.34 -29.85 14.60
N ILE B 10 30.24 -30.80 13.67
CA ILE B 10 30.09 -30.44 12.27
C ILE B 10 28.73 -29.84 12.00
N PHE B 11 27.68 -30.30 12.70
CA PHE B 11 26.37 -29.66 12.56
C PHE B 11 26.41 -28.22 13.04
N ALA B 12 27.08 -27.95 14.16
CA ALA B 12 27.25 -26.59 14.63
C ALA B 12 28.03 -25.75 13.62
N TRP B 13 29.06 -26.34 13.03
CA TRP B 13 29.83 -25.63 12.01
C TRP B 13 28.96 -25.28 10.81
N VAL B 14 28.10 -26.20 10.39
CA VAL B 14 27.21 -25.95 9.26
C VAL B 14 26.25 -24.82 9.58
N ILE B 15 25.68 -24.83 10.79
CA ILE B 15 24.78 -23.75 11.19
C ILE B 15 25.51 -22.42 11.18
N SER B 16 26.74 -22.39 11.69
CA SER B 16 27.51 -21.16 11.69
C SER B 16 27.86 -20.70 10.28
N ILE B 17 28.11 -21.64 9.38
CA ILE B 17 28.36 -21.28 7.98
C ILE B 17 27.13 -20.62 7.37
N PHE B 18 25.94 -21.16 7.66
CA PHE B 18 24.72 -20.55 7.16
C PHE B 18 24.53 -19.16 7.75
N ILE B 19 24.86 -18.99 9.03
CA ILE B 19 24.75 -17.66 9.65
C ILE B 19 25.70 -16.69 8.96
N ILE B 20 26.93 -17.12 8.69
CA ILE B 20 27.91 -16.24 8.03
C ILE B 20 27.41 -15.86 6.63
N ALA B 21 26.87 -16.83 5.89
CA ALA B 21 26.38 -16.54 4.56
C ALA B 21 25.22 -15.55 4.61
N ALA B 22 24.30 -15.73 5.54
CA ALA B 22 23.19 -14.80 5.68
C ALA B 22 23.69 -13.40 6.02
N GLY B 23 24.69 -13.30 6.91
CA GLY B 23 25.24 -12.00 7.24
C GLY B 23 25.91 -11.32 6.07
N ILE B 24 26.69 -12.08 5.30
CA ILE B 24 27.35 -11.52 4.12
C ILE B 24 26.32 -11.03 3.12
N PHE B 25 25.30 -11.84 2.85
CA PHE B 25 24.25 -11.44 1.92
C PHE B 25 23.53 -10.20 2.41
N GLY B 26 23.28 -10.11 3.72
CA GLY B 26 22.63 -8.94 4.26
C GLY B 26 23.47 -7.69 4.11
N ILE B 27 24.78 -7.81 4.37
CA ILE B 27 25.67 -6.66 4.20
C ILE B 27 25.67 -6.21 2.75
N LYS B 28 25.67 -7.16 1.81
CA LYS B 28 25.73 -6.80 0.40
C LYS B 28 24.53 -5.95 -0.03
N SER B 29 23.40 -6.09 0.65
CA SER B 29 22.15 -5.47 0.22
C SER B 29 21.60 -4.53 1.27
N LEU B 30 22.46 -3.71 1.87
CA LEU B 30 22.04 -2.73 2.85
C LEU B 30 22.27 -1.31 2.32
N PRO B 31 21.30 -0.40 2.47
CA PRO B 31 21.57 1.00 2.14
C PRO B 31 22.61 1.58 3.07
N VAL B 32 23.35 2.56 2.55
CA VAL B 32 24.44 3.20 3.29
C VAL B 32 24.23 4.71 3.24
N SER B 33 24.17 5.35 4.40
CA SER B 33 24.07 6.79 4.51
C SER B 33 24.50 7.18 5.91
N GLN B 34 24.77 8.47 6.10
CA GLN B 34 25.31 8.92 7.39
C GLN B 34 24.25 8.88 8.47
N TYR B 35 23.00 9.22 8.15
CA TYR B 35 21.92 9.26 9.11
C TYR B 35 20.67 8.64 8.51
N PRO B 36 19.80 8.05 9.34
CA PRO B 36 18.50 7.59 8.83
C PRO B 36 17.47 8.71 8.84
N SER B 37 16.23 8.39 8.50
CA SER B 37 15.16 9.36 8.53
C SER B 37 14.51 9.33 9.92
N VAL B 38 14.53 10.48 10.59
CA VAL B 38 13.98 10.58 11.94
C VAL B 38 12.83 11.57 12.04
N ALA B 39 12.72 12.54 11.15
CA ALA B 39 11.63 13.50 11.20
C ALA B 39 10.36 12.90 10.58
N ALA B 40 9.24 13.54 10.88
CA ALA B 40 7.96 13.13 10.34
C ALA B 40 7.78 13.64 8.91
N PRO B 41 6.86 13.05 8.16
CA PRO B 41 6.63 13.53 6.79
C PRO B 41 6.15 14.97 6.75
N THR B 42 6.56 15.69 5.72
CA THR B 42 6.13 17.07 5.51
C THR B 42 6.00 17.34 4.03
N ILE B 43 4.93 18.04 3.65
CA ILE B 43 4.67 18.42 2.27
C ILE B 43 4.61 19.94 2.20
N THR B 44 5.26 20.50 1.18
CA THR B 44 5.33 21.95 1.00
C THR B 44 4.74 22.32 -0.36
N LEU B 45 4.39 23.60 -0.52
CA LEU B 45 3.64 24.07 -1.68
C LEU B 45 4.43 24.98 -2.61
N HIS B 46 5.05 26.04 -2.10
CA HIS B 46 5.99 26.85 -2.89
C HIS B 46 5.33 27.44 -4.14
N ALA B 47 4.43 28.39 -3.91
CA ALA B 47 3.84 29.17 -4.99
C ALA B 47 4.63 30.46 -5.24
N ILE B 48 4.58 30.92 -6.49
CA ILE B 48 5.20 32.18 -6.89
C ILE B 48 4.11 33.11 -7.39
N TYR B 49 4.07 34.33 -6.82
CA TYR B 49 3.15 35.38 -7.25
C TYR B 49 3.95 36.66 -7.38
N PRO B 50 4.48 36.95 -8.57
CA PRO B 50 5.50 38.00 -8.69
C PRO B 50 4.96 39.38 -8.36
N GLY B 51 5.84 40.22 -7.81
CA GLY B 51 5.55 41.62 -7.59
C GLY B 51 4.62 41.91 -6.43
N ALA B 52 4.43 40.96 -5.52
CA ALA B 52 3.46 41.11 -4.46
C ALA B 52 4.13 41.27 -3.10
N SER B 53 3.34 41.75 -2.15
CA SER B 53 3.78 41.92 -0.78
C SER B 53 3.32 40.71 0.05
N ALA B 54 3.74 40.70 1.31
CA ALA B 54 3.39 39.58 2.19
C ALA B 54 1.88 39.47 2.35
N GLN B 55 1.21 40.59 2.59
CA GLN B 55 -0.23 40.56 2.80
C GLN B 55 -0.95 40.06 1.55
N VAL B 56 -0.56 40.56 0.39
CA VAL B 56 -1.20 40.15 -0.85
C VAL B 56 -0.98 38.66 -1.08
N MET B 57 0.27 38.21 -0.98
CA MET B 57 0.56 36.80 -1.17
C MET B 57 -0.28 35.95 -0.24
N GLU B 58 -0.24 36.26 1.06
CA GLU B 58 -0.97 35.49 2.05
C GLU B 58 -2.43 35.42 1.66
N GLY B 59 -3.12 36.57 1.66
CA GLY B 59 -4.55 36.58 1.50
C GLY B 59 -5.04 36.02 0.18
N SER B 60 -4.26 36.19 -0.89
CA SER B 60 -4.72 35.80 -2.21
C SER B 60 -4.35 34.38 -2.59
N VAL B 61 -3.30 33.79 -2.01
CA VAL B 61 -2.82 32.48 -2.41
C VAL B 61 -2.77 31.52 -1.24
N LEU B 62 -2.09 31.90 -0.16
CA LEU B 62 -1.73 30.92 0.85
C LEU B 62 -2.92 30.53 1.70
N SER B 63 -3.75 31.50 2.10
CA SER B 63 -4.97 31.17 2.82
C SER B 63 -5.91 30.34 1.97
N VAL B 64 -6.02 30.68 0.68
CA VAL B 64 -6.92 29.95 -0.21
C VAL B 64 -6.47 28.50 -0.34
N ILE B 65 -5.17 28.27 -0.48
CA ILE B 65 -4.67 26.89 -0.55
C ILE B 65 -4.86 26.20 0.79
N GLU B 66 -4.59 26.91 1.88
CA GLU B 66 -4.65 26.31 3.22
C GLU B 66 -6.06 25.83 3.56
N ARG B 67 -7.07 26.60 3.16
CA ARG B 67 -8.44 26.27 3.54
C ARG B 67 -8.90 24.94 2.95
N ASN B 68 -8.25 24.46 1.88
CA ASN B 68 -8.61 23.20 1.25
C ASN B 68 -7.70 22.06 1.69
N MET B 69 -6.98 22.22 2.80
CA MET B 69 -6.09 21.19 3.29
C MET B 69 -6.57 20.53 4.58
N ASN B 70 -7.64 21.02 5.19
CA ASN B 70 -8.23 20.39 6.36
C ASN B 70 -9.08 19.22 5.89
N GLY B 71 -8.56 18.01 6.04
CA GLY B 71 -9.26 16.84 5.55
C GLY B 71 -8.34 15.78 4.99
N VAL B 72 -7.06 16.12 4.80
CA VAL B 72 -6.09 15.13 4.36
C VAL B 72 -5.75 14.21 5.52
N GLU B 73 -5.68 12.91 5.24
CA GLU B 73 -5.52 11.93 6.30
C GLU B 73 -4.20 12.12 7.04
N GLY B 74 -4.27 11.99 8.36
CA GLY B 74 -3.07 12.01 9.20
C GLY B 74 -2.33 13.33 9.26
N LEU B 75 -3.04 14.44 9.31
CA LEU B 75 -2.41 15.76 9.40
C LEU B 75 -2.31 16.17 10.86
N ASP B 76 -1.08 16.46 11.31
CA ASP B 76 -0.88 16.92 12.69
C ASP B 76 -1.11 18.42 12.79
N TYR B 77 -0.29 19.22 12.10
CA TYR B 77 -0.43 20.66 12.13
C TYR B 77 -0.04 21.22 10.77
N MET B 78 -0.14 22.54 10.65
CA MET B 78 -0.04 23.21 9.36
C MET B 78 0.39 24.65 9.60
N SER B 79 1.16 25.19 8.65
CA SER B 79 1.70 26.53 8.80
C SER B 79 1.85 27.17 7.44
N THR B 80 1.99 28.51 7.46
CA THR B 80 2.15 29.32 6.27
C THR B 80 3.26 30.33 6.52
N SER B 81 3.87 30.80 5.43
CA SER B 81 4.90 31.83 5.54
C SER B 81 4.91 32.65 4.26
N ALA B 82 4.87 33.97 4.40
CA ALA B 82 4.92 34.89 3.28
C ALA B 82 5.93 35.99 3.59
N ASP B 83 6.70 36.37 2.58
CA ASP B 83 7.64 37.48 2.73
C ASP B 83 7.49 38.43 1.55
N SER B 84 8.36 39.42 1.46
CA SER B 84 8.31 40.43 0.41
C SER B 84 9.03 40.00 -0.86
N SER B 85 9.40 38.74 -0.97
CA SER B 85 10.20 38.25 -2.08
C SER B 85 9.37 37.83 -3.30
N GLY B 86 8.05 37.88 -3.20
CA GLY B 86 7.20 37.42 -4.28
C GLY B 86 6.97 35.93 -4.31
N SER B 87 7.34 35.22 -3.26
CA SER B 87 7.11 33.78 -3.18
C SER B 87 6.76 33.40 -1.74
N GLY B 88 6.02 32.31 -1.59
CA GLY B 88 5.58 31.85 -0.30
C GLY B 88 5.39 30.35 -0.32
N SER B 89 5.09 29.79 0.84
CA SER B 89 4.97 28.35 0.97
C SER B 89 3.91 28.00 2.01
N VAL B 90 3.32 26.82 1.84
CA VAL B 90 2.42 26.22 2.81
C VAL B 90 3.03 24.89 3.21
N SER B 91 3.26 24.70 4.50
CA SER B 91 3.94 23.51 5.02
C SER B 91 2.94 22.67 5.81
N LEU B 92 2.81 21.41 5.43
CA LEU B 92 1.91 20.47 6.09
C LEU B 92 2.74 19.38 6.76
N THR B 93 2.59 19.24 8.06
CA THR B 93 3.24 18.18 8.82
C THR B 93 2.23 17.08 9.16
N PHE B 94 2.70 15.84 9.16
CA PHE B 94 1.84 14.67 9.27
C PHE B 94 2.22 13.83 10.46
N THR B 95 1.24 13.10 10.98
CA THR B 95 1.47 12.20 12.10
C THR B 95 2.41 11.08 11.64
N PRO B 96 3.30 10.59 12.52
CA PRO B 96 4.16 9.47 12.13
C PRO B 96 3.35 8.28 11.63
N ASP B 97 4.02 7.32 11.00
CA ASP B 97 3.36 6.16 10.42
C ASP B 97 2.39 6.56 9.31
N THR B 98 2.67 7.69 8.65
CA THR B 98 1.94 8.13 7.47
C THR B 98 2.86 7.99 6.26
N ASP B 99 2.36 7.34 5.21
CA ASP B 99 3.14 7.17 4.00
C ASP B 99 3.35 8.53 3.33
N GLU B 100 4.61 8.91 3.14
CA GLU B 100 4.90 10.23 2.58
C GLU B 100 4.41 10.34 1.14
N ASN B 101 4.51 9.25 0.37
CA ASN B 101 4.04 9.27 -1.00
C ASN B 101 2.54 9.50 -1.06
N LEU B 102 1.78 8.78 -0.23
CA LEU B 102 0.33 8.95 -0.22
C LEU B 102 -0.05 10.36 0.21
N ALA B 103 0.65 10.89 1.22
CA ALA B 103 0.38 12.26 1.65
C ALA B 103 0.64 13.24 0.52
N GLN B 104 1.74 13.08 -0.21
CA GLN B 104 2.05 14.00 -1.30
C GLN B 104 1.00 13.94 -2.39
N VAL B 105 0.57 12.73 -2.76
CA VAL B 105 -0.41 12.62 -3.84
C VAL B 105 -1.74 13.18 -3.41
N GLU B 106 -2.14 12.97 -2.15
CA GLU B 106 -3.39 13.54 -1.67
C GLU B 106 -3.33 15.06 -1.62
N VAL B 107 -2.19 15.62 -1.21
CA VAL B 107 -2.05 17.07 -1.20
C VAL B 107 -2.13 17.63 -2.61
N GLN B 108 -1.50 16.96 -3.57
CA GLN B 108 -1.59 17.41 -4.96
C GLN B 108 -3.02 17.35 -5.47
N ASN B 109 -3.74 16.29 -5.12
CA ASN B 109 -5.11 16.15 -5.59
C ASN B 109 -6.03 17.18 -4.93
N LYS B 110 -5.72 17.60 -3.71
CA LYS B 110 -6.48 18.68 -3.09
C LYS B 110 -6.15 20.02 -3.73
N LEU B 111 -4.87 20.23 -4.09
CA LEU B 111 -4.49 21.47 -4.74
C LEU B 111 -5.17 21.61 -6.10
N SER B 112 -5.31 20.50 -6.82
CA SER B 112 -5.96 20.52 -8.13
C SER B 112 -7.41 20.99 -8.03
N GLU B 113 -8.02 20.90 -6.86
CA GLU B 113 -9.41 21.32 -6.71
C GLU B 113 -9.53 22.83 -6.76
N VAL B 114 -8.64 23.55 -6.08
CA VAL B 114 -8.73 25.00 -5.94
C VAL B 114 -7.73 25.73 -6.82
N LEU B 115 -6.95 25.03 -7.64
CA LEU B 115 -5.96 25.70 -8.47
C LEU B 115 -6.56 26.80 -9.33
N SER B 116 -7.80 26.61 -9.81
CA SER B 116 -8.41 27.58 -10.71
C SER B 116 -8.87 28.85 -10.00
N THR B 117 -8.89 28.87 -8.68
CA THR B 117 -9.31 30.03 -7.91
C THR B 117 -8.16 30.96 -7.55
N LEU B 118 -6.95 30.68 -8.02
CA LEU B 118 -5.80 31.50 -7.73
C LEU B 118 -5.61 32.55 -8.82
N PRO B 119 -4.76 33.55 -8.57
CA PRO B 119 -4.51 34.56 -9.60
C PRO B 119 -3.92 33.93 -10.86
N ALA B 120 -4.19 34.58 -11.99
CA ALA B 120 -3.78 34.01 -13.28
C ALA B 120 -2.27 33.82 -13.35
N THR B 121 -1.50 34.76 -12.81
CA THR B 121 -0.05 34.64 -12.87
C THR B 121 0.45 33.47 -12.03
N VAL B 122 -0.19 33.22 -10.88
CA VAL B 122 0.16 32.06 -10.08
C VAL B 122 -0.03 30.78 -10.89
N GLN B 123 -1.14 30.70 -11.62
CA GLN B 123 -1.39 29.52 -12.45
C GLN B 123 -0.40 29.45 -13.61
N GLN B 124 0.00 30.60 -14.15
CA GLN B 124 1.02 30.60 -15.19
C GLN B 124 2.31 29.98 -14.69
N TYR B 125 2.74 30.37 -13.48
CA TYR B 125 3.99 29.84 -12.96
C TYR B 125 3.86 28.42 -12.43
N GLY B 126 2.71 28.06 -11.88
CA GLY B 126 2.51 26.75 -11.32
C GLY B 126 2.90 26.67 -9.86
N VAL B 127 2.39 25.65 -9.18
CA VAL B 127 2.65 25.40 -7.77
C VAL B 127 3.27 24.02 -7.64
N THR B 128 4.40 23.93 -6.93
CA THR B 128 5.17 22.71 -6.84
C THR B 128 4.93 22.03 -5.49
N VAL B 129 4.37 20.84 -5.53
CA VAL B 129 4.16 20.03 -4.33
C VAL B 129 5.33 19.07 -4.18
N SER B 130 5.97 19.09 -3.02
CA SER B 130 7.14 18.27 -2.77
C SER B 130 7.17 17.87 -1.30
N LYS B 131 8.04 16.92 -0.98
CA LYS B 131 8.24 16.47 0.39
C LYS B 131 9.52 17.06 0.95
N ALA B 132 9.45 17.56 2.18
CA ALA B 132 10.58 18.28 2.77
C ALA B 132 11.79 17.37 2.95
N ARG B 133 11.58 16.06 3.03
CA ARG B 133 12.70 15.15 3.23
C ARG B 133 13.71 15.28 2.10
N SER B 134 14.99 15.34 2.48
CA SER B 134 16.08 15.45 1.53
C SER B 134 17.21 14.54 1.98
N ASN B 135 17.62 13.63 1.11
CA ASN B 135 18.76 12.75 1.39
C ASN B 135 20.02 13.34 0.78
N PHE B 136 20.37 14.51 1.31
CA PHE B 136 21.48 15.29 0.77
C PHE B 136 22.78 14.48 0.82
N LEU B 137 23.54 14.54 -0.27
CA LEU B 137 24.82 13.83 -0.37
C LEU B 137 25.99 14.80 -0.55
N MET B 138 25.93 15.70 -1.54
CA MET B 138 27.07 16.52 -1.90
C MET B 138 26.64 17.88 -2.42
N ILE B 139 27.63 18.76 -2.53
CA ILE B 139 27.55 20.01 -3.27
C ILE B 139 28.63 19.98 -4.35
N VAL B 140 28.26 20.33 -5.58
CA VAL B 140 29.18 20.42 -6.70
C VAL B 140 29.25 21.87 -7.14
N MET B 141 30.46 22.43 -7.19
CA MET B 141 30.67 23.83 -7.53
C MET B 141 31.50 23.94 -8.80
N LEU B 142 31.07 24.82 -9.70
CA LEU B 142 31.83 25.18 -10.89
C LEU B 142 32.23 26.64 -10.78
N SER B 143 33.52 26.92 -10.87
CA SER B 143 34.06 28.27 -10.77
C SER B 143 34.87 28.58 -12.02
N SER B 144 34.69 29.79 -12.55
CA SER B 144 35.44 30.21 -13.73
C SER B 144 36.30 31.43 -13.49
N ASP B 145 35.75 32.49 -12.92
CA ASP B 145 36.42 33.78 -12.78
C ASP B 145 36.62 34.47 -14.12
N VAL B 146 36.05 33.93 -15.20
CA VAL B 146 36.19 34.50 -16.54
C VAL B 146 34.83 34.77 -17.17
N GLN B 147 33.92 33.80 -17.11
CA GLN B 147 32.60 33.92 -17.70
C GLN B 147 31.56 34.14 -16.63
N SER B 148 30.49 34.85 -17.00
CA SER B 148 29.47 35.26 -16.06
C SER B 148 28.76 34.05 -15.47
N THR B 149 27.91 34.32 -14.48
CA THR B 149 27.14 33.25 -13.85
C THR B 149 26.04 32.73 -14.77
N GLU B 150 25.57 33.57 -15.70
CA GLU B 150 24.60 33.08 -16.69
C GLU B 150 25.21 31.97 -17.53
N GLU B 151 26.44 32.17 -18.00
CA GLU B 151 27.09 31.18 -18.84
C GLU B 151 27.30 29.88 -18.06
N MET B 152 27.79 29.98 -16.83
CA MET B 152 28.04 28.77 -16.05
C MET B 152 26.73 28.05 -15.74
N ASN B 153 25.68 28.78 -15.40
CA ASN B 153 24.40 28.14 -15.12
C ASN B 153 23.87 27.43 -16.35
N ASP B 154 23.95 28.07 -17.52
CA ASP B 154 23.50 27.43 -18.74
C ASP B 154 24.31 26.18 -19.06
N TYR B 155 25.64 26.28 -18.93
CA TYR B 155 26.49 25.13 -19.19
C TYR B 155 26.17 23.98 -18.24
N ALA B 156 25.97 24.29 -16.95
CA ALA B 156 25.62 23.25 -16.00
C ALA B 156 24.31 22.58 -16.40
N GLN B 157 23.26 23.38 -16.60
CA GLN B 157 21.96 22.82 -16.94
C GLN B 157 22.01 21.98 -18.20
N ARG B 158 22.84 22.37 -19.17
CA ARG B 158 22.87 21.67 -20.46
C ARG B 158 23.78 20.46 -20.48
N ASN B 159 24.84 20.43 -19.66
CA ASN B 159 25.85 19.39 -19.75
C ASN B 159 25.99 18.57 -18.48
N VAL B 160 26.08 19.22 -17.32
CA VAL B 160 26.51 18.52 -16.10
C VAL B 160 25.33 17.88 -15.38
N VAL B 161 24.24 18.63 -15.21
CA VAL B 161 23.08 18.10 -14.50
C VAL B 161 22.57 16.81 -15.12
N PRO B 162 22.34 16.73 -16.43
CA PRO B 162 21.84 15.46 -17.00
C PRO B 162 22.80 14.31 -16.81
N GLU B 163 24.10 14.57 -16.77
CA GLU B 163 25.07 13.48 -16.61
C GLU B 163 25.10 12.96 -15.17
N LEU B 164 24.96 13.85 -14.19
CA LEU B 164 25.02 13.43 -12.80
C LEU B 164 23.80 12.59 -12.41
N GLN B 165 22.62 12.97 -12.88
CA GLN B 165 21.41 12.27 -12.46
C GLN B 165 21.21 10.95 -13.18
N ARG B 166 22.04 10.63 -14.18
CA ARG B 166 22.06 9.30 -14.78
C ARG B 166 22.90 8.32 -13.98
N ILE B 167 23.66 8.79 -12.99
CA ILE B 167 24.51 7.91 -12.20
C ILE B 167 23.64 7.06 -11.26
N GLU B 168 24.13 5.86 -10.96
CA GLU B 168 23.42 4.97 -10.06
C GLU B 168 23.38 5.54 -8.64
N GLY B 169 22.22 5.40 -8.00
CA GLY B 169 22.05 5.85 -6.63
C GLY B 169 21.68 7.31 -6.48
N VAL B 170 21.66 8.06 -7.57
CA VAL B 170 21.28 9.48 -7.51
C VAL B 170 19.77 9.59 -7.59
N GLY B 171 19.19 10.32 -6.64
CA GLY B 171 17.74 10.46 -6.58
C GLY B 171 17.25 11.77 -7.15
N GLN B 172 18.09 12.81 -7.10
CA GLN B 172 17.70 14.12 -7.57
C GLN B 172 18.92 15.02 -7.62
N VAL B 173 18.97 15.91 -8.60
CA VAL B 173 20.00 16.93 -8.72
C VAL B 173 19.30 18.28 -8.87
N ARG B 174 19.71 19.25 -8.07
CA ARG B 174 19.10 20.57 -8.05
C ARG B 174 20.16 21.63 -8.34
N LEU B 175 19.84 22.53 -9.26
CA LEU B 175 20.75 23.59 -9.66
C LEU B 175 20.41 24.87 -8.88
N PHE B 176 21.40 25.42 -8.19
CA PHE B 176 21.22 26.65 -7.43
C PHE B 176 21.54 27.88 -8.27
N GLY B 177 20.91 27.96 -9.44
CA GLY B 177 21.11 29.09 -10.32
C GLY B 177 19.94 29.21 -11.28
N ALA B 178 19.65 30.44 -11.67
CA ALA B 178 18.49 30.69 -12.52
C ALA B 178 18.75 30.26 -13.96
N GLN B 179 17.69 29.85 -14.64
CA GLN B 179 17.76 29.53 -16.06
C GLN B 179 17.92 30.80 -16.88
N ARG B 180 18.15 30.61 -18.17
CA ARG B 180 18.24 31.73 -19.10
C ARG B 180 16.85 32.19 -19.50
N ALA B 181 16.77 33.40 -20.03
CA ALA B 181 15.49 33.93 -20.50
C ALA B 181 15.75 35.05 -21.49
N MET B 182 14.73 35.32 -22.31
CA MET B 182 14.72 36.48 -23.18
C MET B 182 14.12 37.65 -22.42
N ARG B 183 14.93 38.68 -22.19
CA ARG B 183 14.55 39.82 -21.38
C ARG B 183 14.32 41.02 -22.29
N ILE B 184 13.21 41.73 -22.07
CA ILE B 184 12.89 42.96 -22.78
C ILE B 184 12.86 44.07 -21.74
N TRP B 185 13.72 45.07 -21.92
CA TRP B 185 13.88 46.18 -20.98
C TRP B 185 13.27 47.41 -21.63
N VAL B 186 12.05 47.74 -21.26
CA VAL B 186 11.28 48.79 -21.91
C VAL B 186 11.62 50.13 -21.26
N ASP B 187 11.79 51.15 -22.10
CA ASP B 187 11.96 52.52 -21.64
C ASP B 187 10.59 53.20 -21.65
N PRO B 188 9.99 53.51 -20.51
CA PRO B 188 8.66 54.12 -20.53
C PRO B 188 8.59 55.44 -21.26
N LYS B 189 9.70 56.19 -21.30
CA LYS B 189 9.68 57.46 -22.02
C LYS B 189 9.41 57.25 -23.50
N LYS B 190 10.12 56.29 -24.11
CA LYS B 190 9.87 55.97 -25.52
C LYS B 190 8.46 55.46 -25.72
N LEU B 191 7.98 54.62 -24.80
CA LEU B 191 6.60 54.13 -24.90
C LEU B 191 5.63 55.30 -24.96
N GLN B 192 5.77 56.26 -24.05
CA GLN B 192 4.88 57.42 -24.07
C GLN B 192 5.08 58.25 -25.33
N ASN B 193 6.29 58.23 -25.90
CA ASN B 193 6.53 58.95 -27.15
C ASN B 193 5.65 58.44 -28.27
N TYR B 194 5.55 57.11 -28.40
CA TYR B 194 4.76 56.48 -29.45
C TYR B 194 3.33 56.18 -29.02
N ASN B 195 2.94 56.59 -27.81
CA ASN B 195 1.57 56.40 -27.33
C ASN B 195 1.24 54.91 -27.24
N LEU B 196 2.18 54.13 -26.71
CA LEU B 196 2.03 52.69 -26.52
C LEU B 196 2.10 52.38 -25.03
N SER B 197 1.79 51.13 -24.69
CA SER B 197 1.75 50.70 -23.29
C SER B 197 2.38 49.32 -23.16
N PHE B 198 2.71 48.97 -21.91
CA PHE B 198 3.25 47.64 -21.64
C PHE B 198 2.32 46.55 -22.13
N ALA B 199 1.01 46.79 -22.01
CA ALA B 199 0.04 45.81 -22.49
C ALA B 199 0.20 45.59 -23.99
N ASP B 200 0.44 46.66 -24.74
CA ASP B 200 0.66 46.52 -26.17
C ASP B 200 1.88 45.66 -26.46
N VAL B 201 2.97 45.87 -25.72
CA VAL B 201 4.18 45.09 -25.92
C VAL B 201 3.90 43.62 -25.66
N GLY B 202 3.23 43.32 -24.55
CA GLY B 202 2.92 41.93 -24.24
C GLY B 202 2.02 41.28 -25.27
N SER B 203 0.99 42.01 -25.72
CA SER B 203 0.08 41.47 -26.72
C SER B 203 0.81 41.18 -28.02
N ALA B 204 1.66 42.11 -28.46
CA ALA B 204 2.41 41.87 -29.69
C ALA B 204 3.34 40.67 -29.56
N LEU B 205 4.03 40.56 -28.42
CA LEU B 205 4.92 39.43 -28.22
C LEU B 205 4.14 38.12 -28.26
N SER B 206 2.97 38.08 -27.63
CA SER B 206 2.19 36.85 -27.61
C SER B 206 1.59 36.52 -28.97
N ALA B 207 1.22 37.55 -29.75
CA ALA B 207 0.59 37.31 -31.04
C ALA B 207 1.59 36.92 -32.11
N GLN B 208 2.81 37.45 -32.06
CA GLN B 208 3.78 37.19 -33.12
C GLN B 208 4.79 36.10 -32.80
N ASN B 209 4.69 35.47 -31.63
CA ASN B 209 5.56 34.36 -31.25
C ASN B 209 4.68 33.26 -30.70
N ILE B 210 4.26 32.34 -31.56
CA ILE B 210 3.29 31.31 -31.22
C ILE B 210 3.54 30.08 -32.07
N GLN B 211 3.25 28.92 -31.50
CA GLN B 211 3.37 27.66 -32.21
C GLN B 211 2.26 27.52 -33.24
N ILE B 212 2.61 27.03 -34.42
CA ILE B 212 1.67 26.78 -35.51
C ILE B 212 1.51 25.28 -35.66
N SER B 213 0.27 24.83 -35.82
CA SER B 213 -0.06 23.43 -36.08
C SER B 213 -0.83 23.39 -37.40
N ALA B 214 -0.16 22.97 -38.47
CA ALA B 214 -0.80 22.97 -39.78
C ALA B 214 -1.61 21.70 -40.00
N GLY B 215 -0.97 20.54 -39.94
CA GLY B 215 -1.65 19.28 -40.16
C GLY B 215 -0.96 18.43 -41.21
N SER B 216 -1.75 17.75 -42.03
CA SER B 216 -1.21 16.85 -43.04
C SER B 216 -2.02 16.97 -44.32
N ILE B 217 -1.43 16.50 -45.41
CA ILE B 217 -2.08 16.41 -46.71
C ILE B 217 -2.62 14.99 -46.87
N GLY B 218 -3.78 14.87 -47.49
CA GLY B 218 -4.38 13.57 -47.72
C GLY B 218 -4.78 12.83 -46.46
N SER B 219 -5.41 13.53 -45.52
CA SER B 219 -5.81 12.91 -44.26
C SER B 219 -6.87 11.83 -44.52
N LEU B 220 -7.07 10.99 -43.50
CA LEU B 220 -7.76 9.70 -43.65
C LEU B 220 -8.99 9.78 -44.54
N PRO B 221 -10.00 10.60 -44.21
CA PRO B 221 -11.18 10.65 -45.08
C PRO B 221 -10.85 11.30 -46.41
N ALA B 222 -10.12 10.58 -47.24
CA ALA B 222 -9.54 11.10 -48.47
C ALA B 222 -10.39 10.75 -49.67
N VAL B 223 -10.25 11.57 -50.73
CA VAL B 223 -10.96 11.29 -51.97
C VAL B 223 -10.40 10.02 -52.61
N ARG B 224 -11.16 9.48 -53.56
CA ARG B 224 -10.73 8.26 -54.24
C ARG B 224 -9.53 8.54 -55.12
N GLY B 225 -8.55 7.63 -55.08
CA GLY B 225 -7.35 7.74 -55.87
C GLY B 225 -6.20 8.47 -55.21
N GLN B 226 -6.40 9.03 -54.01
CA GLN B 226 -5.31 9.68 -53.31
C GLN B 226 -4.21 8.67 -53.02
N THR B 227 -2.97 9.05 -53.31
CA THR B 227 -1.83 8.15 -53.16
C THR B 227 -0.76 8.64 -52.20
N VAL B 228 -0.72 9.93 -51.88
CA VAL B 228 0.35 10.51 -51.09
C VAL B 228 -0.23 11.30 -49.92
N THR B 229 0.32 11.08 -48.73
CA THR B 229 0.03 11.88 -47.55
C THR B 229 1.34 12.44 -47.01
N ALA B 230 1.30 13.69 -46.55
CA ALA B 230 2.49 14.36 -46.05
C ALA B 230 2.12 15.26 -44.88
N THR B 231 3.05 15.38 -43.94
CA THR B 231 2.90 16.28 -42.80
C THR B 231 3.38 17.66 -43.19
N VAL B 232 2.58 18.67 -42.84
CA VAL B 232 2.87 20.07 -43.16
C VAL B 232 3.32 20.77 -41.88
N THR B 233 4.43 21.49 -41.96
CA THR B 233 5.04 22.10 -40.79
C THR B 233 5.40 23.55 -41.09
N ALA B 234 5.01 24.45 -40.18
CA ALA B 234 5.38 25.86 -40.26
C ALA B 234 5.85 26.32 -38.89
N GLN B 235 6.95 27.07 -38.89
CA GLN B 235 7.55 27.56 -37.65
C GLN B 235 7.06 28.98 -37.40
N GLY B 236 6.46 29.21 -36.24
CA GLY B 236 5.94 30.52 -35.91
C GLY B 236 6.50 31.08 -34.62
N GLN B 237 7.69 30.63 -34.24
CA GLN B 237 8.33 31.04 -33.00
C GLN B 237 9.68 31.69 -33.31
N LEU B 238 10.12 32.55 -32.39
CA LEU B 238 11.36 33.29 -32.52
C LEU B 238 12.41 32.69 -31.59
N GLY B 239 13.67 32.81 -31.97
CA GLY B 239 14.73 32.14 -31.25
C GLY B 239 15.98 32.95 -31.00
N THR B 240 16.03 34.20 -31.47
CA THR B 240 17.18 35.06 -31.28
C THR B 240 16.71 36.44 -30.85
N ALA B 241 17.63 37.21 -30.26
CA ALA B 241 17.30 38.56 -29.83
C ALA B 241 17.02 39.47 -31.01
N GLU B 242 17.73 39.28 -32.12
CA GLU B 242 17.45 40.08 -33.32
C GLU B 242 16.06 39.80 -33.85
N GLU B 243 15.64 38.54 -33.83
CA GLU B 243 14.29 38.19 -34.26
C GLU B 243 13.25 38.81 -33.35
N PHE B 244 13.49 38.79 -32.04
CA PHE B 244 12.53 39.37 -31.09
C PHE B 244 12.47 40.88 -31.22
N GLY B 245 13.59 41.54 -31.53
CA GLY B 245 13.59 42.98 -31.65
C GLY B 245 12.78 43.50 -32.82
N ASN B 246 12.48 42.65 -33.80
CA ASN B 246 11.76 43.04 -34.99
C ASN B 246 10.25 42.86 -34.86
N VAL B 247 9.76 42.52 -33.68
CA VAL B 247 8.32 42.37 -33.48
C VAL B 247 7.64 43.69 -33.76
N ILE B 248 6.56 43.65 -34.53
CA ILE B 248 5.84 44.86 -34.92
C ILE B 248 4.85 45.22 -33.82
N LEU B 249 4.99 46.44 -33.28
CA LEU B 249 4.09 46.94 -32.25
C LEU B 249 2.95 47.77 -32.81
N ARG B 250 3.17 48.45 -33.93
CA ARG B 250 2.13 49.24 -34.58
C ARG B 250 2.47 49.35 -36.06
N ALA B 251 1.62 48.76 -36.90
CA ALA B 251 1.78 48.85 -38.35
C ALA B 251 1.06 50.09 -38.83
N ASN B 252 1.82 51.17 -39.05
CA ASN B 252 1.25 52.43 -39.48
C ASN B 252 0.80 52.34 -40.94
N THR B 253 -0.19 53.16 -41.29
CA THR B 253 -0.69 53.16 -42.65
C THR B 253 0.39 53.54 -43.64
N ASP B 254 1.19 54.57 -43.32
CA ASP B 254 2.29 54.95 -44.19
C ASP B 254 3.33 53.85 -44.33
N GLY B 255 3.37 52.90 -43.39
CA GLY B 255 4.36 51.85 -43.42
C GLY B 255 5.56 52.11 -42.53
N SER B 256 5.38 52.86 -41.44
CA SER B 256 6.51 53.14 -40.56
C SER B 256 6.90 51.90 -39.75
N ASN B 257 5.91 51.17 -39.24
CA ASN B 257 6.16 49.89 -38.55
C ASN B 257 7.07 50.09 -37.34
N ILE B 258 6.52 50.73 -36.32
CA ILE B 258 7.19 50.84 -35.03
C ILE B 258 7.53 49.44 -34.52
N TYR B 259 8.82 49.15 -34.37
CA TYR B 259 9.29 47.83 -33.99
C TYR B 259 9.55 47.75 -32.49
N LEU B 260 9.78 46.53 -32.01
CA LEU B 260 10.05 46.33 -30.59
C LEU B 260 11.44 46.81 -30.20
N LYS B 261 12.35 46.96 -31.15
CA LYS B 261 13.74 47.26 -30.85
C LYS B 261 14.02 48.76 -30.73
N ASP B 262 13.00 49.61 -30.85
CA ASP B 262 13.17 51.05 -30.65
C ASP B 262 12.33 51.57 -29.49
N VAL B 263 11.85 50.68 -28.63
CA VAL B 263 11.31 51.05 -27.33
C VAL B 263 11.90 50.21 -26.20
N ALA B 264 12.72 49.21 -26.51
CA ALA B 264 13.27 48.33 -25.49
C ALA B 264 14.56 47.72 -26.01
N LYS B 265 15.34 47.18 -25.08
CA LYS B 265 16.55 46.43 -25.39
C LYS B 265 16.27 44.95 -25.16
N VAL B 266 16.59 44.13 -26.15
CA VAL B 266 16.25 42.71 -26.14
C VAL B 266 17.55 41.92 -26.11
N GLY B 267 17.68 41.04 -25.11
CA GLY B 267 18.86 40.22 -24.99
C GLY B 267 18.64 39.09 -24.01
N LEU B 268 19.46 38.06 -24.14
CA LEU B 268 19.39 36.93 -23.23
C LEU B 268 19.87 37.34 -21.84
N GLY B 269 19.16 36.88 -20.83
CA GLY B 269 19.52 37.15 -19.45
C GLY B 269 19.10 35.99 -18.58
N MET B 270 18.84 36.27 -17.31
CA MET B 270 18.37 35.29 -16.35
C MET B 270 16.90 35.56 -16.05
N GLU B 271 16.35 34.82 -15.08
CA GLU B 271 14.96 34.97 -14.70
C GLU B 271 14.74 35.35 -13.24
N ASP B 272 15.79 35.46 -12.42
CA ASP B 272 15.62 35.85 -11.03
C ASP B 272 16.36 37.14 -10.68
N TYR B 273 17.66 37.21 -10.95
CA TYR B 273 18.54 38.28 -10.50
C TYR B 273 18.50 38.46 -8.98
N SER B 274 17.97 37.49 -8.23
CA SER B 274 17.80 37.67 -6.80
C SER B 274 19.05 37.25 -6.02
N SER B 275 19.51 36.02 -6.25
CA SER B 275 20.56 35.43 -5.44
C SER B 275 21.84 35.26 -6.24
N SER B 276 22.97 35.46 -5.57
CA SER B 276 24.29 35.27 -6.15
C SER B 276 25.11 34.41 -5.20
N THR B 277 26.02 33.62 -5.77
CA THR B 277 26.88 32.75 -4.99
C THR B 277 28.33 32.93 -5.43
N ARG B 278 29.23 32.72 -4.48
CA ARG B 278 30.66 32.80 -4.75
C ARG B 278 31.38 31.76 -3.90
N LEU B 279 32.59 31.41 -4.33
CA LEU B 279 33.45 30.45 -3.63
C LEU B 279 34.83 31.07 -3.46
N ASN B 280 35.15 31.47 -2.23
CA ASN B 280 36.42 32.14 -1.96
C ASN B 280 36.53 33.45 -2.76
N GLY B 281 35.39 34.08 -3.03
CA GLY B 281 35.38 35.39 -3.63
C GLY B 281 35.24 35.43 -5.13
N VAL B 282 34.94 34.30 -5.78
CA VAL B 282 34.79 34.25 -7.22
C VAL B 282 33.43 33.64 -7.55
N ASN B 283 32.94 33.93 -8.75
CA ASN B 283 31.62 33.48 -9.16
C ASN B 283 31.59 31.96 -9.30
N THR B 284 30.49 31.35 -8.87
CA THR B 284 30.34 29.90 -8.90
C THR B 284 28.91 29.53 -9.28
N THR B 285 28.74 28.26 -9.64
CA THR B 285 27.44 27.67 -9.91
C THR B 285 27.35 26.38 -9.10
N GLY B 286 26.45 26.36 -8.12
CA GLY B 286 26.33 25.24 -7.21
C GLY B 286 25.26 24.26 -7.63
N MET B 287 25.52 22.99 -7.34
CA MET B 287 24.57 21.90 -7.54
C MET B 287 24.51 21.06 -6.28
N ALA B 288 23.32 20.52 -5.99
CA ALA B 288 23.11 19.65 -4.85
C ALA B 288 22.66 18.28 -5.33
N VAL B 289 23.30 17.24 -4.81
CA VAL B 289 22.99 15.86 -5.17
C VAL B 289 22.34 15.19 -3.97
N MET B 290 21.21 14.53 -4.20
CA MET B 290 20.45 13.86 -3.17
C MET B 290 20.42 12.36 -3.44
N LEU B 291 20.84 11.58 -2.45
CA LEU B 291 20.87 10.13 -2.58
C LEU B 291 19.46 9.58 -2.59
N SER B 292 19.27 8.45 -3.28
CA SER B 292 17.97 7.81 -3.34
C SER B 292 17.84 6.79 -2.22
N ASN B 293 16.61 6.61 -1.75
CA ASN B 293 16.35 5.59 -0.75
C ASN B 293 16.82 4.24 -1.27
N SER B 294 17.55 3.51 -0.43
CA SER B 294 18.19 2.24 -0.79
C SER B 294 19.47 2.43 -1.58
N GLY B 295 20.05 3.63 -1.57
CA GLY B 295 21.29 3.91 -2.26
C GLY B 295 22.48 3.86 -1.32
N ASN B 296 23.65 3.60 -1.90
CA ASN B 296 24.90 3.56 -1.16
C ASN B 296 25.60 4.90 -1.33
N ALA B 297 25.90 5.56 -0.21
CA ALA B 297 26.46 6.91 -0.28
C ALA B 297 27.88 6.91 -0.80
N MET B 298 28.71 5.98 -0.33
CA MET B 298 30.11 5.95 -0.72
C MET B 298 30.25 5.67 -2.21
N ALA B 299 29.55 4.64 -2.70
CA ALA B 299 29.63 4.30 -4.11
C ALA B 299 29.13 5.44 -4.98
N THR B 300 28.02 6.06 -4.59
CA THR B 300 27.46 7.14 -5.39
C THR B 300 28.38 8.35 -5.43
N ALA B 301 28.97 8.71 -4.29
CA ALA B 301 29.90 9.84 -4.28
C ALA B 301 31.13 9.55 -5.13
N LYS B 302 31.66 8.33 -5.04
CA LYS B 302 32.82 7.99 -5.85
C LYS B 302 32.49 8.03 -7.34
N ALA B 303 31.32 7.52 -7.71
CA ALA B 303 30.92 7.54 -9.11
C ALA B 303 30.72 8.95 -9.61
N VAL B 304 30.11 9.82 -8.79
CA VAL B 304 29.93 11.21 -9.17
C VAL B 304 31.27 11.89 -9.38
N LYS B 305 32.22 11.66 -8.47
CA LYS B 305 33.54 12.27 -8.61
C LYS B 305 34.24 11.78 -9.87
N GLU B 306 34.13 10.49 -10.18
CA GLU B 306 34.74 9.96 -11.41
C GLU B 306 34.10 10.61 -12.64
N ARG B 307 32.78 10.72 -12.64
CA ARG B 307 32.07 11.32 -13.77
C ARG B 307 32.51 12.76 -13.96
N LEU B 308 32.62 13.52 -12.87
CA LEU B 308 33.05 14.91 -12.97
C LEU B 308 34.48 15.03 -13.47
N ALA B 309 35.36 14.13 -13.01
CA ALA B 309 36.73 14.15 -13.49
C ALA B 309 36.80 13.90 -14.98
N VAL B 310 36.00 12.95 -15.47
CA VAL B 310 35.97 12.69 -16.91
C VAL B 310 35.42 13.90 -17.67
N LEU B 311 34.33 14.48 -17.17
CA LEU B 311 33.70 15.61 -17.85
C LEU B 311 34.57 16.87 -17.82
N GLU B 312 35.50 16.96 -16.87
CA GLU B 312 36.31 18.16 -16.75
C GLU B 312 37.06 18.47 -18.05
N LYS B 313 37.31 17.45 -18.86
CA LYS B 313 38.10 17.64 -20.07
C LYS B 313 37.48 18.65 -21.02
N TYR B 314 36.14 18.73 -21.05
CA TYR B 314 35.43 19.53 -22.04
C TYR B 314 35.00 20.89 -21.52
N PHE B 315 35.44 21.29 -20.34
CA PHE B 315 35.06 22.57 -19.79
C PHE B 315 35.66 23.71 -20.62
N PRO B 316 34.97 24.86 -20.70
CA PRO B 316 35.60 26.04 -21.30
C PRO B 316 36.75 26.54 -20.45
N GLN B 317 37.67 27.25 -21.11
CA GLN B 317 38.88 27.68 -20.42
C GLN B 317 38.54 28.51 -19.20
N GLY B 318 39.20 28.20 -18.09
CA GLY B 318 38.99 28.88 -16.83
C GLY B 318 38.06 28.16 -15.86
N MET B 319 37.26 27.22 -16.35
CA MET B 319 36.27 26.55 -15.53
C MET B 319 36.88 25.33 -14.84
N SER B 320 36.58 25.19 -13.55
CA SER B 320 37.05 24.06 -12.76
C SER B 320 35.94 23.61 -11.82
N TRP B 321 36.04 22.36 -11.37
CA TRP B 321 35.04 21.77 -10.49
C TRP B 321 35.65 21.43 -9.14
N LYS B 322 34.81 21.49 -8.11
CA LYS B 322 35.23 21.22 -6.75
C LYS B 322 34.01 20.80 -5.94
N THR B 323 34.20 19.86 -5.02
CA THR B 323 33.14 19.35 -4.16
C THR B 323 33.54 19.61 -2.72
N PRO B 324 33.19 20.76 -2.15
CA PRO B 324 33.73 21.13 -0.83
C PRO B 324 33.09 20.40 0.34
N TYR B 325 31.92 19.81 0.18
CA TYR B 325 31.26 19.12 1.29
C TYR B 325 30.68 17.80 0.79
N ASP B 326 30.78 16.77 1.62
CA ASP B 326 30.28 15.44 1.30
C ASP B 326 29.93 14.73 2.60
N THR B 327 28.77 14.08 2.63
CA THR B 327 28.32 13.39 3.83
C THR B 327 28.78 11.94 3.89
N SER B 328 29.23 11.37 2.77
CA SER B 328 29.68 9.98 2.77
C SER B 328 30.96 9.79 3.58
N LYS B 329 31.74 10.86 3.74
CA LYS B 329 32.97 10.75 4.53
C LYS B 329 32.68 10.34 5.97
N PHE B 330 31.58 10.85 6.53
CA PHE B 330 31.26 10.54 7.92
C PHE B 330 30.97 9.06 8.11
N VAL B 331 30.14 8.49 7.26
CA VAL B 331 29.82 7.06 7.37
C VAL B 331 31.05 6.22 7.05
N GLU B 332 31.88 6.67 6.10
CA GLU B 332 33.12 5.96 5.83
C GLU B 332 33.99 5.89 7.07
N ILE B 333 34.13 7.03 7.77
CA ILE B 333 34.92 7.08 8.98
C ILE B 333 34.31 6.19 10.06
N SER B 334 32.98 6.17 10.15
CA SER B 334 32.33 5.33 11.14
C SER B 334 32.60 3.85 10.89
N ILE B 335 32.53 3.41 9.63
CA ILE B 335 32.80 2.02 9.31
C ILE B 335 34.26 1.68 9.60
N GLU B 336 35.18 2.58 9.24
CA GLU B 336 36.58 2.35 9.54
C GLU B 336 36.80 2.22 11.05
N LYS B 337 36.11 3.06 11.83
CA LYS B 337 36.19 2.96 13.28
C LYS B 337 35.66 1.63 13.77
N VAL B 338 34.57 1.14 13.19
CA VAL B 338 34.04 -0.16 13.59
C VAL B 338 35.09 -1.24 13.37
N ILE B 339 35.72 -1.25 12.20
CA ILE B 339 36.71 -2.28 11.90
C ILE B 339 37.89 -2.16 12.85
N HIS B 340 38.36 -0.94 13.09
CA HIS B 340 39.51 -0.76 13.98
C HIS B 340 39.21 -1.22 15.39
N THR B 341 38.02 -0.89 15.90
CA THR B 341 37.64 -1.31 17.24
C THR B 341 37.52 -2.82 17.31
N LEU B 342 36.99 -3.46 16.27
CA LEU B 342 36.89 -4.90 16.26
C LEU B 342 38.27 -5.55 16.33
N ILE B 343 39.22 -5.04 15.53
CA ILE B 343 40.57 -5.59 15.56
C ILE B 343 41.20 -5.40 16.93
N GLU B 344 41.06 -4.20 17.51
CA GLU B 344 41.65 -3.94 18.82
C GLU B 344 41.03 -4.82 19.89
N ALA B 345 39.72 -5.03 19.83
CA ALA B 345 39.06 -5.89 20.81
C ALA B 345 39.54 -7.33 20.67
N MET B 346 39.71 -7.82 19.45
CA MET B 346 40.26 -9.15 19.27
C MET B 346 41.66 -9.26 19.86
N VAL B 347 42.51 -8.26 19.62
CA VAL B 347 43.86 -8.29 20.15
C VAL B 347 43.83 -8.30 21.68
N LEU B 348 43.02 -7.44 22.27
CA LEU B 348 42.96 -7.35 23.73
C LEU B 348 42.41 -8.64 24.34
N VAL B 349 41.38 -9.22 23.72
CA VAL B 349 40.84 -10.48 24.19
C VAL B 349 41.90 -11.56 24.14
N PHE B 350 42.65 -11.62 23.04
CA PHE B 350 43.73 -12.58 22.94
C PHE B 350 44.73 -12.40 24.07
N VAL B 351 45.10 -11.15 24.35
CA VAL B 351 46.13 -10.89 25.35
C VAL B 351 45.66 -11.34 26.72
N VAL B 352 44.46 -10.93 27.13
CA VAL B 352 44.00 -11.29 28.47
C VAL B 352 43.77 -12.79 28.57
N MET B 353 43.21 -13.39 27.51
CA MET B 353 42.91 -14.82 27.54
C MET B 353 44.20 -15.63 27.68
N TYR B 354 45.25 -15.23 26.96
CA TYR B 354 46.53 -15.93 27.07
C TYR B 354 47.17 -15.70 28.42
N LEU B 355 47.05 -14.47 28.95
CA LEU B 355 47.62 -14.18 30.26
C LEU B 355 47.01 -15.06 31.33
N PHE B 356 45.70 -15.27 31.26
CA PHE B 356 45.00 -15.98 32.34
C PHE B 356 45.00 -17.49 32.15
N LEU B 357 44.59 -17.97 30.97
CA LEU B 357 44.44 -19.40 30.74
C LEU B 357 45.73 -20.09 30.30
N GLN B 358 46.81 -19.33 30.07
CA GLN B 358 48.14 -19.90 29.93
C GLN B 358 48.26 -20.82 28.71
N ASN B 359 47.51 -20.55 27.65
CA ASN B 359 47.62 -21.35 26.44
C ASN B 359 47.14 -20.52 25.26
N ILE B 360 47.53 -20.95 24.07
CA ILE B 360 47.22 -20.18 22.87
C ILE B 360 45.92 -20.65 22.22
N ARG B 361 45.56 -21.92 22.37
CA ARG B 361 44.35 -22.43 21.75
C ARG B 361 43.09 -22.02 22.49
N TYR B 362 43.21 -21.54 23.74
CA TYR B 362 42.05 -20.96 24.40
C TYR B 362 41.63 -19.65 23.75
N THR B 363 42.58 -18.94 23.16
CA THR B 363 42.31 -17.64 22.56
C THR B 363 41.58 -17.76 21.23
N LEU B 364 41.44 -18.96 20.68
CA LEU B 364 40.87 -19.13 19.35
C LEU B 364 39.35 -19.07 19.34
N ILE B 365 38.69 -19.33 20.45
CA ILE B 365 37.24 -19.50 20.47
C ILE B 365 36.55 -18.13 20.38
N PRO B 366 36.91 -17.15 21.21
CA PRO B 366 36.30 -15.82 21.04
C PRO B 366 36.52 -15.25 19.65
N THR B 367 37.71 -15.45 19.10
CA THR B 367 38.01 -14.93 17.77
C THR B 367 37.04 -15.45 16.73
N ILE B 368 36.73 -16.75 16.80
CA ILE B 368 35.78 -17.34 15.85
C ILE B 368 34.37 -16.85 16.13
N VAL B 369 33.96 -16.84 17.40
CA VAL B 369 32.54 -16.66 17.70
C VAL B 369 32.09 -15.22 17.51
N VAL B 370 32.89 -14.23 17.93
CA VAL B 370 32.41 -12.85 17.96
C VAL B 370 32.04 -12.35 16.56
N PRO B 371 32.88 -12.51 15.53
CA PRO B 371 32.48 -12.05 14.20
C PRO B 371 31.20 -12.70 13.69
N ILE B 372 30.96 -13.96 14.03
CA ILE B 372 29.74 -14.63 13.56
C ILE B 372 28.52 -13.99 14.21
N SER B 373 28.61 -13.65 15.49
CA SER B 373 27.50 -12.96 16.14
C SER B 373 27.24 -11.60 15.51
N LEU B 374 28.32 -10.86 15.20
CA LEU B 374 28.14 -9.58 14.53
C LEU B 374 27.48 -9.75 13.17
N LEU B 375 27.89 -10.78 12.42
CA LEU B 375 27.30 -11.02 11.10
C LEU B 375 25.83 -11.39 11.22
N GLY B 376 25.46 -12.17 12.24
CA GLY B 376 24.06 -12.46 12.46
C GLY B 376 23.25 -11.21 12.76
N GLY B 377 23.81 -10.32 13.57
CA GLY B 377 23.17 -9.03 13.78
C GLY B 377 22.99 -8.26 12.48
N PHE B 378 24.01 -8.28 11.62
CA PHE B 378 23.90 -7.61 10.33
C PHE B 378 22.79 -8.21 9.49
N ALA B 379 22.68 -9.54 9.48
CA ALA B 379 21.62 -10.19 8.73
C ALA B 379 20.25 -9.77 9.24
N PHE B 380 20.07 -9.74 10.57
CA PHE B 380 18.80 -9.29 11.11
C PHE B 380 18.50 -7.86 10.72
N ILE B 381 19.52 -6.99 10.77
CA ILE B 381 19.33 -5.59 10.42
C ILE B 381 18.88 -5.48 8.97
N SER B 382 19.50 -6.24 8.08
CA SER B 382 19.08 -6.21 6.68
C SER B 382 17.65 -6.71 6.52
N TYR B 383 17.28 -7.78 7.24
CA TYR B 383 15.94 -8.32 7.11
C TYR B 383 14.88 -7.31 7.52
N MET B 384 15.18 -6.44 8.47
CA MET B 384 14.20 -5.48 8.98
C MET B 384 14.12 -4.22 8.15
N GLY B 385 14.95 -4.07 7.11
CA GLY B 385 14.86 -2.93 6.24
C GLY B 385 15.55 -1.68 6.73
N MET B 386 16.50 -1.80 7.66
CA MET B 386 17.26 -0.66 8.12
C MET B 386 18.45 -0.43 7.19
N SER B 387 19.38 0.44 7.60
CA SER B 387 20.53 0.77 6.76
C SER B 387 21.76 0.90 7.64
N ILE B 388 22.92 0.91 6.98
CA ILE B 388 24.19 1.13 7.65
C ILE B 388 24.41 2.63 7.77
N ASN B 389 24.50 3.14 9.00
CA ASN B 389 24.73 4.54 9.24
C ASN B 389 25.51 4.69 10.54
N VAL B 390 25.68 5.93 11.00
CA VAL B 390 26.53 6.20 12.15
C VAL B 390 25.97 5.53 13.39
N LEU B 391 24.65 5.61 13.60
CA LEU B 391 24.06 5.09 14.82
C LEU B 391 24.17 3.57 14.90
N THR B 392 23.90 2.88 13.79
CA THR B 392 24.00 1.42 13.80
C THR B 392 25.45 0.97 14.00
N MET B 393 26.39 1.70 13.41
CA MET B 393 27.80 1.37 13.59
C MET B 393 28.24 1.59 15.04
N PHE B 394 27.75 2.65 15.68
CA PHE B 394 28.01 2.84 17.10
C PHE B 394 27.41 1.70 17.92
N ALA B 395 26.21 1.25 17.55
CA ALA B 395 25.59 0.14 18.27
C ALA B 395 26.45 -1.13 18.14
N MET B 396 26.97 -1.39 16.95
CA MET B 396 27.90 -2.51 16.76
C MET B 396 29.11 -2.36 17.67
N ILE B 397 29.72 -1.17 17.68
CA ILE B 397 30.89 -0.94 18.50
C ILE B 397 30.59 -1.25 19.96
N LEU B 398 29.42 -0.84 20.43
CA LEU B 398 29.11 -0.98 21.85
C LEU B 398 28.74 -2.43 22.21
N VAL B 399 28.11 -3.16 21.28
CA VAL B 399 27.72 -4.54 21.56
C VAL B 399 28.88 -5.52 21.41
N ILE B 400 29.98 -5.09 20.78
CA ILE B 400 31.14 -5.97 20.66
C ILE B 400 31.58 -6.48 22.04
N GLY B 401 31.61 -5.60 23.04
CA GLY B 401 32.10 -6.00 24.34
C GLY B 401 31.25 -7.05 25.02
N ILE B 402 29.93 -6.88 24.97
CA ILE B 402 29.04 -7.85 25.61
C ILE B 402 29.08 -9.19 24.88
N VAL B 403 29.18 -9.17 23.55
CA VAL B 403 29.30 -10.45 22.85
C VAL B 403 30.64 -11.10 23.20
N VAL B 404 31.67 -10.31 23.48
CA VAL B 404 32.94 -10.87 23.91
C VAL B 404 32.79 -11.55 25.28
N ASP B 405 32.11 -10.89 26.21
CA ASP B 405 31.82 -11.53 27.50
C ASP B 405 31.11 -12.86 27.33
N ASP B 406 30.12 -12.91 26.44
CA ASP B 406 29.31 -14.11 26.33
C ASP B 406 30.16 -15.34 26.04
N ALA B 407 31.33 -15.15 25.42
CA ALA B 407 32.24 -16.25 25.13
C ALA B 407 33.32 -16.41 26.18
N ILE B 408 33.80 -15.31 26.76
CA ILE B 408 34.78 -15.42 27.84
C ILE B 408 34.21 -16.26 28.96
N VAL B 409 32.92 -16.09 29.27
CA VAL B 409 32.33 -16.82 30.39
C VAL B 409 32.44 -18.33 30.16
N VAL B 410 32.00 -18.80 28.99
CA VAL B 410 31.99 -20.23 28.72
C VAL B 410 33.41 -20.78 28.69
N VAL B 411 34.33 -20.08 28.02
CA VAL B 411 35.69 -20.58 27.92
C VAL B 411 36.34 -20.67 29.30
N GLU B 412 36.13 -19.64 30.13
CA GLU B 412 36.71 -19.65 31.46
C GLU B 412 36.15 -20.79 32.30
N ASN B 413 34.84 -21.01 32.24
CA ASN B 413 34.25 -22.08 33.05
C ASN B 413 34.80 -23.43 32.62
N VAL B 414 34.92 -23.67 31.31
CA VAL B 414 35.46 -24.94 30.84
C VAL B 414 36.90 -25.10 31.29
N GLU B 415 37.71 -24.05 31.17
CA GLU B 415 39.11 -24.15 31.55
C GLU B 415 39.26 -24.40 33.04
N ARG B 416 38.41 -23.77 33.85
CA ARG B 416 38.45 -24.02 35.29
C ARG B 416 38.13 -25.47 35.59
N ILE B 417 37.07 -26.00 34.98
CA ILE B 417 36.71 -27.40 35.23
C ILE B 417 37.85 -28.32 34.83
N MET B 418 38.46 -28.06 33.66
CA MET B 418 39.54 -28.91 33.16
C MET B 418 40.74 -28.88 34.09
N ALA B 419 41.12 -27.70 34.57
CA ALA B 419 42.27 -27.61 35.44
C ALA B 419 41.98 -28.14 36.84
N GLY B 420 40.72 -28.11 37.26
CA GLY B 420 40.36 -28.54 38.59
C GLY B 420 40.20 -30.03 38.74
N GLU B 421 39.26 -30.62 37.99
CA GLU B 421 39.03 -32.05 38.10
C GLU B 421 39.92 -32.88 37.18
N GLY B 422 40.67 -32.24 36.29
CA GLY B 422 41.52 -32.98 35.39
C GLY B 422 40.78 -33.78 34.34
N LEU B 423 39.53 -33.42 34.06
CA LEU B 423 38.76 -34.13 33.06
C LEU B 423 39.26 -33.81 31.65
N PRO B 424 39.01 -34.68 30.69
CA PRO B 424 39.27 -34.33 29.29
C PRO B 424 38.34 -33.23 28.83
N PRO B 425 38.69 -32.53 27.74
CA PRO B 425 37.89 -31.37 27.34
C PRO B 425 36.42 -31.68 27.07
N LYS B 426 36.09 -32.87 26.58
CA LYS B 426 34.69 -33.18 26.28
C LYS B 426 33.87 -33.29 27.55
N GLU B 427 34.36 -34.07 28.53
CA GLU B 427 33.63 -34.22 29.78
C GLU B 427 33.57 -32.90 30.53
N ALA B 428 34.67 -32.16 30.53
CA ALA B 428 34.68 -30.85 31.18
C ALA B 428 33.67 -29.90 30.55
N THR B 429 33.60 -29.91 29.22
CA THR B 429 32.63 -29.06 28.54
C THR B 429 31.22 -29.46 28.89
N LYS B 430 30.95 -30.76 28.93
CA LYS B 430 29.61 -31.22 29.29
C LYS B 430 29.23 -30.74 30.69
N LYS B 431 30.15 -30.89 31.63
CA LYS B 431 29.88 -30.46 33.01
C LYS B 431 29.63 -28.96 33.08
N ALA B 432 30.51 -28.17 32.47
CA ALA B 432 30.38 -26.72 32.54
C ALA B 432 29.08 -26.24 31.89
N MET B 433 28.73 -26.81 30.73
CA MET B 433 27.51 -26.37 30.07
C MET B 433 26.28 -26.79 30.85
N GLY B 434 26.28 -28.00 31.41
CA GLY B 434 25.23 -28.37 32.32
C GLY B 434 25.11 -27.40 33.48
N GLN B 435 26.23 -26.80 33.87
CA GLN B 435 26.20 -25.83 34.96
C GLN B 435 25.56 -24.51 34.53
N ILE B 436 25.90 -24.00 33.34
CA ILE B 436 25.62 -22.60 33.00
C ILE B 436 24.56 -22.42 31.93
N SER B 437 23.96 -23.49 31.40
CA SER B 437 23.05 -23.32 30.27
C SER B 437 21.81 -22.52 30.64
N GLY B 438 21.14 -22.90 31.72
CA GLY B 438 19.94 -22.17 32.12
C GLY B 438 20.23 -20.73 32.46
N ALA B 439 21.37 -20.48 33.09
CA ALA B 439 21.77 -19.10 33.38
C ALA B 439 21.94 -18.32 32.09
N VAL B 440 22.54 -18.93 31.06
CA VAL B 440 22.71 -18.25 29.79
C VAL B 440 21.36 -17.89 29.19
N ILE B 441 20.42 -18.85 29.22
CA ILE B 441 19.09 -18.60 28.66
C ILE B 441 18.41 -17.44 29.40
N GLY B 442 18.46 -17.48 30.74
CA GLY B 442 17.85 -16.41 31.51
C GLY B 442 18.50 -15.06 31.25
N ILE B 443 19.82 -15.05 31.09
CA ILE B 443 20.53 -13.81 30.85
C ILE B 443 20.12 -13.20 29.51
N THR B 444 20.04 -14.03 28.46
CA THR B 444 19.62 -13.49 27.17
C THR B 444 18.19 -12.98 27.23
N ALA B 445 17.32 -13.70 27.95
CA ALA B 445 15.96 -13.22 28.11
C ALA B 445 15.92 -11.86 28.80
N VAL B 446 16.73 -11.70 29.86
CA VAL B 446 16.77 -10.43 30.59
C VAL B 446 17.29 -9.31 29.69
N LEU B 447 18.32 -9.60 28.90
CA LEU B 447 18.88 -8.58 28.02
C LEU B 447 17.85 -8.13 26.98
N ILE B 448 17.14 -9.09 26.39
CA ILE B 448 16.08 -8.72 25.45
C ILE B 448 15.02 -7.89 26.16
N SER B 449 14.67 -8.28 27.39
CA SER B 449 13.64 -7.55 28.13
C SER B 449 14.05 -6.11 28.37
N VAL B 450 15.33 -5.88 28.69
CA VAL B 450 15.77 -4.53 28.98
C VAL B 450 15.94 -3.70 27.70
N PHE B 451 16.26 -4.34 26.57
CA PHE B 451 16.51 -3.58 25.35
C PHE B 451 15.25 -3.33 24.53
N VAL B 452 14.23 -4.18 24.63
CA VAL B 452 13.01 -3.98 23.85
C VAL B 452 12.38 -2.62 24.14
N PRO B 453 12.33 -2.13 25.38
CA PRO B 453 11.68 -0.84 25.63
C PRO B 453 12.25 0.30 24.81
N LEU B 454 13.55 0.29 24.50
CA LEU B 454 14.13 1.36 23.71
C LEU B 454 13.59 1.41 22.29
N ALA B 455 12.91 0.36 21.83
CA ALA B 455 12.30 0.34 20.51
C ALA B 455 10.83 0.74 20.54
N MET B 456 10.32 1.14 21.69
CA MET B 456 8.91 1.49 21.84
C MET B 456 8.69 2.97 22.07
N PHE B 457 9.73 3.80 22.06
CA PHE B 457 9.55 5.22 22.23
C PHE B 457 8.90 5.83 20.99
N SER B 458 8.45 7.07 21.13
CA SER B 458 7.71 7.77 20.09
C SER B 458 8.48 9.00 19.63
N GLY B 459 8.37 9.30 18.34
CA GLY B 459 8.95 10.50 17.77
C GLY B 459 10.32 10.27 17.17
N ALA B 460 10.99 11.38 16.88
CA ALA B 460 12.34 11.32 16.34
C ALA B 460 13.29 10.66 17.32
N ALA B 461 13.13 10.94 18.61
CA ALA B 461 13.95 10.27 19.61
C ALA B 461 13.74 8.77 19.57
N GLY B 462 12.49 8.33 19.40
CA GLY B 462 12.23 6.91 19.26
C GLY B 462 12.87 6.32 18.02
N ASN B 463 12.82 7.05 16.90
CA ASN B 463 13.50 6.59 15.70
C ASN B 463 14.99 6.42 15.95
N ILE B 464 15.60 7.34 16.69
CA ILE B 464 17.03 7.25 16.98
C ILE B 464 17.31 6.06 17.90
N TYR B 465 16.45 5.83 18.90
CA TYR B 465 16.66 4.72 19.81
C TYR B 465 16.49 3.38 19.11
N LYS B 466 15.61 3.31 18.10
CA LYS B 466 15.31 2.03 17.47
C LYS B 466 16.55 1.41 16.84
N GLN B 467 17.42 2.24 16.26
CA GLN B 467 18.66 1.73 15.67
C GLN B 467 19.42 0.88 16.68
N PHE B 468 19.80 1.51 17.81
CA PHE B 468 20.54 0.80 18.85
C PHE B 468 19.76 -0.41 19.34
N ALA B 469 18.48 -0.23 19.63
CA ALA B 469 17.70 -1.30 20.22
C ALA B 469 17.73 -2.55 19.33
N LEU B 470 17.39 -2.38 18.06
CA LEU B 470 17.29 -3.54 17.17
C LEU B 470 18.66 -4.16 16.93
N THR B 471 19.66 -3.34 16.61
CA THR B 471 20.98 -3.90 16.32
C THR B 471 21.51 -4.67 17.51
N MET B 472 21.49 -4.06 18.70
CA MET B 472 22.03 -4.70 19.89
C MET B 472 21.25 -5.95 20.26
N ALA B 473 19.91 -5.90 20.17
CA ALA B 473 19.11 -7.06 20.53
C ALA B 473 19.44 -8.25 19.62
N SER B 474 19.54 -8.00 18.31
CA SER B 474 19.86 -9.09 17.40
C SER B 474 21.24 -9.65 17.70
N SER B 475 22.22 -8.80 17.94
CA SER B 475 23.56 -9.28 18.22
C SER B 475 23.59 -10.12 19.49
N ILE B 476 22.89 -9.67 20.54
CA ILE B 476 22.85 -10.42 21.79
C ILE B 476 22.22 -11.78 21.58
N ALA B 477 21.09 -11.82 20.86
CA ALA B 477 20.40 -13.08 20.65
C ALA B 477 21.28 -14.07 19.90
N PHE B 478 21.95 -13.60 18.85
CA PHE B 478 22.82 -14.50 18.10
C PHE B 478 24.01 -14.94 18.93
N SER B 479 24.56 -14.05 19.76
CA SER B 479 25.67 -14.43 20.63
C SER B 479 25.25 -15.53 21.60
N ALA B 480 24.05 -15.41 22.17
CA ALA B 480 23.57 -16.44 23.08
C ALA B 480 23.38 -17.77 22.35
N PHE B 481 22.75 -17.73 21.18
CA PHE B 481 22.54 -18.95 20.41
C PHE B 481 23.87 -19.62 20.09
N LEU B 482 24.89 -18.82 19.77
CA LEU B 482 26.20 -19.39 19.45
C LEU B 482 26.88 -19.94 20.69
N ALA B 483 26.68 -19.29 21.84
CA ALA B 483 27.27 -19.78 23.08
C ALA B 483 26.64 -21.10 23.49
N LEU B 484 25.40 -21.36 23.08
CA LEU B 484 24.76 -22.62 23.42
C LEU B 484 25.06 -23.75 22.43
N THR B 485 25.54 -23.45 21.23
CA THR B 485 25.76 -24.48 20.21
C THR B 485 27.21 -24.61 19.80
N LEU B 486 27.85 -23.54 19.30
CA LEU B 486 29.15 -23.65 18.68
C LEU B 486 30.31 -23.51 19.67
N THR B 487 30.15 -22.67 20.69
CA THR B 487 31.23 -22.51 21.67
C THR B 487 31.52 -23.80 22.41
N PRO B 488 30.53 -24.53 22.95
CA PRO B 488 30.86 -25.81 23.59
C PRO B 488 31.48 -26.83 22.64
N ALA B 489 31.04 -26.85 21.38
CA ALA B 489 31.64 -27.77 20.42
C ALA B 489 33.11 -27.43 20.18
N LEU B 490 33.39 -26.16 20.00
CA LEU B 490 34.78 -25.74 19.84
C LEU B 490 35.61 -26.08 21.08
N CYS B 491 35.04 -25.88 22.26
CA CYS B 491 35.76 -26.21 23.49
C CYS B 491 36.06 -27.70 23.54
N ALA B 492 35.10 -28.55 23.18
CA ALA B 492 35.30 -29.98 23.26
C ALA B 492 36.22 -30.50 22.17
N THR B 493 36.37 -29.78 21.07
CA THR B 493 37.21 -30.25 19.96
C THR B 493 38.64 -29.70 19.99
N MET B 494 38.81 -28.38 20.08
CA MET B 494 40.13 -27.80 19.86
C MET B 494 41.01 -27.76 21.10
N LEU B 495 40.51 -28.11 22.28
CA LEU B 495 41.32 -28.05 23.49
C LEU B 495 41.99 -29.39 23.75
N LYS B 496 43.11 -29.34 24.46
CA LYS B 496 43.87 -30.52 24.85
C LYS B 496 43.85 -30.66 26.37
N THR B 497 43.86 -31.90 26.83
CA THR B 497 43.72 -32.17 28.27
C THR B 497 44.86 -31.53 29.04
N ILE B 498 44.52 -30.97 30.19
CA ILE B 498 45.53 -30.47 31.13
C ILE B 498 46.24 -31.67 31.76
N PRO B 499 47.59 -31.72 31.74
CA PRO B 499 48.27 -32.86 32.36
C PRO B 499 47.76 -33.15 33.77
N LYS B 500 47.26 -34.38 33.97
CA LYS B 500 46.66 -34.73 35.24
C LYS B 500 47.66 -34.60 36.39
N GLY B 501 47.15 -34.19 37.55
CA GLY B 501 47.98 -33.99 38.72
C GLY B 501 48.80 -32.73 38.69
N HIS B 502 48.70 -31.93 37.63
CA HIS B 502 49.48 -30.70 37.54
C HIS B 502 48.89 -29.64 38.45
N HIS B 503 49.76 -28.95 39.18
CA HIS B 503 49.37 -27.82 40.01
C HIS B 503 49.84 -26.49 39.41
N GLU B 504 50.11 -26.48 38.10
CA GLU B 504 50.58 -25.28 37.42
C GLU B 504 51.88 -24.77 38.05
N GLU B 505 52.82 -25.70 38.25
CA GLU B 505 54.16 -25.35 38.73
C GLU B 505 54.94 -24.73 37.58
N LYS B 506 54.48 -23.57 37.14
CA LYS B 506 55.07 -22.88 36.01
C LYS B 506 56.34 -22.17 36.43
N LYS B 507 57.04 -21.62 35.44
CA LYS B 507 58.31 -20.93 35.67
C LYS B 507 58.27 -19.55 35.04
N GLY B 508 59.11 -18.66 35.56
CA GLY B 508 59.20 -17.34 34.99
C GLY B 508 57.92 -16.56 35.20
N PHE B 509 57.46 -15.90 34.14
CA PHE B 509 56.34 -14.97 34.26
C PHE B 509 55.06 -15.68 34.68
N PHE B 510 54.77 -16.84 34.09
CA PHE B 510 53.50 -17.50 34.35
C PHE B 510 53.37 -17.90 35.82
N GLY B 511 54.41 -18.49 36.39
CA GLY B 511 54.33 -18.89 37.79
C GLY B 511 54.15 -17.69 38.71
N TRP B 512 54.91 -16.63 38.46
CA TRP B 512 54.81 -15.43 39.28
C TRP B 512 53.40 -14.84 39.20
N PHE B 513 52.86 -14.70 37.99
CA PHE B 513 51.52 -14.13 37.84
C PHE B 513 50.49 -15.02 38.50
N ASN B 514 50.63 -16.34 38.38
CA ASN B 514 49.69 -17.25 39.03
C ASN B 514 49.70 -17.03 40.54
N LYS B 515 50.89 -16.95 41.14
CA LYS B 515 50.97 -16.75 42.58
C LYS B 515 50.36 -15.41 42.99
N LYS B 516 50.67 -14.34 42.27
CA LYS B 516 50.15 -13.04 42.64
C LYS B 516 48.64 -12.96 42.50
N PHE B 517 48.09 -13.54 41.42
CA PHE B 517 46.64 -13.52 41.27
C PHE B 517 45.96 -14.40 42.31
N ASP B 518 46.60 -15.51 42.71
CA ASP B 518 46.02 -16.32 43.78
C ASP B 518 45.99 -15.54 45.08
N SER B 519 47.06 -14.79 45.37
CA SER B 519 47.06 -13.93 46.55
C SER B 519 45.97 -12.87 46.47
N TRP B 520 45.78 -12.28 45.29
CA TRP B 520 44.71 -11.31 45.11
C TRP B 520 43.34 -11.95 45.38
N THR B 521 43.13 -13.16 44.86
CA THR B 521 41.84 -13.83 45.03
C THR B 521 41.61 -14.15 46.49
N HIS B 522 42.64 -14.62 47.18
CA HIS B 522 42.52 -14.91 48.61
C HIS B 522 42.20 -13.65 49.39
N GLY B 523 42.87 -12.54 49.07
CA GLY B 523 42.62 -11.27 49.75
C GLY B 523 41.21 -10.80 49.48
N TYR B 524 40.74 -10.97 48.25
CA TYR B 524 39.37 -10.59 47.89
C TYR B 524 38.36 -11.37 48.72
N GLU B 525 38.57 -12.68 48.88
CA GLU B 525 37.67 -13.53 49.65
C GLU B 525 37.66 -13.13 51.11
N GLY B 526 38.82 -12.76 51.66
CA GLY B 526 38.85 -12.28 53.03
C GLY B 526 38.05 -11.01 53.22
N ARG B 527 38.21 -10.05 52.30
CA ARG B 527 37.44 -8.82 52.40
C ARG B 527 35.94 -9.08 52.28
N VAL B 528 35.55 -10.01 51.39
CA VAL B 528 34.14 -10.32 51.24
C VAL B 528 33.59 -10.95 52.52
N ALA B 529 34.38 -11.81 53.17
CA ALA B 529 33.94 -12.38 54.43
C ALA B 529 33.75 -11.28 55.48
N LYS B 530 34.70 -10.35 55.56
CA LYS B 530 34.56 -9.23 56.48
C LYS B 530 33.26 -8.47 56.21
N VAL B 531 32.99 -8.20 54.94
CA VAL B 531 31.77 -7.48 54.57
C VAL B 531 30.54 -8.27 54.99
N LEU B 532 30.59 -9.59 54.83
CA LEU B 532 29.42 -10.42 55.10
C LEU B 532 29.12 -10.52 56.59
N ARG B 533 30.16 -10.51 57.44
CA ARG B 533 29.90 -10.74 58.86
C ARG B 533 28.97 -9.67 59.45
N LYS B 534 29.18 -8.41 59.10
CA LYS B 534 28.33 -7.31 59.56
C LYS B 534 27.48 -6.86 58.38
N THR B 535 26.19 -7.22 58.42
CA THR B 535 25.29 -7.05 57.29
C THR B 535 24.43 -5.79 57.38
N PHE B 536 23.97 -5.43 58.58
CA PHE B 536 23.13 -4.25 58.72
C PHE B 536 23.86 -2.99 58.28
N ARG B 537 25.13 -2.86 58.70
CA ARG B 537 25.91 -1.68 58.32
C ARG B 537 26.09 -1.60 56.80
N MET B 538 26.39 -2.74 56.16
CA MET B 538 26.55 -2.73 54.72
C MET B 538 25.25 -2.43 54.00
N MET B 539 24.11 -2.90 54.52
CA MET B 539 22.84 -2.53 53.92
C MET B 539 22.57 -1.03 54.05
N VAL B 540 22.90 -0.45 55.20
CA VAL B 540 22.75 1.00 55.35
C VAL B 540 23.63 1.71 54.34
N VAL B 541 24.87 1.25 54.18
CA VAL B 541 25.79 1.86 53.22
C VAL B 541 25.23 1.75 51.81
N TYR B 542 24.64 0.60 51.47
CA TYR B 542 24.09 0.43 50.13
C TYR B 542 22.93 1.37 49.89
N ILE B 543 22.04 1.53 50.88
CA ILE B 543 20.94 2.47 50.72
C ILE B 543 21.47 3.88 50.55
N GLY B 544 22.49 4.25 51.32
CA GLY B 544 23.09 5.56 51.15
C GLY B 544 23.63 5.78 49.75
N LEU B 545 24.38 4.79 49.25
CA LEU B 545 24.93 4.90 47.90
C LEU B 545 23.84 5.02 46.86
N ALA B 546 22.78 4.21 46.98
CA ALA B 546 21.70 4.26 46.02
C ALA B 546 21.02 5.62 46.03
N VAL B 547 20.76 6.16 47.22
CA VAL B 547 20.10 7.45 47.33
C VAL B 547 20.98 8.54 46.71
N VAL B 548 22.27 8.53 47.01
CA VAL B 548 23.17 9.55 46.48
C VAL B 548 23.23 9.45 44.96
N GLY B 549 23.30 8.23 44.43
CA GLY B 549 23.33 8.06 42.99
C GLY B 549 22.06 8.55 42.31
N VAL B 550 20.91 8.25 42.89
CA VAL B 550 19.65 8.75 42.34
C VAL B 550 19.63 10.27 42.36
N PHE B 551 20.07 10.87 43.47
CA PHE B 551 20.12 12.32 43.57
C PHE B 551 21.02 12.92 42.50
N LEU B 552 22.21 12.34 42.31
CA LEU B 552 23.11 12.83 41.28
C LEU B 552 22.48 12.71 39.89
N PHE B 553 21.79 11.60 39.64
CA PHE B 553 21.17 11.41 38.33
C PHE B 553 20.10 12.46 38.06
N MET B 554 19.28 12.78 39.08
CA MET B 554 18.24 13.78 38.88
C MET B 554 18.82 15.14 38.54
N ARG B 555 19.87 15.56 39.24
CA ARG B 555 20.40 16.90 39.04
C ARG B 555 21.37 16.96 37.86
N LEU B 556 20.93 16.45 36.70
CA LEU B 556 21.73 16.50 35.50
C LEU B 556 20.97 17.25 34.40
N PRO B 557 21.66 18.02 33.57
CA PRO B 557 20.95 18.73 32.49
C PRO B 557 20.32 17.77 31.50
N THR B 558 19.23 18.22 30.89
CA THR B 558 18.49 17.43 29.90
C THR B 558 18.74 18.01 28.52
N SER B 559 19.03 17.13 27.56
CA SER B 559 19.29 17.54 26.20
C SER B 559 19.03 16.35 25.29
N PHE B 560 19.09 16.59 23.98
CA PHE B 560 18.84 15.55 22.98
C PHE B 560 20.14 14.98 22.41
N LEU B 561 20.96 15.81 21.79
CA LEU B 561 22.21 15.39 21.20
C LEU B 561 23.26 16.47 21.41
N PRO B 562 24.53 16.10 21.53
CA PRO B 562 25.58 17.11 21.69
C PRO B 562 26.09 17.62 20.36
N THR B 563 26.29 18.93 20.28
CA THR B 563 26.77 19.53 19.04
C THR B 563 28.11 18.92 18.66
N GLU B 564 28.26 18.63 17.37
CA GLU B 564 29.42 17.93 16.85
C GLU B 564 30.14 18.79 15.81
N ASP B 565 31.46 18.63 15.74
CA ASP B 565 32.29 19.30 14.76
C ASP B 565 32.09 18.59 13.42
N GLN B 566 31.13 19.07 12.65
CA GLN B 566 30.84 18.47 11.35
C GLN B 566 31.73 18.99 10.24
N GLY B 567 32.65 19.91 10.54
CA GLY B 567 33.62 20.36 9.57
C GLY B 567 33.29 21.66 8.88
N PHE B 568 32.26 22.38 9.34
CA PHE B 568 31.92 23.66 8.72
C PHE B 568 31.23 24.54 9.75
N VAL B 569 31.25 25.84 9.48
CA VAL B 569 30.56 26.84 10.27
C VAL B 569 29.68 27.65 9.33
N MET B 570 28.60 28.19 9.86
CA MET B 570 27.69 29.03 9.10
C MET B 570 27.77 30.46 9.58
N VAL B 571 27.58 31.39 8.65
CA VAL B 571 27.55 32.82 8.95
C VAL B 571 26.27 33.40 8.36
N SER B 572 25.59 34.24 9.15
CA SER B 572 24.40 34.94 8.71
C SER B 572 24.63 36.43 8.85
N VAL B 573 24.40 37.17 7.77
CA VAL B 573 24.61 38.61 7.73
C VAL B 573 23.27 39.30 7.53
N GLN B 574 23.04 40.35 8.30
CA GLN B 574 21.79 41.10 8.26
C GLN B 574 22.10 42.59 8.32
N LEU B 575 21.54 43.36 7.40
CA LEU B 575 21.74 44.79 7.29
C LEU B 575 20.47 45.55 7.61
N PRO B 576 20.57 46.87 7.81
CA PRO B 576 19.37 47.65 8.14
C PRO B 576 18.32 47.55 7.05
N ALA B 577 17.06 47.56 7.48
CA ALA B 577 15.96 47.40 6.54
C ALA B 577 16.01 48.46 5.45
N GLY B 578 15.70 48.05 4.22
CA GLY B 578 15.79 48.92 3.08
C GLY B 578 17.14 48.97 2.42
N ALA B 579 18.12 48.25 2.94
CA ALA B 579 19.43 48.22 2.33
C ALA B 579 19.37 47.46 0.99
N THR B 580 20.32 47.77 0.13
CA THR B 580 20.36 47.21 -1.22
C THR B 580 21.40 46.10 -1.32
N LYS B 581 21.36 45.39 -2.44
CA LYS B 581 22.23 44.23 -2.62
C LYS B 581 23.69 44.64 -2.74
N GLU B 582 23.97 45.87 -3.18
CA GLU B 582 25.34 46.32 -3.32
C GLU B 582 26.04 46.42 -1.97
N ARG B 583 25.37 47.03 -0.99
CA ARG B 583 25.93 47.12 0.35
C ARG B 583 26.11 45.74 0.96
N THR B 584 25.13 44.85 0.75
CA THR B 584 25.25 43.50 1.26
C THR B 584 26.44 42.77 0.65
N ASP B 585 26.67 42.98 -0.65
CA ASP B 585 27.81 42.37 -1.31
C ASP B 585 29.13 42.90 -0.75
N ALA B 586 29.19 44.20 -0.46
CA ALA B 586 30.39 44.74 0.16
C ALA B 586 30.64 44.09 1.52
N THR B 587 29.59 43.96 2.32
CA THR B 587 29.74 43.31 3.63
C THR B 587 30.19 41.86 3.46
N LEU B 588 29.65 41.17 2.45
CA LEU B 588 30.04 39.79 2.21
C LEU B 588 31.51 39.69 1.82
N ALA B 589 32.00 40.65 1.04
CA ALA B 589 33.42 40.67 0.72
C ALA B 589 34.26 40.85 1.98
N GLN B 590 33.82 41.74 2.88
CA GLN B 590 34.50 41.89 4.16
C GLN B 590 34.54 40.57 4.92
N VAL B 591 33.39 39.89 4.99
CA VAL B 591 33.32 38.62 5.71
C VAL B 591 34.25 37.60 5.08
N THR B 592 34.30 37.58 3.74
CA THR B 592 35.18 36.65 3.04
C THR B 592 36.63 36.88 3.41
N GLN B 593 37.06 38.15 3.43
CA GLN B 593 38.45 38.44 3.80
C GLN B 593 38.71 38.04 5.25
N LEU B 594 37.76 38.31 6.15
CA LEU B 594 37.97 37.93 7.54
C LEU B 594 38.12 36.42 7.67
N ALA B 595 37.29 35.65 6.96
CA ALA B 595 37.44 34.21 6.98
C ALA B 595 38.81 33.81 6.43
N LYS B 596 39.26 34.46 5.36
CA LYS B 596 40.60 34.21 4.84
C LYS B 596 41.66 34.42 5.90
N SER B 597 41.44 35.37 6.82
CA SER B 597 42.42 35.62 7.87
C SER B 597 42.53 34.47 8.87
N ILE B 598 41.63 33.50 8.84
CA ILE B 598 41.63 32.38 9.79
C ILE B 598 42.25 31.17 9.10
N PRO B 599 43.34 30.61 9.63
CA PRO B 599 43.93 29.42 8.98
C PRO B 599 43.03 28.20 9.00
N GLU B 600 42.13 28.07 9.98
CA GLU B 600 41.34 26.86 10.12
C GLU B 600 40.30 26.69 9.02
N ILE B 601 40.07 27.70 8.19
CA ILE B 601 39.01 27.68 7.20
C ILE B 601 39.60 27.36 5.85
N GLU B 602 39.02 26.37 5.17
CA GLU B 602 39.51 25.93 3.86
C GLU B 602 38.81 26.68 2.73
N ASN B 603 37.49 26.56 2.65
CA ASN B 603 36.70 27.23 1.62
C ASN B 603 35.56 28.00 2.28
N ILE B 604 35.21 29.13 1.67
CA ILE B 604 34.10 29.96 2.12
C ILE B 604 33.14 30.12 0.94
N ILE B 605 31.87 29.78 1.17
CA ILE B 605 30.82 29.95 0.19
C ILE B 605 29.86 30.99 0.73
N THR B 606 29.69 32.09 -0.01
CA THR B 606 28.77 33.15 0.35
C THR B 606 27.62 33.20 -0.64
N VAL B 607 26.40 33.30 -0.12
CA VAL B 607 25.20 33.41 -0.93
C VAL B 607 24.47 34.68 -0.52
N SER B 608 24.15 35.52 -1.50
CA SER B 608 23.43 36.77 -1.28
C SER B 608 21.96 36.57 -1.59
N GLY B 609 21.10 37.21 -0.80
CA GLY B 609 19.67 37.17 -1.07
C GLY B 609 18.81 36.77 0.11
N PHE B 610 19.31 35.86 0.95
CA PHE B 610 18.55 35.39 2.09
C PHE B 610 19.52 35.02 3.20
N SER B 611 18.98 34.92 4.41
CA SER B 611 19.78 34.73 5.62
C SER B 611 19.04 33.76 6.54
N PHE B 612 19.50 33.67 7.79
CA PHE B 612 18.76 32.91 8.79
C PHE B 612 17.42 33.58 9.08
N SER B 613 17.40 34.91 9.15
CA SER B 613 16.14 35.62 9.41
C SER B 613 15.15 35.44 8.27
N GLY B 614 15.61 35.54 7.03
CA GLY B 614 14.72 35.37 5.91
C GLY B 614 15.32 35.94 4.63
N SER B 615 14.46 36.17 3.65
CA SER B 615 14.87 36.67 2.34
C SER B 615 14.88 38.20 2.34
N GLY B 616 15.57 38.76 1.36
CA GLY B 616 15.65 40.20 1.20
C GLY B 616 16.98 40.61 0.61
N GLN B 617 16.98 41.80 0.03
CA GLN B 617 18.22 42.33 -0.54
C GLN B 617 19.25 42.69 0.52
N ASN B 618 18.84 42.81 1.78
CA ASN B 618 19.73 43.09 2.88
C ASN B 618 20.19 41.84 3.61
N MET B 619 19.79 40.66 3.15
CA MET B 619 20.12 39.39 3.79
C MET B 619 21.26 38.71 3.05
N ALA B 620 22.03 37.91 3.79
CA ALA B 620 23.12 37.13 3.21
C ALA B 620 23.54 36.08 4.22
N MET B 621 24.25 35.07 3.72
CA MET B 621 24.84 34.06 4.59
C MET B 621 26.07 33.48 3.92
N GLY B 622 26.86 32.77 4.71
CA GLY B 622 28.05 32.12 4.20
C GLY B 622 28.23 30.76 4.82
N PHE B 623 28.88 29.87 4.08
CA PHE B 623 29.27 28.55 4.56
C PHE B 623 30.79 28.49 4.55
N ALA B 624 31.38 28.24 5.72
CA ALA B 624 32.83 28.13 5.85
C ALA B 624 33.17 26.66 6.05
N ILE B 625 33.87 26.09 5.08
CA ILE B 625 34.30 24.69 5.15
C ILE B 625 35.65 24.64 5.84
N LEU B 626 35.73 23.92 6.95
CA LEU B 626 36.95 23.86 7.72
C LEU B 626 37.91 22.82 7.14
N LYS B 627 39.18 22.94 7.51
CA LYS B 627 40.18 21.98 7.10
C LYS B 627 39.86 20.63 7.69
N ASP B 628 40.63 19.60 7.35
CA ASP B 628 40.37 18.27 7.86
C ASP B 628 40.60 18.24 9.38
N TRP B 629 39.88 17.32 10.04
CA TRP B 629 40.05 17.18 11.48
C TRP B 629 41.50 16.91 11.87
N ASN B 630 42.23 16.19 11.02
CA ASN B 630 43.64 15.91 11.32
C ASN B 630 44.44 17.19 11.39
N GLU B 631 44.20 18.11 10.46
CA GLU B 631 44.91 19.39 10.43
C GLU B 631 44.45 20.33 11.54
N ARG B 632 43.39 19.99 12.26
CA ARG B 632 42.83 20.82 13.34
C ARG B 632 42.72 19.96 14.59
N THR B 633 43.79 19.91 15.39
CA THR B 633 43.80 19.17 16.64
C THR B 633 44.19 20.02 17.85
N ALA B 634 44.93 21.10 17.66
CA ALA B 634 45.31 21.95 18.78
C ALA B 634 44.09 22.68 19.33
N SER B 635 44.24 23.21 20.55
CA SER B 635 43.16 23.94 21.19
C SER B 635 42.76 25.15 20.34
N GLY B 636 41.46 25.41 20.28
CA GLY B 636 40.94 26.53 19.53
C GLY B 636 40.74 26.28 18.05
N SER B 637 41.01 25.06 17.57
CA SER B 637 40.80 24.71 16.17
C SER B 637 39.56 23.84 15.97
N ASP B 638 38.68 23.79 16.96
CA ASP B 638 37.41 23.10 16.82
C ASP B 638 36.35 24.04 16.27
N ALA B 639 35.21 23.47 15.87
CA ALA B 639 34.19 24.25 15.19
C ALA B 639 33.70 25.40 16.07
N VAL B 640 33.48 25.13 17.36
CA VAL B 640 32.98 26.18 18.26
C VAL B 640 34.00 27.30 18.39
N ALA B 641 35.28 26.95 18.52
CA ALA B 641 36.31 27.98 18.63
C ALA B 641 36.43 28.80 17.36
N VAL B 642 36.34 28.15 16.20
CA VAL B 642 36.41 28.88 14.93
C VAL B 642 35.22 29.83 14.81
N ALA B 643 34.03 29.35 15.19
CA ALA B 643 32.85 30.21 15.16
C ALA B 643 33.02 31.40 16.09
N GLY B 644 33.54 31.16 17.29
CA GLY B 644 33.76 32.27 18.21
C GLY B 644 34.75 33.28 17.69
N LYS B 645 35.85 32.82 17.09
CA LYS B 645 36.83 33.74 16.52
C LYS B 645 36.22 34.56 15.40
N LEU B 646 35.48 33.91 14.51
CA LEU B 646 34.85 34.63 13.41
C LEU B 646 33.86 35.66 13.93
N THR B 647 33.06 35.28 14.92
CA THR B 647 32.09 36.22 15.49
C THR B 647 32.79 37.41 16.12
N GLY B 648 33.86 37.16 16.87
CA GLY B 648 34.57 38.25 17.51
C GLY B 648 35.18 39.19 16.50
N MET B 649 35.74 38.66 15.42
CA MET B 649 36.28 39.50 14.36
C MET B 649 35.17 40.33 13.71
N MET B 650 34.04 39.70 13.41
CA MET B 650 32.94 40.39 12.74
C MET B 650 32.40 41.53 13.60
N MET B 651 32.23 41.28 14.89
CA MET B 651 31.66 42.32 15.75
C MET B 651 32.54 43.55 15.84
N GLY B 652 33.80 43.45 15.43
CA GLY B 652 34.71 44.58 15.49
C GLY B 652 35.00 45.19 14.14
N THR B 653 34.82 44.40 13.08
CA THR B 653 35.17 44.86 11.73
C THR B 653 33.98 45.45 10.98
N LEU B 654 32.93 44.66 10.78
CA LEU B 654 31.83 45.06 9.91
C LEU B 654 31.25 46.40 10.37
N LYS B 655 31.03 47.30 9.41
CA LYS B 655 30.51 48.63 9.72
C LYS B 655 28.99 48.69 9.62
N ASP B 656 28.44 48.39 8.44
CA ASP B 656 27.00 48.38 8.22
C ASP B 656 26.49 46.95 8.31
N GLY B 657 25.52 46.72 9.20
CA GLY B 657 25.01 45.40 9.46
C GLY B 657 25.85 44.64 10.46
N PHE B 658 25.31 43.50 10.89
CA PHE B 658 25.97 42.63 11.84
C PHE B 658 25.98 41.21 11.30
N GLY B 659 26.94 40.43 11.76
CA GLY B 659 27.04 39.04 11.38
C GLY B 659 27.23 38.17 12.61
N ILE B 660 26.76 36.93 12.49
CA ILE B 660 26.86 35.95 13.57
C ILE B 660 27.29 34.62 12.97
N ALA B 661 28.21 33.95 13.66
CA ALA B 661 28.69 32.63 13.25
C ALA B 661 28.25 31.61 14.30
N VAL B 662 27.68 30.50 13.84
CA VAL B 662 27.22 29.43 14.71
C VAL B 662 27.51 28.10 14.04
N VAL B 663 27.33 27.02 14.81
CA VAL B 663 27.44 25.66 14.28
C VAL B 663 26.05 25.01 14.33
N PRO B 664 25.66 24.24 13.33
CA PRO B 664 24.31 23.68 13.31
C PRO B 664 24.17 22.50 14.26
N PRO B 665 22.96 22.02 14.48
CA PRO B 665 22.77 20.85 15.33
C PRO B 665 23.31 19.60 14.65
N PRO B 666 23.47 18.51 15.39
CA PRO B 666 24.11 17.32 14.79
C PRO B 666 23.37 16.77 13.58
N ILE B 667 22.05 16.85 13.56
CA ILE B 667 21.24 16.36 12.45
C ILE B 667 20.54 17.57 11.83
N LEU B 668 20.81 17.79 10.53
CA LEU B 668 20.29 18.99 9.87
C LEU B 668 18.79 18.89 9.63
N GLU B 669 18.32 17.73 9.17
CA GLU B 669 16.89 17.58 8.88
C GLU B 669 16.06 17.85 10.13
N LEU B 670 16.54 17.42 11.29
CA LEU B 670 15.87 17.66 12.56
C LEU B 670 16.34 19.02 13.06
N GLY B 671 15.41 19.97 13.16
CA GLY B 671 15.76 21.32 13.55
C GLY B 671 16.39 21.40 14.93
N ASN B 672 16.68 22.62 15.38
CA ASN B 672 17.24 22.80 16.71
C ASN B 672 16.29 22.23 17.76
N GLY B 673 16.84 21.43 18.67
CA GLY B 673 16.03 20.80 19.71
C GLY B 673 16.25 21.42 21.07
N SER B 674 16.58 22.72 21.09
CA SER B 674 16.84 23.44 22.32
C SER B 674 16.02 24.72 22.35
N GLY B 675 15.47 25.04 23.51
CA GLY B 675 14.66 26.22 23.69
C GLY B 675 13.17 25.90 23.68
N LEU B 676 12.39 26.95 23.90
CA LEU B 676 10.94 26.86 23.97
C LEU B 676 10.34 27.71 22.88
N SER B 677 9.63 27.08 21.95
CA SER B 677 9.11 27.75 20.75
C SER B 677 7.61 27.96 20.90
N ILE B 678 7.18 29.22 20.74
CA ILE B 678 5.81 29.63 21.02
C ILE B 678 5.18 30.19 19.75
N ASN B 679 3.96 29.75 19.47
CA ASN B 679 3.14 30.31 18.40
C ASN B 679 1.94 31.01 19.03
N LEU B 680 1.80 32.31 18.76
CA LEU B 680 0.72 33.12 19.32
C LEU B 680 -0.30 33.39 18.22
N GLN B 681 -1.45 32.75 18.31
CA GLN B 681 -2.49 32.85 17.28
C GLN B 681 -3.47 33.97 17.59
N ASP B 682 -4.13 34.45 16.53
CA ASP B 682 -5.19 35.44 16.63
C ASP B 682 -6.47 34.81 16.13
N ARG B 683 -7.37 34.46 17.05
CA ARG B 683 -8.57 33.73 16.68
C ARG B 683 -9.63 34.63 16.03
N ASN B 684 -9.70 35.90 16.41
CA ASN B 684 -10.77 36.78 15.99
C ASN B 684 -10.44 37.62 14.77
N ASN B 685 -9.26 37.46 14.19
CA ASN B 685 -8.85 38.26 13.02
C ASN B 685 -8.95 39.75 13.32
N THR B 686 -8.40 40.16 14.46
CA THR B 686 -8.41 41.57 14.82
C THR B 686 -7.57 42.40 13.85
N GLY B 687 -6.34 41.97 13.61
CA GLY B 687 -5.45 42.71 12.73
C GLY B 687 -4.01 42.45 13.13
N HIS B 688 -3.10 42.99 12.31
CA HIS B 688 -1.68 42.81 12.57
C HIS B 688 -1.22 43.63 13.76
N THR B 689 -1.74 44.86 13.91
CA THR B 689 -1.32 45.71 15.01
C THR B 689 -1.68 45.10 16.36
N ALA B 690 -2.89 44.55 16.48
CA ALA B 690 -3.31 43.97 17.74
C ALA B 690 -2.46 42.75 18.10
N LEU B 691 -2.20 41.87 17.12
CA LEU B 691 -1.38 40.70 17.39
C LEU B 691 0.04 41.09 17.74
N LEU B 692 0.59 42.10 17.08
CA LEU B 692 1.93 42.58 17.42
C LEU B 692 1.98 43.13 18.83
N ALA B 693 0.97 43.92 19.21
CA ALA B 693 0.92 44.45 20.57
C ALA B 693 0.83 43.32 21.59
N LYS B 694 0.02 42.30 21.31
CA LYS B 694 -0.09 41.17 22.23
C LYS B 694 1.22 40.41 22.31
N ARG B 695 1.93 40.25 21.19
CA ARG B 695 3.23 39.60 21.23
C ARG B 695 4.22 40.38 22.07
N ASN B 696 4.22 41.71 21.93
CA ASN B 696 5.09 42.53 22.76
C ASN B 696 4.74 42.40 24.24
N GLU B 697 3.44 42.38 24.55
CA GLU B 697 3.01 42.19 25.93
C GLU B 697 3.50 40.86 26.48
N LEU B 698 3.35 39.79 25.68
CA LEU B 698 3.79 38.47 26.13
C LEU B 698 5.29 38.43 26.32
N ILE B 699 6.05 39.08 25.43
CA ILE B 699 7.50 39.12 25.58
C ILE B 699 7.87 39.83 26.87
N GLN B 700 7.19 40.94 27.18
CA GLN B 700 7.46 41.64 28.43
C GLN B 700 7.12 40.77 29.63
N LYS B 701 5.97 40.09 29.58
CA LYS B 701 5.59 39.22 30.70
C LYS B 701 6.62 38.11 30.90
N MET B 702 7.11 37.53 29.81
CA MET B 702 8.07 36.44 29.92
C MET B 702 9.42 36.93 30.43
N ARG B 703 9.89 38.07 29.92
CA ARG B 703 11.23 38.54 30.24
C ARG B 703 11.28 39.25 31.58
N ALA B 704 10.54 40.34 31.72
CA ALA B 704 10.63 41.15 32.93
C ALA B 704 10.11 40.38 34.15
N SER B 705 8.99 39.66 33.99
CA SER B 705 8.31 39.07 35.13
C SER B 705 8.13 37.57 34.95
N GLY B 706 9.19 36.88 34.58
CA GLY B 706 9.14 35.45 34.42
C GLY B 706 10.43 34.75 34.82
N LEU B 707 10.58 33.50 34.41
CA LEU B 707 11.78 32.70 34.65
C LEU B 707 12.19 32.07 33.32
N PHE B 708 12.91 32.84 32.48
CA PHE B 708 13.21 32.39 31.13
C PHE B 708 14.60 32.79 30.65
N ASP B 709 15.54 33.09 31.54
CA ASP B 709 16.84 33.56 31.08
C ASP B 709 16.63 34.76 30.15
N PRO B 710 16.29 35.93 30.71
CA PRO B 710 15.86 37.07 29.88
C PRO B 710 16.65 37.29 28.60
N SER B 711 17.91 36.84 28.54
CA SER B 711 18.73 37.10 27.36
C SER B 711 18.11 36.52 26.10
N THR B 712 17.58 35.29 26.18
CA THR B 712 17.19 34.56 24.98
C THR B 712 15.78 34.90 24.48
N VAL B 713 14.97 35.58 25.29
CA VAL B 713 13.59 35.85 24.89
C VAL B 713 13.58 36.93 23.82
N ARG B 714 13.20 36.56 22.59
CA ARG B 714 13.09 37.53 21.52
C ARG B 714 12.18 36.96 20.44
N ALA B 715 11.69 37.86 19.58
CA ALA B 715 10.80 37.45 18.50
C ALA B 715 11.59 36.79 17.38
N GLY B 716 10.91 35.88 16.67
CA GLY B 716 11.56 35.13 15.61
C GLY B 716 11.01 35.45 14.23
N GLY B 717 10.76 36.72 13.96
CA GLY B 717 10.27 37.13 12.66
C GLY B 717 11.16 38.16 11.99
N LEU B 718 10.56 39.28 11.57
CA LEU B 718 11.30 40.36 10.94
C LEU B 718 10.47 41.62 11.10
N GLU B 719 10.97 42.57 11.89
CA GLU B 719 10.21 43.76 12.22
C GLU B 719 9.74 44.47 10.94
N ASP B 720 8.75 45.34 11.11
CA ASP B 720 8.19 46.07 9.99
C ASP B 720 9.20 47.04 9.40
N SER B 721 9.05 47.33 8.11
CA SER B 721 9.91 48.25 7.39
C SER B 721 9.07 49.27 6.65
N PRO B 722 9.61 50.46 6.41
CA PRO B 722 8.85 51.47 5.68
C PRO B 722 8.53 51.02 4.27
N GLN B 723 7.34 51.41 3.79
CA GLN B 723 6.85 51.03 2.48
C GLN B 723 6.18 52.22 1.83
N LEU B 724 5.97 52.11 0.52
CA LEU B 724 5.30 53.15 -0.25
C LEU B 724 3.87 52.72 -0.55
N LYS B 725 2.92 53.57 -0.18
CA LYS B 725 1.50 53.27 -0.29
C LYS B 725 0.88 54.19 -1.32
N ILE B 726 0.22 53.61 -2.31
CA ILE B 726 -0.47 54.38 -3.36
C ILE B 726 -1.95 54.42 -3.00
N ASP B 727 -2.49 55.63 -2.90
CA ASP B 727 -3.90 55.85 -2.65
C ASP B 727 -4.53 56.41 -3.91
N ILE B 728 -5.57 55.74 -4.41
CA ILE B 728 -6.21 56.08 -5.67
C ILE B 728 -7.60 56.61 -5.36
N ASN B 729 -7.93 57.78 -5.92
CA ASN B 729 -9.28 58.30 -5.82
C ASN B 729 -10.16 57.59 -6.83
N ARG B 730 -11.22 56.95 -6.34
CA ARG B 730 -12.15 56.27 -7.22
C ARG B 730 -12.80 57.26 -8.19
N ALA B 731 -13.26 58.40 -7.67
CA ALA B 731 -13.95 59.37 -8.50
C ALA B 731 -13.02 59.92 -9.58
N ALA B 732 -11.79 60.27 -9.21
CA ALA B 732 -10.86 60.83 -10.18
C ALA B 732 -10.55 59.82 -11.27
N ALA B 733 -10.28 58.58 -10.88
CA ALA B 733 -9.95 57.55 -11.87
C ALA B 733 -11.13 57.28 -12.79
N ALA B 734 -12.34 57.31 -12.24
CA ALA B 734 -13.53 57.09 -13.08
C ALA B 734 -13.78 58.26 -14.02
N ALA B 735 -13.41 59.48 -13.61
CA ALA B 735 -13.59 60.62 -14.50
C ALA B 735 -12.83 60.42 -15.81
N GLN B 736 -11.60 59.94 -15.73
CA GLN B 736 -10.89 59.46 -16.90
C GLN B 736 -11.31 58.02 -17.19
N GLY B 737 -10.67 57.42 -18.19
CA GLY B 737 -10.99 56.07 -18.61
C GLY B 737 -10.26 54.98 -17.87
N VAL B 738 -9.47 55.31 -16.85
CA VAL B 738 -8.69 54.28 -16.16
C VAL B 738 -9.63 53.31 -15.45
N SER B 739 -9.35 52.02 -15.59
CA SER B 739 -10.28 50.96 -15.19
C SER B 739 -9.78 50.12 -14.02
N PHE B 740 -8.68 50.49 -13.39
CA PHE B 740 -8.17 49.80 -12.20
C PHE B 740 -7.59 48.42 -12.53
N ALA B 741 -7.79 47.95 -13.75
CA ALA B 741 -7.18 46.71 -14.23
C ALA B 741 -6.09 46.98 -15.24
N ASP B 742 -6.27 48.01 -16.07
CA ASP B 742 -5.15 48.56 -16.80
C ASP B 742 -4.06 49.02 -15.83
N ILE B 743 -4.47 49.57 -14.68
CA ILE B 743 -3.50 49.91 -13.64
C ILE B 743 -2.78 48.65 -13.18
N ARG B 744 -3.53 47.58 -12.95
CA ARG B 744 -2.92 46.33 -12.50
C ARG B 744 -1.86 45.85 -13.48
N THR B 745 -2.22 45.77 -14.77
CA THR B 745 -1.26 45.29 -15.77
C THR B 745 -0.07 46.24 -15.89
N ALA B 746 -0.34 47.55 -15.91
CA ALA B 746 0.73 48.52 -16.06
C ALA B 746 1.74 48.41 -14.93
N LEU B 747 1.26 48.40 -13.69
CA LEU B 747 2.17 48.28 -12.56
C LEU B 747 2.90 46.94 -12.56
N ALA B 748 2.17 45.86 -12.85
CA ALA B 748 2.76 44.54 -12.81
C ALA B 748 3.87 44.39 -13.84
N SER B 749 3.78 45.11 -14.94
CA SER B 749 4.84 45.07 -15.94
C SER B 749 5.92 46.13 -15.72
N ALA B 750 5.59 47.24 -15.05
CA ALA B 750 6.56 48.31 -14.84
C ALA B 750 7.44 48.03 -13.62
N LEU B 751 6.83 47.98 -12.43
CA LEU B 751 7.61 47.84 -11.21
C LEU B 751 8.04 46.40 -10.94
N SER B 752 7.42 45.43 -11.60
CA SER B 752 7.82 44.05 -11.50
C SER B 752 7.81 43.45 -12.90
N SER B 753 8.39 42.25 -13.02
CA SER B 753 8.48 41.60 -14.31
C SER B 753 7.14 41.00 -14.73
N SER B 754 6.99 40.77 -16.03
CA SER B 754 5.80 40.15 -16.59
C SER B 754 6.23 38.98 -17.45
N TYR B 755 5.57 37.84 -17.27
CA TYR B 755 5.85 36.61 -18.01
C TYR B 755 4.81 36.47 -19.12
N VAL B 756 5.26 36.59 -20.37
CA VAL B 756 4.37 36.79 -21.51
C VAL B 756 4.27 35.55 -22.39
N SER B 757 5.40 34.96 -22.78
CA SER B 757 5.38 33.85 -23.73
C SER B 757 6.58 32.95 -23.46
N ASP B 758 6.83 32.02 -24.38
CA ASP B 758 7.85 31.00 -24.23
C ASP B 758 8.44 30.73 -25.60
N PHE B 759 9.76 30.52 -25.67
CA PHE B 759 10.45 30.39 -26.95
C PHE B 759 11.44 29.24 -26.84
N PRO B 760 11.87 28.70 -27.99
CA PRO B 760 12.91 27.67 -27.96
C PRO B 760 14.31 28.26 -28.05
N ASN B 761 15.21 27.69 -27.24
CA ASN B 761 16.60 28.15 -27.14
C ASN B 761 17.50 26.91 -27.22
N GLN B 762 17.90 26.54 -28.44
CA GLN B 762 18.71 25.36 -28.68
C GLN B 762 18.15 24.13 -27.97
N GLY B 763 16.87 23.87 -28.19
CA GLY B 763 16.25 22.61 -27.82
C GLY B 763 15.36 22.65 -26.60
N ARG B 764 15.51 23.64 -25.73
CA ARG B 764 14.71 23.73 -24.52
C ARG B 764 13.96 25.06 -24.47
N LEU B 765 12.73 25.02 -23.97
CA LEU B 765 11.91 26.21 -23.83
C LEU B 765 12.38 27.06 -22.66
N GLN B 766 12.34 28.38 -22.84
CA GLN B 766 12.72 29.31 -21.80
C GLN B 766 11.80 30.53 -21.87
N ARG B 767 11.67 31.20 -20.73
CA ARG B 767 10.64 32.22 -20.55
C ARG B 767 11.01 33.53 -21.25
N VAL B 768 9.96 34.28 -21.62
CA VAL B 768 10.08 35.66 -22.10
C VAL B 768 9.52 36.57 -21.01
N MET B 769 10.31 37.55 -20.58
CA MET B 769 9.95 38.38 -19.44
C MET B 769 10.15 39.85 -19.79
N VAL B 770 9.14 40.67 -19.48
CA VAL B 770 9.19 42.12 -19.70
C VAL B 770 9.18 42.79 -18.33
N GLN B 771 10.20 43.60 -18.07
CA GLN B 771 10.43 44.14 -16.73
C GLN B 771 10.60 45.65 -16.70
N ALA B 772 10.79 46.31 -17.84
CA ALA B 772 10.95 47.76 -17.90
C ALA B 772 12.36 48.17 -17.49
N ASP B 773 12.85 49.25 -18.08
CA ASP B 773 14.23 49.68 -17.88
C ASP B 773 14.45 50.07 -16.42
N GLY B 774 15.67 49.83 -15.94
CA GLY B 774 15.99 50.08 -14.56
C GLY B 774 16.01 51.56 -14.18
N ASP B 775 16.19 52.45 -15.17
CA ASP B 775 16.27 53.87 -14.86
C ASP B 775 14.93 54.45 -14.42
N ALA B 776 13.83 53.79 -14.74
CA ALA B 776 12.50 54.30 -14.44
C ALA B 776 11.88 53.69 -13.19
N ARG B 777 12.63 52.86 -12.46
CA ARG B 777 12.08 52.19 -11.28
C ARG B 777 13.05 52.20 -10.12
N MET B 778 13.80 53.30 -9.95
CA MET B 778 14.80 53.40 -8.89
C MET B 778 14.34 54.25 -7.72
N GLN B 779 13.57 55.31 -7.97
CA GLN B 779 13.22 56.29 -6.95
C GLN B 779 11.72 56.30 -6.68
N PRO B 780 11.31 56.75 -5.50
CA PRO B 780 9.86 56.89 -5.24
C PRO B 780 9.19 57.84 -6.21
N ALA B 781 9.86 58.90 -6.64
CA ALA B 781 9.26 59.85 -7.57
C ALA B 781 9.00 59.25 -8.94
N ASP B 782 9.58 58.09 -9.25
CA ASP B 782 9.32 57.44 -10.52
C ASP B 782 7.97 56.75 -10.57
N ILE B 783 7.36 56.47 -9.41
CA ILE B 783 6.10 55.73 -9.40
C ILE B 783 5.02 56.54 -10.10
N LEU B 784 4.93 57.84 -9.81
CA LEU B 784 3.87 58.66 -10.35
C LEU B 784 4.10 59.11 -11.78
N ASN B 785 5.27 58.80 -12.36
CA ASN B 785 5.54 59.06 -13.75
C ASN B 785 5.05 57.96 -14.67
N LEU B 786 4.68 56.80 -14.13
CA LEU B 786 4.14 55.73 -14.94
C LEU B 786 2.79 56.12 -15.52
N THR B 787 2.49 55.58 -16.69
CA THR B 787 1.27 55.89 -17.42
C THR B 787 0.41 54.65 -17.56
N VAL B 788 -0.90 54.85 -17.66
CA VAL B 788 -1.86 53.78 -17.85
C VAL B 788 -2.81 54.21 -18.96
N PRO B 789 -3.23 53.32 -19.86
CA PRO B 789 -4.11 53.73 -20.94
C PRO B 789 -5.52 54.02 -20.48
N ASN B 790 -6.20 54.89 -21.23
CA ASN B 790 -7.60 55.22 -21.00
C ASN B 790 -8.49 54.33 -21.85
N SER B 791 -9.80 54.54 -21.76
CA SER B 791 -10.73 53.87 -22.66
C SER B 791 -10.46 54.27 -24.11
N SER B 792 -10.23 55.56 -24.34
CA SER B 792 -9.87 56.04 -25.67
C SER B 792 -8.50 55.55 -26.12
N GLY B 793 -7.69 55.02 -25.21
CA GLY B 793 -6.38 54.50 -25.55
C GLY B 793 -5.23 55.46 -25.38
N ILE B 794 -5.44 56.58 -24.71
CA ILE B 794 -4.38 57.56 -24.48
C ILE B 794 -3.72 57.25 -23.14
N ALA B 795 -2.47 57.67 -23.01
CA ALA B 795 -1.68 57.42 -21.81
C ALA B 795 -1.84 58.56 -20.83
N VAL B 796 -2.17 58.23 -19.58
CA VAL B 796 -2.37 59.22 -18.53
C VAL B 796 -1.54 58.84 -17.31
N PRO B 797 -0.70 59.73 -16.79
CA PRO B 797 0.19 59.36 -15.69
C PRO B 797 -0.57 59.10 -14.39
N LEU B 798 0.03 58.27 -13.54
CA LEU B 798 -0.58 57.95 -12.25
C LEU B 798 -0.66 59.15 -11.33
N SER B 799 0.10 60.21 -11.60
CA SER B 799 0.07 61.39 -10.73
C SER B 799 -1.31 62.02 -10.69
N SER B 800 -2.01 62.04 -11.83
CA SER B 800 -3.31 62.71 -11.88
C SER B 800 -4.33 62.03 -10.97
N ILE B 801 -4.34 60.69 -10.94
CA ILE B 801 -5.39 59.94 -10.27
C ILE B 801 -4.91 59.27 -8.99
N ALA B 802 -3.66 59.49 -8.57
CA ALA B 802 -3.12 58.78 -7.43
C ALA B 802 -2.10 59.62 -6.70
N THR B 803 -1.83 59.25 -5.44
CA THR B 803 -0.79 59.85 -4.63
C THR B 803 -0.01 58.73 -3.95
N VAL B 804 1.20 59.05 -3.50
CA VAL B 804 2.08 58.08 -2.87
C VAL B 804 2.68 58.71 -1.61
N SER B 805 2.76 57.93 -0.54
CA SER B 805 3.33 58.39 0.71
C SER B 805 3.98 57.22 1.44
N TRP B 806 4.92 57.55 2.32
CA TRP B 806 5.64 56.54 3.08
C TRP B 806 4.79 56.05 4.25
N GLN B 807 4.72 54.73 4.39
CA GLN B 807 3.93 54.08 5.42
C GLN B 807 4.75 52.96 6.03
N MET B 808 4.21 52.33 7.07
CA MET B 808 4.82 51.17 7.70
C MET B 808 3.95 49.96 7.42
N GLY B 809 4.56 48.90 6.89
CA GLY B 809 3.85 47.69 6.58
C GLY B 809 4.65 46.47 6.99
N THR B 810 3.99 45.31 6.93
CA THR B 810 4.61 44.08 7.37
C THR B 810 5.59 43.57 6.33
N GLU B 811 6.71 43.04 6.81
CA GLU B 811 7.72 42.45 5.93
C GLU B 811 7.52 40.94 5.75
N GLN B 812 6.89 40.28 6.71
CA GLN B 812 6.68 38.84 6.64
C GLN B 812 5.46 38.49 7.48
N SER B 813 4.68 37.51 6.98
CA SER B 813 3.47 37.05 7.63
C SER B 813 3.48 35.54 7.72
N VAL B 814 2.95 35.02 8.83
CA VAL B 814 2.88 33.58 9.04
C VAL B 814 1.52 33.24 9.65
N ARG B 815 0.95 32.13 9.23
CA ARG B 815 -0.26 31.56 9.82
C ARG B 815 0.08 30.20 10.40
N PHE B 816 -0.63 29.84 11.47
CA PHE B 816 -0.45 28.53 12.10
C PHE B 816 -1.83 27.92 12.35
N ASN B 817 -2.11 26.81 11.68
CA ASN B 817 -3.38 26.10 11.82
C ASN B 817 -4.57 27.01 11.51
N GLY B 818 -4.41 27.87 10.51
CA GLY B 818 -5.54 28.61 9.98
C GLY B 818 -5.84 29.93 10.66
N TYR B 819 -4.91 30.48 11.42
CA TYR B 819 -5.10 31.78 12.06
C TYR B 819 -3.82 32.58 11.93
N PRO B 820 -3.93 33.91 11.88
CA PRO B 820 -2.71 34.73 11.95
C PRO B 820 -1.95 34.46 13.24
N ALA B 821 -0.63 34.33 13.12
CA ALA B 821 0.20 33.88 14.23
C ALA B 821 1.52 34.65 14.25
N MET B 822 2.11 34.68 15.44
CA MET B 822 3.47 35.16 15.66
C MET B 822 4.29 34.03 16.27
N GLU B 823 5.60 34.09 16.06
CA GLU B 823 6.52 33.08 16.55
C GLU B 823 7.45 33.69 17.60
N LEU B 824 7.68 32.95 18.68
CA LEU B 824 8.54 33.39 19.77
C LEU B 824 9.45 32.25 20.20
N SER B 825 10.59 32.61 20.77
CA SER B 825 11.55 31.65 21.31
C SER B 825 11.83 31.98 22.76
N GLY B 826 12.43 31.01 23.45
CA GLY B 826 12.74 31.18 24.85
C GLY B 826 13.60 30.05 25.35
N SER B 827 13.99 30.15 26.62
CA SER B 827 14.83 29.14 27.24
C SER B 827 14.66 29.23 28.74
N PRO B 828 14.69 28.12 29.47
CA PRO B 828 14.51 28.20 30.93
C PRO B 828 15.66 28.95 31.60
N ALA B 829 15.32 29.64 32.68
CA ALA B 829 16.29 30.50 33.36
C ALA B 829 17.47 29.71 33.92
N THR B 830 17.22 28.87 34.92
CA THR B 830 18.27 28.04 35.52
C THR B 830 17.66 27.00 36.44
N GLY B 831 18.02 25.73 36.23
CA GLY B 831 17.44 24.68 37.04
C GLY B 831 15.93 24.63 36.97
N VAL B 832 15.34 25.14 35.90
CA VAL B 832 13.88 25.18 35.73
C VAL B 832 13.52 24.13 34.69
N SER B 833 12.71 23.16 35.09
CA SER B 833 12.23 22.14 34.16
C SER B 833 11.35 22.79 33.11
N THR B 834 11.38 22.23 31.90
CA THR B 834 10.58 22.77 30.81
C THR B 834 9.09 22.77 31.16
N GLY B 835 8.65 21.80 31.95
CA GLY B 835 7.23 21.69 32.22
C GLY B 835 6.65 22.90 32.93
N GLN B 836 7.34 23.36 33.99
CA GLN B 836 6.83 24.50 34.73
C GLN B 836 6.91 25.79 33.91
N ALA B 837 7.96 25.94 33.10
CA ALA B 837 8.03 27.10 32.21
C ALA B 837 6.88 27.09 31.21
N MET B 838 6.57 25.91 30.65
CA MET B 838 5.45 25.82 29.71
C MET B 838 4.13 26.13 30.40
N GLU B 839 3.94 25.64 31.62
CA GLU B 839 2.74 26.00 32.37
C GLU B 839 2.68 27.49 32.61
N ALA B 840 3.82 28.11 32.92
CA ALA B 840 3.86 29.54 33.15
C ALA B 840 3.42 30.31 31.90
N VAL B 841 4.01 29.98 30.75
CA VAL B 841 3.64 30.71 29.54
C VAL B 841 2.20 30.44 29.16
N GLN B 842 1.69 29.23 29.41
CA GLN B 842 0.27 28.98 29.16
C GLN B 842 -0.60 29.88 30.02
N LYS B 843 -0.23 30.04 31.29
CA LYS B 843 -0.99 30.94 32.15
C LYS B 843 -0.92 32.38 31.65
N MET B 844 0.26 32.82 31.22
CA MET B 844 0.39 34.17 30.70
C MET B 844 -0.49 34.38 29.47
N VAL B 845 -0.49 33.40 28.55
CA VAL B 845 -1.34 33.52 27.38
C VAL B 845 -2.81 33.57 27.79
N ASP B 846 -3.18 32.81 28.81
CA ASP B 846 -4.55 32.90 29.31
C ASP B 846 -4.85 34.29 29.86
N GLU B 847 -3.87 34.92 30.50
CA GLU B 847 -4.08 36.27 31.04
C GLU B 847 -4.52 37.23 29.94
N LEU B 848 -3.94 37.10 28.75
CA LEU B 848 -4.45 37.85 27.60
C LEU B 848 -5.89 37.43 27.32
N GLY B 849 -6.71 38.39 26.91
CA GLY B 849 -8.12 38.10 26.70
C GLY B 849 -8.34 36.99 25.69
N SER B 850 -9.56 36.50 25.67
CA SER B 850 -9.93 35.50 24.68
C SER B 850 -9.69 36.04 23.28
N GLY B 851 -9.67 35.13 22.31
CA GLY B 851 -9.30 35.48 20.95
C GLY B 851 -7.83 35.32 20.64
N TYR B 852 -7.00 35.03 21.63
CA TYR B 852 -5.58 34.78 21.44
C TYR B 852 -5.24 33.46 22.12
N SER B 853 -4.81 32.49 21.33
CA SER B 853 -4.52 31.15 21.82
C SER B 853 -3.01 30.90 21.75
N LEU B 854 -2.63 29.67 22.09
CA LEU B 854 -1.23 29.26 22.10
C LEU B 854 -1.11 27.92 21.39
N GLU B 855 0.06 27.67 20.81
CA GLU B 855 0.34 26.41 20.16
C GLU B 855 1.84 26.19 20.15
N TRP B 856 2.27 24.98 20.50
CA TRP B 856 3.68 24.65 20.50
C TRP B 856 4.12 24.21 19.10
N GLY B 857 5.39 24.41 18.81
CA GLY B 857 5.94 24.05 17.52
C GLY B 857 7.27 23.35 17.67
N GLY B 858 7.58 22.52 16.68
CA GLY B 858 8.86 21.83 16.69
C GLY B 858 8.94 20.82 17.82
N GLN B 859 10.04 20.88 18.57
CA GLN B 859 10.26 19.92 19.65
C GLN B 859 9.35 20.19 20.84
N SER B 860 8.86 21.41 20.99
CA SER B 860 7.95 21.72 22.11
C SER B 860 6.65 20.95 21.99
N ARG B 861 6.23 20.60 20.78
CA ARG B 861 5.03 19.80 20.62
C ARG B 861 5.17 18.44 21.28
N GLU B 862 6.34 17.80 21.09
CA GLU B 862 6.60 16.52 21.76
C GLU B 862 6.83 16.72 23.25
N GLU B 863 7.57 17.76 23.63
CA GLU B 863 7.85 17.99 25.04
C GLU B 863 6.61 18.35 25.83
N ALA B 864 5.54 18.81 25.17
CA ALA B 864 4.28 19.04 25.87
C ALA B 864 3.75 17.74 26.47
N LYS B 865 3.84 16.64 25.71
CA LYS B 865 3.55 15.33 26.27
C LYS B 865 4.48 15.05 27.43
N GLY B 866 3.94 14.52 28.51
CA GLY B 866 4.74 14.24 29.69
C GLY B 866 5.72 13.11 29.46
N GLY B 867 6.65 13.00 30.39
CA GLY B 867 7.64 11.93 30.34
C GLY B 867 7.14 10.65 30.95
N SER B 868 5.81 10.47 30.97
CA SER B 868 5.24 9.27 31.57
C SER B 868 5.54 8.03 30.74
N GLN B 869 5.71 8.18 29.43
CA GLN B 869 5.98 7.01 28.58
C GLN B 869 7.29 6.33 28.99
N THR B 870 8.34 7.11 29.24
CA THR B 870 9.61 6.54 29.64
C THR B 870 9.50 5.81 30.98
N ILE B 871 8.82 6.42 31.95
CA ILE B 871 8.66 5.80 33.26
C ILE B 871 7.90 4.49 33.13
N ALA B 872 6.81 4.52 32.37
CA ALA B 872 6.01 3.31 32.20
C ALA B 872 6.82 2.21 31.53
N LEU B 873 7.58 2.55 30.49
CA LEU B 873 8.35 1.54 29.78
C LEU B 873 9.40 0.92 30.69
N TYR B 874 10.11 1.74 31.48
CA TYR B 874 11.12 1.15 32.37
C TYR B 874 10.48 0.34 33.49
N ALA B 875 9.31 0.76 33.99
CA ALA B 875 8.62 -0.03 35.00
C ALA B 875 8.23 -1.40 34.45
N LEU B 876 7.68 -1.42 33.23
CA LEU B 876 7.34 -2.70 32.62
C LEU B 876 8.59 -3.54 32.38
N ALA B 877 9.69 -2.90 31.99
CA ALA B 877 10.93 -3.65 31.79
C ALA B 877 11.40 -4.30 33.08
N ALA B 878 11.33 -3.55 34.19
CA ALA B 878 11.73 -4.12 35.47
C ALA B 878 10.83 -5.28 35.87
N VAL B 879 9.53 -5.13 35.64
CA VAL B 879 8.60 -6.21 35.97
C VAL B 879 8.92 -7.46 35.16
N ALA B 880 9.17 -7.29 33.86
CA ALA B 880 9.51 -8.43 33.01
C ALA B 880 10.80 -9.09 33.48
N VAL B 881 11.81 -8.29 33.83
CA VAL B 881 13.06 -8.85 34.32
C VAL B 881 12.82 -9.66 35.58
N PHE B 882 12.00 -9.13 36.49
CA PHE B 882 11.69 -9.85 37.72
C PHE B 882 11.03 -11.18 37.42
N LEU B 883 10.06 -11.18 36.51
CA LEU B 883 9.36 -12.42 36.18
C LEU B 883 10.30 -13.44 35.56
N VAL B 884 11.16 -13.00 34.65
CA VAL B 884 12.09 -13.91 34.00
C VAL B 884 13.04 -14.51 35.02
N LEU B 885 13.56 -13.69 35.94
CA LEU B 885 14.48 -14.22 36.94
C LEU B 885 13.77 -15.17 37.89
N ALA B 886 12.51 -14.89 38.22
CA ALA B 886 11.76 -15.80 39.08
C ALA B 886 11.57 -17.14 38.40
N ALA B 887 11.28 -17.14 37.10
CA ALA B 887 11.18 -18.40 36.36
C ALA B 887 12.52 -19.12 36.35
N LEU B 888 13.62 -18.37 36.18
CA LEU B 888 14.94 -18.98 36.14
C LEU B 888 15.29 -19.66 37.46
N TYR B 889 15.07 -18.96 38.57
CA TYR B 889 15.46 -19.47 39.88
C TYR B 889 14.37 -20.28 40.57
N GLU B 890 13.17 -20.34 40.02
CA GLU B 890 12.06 -21.02 40.67
C GLU B 890 11.85 -20.47 42.08
N SER B 891 11.79 -19.15 42.17
CA SER B 891 11.57 -18.47 43.44
C SER B 891 10.93 -17.12 43.17
N TRP B 892 10.35 -16.54 44.23
CA TRP B 892 9.81 -15.20 44.17
C TRP B 892 10.73 -14.17 44.80
N SER B 893 11.57 -14.58 45.76
CA SER B 893 12.40 -13.66 46.52
C SER B 893 13.83 -13.57 46.03
N ILE B 894 14.38 -14.65 45.47
CA ILE B 894 15.76 -14.60 44.97
C ILE B 894 15.91 -13.51 43.91
N PRO B 895 14.98 -13.33 42.96
CA PRO B 895 15.18 -12.31 41.93
C PRO B 895 15.45 -10.93 42.49
N LEU B 896 15.03 -10.69 43.73
CA LEU B 896 15.25 -9.39 44.35
C LEU B 896 16.73 -9.09 44.49
N ALA B 897 17.52 -10.08 44.88
CA ALA B 897 18.96 -9.87 45.05
C ALA B 897 19.63 -9.42 43.76
N VAL B 898 19.03 -9.71 42.61
CA VAL B 898 19.62 -9.28 41.34
C VAL B 898 19.17 -7.88 40.96
N LEU B 899 17.98 -7.46 41.37
CA LEU B 899 17.50 -6.12 41.05
C LEU B 899 18.21 -5.05 41.85
N LEU B 900 18.81 -5.39 42.99
CA LEU B 900 19.46 -4.39 43.84
C LEU B 900 20.74 -3.85 43.23
N VAL B 901 21.24 -4.44 42.14
CA VAL B 901 22.45 -3.95 41.50
C VAL B 901 22.19 -2.81 40.53
N MET B 902 20.92 -2.48 40.27
CA MET B 902 20.62 -1.41 39.33
C MET B 902 21.15 -0.07 39.86
N PRO B 903 20.89 0.29 41.12
CA PRO B 903 21.44 1.55 41.65
C PRO B 903 22.95 1.65 41.54
N LEU B 904 23.68 0.53 41.67
CA LEU B 904 25.13 0.61 41.57
C LEU B 904 25.57 1.16 40.22
N GLY B 905 25.02 0.60 39.14
CA GLY B 905 25.36 1.10 37.82
C GLY B 905 24.87 2.53 37.60
N LEU B 906 23.66 2.83 38.07
CA LEU B 906 23.15 4.20 37.91
C LEU B 906 24.06 5.20 38.61
N ALA B 907 24.47 4.89 39.84
CA ALA B 907 25.35 5.78 40.59
C ALA B 907 26.70 5.92 39.90
N GLY B 908 27.25 4.80 39.41
CA GLY B 908 28.52 4.89 38.71
C GLY B 908 28.45 5.82 37.52
N ALA B 909 27.41 5.65 36.70
CA ALA B 909 27.27 6.49 35.51
C ALA B 909 27.11 7.95 35.88
N ALA B 910 26.18 8.24 36.80
CA ALA B 910 25.91 9.64 37.15
C ALA B 910 27.15 10.28 37.77
N ALA B 911 27.85 9.55 38.64
CA ALA B 911 29.04 10.10 39.27
C ALA B 911 30.12 10.36 38.23
N GLY B 912 30.30 9.45 37.27
CA GLY B 912 31.29 9.68 36.24
C GLY B 912 31.00 10.92 35.42
N VAL B 913 29.74 11.09 35.01
CA VAL B 913 29.37 12.25 34.21
C VAL B 913 29.59 13.53 35.02
N THR B 914 29.12 13.55 36.26
CA THR B 914 29.28 14.74 37.09
C THR B 914 30.76 15.07 37.29
N GLY B 915 31.58 14.05 37.56
CA GLY B 915 32.99 14.29 37.80
C GLY B 915 33.71 14.80 36.58
N ARG B 916 33.40 14.24 35.40
CA ARG B 916 34.06 14.72 34.19
C ARG B 916 33.62 16.13 33.84
N ASN B 917 32.34 16.45 34.08
CA ASN B 917 31.89 17.83 33.92
C ASN B 917 32.68 18.77 34.82
N LEU B 918 32.80 18.42 36.11
CA LEU B 918 33.52 19.29 37.04
C LEU B 918 34.99 19.42 36.65
N PHE B 919 35.62 18.32 36.23
CA PHE B 919 37.02 18.39 35.83
C PHE B 919 37.20 19.30 34.63
N GLU B 920 36.31 19.20 33.64
CA GLU B 920 36.41 20.08 32.48
C GLU B 920 36.16 21.52 32.87
N GLY B 921 35.26 21.76 33.82
CA GLY B 921 35.10 23.11 34.34
C GLY B 921 36.36 23.65 34.98
N LEU B 922 37.04 22.80 35.77
CA LEU B 922 38.33 23.20 36.34
C LEU B 922 39.33 23.53 35.25
N LEU B 923 39.38 22.72 34.20
CA LEU B 923 40.30 22.98 33.09
C LEU B 923 39.94 24.23 32.31
N GLY B 924 38.76 24.80 32.52
CA GLY B 924 38.30 25.96 31.80
C GLY B 924 37.33 25.66 30.67
N SER B 925 37.28 24.41 30.21
CA SER B 925 36.32 24.04 29.18
C SER B 925 34.90 24.09 29.73
N VAL B 926 33.97 24.52 28.89
CA VAL B 926 32.56 24.62 29.29
C VAL B 926 31.99 23.21 29.42
N PRO B 927 30.94 23.01 30.22
CA PRO B 927 30.34 21.68 30.32
C PRO B 927 29.83 21.19 28.97
N SER B 928 29.96 19.89 28.75
CA SER B 928 29.55 19.29 27.48
C SER B 928 28.81 17.97 27.62
N PHE B 929 28.51 17.52 28.84
CA PHE B 929 27.86 16.24 29.06
C PHE B 929 26.52 16.46 29.76
N ALA B 930 25.52 15.70 29.34
CA ALA B 930 24.18 15.85 29.85
C ALA B 930 23.47 14.49 29.81
N ASN B 931 22.24 14.48 30.32
CA ASN B 931 21.39 13.29 30.27
C ASN B 931 20.69 13.25 28.92
N ASP B 932 21.46 12.93 27.90
CA ASP B 932 20.99 12.89 26.52
C ASP B 932 20.77 11.45 26.08
N ILE B 933 20.51 11.26 24.78
CA ILE B 933 20.17 9.93 24.27
C ILE B 933 21.33 8.96 24.47
N TYR B 934 22.55 9.40 24.17
CA TYR B 934 23.70 8.53 24.32
C TYR B 934 23.90 8.10 25.76
N PHE B 935 23.61 9.00 26.71
CA PHE B 935 23.68 8.63 28.12
C PHE B 935 22.72 7.49 28.41
N GLN B 936 21.49 7.56 27.89
CA GLN B 936 20.52 6.49 28.13
C GLN B 936 20.99 5.17 27.52
N VAL B 937 21.53 5.22 26.31
CA VAL B 937 21.99 4.00 25.66
C VAL B 937 23.10 3.36 26.49
N GLY B 938 24.08 4.17 26.90
CA GLY B 938 25.18 3.64 27.69
C GLY B 938 24.73 3.10 29.04
N PHE B 939 23.78 3.79 29.66
CA PHE B 939 23.24 3.32 30.93
C PHE B 939 22.59 1.96 30.76
N VAL B 940 21.81 1.79 29.69
CA VAL B 940 21.19 0.49 29.44
C VAL B 940 22.26 -0.58 29.26
N THR B 941 23.32 -0.26 28.53
CA THR B 941 24.36 -1.24 28.26
C THR B 941 25.04 -1.69 29.56
N VAL B 942 25.49 -0.72 30.37
CA VAL B 942 26.19 -1.08 31.60
C VAL B 942 25.25 -1.79 32.56
N MET B 943 23.98 -1.38 32.59
CA MET B 943 23.02 -2.02 33.46
C MET B 943 22.83 -3.48 33.07
N GLY B 944 22.75 -3.76 31.78
CA GLY B 944 22.65 -5.14 31.33
C GLY B 944 23.87 -5.96 31.71
N LEU B 945 25.07 -5.39 31.53
CA LEU B 945 26.28 -6.15 31.87
C LEU B 945 26.35 -6.46 33.36
N SER B 946 26.03 -5.47 34.20
CA SER B 946 26.03 -5.70 35.64
C SER B 946 24.99 -6.75 36.01
N ALA B 947 23.81 -6.70 35.37
CA ALA B 947 22.80 -7.72 35.64
C ALA B 947 23.32 -9.10 35.27
N LYS B 948 24.04 -9.22 34.16
CA LYS B 948 24.60 -10.51 33.78
C LYS B 948 25.53 -11.05 34.85
N ASN B 949 26.46 -10.20 35.30
CA ASN B 949 27.41 -10.67 36.32
C ASN B 949 26.67 -11.09 37.59
N ALA B 950 25.70 -10.29 38.02
CA ALA B 950 24.96 -10.64 39.23
C ALA B 950 24.20 -11.94 39.06
N ILE B 951 23.60 -12.16 37.89
CA ILE B 951 22.83 -13.37 37.64
C ILE B 951 23.74 -14.58 37.76
N LEU B 952 24.93 -14.52 37.16
CA LEU B 952 25.83 -15.66 37.24
C LEU B 952 26.25 -15.92 38.68
N ILE B 953 26.58 -14.88 39.43
CA ILE B 953 27.00 -15.08 40.82
C ILE B 953 25.87 -15.72 41.62
N ILE B 954 24.65 -15.23 41.45
CA ILE B 954 23.52 -15.73 42.24
C ILE B 954 23.19 -17.17 41.86
N GLU B 955 23.30 -17.50 40.57
CA GLU B 955 23.10 -18.87 40.14
C GLU B 955 24.10 -19.81 40.80
N PHE B 956 25.38 -19.41 40.82
CA PHE B 956 26.37 -20.27 41.44
C PHE B 956 26.14 -20.38 42.95
N ALA B 957 25.75 -19.27 43.59
CA ALA B 957 25.53 -19.30 45.04
C ALA B 957 24.37 -20.19 45.41
N LYS B 958 23.27 -20.14 44.64
CA LYS B 958 22.09 -20.92 44.96
C LYS B 958 22.37 -22.41 44.91
N ASP B 959 23.11 -22.86 43.89
CA ASP B 959 23.38 -24.29 43.76
C ASP B 959 24.23 -24.82 44.90
N LEU B 960 25.22 -24.04 45.36
CA LEU B 960 26.08 -24.49 46.43
C LEU B 960 25.29 -24.69 47.72
N GLN B 961 24.34 -23.80 48.01
CA GLN B 961 23.53 -23.96 49.21
C GLN B 961 22.68 -25.22 49.13
N ALA B 962 22.12 -25.51 47.95
CA ALA B 962 21.31 -26.71 47.79
C ALA B 962 22.13 -27.97 48.06
N GLN B 963 23.45 -27.91 47.85
CA GLN B 963 24.27 -29.09 48.07
C GLN B 963 24.49 -29.35 49.55
N GLY B 964 24.37 -28.33 50.41
CA GLY B 964 24.54 -28.52 51.83
C GLY B 964 25.22 -27.36 52.52
N LYS B 965 25.92 -26.52 51.77
CA LYS B 965 26.57 -25.36 52.37
C LYS B 965 25.53 -24.40 52.91
N SER B 966 25.91 -23.66 53.94
CA SER B 966 25.05 -22.61 54.46
C SER B 966 24.94 -21.49 53.42
N ALA B 967 24.12 -20.48 53.73
CA ALA B 967 23.98 -19.36 52.82
C ALA B 967 25.27 -18.56 52.75
N VAL B 968 25.89 -18.27 53.89
CA VAL B 968 27.11 -17.47 53.91
C VAL B 968 28.25 -18.21 53.22
N GLU B 969 28.39 -19.51 53.51
CA GLU B 969 29.44 -20.30 52.88
C GLU B 969 29.21 -20.39 51.38
N ALA B 970 27.95 -20.59 50.97
CA ALA B 970 27.63 -20.64 49.54
C ALA B 970 27.99 -19.33 48.86
N ALA B 971 27.67 -18.20 49.49
CA ALA B 971 28.00 -16.91 48.91
C ALA B 971 29.49 -16.72 48.77
N LEU B 972 30.25 -17.09 49.81
CA LEU B 972 31.70 -16.99 49.73
C LEU B 972 32.24 -17.83 48.59
N GLU B 973 31.77 -19.07 48.47
CA GLU B 973 32.29 -19.94 47.42
C GLU B 973 31.91 -19.41 46.04
N ALA B 974 30.70 -18.89 45.89
CA ALA B 974 30.29 -18.33 44.59
C ALA B 974 31.14 -17.13 44.22
N ALA B 975 31.41 -16.24 45.19
CA ALA B 975 32.27 -15.10 44.90
C ALA B 975 33.66 -15.55 44.51
N ARG B 976 34.22 -16.52 45.24
CA ARG B 976 35.55 -17.02 44.90
C ARG B 976 35.57 -17.63 43.52
N LEU B 977 34.49 -18.31 43.12
CA LEU B 977 34.47 -18.94 41.81
C LEU B 977 34.30 -17.92 40.70
N ARG B 978 33.51 -16.89 40.92
CA ARG B 978 33.21 -15.91 39.88
C ARG B 978 34.25 -14.79 39.80
N PHE B 979 35.19 -14.72 40.73
CA PHE B 979 36.16 -13.63 40.71
C PHE B 979 36.89 -13.56 39.36
N ARG B 980 37.48 -14.67 38.92
CA ARG B 980 38.35 -14.62 37.74
C ARG B 980 37.62 -14.18 36.48
N PRO B 981 36.51 -14.79 36.08
CA PRO B 981 35.85 -14.34 34.85
C PRO B 981 35.42 -12.88 34.90
N ILE B 982 34.99 -12.40 36.07
CA ILE B 982 34.56 -11.02 36.17
C ILE B 982 35.74 -10.09 35.97
N ILE B 983 36.88 -10.41 36.57
CA ILE B 983 38.08 -9.60 36.36
C ILE B 983 38.43 -9.57 34.88
N MET B 984 38.43 -10.75 34.24
CA MET B 984 38.80 -10.81 32.82
C MET B 984 37.89 -9.94 31.98
N THR B 985 36.57 -10.12 32.12
CA THR B 985 35.65 -9.36 31.30
C THR B 985 35.74 -7.87 31.59
N SER B 986 35.84 -7.49 32.86
CA SER B 986 35.93 -6.07 33.19
C SER B 986 37.15 -5.46 32.54
N PHE B 987 38.31 -6.12 32.66
CA PHE B 987 39.52 -5.62 32.02
C PHE B 987 39.30 -5.41 30.53
N ALA B 988 38.81 -6.46 29.85
CA ALA B 988 38.65 -6.38 28.40
C ALA B 988 37.69 -5.27 28.01
N PHE B 989 36.50 -5.25 28.62
CA PHE B 989 35.47 -4.29 28.24
C PHE B 989 35.89 -2.86 28.54
N ILE B 990 36.48 -2.63 29.72
CA ILE B 990 36.86 -1.28 30.10
C ILE B 990 37.95 -0.76 29.17
N LEU B 991 38.97 -1.57 28.89
CA LEU B 991 40.02 -1.09 28.01
C LEU B 991 39.54 -0.98 26.57
N GLY B 992 38.53 -1.76 26.17
CA GLY B 992 37.97 -1.60 24.85
C GLY B 992 37.09 -0.39 24.71
N VAL B 993 36.51 0.10 25.81
CA VAL B 993 35.77 1.35 25.78
C VAL B 993 36.67 2.57 25.96
N VAL B 994 37.87 2.39 26.51
CA VAL B 994 38.77 3.51 26.74
C VAL B 994 38.95 4.36 25.48
N PRO B 995 39.14 3.76 24.31
CA PRO B 995 39.29 4.60 23.10
C PRO B 995 38.12 5.53 22.87
N LEU B 996 36.90 5.11 23.19
CA LEU B 996 35.75 6.00 23.09
C LEU B 996 35.78 7.09 24.16
N TYR B 997 36.56 6.91 25.22
CA TYR B 997 36.63 7.92 26.27
C TYR B 997 37.47 9.12 25.85
N ILE B 998 38.53 8.88 25.09
CA ILE B 998 39.42 9.94 24.62
C ILE B 998 39.20 10.25 23.15
N ALA B 999 38.00 9.94 22.62
CA ALA B 999 37.74 10.13 21.21
C ALA B 999 37.87 11.59 20.81
N GLY B 1000 38.36 11.82 19.59
CA GLY B 1000 38.50 13.15 19.06
C GLY B 1000 38.54 13.16 17.54
N GLY B 1001 37.73 14.03 16.93
CA GLY B 1001 37.68 14.12 15.48
C GLY B 1001 36.26 14.19 14.95
N ALA B 1002 35.88 13.23 14.11
CA ALA B 1002 34.56 13.22 13.49
C ALA B 1002 33.58 12.44 14.37
N SER B 1003 32.42 13.04 14.63
CA SER B 1003 31.40 12.44 15.49
C SER B 1003 31.93 12.13 16.88
N SER B 1004 32.99 12.81 17.31
CA SER B 1004 33.65 12.46 18.55
C SER B 1004 32.87 12.87 19.79
N ALA B 1005 31.89 13.77 19.66
CA ALA B 1005 31.11 14.19 20.82
C ALA B 1005 30.29 13.03 21.36
N SER B 1006 29.54 12.35 20.49
CA SER B 1006 28.76 11.19 20.91
C SER B 1006 29.67 10.07 21.41
N GLN B 1007 30.80 9.87 20.71
CA GLN B 1007 31.76 8.87 21.17
C GLN B 1007 32.20 9.16 22.59
N ARG B 1008 32.57 10.42 22.87
CA ARG B 1008 33.03 10.78 24.21
C ARG B 1008 31.93 10.62 25.24
N ALA B 1009 30.69 10.97 24.88
CA ALA B 1009 29.58 10.80 25.81
C ALA B 1009 29.41 9.35 26.20
N ILE B 1010 29.32 8.46 25.19
CA ILE B 1010 29.17 7.05 25.46
C ILE B 1010 30.35 6.52 26.24
N GLY B 1011 31.57 6.94 25.86
CA GLY B 1011 32.75 6.46 26.56
C GLY B 1011 32.73 6.81 28.03
N THR B 1012 32.45 8.07 28.34
CA THR B 1012 32.37 8.47 29.75
C THR B 1012 31.33 7.64 30.49
N THR B 1013 30.11 7.61 29.97
CA THR B 1013 29.04 6.94 30.69
C THR B 1013 29.39 5.47 30.93
N VAL B 1014 29.77 4.76 29.86
CA VAL B 1014 30.02 3.33 29.95
C VAL B 1014 31.22 3.06 30.86
N PHE B 1015 32.33 3.75 30.61
CA PHE B 1015 33.54 3.49 31.37
C PHE B 1015 33.29 3.64 32.87
N TRP B 1016 32.75 4.80 33.27
CA TRP B 1016 32.63 5.05 34.71
C TRP B 1016 31.55 4.17 35.32
N GLY B 1017 30.41 4.01 34.64
CA GLY B 1017 29.38 3.15 35.17
C GLY B 1017 29.87 1.73 35.38
N MET B 1018 30.54 1.17 34.37
CA MET B 1018 31.06 -0.19 34.49
C MET B 1018 32.07 -0.31 35.62
N LEU B 1019 33.04 0.60 35.67
CA LEU B 1019 34.07 0.48 36.69
C LEU B 1019 33.46 0.52 38.10
N ILE B 1020 32.66 1.55 38.37
CA ILE B 1020 32.11 1.70 39.71
C ILE B 1020 31.14 0.57 40.03
N GLY B 1021 30.28 0.22 39.08
CA GLY B 1021 29.32 -0.84 39.31
C GLY B 1021 29.98 -2.16 39.60
N THR B 1022 31.02 -2.51 38.84
CA THR B 1022 31.72 -3.76 39.10
C THR B 1022 32.40 -3.75 40.46
N LEU B 1023 33.05 -2.62 40.81
CA LEU B 1023 33.71 -2.55 42.10
C LEU B 1023 32.74 -2.74 43.24
N LEU B 1024 31.58 -2.10 43.17
CA LEU B 1024 30.58 -2.29 44.22
C LEU B 1024 29.95 -3.67 44.15
N SER B 1025 29.76 -4.22 42.96
CA SER B 1025 29.03 -5.47 42.81
C SER B 1025 29.81 -6.64 43.40
N VAL B 1026 31.10 -6.73 43.08
CA VAL B 1026 31.91 -7.84 43.56
C VAL B 1026 31.95 -7.92 45.08
N PHE B 1027 31.50 -6.88 45.76
CA PHE B 1027 31.42 -6.87 47.22
C PHE B 1027 29.99 -6.93 47.75
N LEU B 1028 29.01 -6.42 46.99
CA LEU B 1028 27.67 -6.27 47.51
C LEU B 1028 26.70 -7.34 47.04
N VAL B 1029 26.94 -7.98 45.90
CA VAL B 1029 26.02 -9.01 45.42
C VAL B 1029 25.92 -10.18 46.40
N PRO B 1030 27.04 -10.72 46.93
CA PRO B 1030 26.90 -11.73 47.99
C PRO B 1030 26.12 -11.23 49.19
N LEU B 1031 26.30 -9.95 49.56
CA LEU B 1031 25.50 -9.39 50.64
C LEU B 1031 24.02 -9.41 50.30
N PHE B 1032 23.67 -9.07 49.06
CA PHE B 1032 22.28 -9.12 48.65
C PHE B 1032 21.73 -10.54 48.77
N TYR B 1033 22.51 -11.53 48.33
CA TYR B 1033 22.05 -12.91 48.42
C TYR B 1033 21.81 -13.29 49.88
N VAL B 1034 22.77 -13.00 50.75
CA VAL B 1034 22.65 -13.39 52.16
C VAL B 1034 21.43 -12.72 52.79
N VAL B 1035 21.25 -11.43 52.53
CA VAL B 1035 20.13 -10.70 53.12
C VAL B 1035 18.81 -11.27 52.63
N VAL B 1036 18.70 -11.52 51.31
CA VAL B 1036 17.45 -12.00 50.76
C VAL B 1036 17.13 -13.40 51.28
N ARG B 1037 18.14 -14.22 51.52
CA ARG B 1037 17.88 -15.55 52.08
C ARG B 1037 17.48 -15.45 53.55
N LYS B 1038 18.15 -14.59 54.31
CA LYS B 1038 17.80 -14.44 55.72
C LYS B 1038 16.39 -13.92 55.90
N PHE B 1039 16.00 -12.93 55.10
CA PHE B 1039 14.71 -12.27 55.30
C PHE B 1039 13.56 -13.22 55.00
N PHE B 1040 13.66 -14.01 53.95
CA PHE B 1040 12.55 -14.84 53.50
C PHE B 1040 12.74 -16.30 53.91
N MET C 1 7.96 -41.98 16.21
CA MET C 1 7.22 -41.80 14.95
C MET C 1 6.73 -43.13 14.43
N ALA C 2 7.59 -43.92 13.80
CA ALA C 2 7.12 -45.15 13.19
C ALA C 2 6.53 -46.08 14.22
N LYS C 3 7.16 -46.19 15.38
CA LYS C 3 6.68 -47.09 16.42
C LYS C 3 5.29 -46.70 16.86
N PHE C 4 5.06 -45.40 17.02
CA PHE C 4 3.76 -44.88 17.43
C PHE C 4 2.69 -45.26 16.43
N PHE C 5 2.94 -45.13 15.14
CA PHE C 5 1.93 -45.36 14.12
C PHE C 5 1.75 -46.84 13.79
N ILE C 6 2.79 -47.66 13.99
CA ILE C 6 2.66 -49.07 13.67
C ILE C 6 1.54 -49.70 14.49
N ASP C 7 1.23 -49.15 15.66
CA ASP C 7 0.24 -49.71 16.55
C ASP C 7 -1.15 -49.10 16.40
N ARG C 8 -1.26 -47.93 15.78
CA ARG C 8 -2.54 -47.27 15.58
C ARG C 8 -2.65 -46.79 14.14
N PRO C 9 -3.07 -47.66 13.22
CA PRO C 9 -3.27 -47.24 11.82
C PRO C 9 -4.35 -46.18 11.66
N ILE C 10 -5.34 -46.14 12.56
CA ILE C 10 -6.46 -45.23 12.37
C ILE C 10 -6.01 -43.78 12.47
N PHE C 11 -5.06 -43.50 13.37
CA PHE C 11 -4.53 -42.13 13.48
C PHE C 11 -3.88 -41.70 12.15
N ALA C 12 -3.06 -42.58 11.58
CA ALA C 12 -2.38 -42.27 10.32
C ALA C 12 -3.39 -42.10 9.19
N TRP C 13 -4.40 -42.96 9.14
CA TRP C 13 -5.45 -42.81 8.15
C TRP C 13 -6.16 -41.48 8.28
N VAL C 14 -6.45 -41.06 9.51
CA VAL C 14 -7.14 -39.79 9.72
C VAL C 14 -6.28 -38.64 9.22
N ILE C 15 -4.98 -38.69 9.53
CA ILE C 15 -4.08 -37.64 9.03
C ILE C 15 -4.11 -37.62 7.50
N SER C 16 -4.10 -38.80 6.88
CA SER C 16 -4.11 -38.87 5.43
C SER C 16 -5.37 -38.25 4.84
N ILE C 17 -6.53 -38.54 5.43
CA ILE C 17 -7.78 -37.97 4.93
C ILE C 17 -7.77 -36.46 5.11
N PHE C 18 -7.23 -35.96 6.22
CA PHE C 18 -7.15 -34.52 6.41
C PHE C 18 -6.28 -33.89 5.32
N ILE C 19 -5.15 -34.52 5.00
CA ILE C 19 -4.28 -34.00 3.95
C ILE C 19 -5.00 -34.03 2.60
N ILE C 20 -5.76 -35.10 2.34
CA ILE C 20 -6.49 -35.21 1.09
C ILE C 20 -7.49 -34.07 0.95
N ALA C 21 -8.25 -33.82 2.03
CA ALA C 21 -9.24 -32.75 1.99
C ALA C 21 -8.58 -31.40 1.80
N ALA C 22 -7.44 -31.16 2.47
CA ALA C 22 -6.73 -29.90 2.29
C ALA C 22 -6.28 -29.74 0.84
N GLY C 23 -5.76 -30.81 0.24
CA GLY C 23 -5.34 -30.74 -1.15
C GLY C 23 -6.49 -30.46 -2.10
N ILE C 24 -7.64 -31.07 -1.84
CA ILE C 24 -8.82 -30.83 -2.67
C ILE C 24 -9.23 -29.37 -2.58
N PHE C 25 -9.30 -28.84 -1.35
CA PHE C 25 -9.66 -27.44 -1.18
C PHE C 25 -8.65 -26.53 -1.87
N GLY C 26 -7.37 -26.90 -1.83
CA GLY C 26 -6.37 -26.12 -2.53
C GLY C 26 -6.57 -26.15 -4.03
N ILE C 27 -6.93 -27.31 -4.58
CA ILE C 27 -7.19 -27.39 -6.01
C ILE C 27 -8.36 -26.50 -6.40
N LYS C 28 -9.43 -26.52 -5.60
CA LYS C 28 -10.62 -25.75 -5.95
C LYS C 28 -10.31 -24.26 -6.05
N SER C 29 -9.36 -23.76 -5.27
CA SER C 29 -9.06 -22.34 -5.19
C SER C 29 -7.71 -22.02 -5.82
N LEU C 30 -7.40 -22.65 -6.94
CA LEU C 30 -6.17 -22.40 -7.68
C LEU C 30 -6.51 -21.91 -9.08
N PRO C 31 -6.03 -20.74 -9.51
CA PRO C 31 -6.27 -20.32 -10.89
C PRO C 31 -5.51 -21.18 -11.87
N VAL C 32 -5.95 -21.13 -13.12
CA VAL C 32 -5.38 -21.92 -14.22
C VAL C 32 -4.72 -20.97 -15.20
N SER C 33 -3.46 -21.26 -15.54
CA SER C 33 -2.68 -20.41 -16.42
C SER C 33 -1.84 -21.29 -17.34
N GLN C 34 -1.28 -20.66 -18.37
CA GLN C 34 -0.36 -21.36 -19.26
C GLN C 34 1.04 -21.40 -18.64
N TYR C 35 1.52 -20.26 -18.17
CA TYR C 35 2.81 -20.13 -17.50
C TYR C 35 2.60 -19.36 -16.20
N PRO C 36 3.54 -19.46 -15.28
CA PRO C 36 3.47 -18.61 -14.08
C PRO C 36 3.66 -17.14 -14.44
N SER C 37 3.17 -16.28 -13.56
CA SER C 37 3.21 -14.85 -13.79
C SER C 37 4.66 -14.38 -13.88
N VAL C 38 5.07 -13.95 -15.07
CA VAL C 38 6.39 -13.35 -15.28
C VAL C 38 6.29 -11.93 -15.80
N ALA C 39 5.09 -11.45 -16.09
CA ALA C 39 4.94 -10.09 -16.60
C ALA C 39 5.30 -9.09 -15.52
N ALA C 40 6.09 -8.09 -15.88
CA ALA C 40 6.41 -7.01 -14.96
C ALA C 40 5.54 -5.80 -15.27
N PRO C 41 5.23 -4.98 -14.26
CA PRO C 41 4.36 -3.82 -14.49
C PRO C 41 5.07 -2.72 -15.28
N THR C 42 4.27 -2.03 -16.09
CA THR C 42 4.75 -0.92 -16.91
C THR C 42 3.82 0.27 -16.73
N ILE C 43 4.40 1.46 -16.61
CA ILE C 43 3.66 2.70 -16.56
C ILE C 43 4.04 3.53 -17.78
N THR C 44 3.04 3.96 -18.54
CA THR C 44 3.25 4.77 -19.74
C THR C 44 2.64 6.14 -19.53
N LEU C 45 3.41 7.18 -19.85
CA LEU C 45 2.96 8.56 -19.77
C LEU C 45 2.75 9.10 -21.18
N HIS C 46 1.62 9.76 -21.40
CA HIS C 46 1.27 10.28 -22.71
C HIS C 46 1.17 11.80 -22.62
N ALA C 47 1.88 12.49 -23.50
CA ALA C 47 1.90 13.95 -23.53
C ALA C 47 1.59 14.45 -24.92
N ILE C 48 1.00 15.64 -24.98
CA ILE C 48 0.59 16.26 -26.24
C ILE C 48 1.18 17.66 -26.29
N TYR C 49 1.74 18.03 -27.43
CA TYR C 49 2.31 19.36 -27.62
C TYR C 49 2.23 19.70 -29.10
N PRO C 50 1.06 20.18 -29.56
CA PRO C 50 0.86 20.32 -31.01
C PRO C 50 1.82 21.31 -31.64
N GLY C 51 2.18 21.03 -32.90
CA GLY C 51 3.03 21.92 -33.66
C GLY C 51 4.52 21.66 -33.52
N ALA C 52 4.92 20.74 -32.66
CA ALA C 52 6.34 20.45 -32.44
C ALA C 52 6.74 19.19 -33.20
N SER C 53 7.94 19.22 -33.77
CA SER C 53 8.48 18.05 -34.42
C SER C 53 8.82 17.00 -33.38
N ALA C 54 9.09 15.78 -33.85
CA ALA C 54 9.51 14.72 -32.94
C ALA C 54 10.73 15.15 -32.13
N GLN C 55 11.66 15.87 -32.77
CA GLN C 55 12.86 16.30 -32.07
C GLN C 55 12.53 17.30 -30.96
N VAL C 56 11.66 18.26 -31.25
CA VAL C 56 11.31 19.26 -30.25
C VAL C 56 10.54 18.59 -29.11
N MET C 57 9.60 17.70 -29.44
CA MET C 57 8.81 17.03 -28.42
C MET C 57 9.71 16.21 -27.54
N GLU C 58 10.65 15.50 -28.13
CA GLU C 58 11.58 14.68 -27.36
C GLU C 58 12.49 15.50 -26.49
N GLY C 59 13.02 16.60 -26.99
CA GLY C 59 13.98 17.38 -26.23
C GLY C 59 13.38 18.31 -25.20
N SER C 60 12.10 18.65 -25.32
CA SER C 60 11.47 19.61 -24.43
C SER C 60 10.53 18.99 -23.40
N VAL C 61 9.97 17.81 -23.67
CA VAL C 61 9.01 17.21 -22.76
C VAL C 61 9.44 15.81 -22.36
N LEU C 62 9.58 14.90 -23.31
CA LEU C 62 9.87 13.52 -22.97
C LEU C 62 11.20 13.36 -22.27
N SER C 63 12.23 14.04 -22.75
CA SER C 63 13.57 13.95 -22.15
C SER C 63 13.58 14.49 -20.74
N VAL C 64 12.88 15.58 -20.51
CA VAL C 64 12.85 16.20 -19.19
C VAL C 64 12.22 15.24 -18.19
N ILE C 65 11.10 14.63 -18.56
CA ILE C 65 10.44 13.69 -17.67
C ILE C 65 11.32 12.47 -17.45
N GLU C 66 11.91 11.95 -18.51
CA GLU C 66 12.72 10.74 -18.42
C GLU C 66 13.94 10.94 -17.55
N ARG C 67 14.59 12.08 -17.68
CA ARG C 67 15.77 12.37 -16.87
C ARG C 67 15.43 12.47 -15.41
N ASN C 68 14.29 13.06 -15.09
CA ASN C 68 13.86 13.16 -13.70
C ASN C 68 13.25 11.86 -13.18
N MET C 69 13.04 10.86 -14.05
CA MET C 69 12.50 9.58 -13.60
C MET C 69 13.57 8.65 -13.04
N ASN C 70 14.85 8.99 -13.19
CA ASN C 70 15.89 8.18 -12.59
C ASN C 70 15.77 8.21 -11.08
N GLY C 71 16.08 7.08 -10.44
CA GLY C 71 16.01 6.99 -9.01
C GLY C 71 14.68 6.53 -8.45
N VAL C 72 13.74 6.14 -9.30
CA VAL C 72 12.49 5.57 -8.83
C VAL C 72 12.72 4.11 -8.44
N GLU C 73 12.14 3.70 -7.32
CA GLU C 73 12.41 2.38 -6.77
C GLU C 73 12.03 1.28 -7.76
N GLY C 74 12.93 0.32 -7.94
CA GLY C 74 12.64 -0.85 -8.74
C GLY C 74 12.40 -0.59 -10.21
N LEU C 75 13.17 0.31 -10.81
CA LEU C 75 13.04 0.61 -12.23
C LEU C 75 14.08 -0.18 -13.01
N ASP C 76 13.63 -0.88 -14.04
CA ASP C 76 14.52 -1.68 -14.86
C ASP C 76 15.12 -0.85 -16.00
N TYR C 77 14.27 -0.30 -16.86
CA TYR C 77 14.72 0.51 -17.99
C TYR C 77 13.59 1.41 -18.43
N MET C 78 13.93 2.40 -19.26
CA MET C 78 12.99 3.38 -19.76
C MET C 78 13.14 3.52 -21.26
N SER C 79 12.09 4.05 -21.89
CA SER C 79 12.12 4.35 -23.31
C SER C 79 11.14 5.48 -23.60
N THR C 80 11.40 6.21 -24.68
CA THR C 80 10.53 7.28 -25.12
C THR C 80 10.25 7.12 -26.62
N SER C 81 9.15 7.69 -27.09
CA SER C 81 8.82 7.65 -28.50
C SER C 81 8.12 8.97 -28.79
N ALA C 82 8.52 9.67 -29.84
CA ALA C 82 7.96 10.98 -30.18
C ALA C 82 7.59 10.88 -31.63
N ASP C 83 6.72 11.75 -32.11
CA ASP C 83 6.27 11.71 -33.50
C ASP C 83 6.12 13.09 -34.12
N SER C 84 6.03 13.14 -35.44
CA SER C 84 5.92 14.41 -36.16
C SER C 84 4.61 15.15 -35.87
N SER C 85 3.62 14.47 -35.32
CA SER C 85 2.30 15.06 -35.07
C SER C 85 2.16 15.72 -33.70
N GLY C 86 3.28 16.01 -33.03
CA GLY C 86 3.23 16.60 -31.71
C GLY C 86 2.60 15.75 -30.63
N SER C 87 2.91 14.46 -30.62
CA SER C 87 2.44 13.57 -29.55
C SER C 87 3.65 12.76 -29.15
N GLY C 88 3.69 12.27 -27.92
CA GLY C 88 4.85 11.53 -27.44
C GLY C 88 4.49 10.70 -26.26
N SER C 89 5.38 9.79 -25.86
CA SER C 89 5.15 8.99 -24.67
C SER C 89 6.42 8.51 -23.98
N VAL C 90 6.37 8.27 -22.66
CA VAL C 90 7.50 7.74 -21.91
C VAL C 90 7.03 6.45 -21.25
N SER C 91 7.81 5.38 -21.44
CA SER C 91 7.48 4.06 -20.90
C SER C 91 8.50 3.67 -19.84
N LEU C 92 8.01 3.31 -18.66
CA LEU C 92 8.85 2.88 -17.55
C LEU C 92 8.52 1.43 -17.24
N THR C 93 9.55 0.58 -17.25
CA THR C 93 9.41 -0.83 -16.92
C THR C 93 10.08 -1.10 -15.60
N PHE C 94 9.37 -1.77 -14.70
CA PHE C 94 9.86 -2.10 -13.37
C PHE C 94 10.15 -3.59 -13.29
N THR C 95 11.03 -3.95 -12.36
CA THR C 95 11.36 -5.35 -12.19
C THR C 95 10.16 -6.12 -11.65
N PRO C 96 10.04 -7.41 -11.96
CA PRO C 96 9.03 -8.23 -11.29
C PRO C 96 9.32 -8.30 -9.79
N ASP C 97 8.26 -8.51 -9.01
CA ASP C 97 8.25 -8.41 -7.55
C ASP C 97 8.15 -6.95 -7.12
N THR C 98 7.93 -6.03 -8.05
CA THR C 98 7.56 -4.66 -7.75
C THR C 98 6.07 -4.50 -7.99
N ASP C 99 5.34 -4.11 -6.96
CA ASP C 99 3.89 -4.00 -7.08
C ASP C 99 3.51 -2.73 -7.83
N GLU C 100 2.51 -2.85 -8.69
CA GLU C 100 2.16 -1.75 -9.59
C GLU C 100 1.72 -0.51 -8.84
N ASN C 101 1.12 -0.67 -7.67
CA ASN C 101 0.49 0.47 -7.00
C ASN C 101 1.54 1.43 -6.42
N LEU C 102 2.54 0.90 -5.73
CA LEU C 102 3.59 1.76 -5.19
C LEU C 102 4.36 2.45 -6.29
N ALA C 103 4.68 1.72 -7.36
CA ALA C 103 5.37 2.32 -8.50
C ALA C 103 4.50 3.40 -9.15
N GLN C 104 3.20 3.13 -9.28
CA GLN C 104 2.29 4.13 -9.81
C GLN C 104 2.35 5.41 -8.99
N VAL C 105 2.23 5.28 -7.67
CA VAL C 105 2.18 6.45 -6.80
C VAL C 105 3.49 7.23 -6.91
N GLU C 106 4.63 6.53 -6.87
CA GLU C 106 5.91 7.21 -6.91
C GLU C 106 6.14 7.90 -8.25
N VAL C 107 5.84 7.20 -9.35
CA VAL C 107 6.01 7.79 -10.67
C VAL C 107 5.14 9.03 -10.82
N GLN C 108 3.90 8.97 -10.33
CA GLN C 108 3.01 10.11 -10.46
C GLN C 108 3.45 11.28 -9.59
N ASN C 109 4.00 10.99 -8.40
CA ASN C 109 4.56 12.05 -7.57
C ASN C 109 5.70 12.76 -8.29
N LYS C 110 6.61 11.98 -8.88
CA LYS C 110 7.72 12.59 -9.62
C LYS C 110 7.21 13.39 -10.81
N LEU C 111 6.21 12.86 -11.53
CA LEU C 111 5.68 13.55 -12.68
C LEU C 111 5.07 14.90 -12.27
N SER C 112 4.30 14.92 -11.18
CA SER C 112 3.75 16.17 -10.70
C SER C 112 4.85 17.14 -10.29
N GLU C 113 5.89 16.62 -9.63
CA GLU C 113 7.01 17.48 -9.24
C GLU C 113 7.66 18.13 -10.45
N VAL C 114 7.79 17.39 -11.56
CA VAL C 114 8.52 17.90 -12.71
C VAL C 114 7.64 18.76 -13.62
N LEU C 115 6.32 18.56 -13.60
CA LEU C 115 5.44 19.32 -14.48
C LEU C 115 5.51 20.82 -14.27
N SER C 116 6.16 21.29 -13.21
CA SER C 116 6.17 22.71 -12.91
C SER C 116 6.85 23.54 -14.01
N THR C 117 7.62 22.90 -14.87
CA THR C 117 8.36 23.62 -15.91
C THR C 117 7.97 23.25 -17.32
N LEU C 118 7.33 22.10 -17.53
CA LEU C 118 7.02 21.58 -18.85
C LEU C 118 6.24 22.60 -19.69
N PRO C 119 6.11 22.42 -21.00
CA PRO C 119 5.52 23.45 -21.84
C PRO C 119 4.06 23.72 -21.49
N ALA C 120 3.63 24.93 -21.87
CA ALA C 120 2.30 25.41 -21.48
C ALA C 120 1.19 24.55 -22.06
N THR C 121 1.30 24.16 -23.32
CA THR C 121 0.23 23.37 -23.93
C THR C 121 0.17 21.96 -23.33
N VAL C 122 1.32 21.37 -22.98
CA VAL C 122 1.31 20.10 -22.27
C VAL C 122 0.60 20.26 -20.94
N GLN C 123 0.91 21.34 -20.21
CA GLN C 123 0.24 21.60 -18.95
C GLN C 123 -1.26 21.78 -19.14
N GLN C 124 -1.67 22.37 -20.25
CA GLN C 124 -3.10 22.49 -20.54
C GLN C 124 -3.72 21.12 -20.75
N TYR C 125 -3.10 20.30 -21.60
CA TYR C 125 -3.60 18.95 -21.84
C TYR C 125 -3.21 17.98 -20.74
N GLY C 126 -2.20 18.31 -19.94
CA GLY C 126 -1.76 17.40 -18.91
C GLY C 126 -1.00 16.21 -19.50
N VAL C 127 -0.70 15.26 -18.62
CA VAL C 127 -0.03 14.04 -19.01
C VAL C 127 -0.86 12.87 -18.47
N THR C 128 -1.29 11.99 -19.36
CA THR C 128 -2.10 10.84 -19.01
C THR C 128 -1.21 9.70 -18.51
N VAL C 129 -1.80 8.80 -17.72
CA VAL C 129 -1.09 7.67 -17.16
C VAL C 129 -1.90 6.41 -17.42
N SER C 130 -1.22 5.34 -17.84
CA SER C 130 -1.85 4.05 -18.05
C SER C 130 -0.86 2.96 -17.65
N LYS C 131 -1.39 1.82 -17.19
CA LYS C 131 -0.56 0.68 -16.82
C LYS C 131 -1.26 -0.64 -17.14
N ALA C 132 -1.43 -0.96 -18.42
CA ALA C 132 -2.10 -2.21 -18.84
C ALA C 132 -1.29 -2.97 -19.87
N ARG C 133 -1.55 -4.27 -20.00
CA ARG C 133 -0.78 -5.09 -20.93
C ARG C 133 -0.91 -4.63 -22.36
N SER C 134 0.19 -4.59 -23.11
CA SER C 134 0.15 -4.26 -24.53
C SER C 134 -0.51 -5.35 -25.37
N ASN C 135 -0.26 -6.62 -25.04
CA ASN C 135 -0.76 -7.74 -25.85
C ASN C 135 -2.26 -8.01 -25.71
N PHE C 136 -2.91 -8.50 -26.77
CA PHE C 136 -4.34 -8.71 -26.75
C PHE C 136 -4.69 -10.05 -26.13
N LEU C 137 -5.76 -10.05 -25.33
CA LEU C 137 -6.32 -11.29 -24.80
C LEU C 137 -7.38 -11.86 -25.74
N MET C 138 -8.27 -11.00 -26.23
CA MET C 138 -9.36 -11.39 -27.11
C MET C 138 -9.53 -10.30 -28.15
N ILE C 139 -10.25 -10.63 -29.21
CA ILE C 139 -10.80 -9.62 -30.11
C ILE C 139 -12.28 -9.93 -30.27
N VAL C 140 -13.14 -8.98 -29.88
CA VAL C 140 -14.58 -9.14 -29.95
C VAL C 140 -15.07 -8.48 -31.24
N MET C 141 -15.80 -9.24 -32.04
CA MET C 141 -16.25 -8.80 -33.36
C MET C 141 -17.76 -8.57 -33.33
N LEU C 142 -18.21 -7.52 -34.00
CA LEU C 142 -19.63 -7.28 -34.22
C LEU C 142 -19.87 -7.17 -35.71
N SER C 143 -20.82 -7.95 -36.22
CA SER C 143 -21.13 -7.98 -37.65
C SER C 143 -22.63 -7.80 -37.84
N SER C 144 -22.99 -7.12 -38.92
CA SER C 144 -24.37 -6.89 -39.27
C SER C 144 -24.48 -6.66 -40.76
N ASP C 145 -25.60 -7.09 -41.34
CA ASP C 145 -25.87 -6.92 -42.76
C ASP C 145 -26.92 -5.84 -43.01
N VAL C 146 -27.34 -5.11 -41.97
CA VAL C 146 -28.40 -4.12 -42.11
C VAL C 146 -27.94 -2.72 -41.73
N GLN C 147 -26.87 -2.55 -40.96
CA GLN C 147 -26.37 -1.23 -40.63
C GLN C 147 -24.86 -1.21 -40.78
N SER C 148 -24.34 -0.02 -41.05
CA SER C 148 -22.95 0.16 -41.43
C SER C 148 -22.03 0.13 -40.21
N THR C 149 -20.73 0.13 -40.49
CA THR C 149 -19.74 0.04 -39.42
C THR C 149 -19.68 1.30 -38.58
N GLU C 150 -20.14 2.43 -39.09
CA GLU C 150 -20.22 3.64 -38.27
C GLU C 150 -21.30 3.50 -37.20
N GLU C 151 -22.49 3.05 -37.59
CA GLU C 151 -23.56 2.83 -36.62
C GLU C 151 -23.15 1.78 -35.60
N MET C 152 -22.49 0.71 -36.05
CA MET C 152 -22.05 -0.32 -35.13
C MET C 152 -20.93 0.16 -34.21
N ASN C 153 -20.04 1.00 -34.70
CA ASN C 153 -19.01 1.57 -33.82
C ASN C 153 -19.64 2.45 -32.76
N ASP C 154 -20.64 3.25 -33.14
CA ASP C 154 -21.34 4.06 -32.16
C ASP C 154 -22.02 3.18 -31.12
N TYR C 155 -22.71 2.14 -31.57
CA TYR C 155 -23.38 1.25 -30.64
C TYR C 155 -22.38 0.59 -29.71
N ALA C 156 -21.24 0.14 -30.25
CA ALA C 156 -20.21 -0.47 -29.43
C ALA C 156 -19.75 0.49 -28.35
N GLN C 157 -19.37 1.71 -28.72
CA GLN C 157 -18.89 2.67 -27.73
C GLN C 157 -19.97 2.93 -26.68
N ARG C 158 -21.22 3.09 -27.10
CA ARG C 158 -22.28 3.42 -26.15
C ARG C 158 -22.55 2.27 -25.19
N ASN C 159 -22.54 1.04 -25.67
CA ASN C 159 -23.12 -0.08 -24.92
C ASN C 159 -22.13 -1.16 -24.53
N VAL C 160 -21.26 -1.60 -25.43
CA VAL C 160 -20.46 -2.80 -25.18
C VAL C 160 -19.13 -2.47 -24.50
N VAL C 161 -18.45 -1.42 -24.95
CA VAL C 161 -17.15 -1.08 -24.37
C VAL C 161 -17.24 -0.82 -22.87
N PRO C 162 -18.17 0.00 -22.38
CA PRO C 162 -18.25 0.21 -20.92
C PRO C 162 -18.56 -1.06 -20.16
N GLU C 163 -19.37 -1.96 -20.73
CA GLU C 163 -19.69 -3.20 -20.05
C GLU C 163 -18.48 -4.12 -19.94
N LEU C 164 -17.61 -4.13 -20.95
CA LEU C 164 -16.40 -4.94 -20.88
C LEU C 164 -15.35 -4.30 -19.99
N GLN C 165 -15.28 -2.96 -19.95
CA GLN C 165 -14.32 -2.30 -19.09
C GLN C 165 -14.55 -2.65 -17.63
N ARG C 166 -15.79 -2.98 -17.26
CA ARG C 166 -16.14 -3.23 -15.87
C ARG C 166 -15.85 -4.67 -15.44
N ILE C 167 -15.49 -5.55 -16.36
CA ILE C 167 -15.21 -6.93 -16.00
C ILE C 167 -13.87 -7.01 -15.27
N GLU C 168 -13.82 -7.82 -14.23
CA GLU C 168 -12.60 -7.96 -13.44
C GLU C 168 -11.49 -8.57 -14.28
N GLY C 169 -10.29 -8.02 -14.15
CA GLY C 169 -9.15 -8.48 -14.91
C GLY C 169 -8.97 -7.80 -16.25
N VAL C 170 -9.91 -6.97 -16.68
CA VAL C 170 -9.78 -6.25 -17.94
C VAL C 170 -9.04 -4.96 -17.67
N GLY C 171 -7.92 -4.76 -18.36
CA GLY C 171 -7.12 -3.57 -18.17
C GLY C 171 -7.47 -2.45 -19.13
N GLN C 172 -7.73 -2.81 -20.39
CA GLN C 172 -8.08 -1.80 -21.38
C GLN C 172 -8.85 -2.47 -22.51
N VAL C 173 -9.79 -1.73 -23.08
CA VAL C 173 -10.52 -2.13 -24.27
C VAL C 173 -10.27 -1.09 -25.35
N ARG C 174 -9.89 -1.54 -26.53
CA ARG C 174 -9.56 -0.66 -27.65
C ARG C 174 -10.53 -0.95 -28.80
N LEU C 175 -11.30 0.06 -29.19
CA LEU C 175 -12.18 -0.05 -30.34
C LEU C 175 -11.46 0.44 -31.60
N PHE C 176 -11.41 -0.41 -32.61
CA PHE C 176 -10.81 -0.05 -33.90
C PHE C 176 -11.81 0.80 -34.70
N GLY C 177 -12.14 1.94 -34.12
CA GLY C 177 -13.14 2.82 -34.69
C GLY C 177 -13.37 3.99 -33.75
N ALA C 178 -14.47 4.69 -33.97
CA ALA C 178 -14.80 5.85 -33.14
C ALA C 178 -16.30 6.02 -33.09
N GLN C 179 -16.75 6.73 -32.05
CA GLN C 179 -18.15 7.07 -31.90
C GLN C 179 -18.52 8.19 -32.88
N ARG C 180 -19.79 8.56 -32.89
CA ARG C 180 -20.25 9.50 -33.91
C ARG C 180 -19.85 10.92 -33.56
N ALA C 181 -19.94 11.78 -34.57
CA ALA C 181 -19.73 13.21 -34.41
C ALA C 181 -20.53 13.91 -35.51
N MET C 182 -20.83 15.18 -35.26
CA MET C 182 -21.50 16.02 -36.24
C MET C 182 -20.42 16.70 -37.07
N ARG C 183 -20.28 16.26 -38.32
CA ARG C 183 -19.20 16.72 -39.20
C ARG C 183 -19.72 17.79 -40.14
N ILE C 184 -18.99 18.89 -40.24
CA ILE C 184 -19.27 19.96 -41.20
C ILE C 184 -18.09 20.02 -42.15
N TRP C 185 -18.36 19.87 -43.44
CA TRP C 185 -17.33 19.85 -44.47
C TRP C 185 -17.46 21.12 -45.30
N VAL C 186 -16.61 22.09 -45.02
CA VAL C 186 -16.69 23.40 -45.66
C VAL C 186 -16.02 23.34 -47.02
N ASP C 187 -16.50 24.19 -47.93
CA ASP C 187 -15.87 24.39 -49.24
C ASP C 187 -15.24 25.78 -49.25
N PRO C 188 -13.91 25.91 -49.23
CA PRO C 188 -13.32 27.25 -49.12
C PRO C 188 -13.75 28.20 -50.23
N LYS C 189 -14.03 27.69 -51.42
CA LYS C 189 -14.49 28.56 -52.50
C LYS C 189 -15.81 29.22 -52.15
N LYS C 190 -16.73 28.47 -51.54
CA LYS C 190 -18.01 29.04 -51.15
C LYS C 190 -17.83 30.12 -50.08
N LEU C 191 -16.89 29.89 -49.15
CA LEU C 191 -16.55 30.93 -48.19
C LEU C 191 -16.03 32.17 -48.91
N GLN C 192 -15.21 31.96 -49.94
CA GLN C 192 -14.69 33.09 -50.71
C GLN C 192 -15.82 33.87 -51.36
N ASN C 193 -16.82 33.18 -51.90
CA ASN C 193 -17.92 33.87 -52.56
C ASN C 193 -18.61 34.86 -51.64
N TYR C 194 -18.75 34.50 -50.36
CA TYR C 194 -19.46 35.33 -49.39
C TYR C 194 -18.53 36.13 -48.49
N ASN C 195 -17.21 36.08 -48.74
CA ASN C 195 -16.24 36.83 -47.93
C ASN C 195 -16.36 36.45 -46.46
N LEU C 196 -16.59 35.17 -46.19
CA LEU C 196 -16.60 34.63 -44.84
C LEU C 196 -15.33 33.85 -44.58
N SER C 197 -15.13 33.46 -43.32
CA SER C 197 -13.95 32.74 -42.91
C SER C 197 -14.36 31.50 -42.10
N PHE C 198 -13.37 30.67 -41.77
CA PHE C 198 -13.61 29.55 -40.88
C PHE C 198 -13.95 30.03 -39.48
N ALA C 199 -13.32 31.12 -39.04
CA ALA C 199 -13.59 31.66 -37.72
C ALA C 199 -15.05 32.08 -37.60
N ASP C 200 -15.64 32.61 -38.67
CA ASP C 200 -17.05 32.95 -38.64
C ASP C 200 -17.91 31.73 -38.40
N VAL C 201 -17.61 30.62 -39.10
CA VAL C 201 -18.37 29.38 -38.90
C VAL C 201 -18.24 28.91 -37.47
N GLY C 202 -17.01 28.88 -36.95
CA GLY C 202 -16.81 28.40 -35.59
C GLY C 202 -17.53 29.26 -34.57
N SER C 203 -17.46 30.59 -34.73
CA SER C 203 -18.12 31.49 -33.80
C SER C 203 -19.64 31.32 -33.85
N ALA C 204 -20.20 31.20 -35.06
CA ALA C 204 -21.64 30.99 -35.16
C ALA C 204 -22.05 29.69 -34.49
N LEU C 205 -21.31 28.61 -34.74
CA LEU C 205 -21.65 27.33 -34.14
C LEU C 205 -21.57 27.40 -32.62
N SER C 206 -20.54 28.04 -32.09
CA SER C 206 -20.42 28.16 -30.64
C SER C 206 -21.55 29.00 -30.05
N ALA C 207 -21.91 30.08 -30.74
CA ALA C 207 -22.90 31.01 -30.18
C ALA C 207 -24.30 30.42 -30.21
N GLN C 208 -24.67 29.75 -31.30
CA GLN C 208 -26.05 29.32 -31.52
C GLN C 208 -26.33 27.91 -31.04
N ASN C 209 -25.38 27.27 -30.33
CA ASN C 209 -25.57 25.91 -29.85
C ASN C 209 -24.89 25.79 -28.48
N ILE C 210 -25.69 25.89 -27.42
CA ILE C 210 -25.18 25.78 -26.06
C ILE C 210 -26.34 25.56 -25.11
N GLN C 211 -26.10 24.87 -23.99
CA GLN C 211 -27.16 24.63 -23.03
C GLN C 211 -27.47 25.91 -22.25
N ILE C 212 -28.70 25.97 -21.75
CA ILE C 212 -29.23 27.15 -21.06
C ILE C 212 -29.71 26.75 -19.69
N SER C 213 -29.28 27.48 -18.67
CA SER C 213 -29.73 27.28 -17.29
C SER C 213 -30.52 28.51 -16.88
N ALA C 214 -31.83 28.34 -16.65
CA ALA C 214 -32.75 29.44 -16.49
C ALA C 214 -33.26 29.61 -15.05
N GLY C 215 -32.79 28.80 -14.10
CA GLY C 215 -33.19 28.98 -12.72
C GLY C 215 -34.61 28.49 -12.45
N SER C 216 -35.19 29.07 -11.40
CA SER C 216 -36.53 28.69 -10.94
C SER C 216 -37.32 29.95 -10.64
N ILE C 217 -38.65 29.82 -10.64
CA ILE C 217 -39.53 30.96 -10.45
C ILE C 217 -39.43 31.47 -9.02
N GLY C 218 -39.84 30.66 -8.05
CA GLY C 218 -39.78 31.08 -6.66
C GLY C 218 -38.58 30.52 -5.94
N SER C 219 -37.47 31.27 -5.88
CA SER C 219 -36.23 30.76 -5.29
C SER C 219 -36.18 30.97 -3.80
N LEU C 220 -35.12 30.51 -3.14
CA LEU C 220 -35.09 30.51 -1.67
C LEU C 220 -35.18 31.81 -0.91
N PRO C 221 -34.52 32.89 -1.37
CA PRO C 221 -34.73 34.14 -0.64
C PRO C 221 -36.03 34.73 -1.17
N ALA C 222 -37.17 34.14 -0.78
CA ALA C 222 -38.46 34.53 -1.34
C ALA C 222 -39.18 35.66 -0.64
N VAL C 223 -40.13 36.28 -1.33
CA VAL C 223 -40.92 37.35 -0.74
C VAL C 223 -41.97 36.62 0.10
N ARG C 224 -42.37 37.16 1.26
CA ARG C 224 -43.28 36.44 2.13
C ARG C 224 -44.62 36.20 1.45
N GLY C 225 -45.21 35.02 1.64
CA GLY C 225 -46.46 34.68 1.02
C GLY C 225 -46.34 33.87 -0.26
N GLN C 226 -45.15 33.41 -0.60
CA GLN C 226 -44.95 32.61 -1.81
C GLN C 226 -45.60 31.25 -1.65
N THR C 227 -46.21 30.75 -2.72
CA THR C 227 -46.98 29.53 -2.69
C THR C 227 -46.49 28.46 -3.64
N VAL C 228 -45.85 28.82 -4.76
CA VAL C 228 -45.46 27.87 -5.79
C VAL C 228 -44.02 28.12 -6.21
N THR C 229 -43.29 27.02 -6.44
CA THR C 229 -41.94 27.05 -6.98
C THR C 229 -41.90 26.17 -8.22
N ALA C 230 -41.35 26.69 -9.32
CA ALA C 230 -41.29 25.96 -10.57
C ALA C 230 -39.92 26.10 -11.19
N THR C 231 -39.54 25.10 -11.98
CA THR C 231 -38.29 25.12 -12.73
C THR C 231 -38.54 25.65 -14.13
N VAL C 232 -37.51 26.27 -14.71
CA VAL C 232 -37.59 26.83 -16.05
C VAL C 232 -36.56 26.14 -16.94
N THR C 233 -36.97 25.81 -18.17
CA THR C 233 -36.12 25.15 -19.14
C THR C 233 -36.25 25.85 -20.48
N ALA C 234 -35.17 25.82 -21.27
CA ALA C 234 -35.12 26.55 -22.54
C ALA C 234 -34.73 25.71 -23.74
N GLN C 235 -33.79 24.77 -23.59
CA GLN C 235 -33.37 23.90 -24.68
C GLN C 235 -32.79 24.70 -25.86
N GLY C 236 -31.61 25.27 -25.61
CA GLY C 236 -30.90 25.99 -26.64
C GLY C 236 -29.81 25.20 -27.35
N GLN C 237 -30.09 23.94 -27.67
CA GLN C 237 -29.13 23.08 -28.35
C GLN C 237 -29.79 22.43 -29.56
N LEU C 238 -28.95 22.00 -30.51
CA LEU C 238 -29.39 21.42 -31.77
C LEU C 238 -29.02 19.95 -31.82
N GLY C 239 -29.85 19.16 -32.50
CA GLY C 239 -29.72 17.71 -32.45
C GLY C 239 -29.73 16.99 -33.78
N THR C 240 -30.07 17.69 -34.87
CA THR C 240 -30.14 17.06 -36.19
C THR C 240 -29.33 17.87 -37.18
N ALA C 241 -29.01 17.24 -38.32
CA ALA C 241 -28.19 17.89 -39.33
C ALA C 241 -28.90 19.07 -39.97
N GLU C 242 -30.22 19.01 -40.12
CA GLU C 242 -30.95 20.13 -40.70
C GLU C 242 -30.87 21.36 -39.79
N GLU C 243 -31.05 21.16 -38.49
CA GLU C 243 -30.93 22.27 -37.55
C GLU C 243 -29.56 22.92 -37.65
N PHE C 244 -28.51 22.11 -37.87
CA PHE C 244 -27.17 22.66 -38.02
C PHE C 244 -27.01 23.38 -39.35
N GLY C 245 -27.66 22.88 -40.40
CA GLY C 245 -27.64 23.57 -41.67
C GLY C 245 -28.37 24.88 -41.65
N ASN C 246 -29.28 25.08 -40.69
CA ASN C 246 -30.03 26.32 -40.58
C ASN C 246 -29.37 27.36 -39.70
N VAL C 247 -28.17 27.09 -39.18
CA VAL C 247 -27.43 28.05 -38.38
C VAL C 247 -27.25 29.34 -39.19
N ILE C 248 -27.15 30.47 -38.51
CA ILE C 248 -27.03 31.78 -39.15
C ILE C 248 -25.57 32.21 -39.11
N LEU C 249 -24.97 32.36 -40.29
CA LEU C 249 -23.59 32.81 -40.38
C LEU C 249 -23.46 34.32 -40.49
N ARG C 250 -24.41 34.96 -41.18
CA ARG C 250 -24.40 36.41 -41.29
C ARG C 250 -25.80 36.88 -41.70
N ALA C 251 -26.36 37.80 -40.93
CA ALA C 251 -27.67 38.37 -41.22
C ALA C 251 -27.48 39.71 -41.92
N ASN C 252 -28.02 39.83 -43.13
CA ASN C 252 -27.85 41.05 -43.92
C ASN C 252 -28.97 42.03 -43.62
N THR C 253 -28.63 43.33 -43.72
CA THR C 253 -29.63 44.36 -43.51
C THR C 253 -30.77 44.27 -44.51
N ASP C 254 -30.54 43.66 -45.67
CA ASP C 254 -31.59 43.49 -46.66
C ASP C 254 -32.71 42.59 -46.18
N GLY C 255 -32.49 41.81 -45.11
CA GLY C 255 -33.49 40.92 -44.59
C GLY C 255 -33.09 39.46 -44.77
N SER C 256 -32.52 39.14 -45.92
CA SER C 256 -32.04 37.78 -46.16
C SER C 256 -30.73 37.55 -45.41
N ASN C 257 -30.47 36.28 -45.12
CA ASN C 257 -29.33 35.89 -44.30
C ASN C 257 -28.69 34.64 -44.87
N ILE C 258 -27.42 34.43 -44.52
CA ILE C 258 -26.60 33.35 -45.04
C ILE C 258 -26.55 32.23 -44.02
N TYR C 259 -26.84 31.01 -44.46
CA TYR C 259 -26.94 29.85 -43.59
C TYR C 259 -25.69 28.99 -43.69
N LEU C 260 -25.53 28.11 -42.70
CA LEU C 260 -24.39 27.20 -42.69
C LEU C 260 -24.45 26.22 -43.85
N LYS C 261 -25.65 25.85 -44.30
CA LYS C 261 -25.81 24.91 -45.39
C LYS C 261 -25.37 25.47 -46.73
N ASP C 262 -25.13 26.78 -46.82
CA ASP C 262 -24.76 27.40 -48.08
C ASP C 262 -23.28 27.24 -48.41
N VAL C 263 -22.44 26.96 -47.41
CA VAL C 263 -21.00 26.87 -47.60
C VAL C 263 -20.45 25.51 -47.20
N ALA C 264 -21.27 24.62 -46.65
CA ALA C 264 -20.76 23.37 -46.12
C ALA C 264 -21.83 22.29 -46.22
N LYS C 265 -21.39 21.05 -46.14
CA LYS C 265 -22.26 19.89 -46.02
C LYS C 265 -22.21 19.40 -44.58
N VAL C 266 -23.37 19.11 -44.01
CA VAL C 266 -23.51 18.72 -42.61
C VAL C 266 -24.08 17.31 -42.55
N GLY C 267 -23.47 16.47 -41.73
CA GLY C 267 -23.94 15.10 -41.56
C GLY C 267 -23.24 14.44 -40.40
N LEU C 268 -23.73 13.25 -40.05
CA LEU C 268 -23.16 12.47 -38.97
C LEU C 268 -22.00 11.63 -39.48
N GLY C 269 -20.90 11.63 -38.73
CA GLY C 269 -19.71 10.87 -39.07
C GLY C 269 -19.06 10.37 -37.81
N MET C 270 -17.75 10.16 -37.87
CA MET C 270 -16.97 9.66 -36.73
C MET C 270 -16.11 10.78 -36.17
N GLU C 271 -15.63 10.57 -34.95
CA GLU C 271 -14.72 11.55 -34.35
C GLU C 271 -13.31 11.46 -34.90
N ASP C 272 -12.95 10.34 -35.52
CA ASP C 272 -11.72 10.25 -36.29
C ASP C 272 -11.82 9.03 -37.19
N TYR C 273 -10.85 8.88 -38.08
CA TYR C 273 -10.92 7.86 -39.12
C TYR C 273 -9.64 7.04 -39.19
N SER C 274 -8.87 6.99 -38.11
CA SER C 274 -7.57 6.34 -38.13
C SER C 274 -7.66 4.84 -38.42
N SER C 275 -8.28 4.08 -37.53
CA SER C 275 -8.22 2.62 -37.57
C SER C 275 -9.46 2.02 -38.22
N SER C 276 -9.37 0.73 -38.49
CA SER C 276 -10.43 -0.04 -39.13
C SER C 276 -10.05 -1.51 -39.06
N THR C 277 -11.04 -2.38 -39.24
CA THR C 277 -10.82 -3.81 -39.11
C THR C 277 -11.70 -4.56 -40.09
N ARG C 278 -11.34 -5.82 -40.33
CA ARG C 278 -12.08 -6.70 -41.22
C ARG C 278 -12.03 -8.11 -40.67
N LEU C 279 -13.00 -8.93 -41.11
CA LEU C 279 -13.05 -10.35 -40.75
C LEU C 279 -13.31 -11.11 -42.05
N ASN C 280 -12.26 -11.77 -42.57
CA ASN C 280 -12.33 -12.48 -43.84
C ASN C 280 -12.66 -11.54 -44.99
N GLY C 281 -12.20 -10.30 -44.91
CA GLY C 281 -12.40 -9.34 -45.96
C GLY C 281 -13.71 -8.59 -45.93
N VAL C 282 -14.48 -8.71 -44.85
CA VAL C 282 -15.77 -8.04 -44.71
C VAL C 282 -15.65 -6.96 -43.65
N ASN C 283 -16.13 -5.76 -43.97
CA ASN C 283 -16.08 -4.66 -43.02
C ASN C 283 -16.82 -5.03 -41.75
N THR C 284 -16.17 -4.82 -40.61
CA THR C 284 -16.69 -5.32 -39.34
C THR C 284 -16.24 -4.39 -38.22
N THR C 285 -16.93 -4.48 -37.10
CA THR C 285 -16.60 -3.71 -35.90
C THR C 285 -15.82 -4.62 -34.95
N GLY C 286 -14.63 -4.19 -34.58
CA GLY C 286 -13.76 -5.02 -33.74
C GLY C 286 -13.31 -4.26 -32.51
N MET C 287 -13.09 -5.02 -31.43
CA MET C 287 -12.65 -4.50 -30.16
C MET C 287 -11.59 -5.42 -29.58
N ALA C 288 -10.50 -4.84 -29.10
CA ALA C 288 -9.41 -5.60 -28.50
C ALA C 288 -9.48 -5.48 -26.98
N VAL C 289 -9.23 -6.60 -26.31
CA VAL C 289 -9.23 -6.68 -24.86
C VAL C 289 -7.82 -6.94 -24.38
N MET C 290 -7.41 -6.23 -23.33
CA MET C 290 -6.08 -6.36 -22.75
C MET C 290 -6.20 -6.63 -21.27
N LEU C 291 -5.49 -7.64 -20.76
CA LEU C 291 -5.55 -7.96 -19.35
C LEU C 291 -4.87 -6.93 -18.50
N SER C 292 -5.39 -6.70 -17.30
CA SER C 292 -4.72 -5.81 -16.38
C SER C 292 -3.62 -6.64 -15.82
N ASN C 293 -2.62 -6.01 -15.23
CA ASN C 293 -1.57 -6.79 -14.57
C ASN C 293 -2.37 -7.44 -13.46
N SER C 294 -2.11 -8.71 -13.16
CA SER C 294 -2.88 -9.48 -12.15
C SER C 294 -4.21 -10.07 -12.66
N GLY C 295 -4.45 -10.04 -13.96
CA GLY C 295 -5.65 -10.60 -14.55
C GLY C 295 -5.38 -11.97 -15.12
N ASN C 296 -6.26 -12.95 -14.85
CA ASN C 296 -6.10 -14.30 -15.40
C ASN C 296 -6.81 -14.40 -16.74
N ALA C 297 -6.16 -14.96 -17.75
CA ALA C 297 -6.75 -15.06 -19.08
C ALA C 297 -8.00 -15.93 -19.08
N MET C 298 -7.95 -17.07 -18.39
CA MET C 298 -9.09 -17.98 -18.38
C MET C 298 -10.32 -17.33 -17.77
N ALA C 299 -10.18 -16.79 -16.56
CA ALA C 299 -11.32 -16.19 -15.88
C ALA C 299 -11.84 -14.98 -16.62
N THR C 300 -10.95 -14.12 -17.09
CA THR C 300 -11.37 -12.91 -17.80
C THR C 300 -12.08 -13.27 -19.09
N ALA C 301 -11.57 -14.25 -19.83
CA ALA C 301 -12.22 -14.65 -21.07
C ALA C 301 -13.59 -15.25 -20.81
N LYS C 302 -13.71 -16.11 -19.80
CA LYS C 302 -15.01 -16.69 -19.49
C LYS C 302 -16.01 -15.61 -19.10
N ALA C 303 -15.58 -14.66 -18.26
CA ALA C 303 -16.46 -13.58 -17.87
C ALA C 303 -16.88 -12.73 -19.06
N VAL C 304 -15.93 -12.43 -19.96
CA VAL C 304 -16.24 -11.63 -21.13
C VAL C 304 -17.28 -12.34 -21.99
N LYS C 305 -17.10 -13.63 -22.22
CA LYS C 305 -18.04 -14.36 -23.07
C LYS C 305 -19.42 -14.44 -22.43
N GLU C 306 -19.48 -14.67 -21.12
CA GLU C 306 -20.78 -14.69 -20.44
C GLU C 306 -21.46 -13.34 -20.53
N ARG C 307 -20.70 -12.26 -20.32
CA ARG C 307 -21.27 -10.92 -20.41
C ARG C 307 -21.78 -10.63 -21.81
N LEU C 308 -21.04 -11.06 -22.84
CA LEU C 308 -21.49 -10.85 -24.20
C LEU C 308 -22.75 -11.63 -24.49
N ALA C 309 -22.85 -12.86 -23.97
CA ALA C 309 -24.08 -13.63 -24.13
C ALA C 309 -25.25 -12.90 -23.48
N VAL C 310 -25.05 -12.31 -22.31
CA VAL C 310 -26.13 -11.59 -21.65
C VAL C 310 -26.49 -10.32 -22.41
N LEU C 311 -25.49 -9.62 -22.95
CA LEU C 311 -25.73 -8.36 -23.64
C LEU C 311 -26.33 -8.54 -25.02
N GLU C 312 -26.21 -9.73 -25.60
CA GLU C 312 -26.80 -9.97 -26.92
C GLU C 312 -28.31 -9.75 -26.90
N LYS C 313 -28.94 -9.81 -25.73
CA LYS C 313 -30.39 -9.68 -25.67
C LYS C 313 -30.87 -8.32 -26.15
N TYR C 314 -30.04 -7.29 -26.00
CA TYR C 314 -30.43 -5.92 -26.31
C TYR C 314 -29.86 -5.41 -27.61
N PHE C 315 -29.25 -6.28 -28.42
CA PHE C 315 -28.67 -5.84 -29.68
C PHE C 315 -29.76 -5.39 -30.64
N PRO C 316 -29.42 -4.51 -31.59
CA PRO C 316 -30.37 -4.20 -32.66
C PRO C 316 -30.59 -5.43 -33.54
N GLN C 317 -31.69 -5.40 -34.28
CA GLN C 317 -32.04 -6.52 -35.15
C GLN C 317 -30.94 -6.73 -36.19
N GLY C 318 -30.52 -7.98 -36.36
CA GLY C 318 -29.53 -8.32 -37.35
C GLY C 318 -28.09 -8.29 -36.88
N MET C 319 -27.84 -7.93 -35.62
CA MET C 319 -26.49 -7.84 -35.10
C MET C 319 -26.10 -9.12 -34.37
N SER C 320 -24.83 -9.50 -34.49
CA SER C 320 -24.31 -10.68 -33.84
C SER C 320 -22.86 -10.44 -33.46
N TRP C 321 -22.34 -11.28 -32.57
CA TRP C 321 -20.97 -11.14 -32.08
C TRP C 321 -20.21 -12.45 -32.24
N LYS C 322 -18.89 -12.33 -32.29
CA LYS C 322 -17.99 -13.47 -32.43
C LYS C 322 -16.67 -13.14 -31.76
N THR C 323 -15.90 -14.19 -31.46
CA THR C 323 -14.57 -14.06 -30.88
C THR C 323 -13.61 -14.94 -31.67
N PRO C 324 -13.35 -14.59 -32.94
CA PRO C 324 -12.45 -15.42 -33.74
C PRO C 324 -11.06 -15.57 -33.16
N TYR C 325 -10.56 -14.54 -32.47
CA TYR C 325 -9.25 -14.58 -31.83
C TYR C 325 -9.45 -14.66 -30.33
N ASP C 326 -8.91 -15.71 -29.70
CA ASP C 326 -9.09 -15.94 -28.28
C ASP C 326 -7.98 -16.87 -27.80
N THR C 327 -7.09 -16.36 -26.96
CA THR C 327 -5.92 -17.11 -26.53
C THR C 327 -6.20 -18.03 -25.36
N SER C 328 -7.43 -18.09 -24.86
CA SER C 328 -7.76 -18.95 -23.72
C SER C 328 -8.00 -20.40 -24.12
N LYS C 329 -8.14 -20.69 -25.42
CA LYS C 329 -8.40 -22.05 -25.85
C LYS C 329 -7.15 -22.92 -25.78
N PHE C 330 -6.00 -22.33 -26.12
CA PHE C 330 -4.74 -23.05 -26.07
C PHE C 330 -4.44 -23.49 -24.64
N VAL C 331 -4.75 -22.64 -23.66
CA VAL C 331 -4.56 -23.01 -22.26
C VAL C 331 -5.40 -24.24 -21.92
N GLU C 332 -6.66 -24.25 -22.35
CA GLU C 332 -7.54 -25.37 -22.06
C GLU C 332 -6.96 -26.66 -22.63
N ILE C 333 -6.61 -26.65 -23.92
CA ILE C 333 -6.14 -27.88 -24.54
C ILE C 333 -4.83 -28.35 -23.93
N SER C 334 -3.93 -27.40 -23.59
CA SER C 334 -2.68 -27.77 -22.97
C SER C 334 -2.89 -28.41 -21.60
N ILE C 335 -3.80 -27.84 -20.80
CA ILE C 335 -4.07 -28.40 -19.48
C ILE C 335 -4.64 -29.80 -19.61
N GLU C 336 -5.56 -30.00 -20.56
CA GLU C 336 -6.12 -31.34 -20.75
C GLU C 336 -5.02 -32.33 -21.12
N LYS C 337 -4.11 -31.94 -22.02
CA LYS C 337 -3.05 -32.84 -22.43
C LYS C 337 -2.15 -33.21 -21.25
N VAL C 338 -1.79 -32.23 -20.42
CA VAL C 338 -0.90 -32.54 -19.31
C VAL C 338 -1.60 -33.44 -18.30
N ILE C 339 -2.91 -33.25 -18.09
CA ILE C 339 -3.63 -34.16 -17.20
C ILE C 339 -3.61 -35.59 -17.75
N HIS C 340 -3.84 -35.75 -19.05
CA HIS C 340 -3.78 -37.09 -19.64
C HIS C 340 -2.40 -37.70 -19.44
N THR C 341 -1.34 -36.90 -19.64
CA THR C 341 0.01 -37.40 -19.45
C THR C 341 0.22 -37.84 -18.00
N LEU C 342 -0.34 -37.08 -17.05
CA LEU C 342 -0.25 -37.47 -15.64
C LEU C 342 -0.89 -38.85 -15.42
N ILE C 343 -2.07 -39.06 -16.01
CA ILE C 343 -2.75 -40.35 -15.85
C ILE C 343 -1.89 -41.47 -16.38
N GLU C 344 -1.34 -41.29 -17.59
CA GLU C 344 -0.51 -42.34 -18.18
C GLU C 344 0.73 -42.61 -17.35
N ALA C 345 1.34 -41.55 -16.80
CA ALA C 345 2.52 -41.73 -15.96
C ALA C 345 2.20 -42.55 -14.73
N MET C 346 1.07 -42.25 -14.07
CA MET C 346 0.69 -43.05 -12.91
C MET C 346 0.48 -44.50 -13.30
N VAL C 347 -0.15 -44.75 -14.45
CA VAL C 347 -0.41 -46.12 -14.86
C VAL C 347 0.91 -46.86 -15.08
N LEU C 348 1.87 -46.23 -15.76
CA LEU C 348 3.14 -46.90 -16.01
C LEU C 348 3.91 -47.16 -14.70
N VAL C 349 3.88 -46.20 -13.78
CA VAL C 349 4.57 -46.39 -12.50
C VAL C 349 3.95 -47.57 -11.76
N PHE C 350 2.62 -47.65 -11.76
CA PHE C 350 1.97 -48.80 -11.13
C PHE C 350 2.40 -50.11 -11.78
N VAL C 351 2.46 -50.13 -13.12
CA VAL C 351 2.82 -51.37 -13.81
C VAL C 351 4.22 -51.81 -13.42
N VAL C 352 5.18 -50.88 -13.40
CA VAL C 352 6.55 -51.26 -13.08
C VAL C 352 6.65 -51.72 -11.63
N MET C 353 5.96 -51.03 -10.71
CA MET C 353 6.00 -51.45 -9.32
C MET C 353 5.41 -52.84 -9.15
N TYR C 354 4.31 -53.13 -9.85
CA TYR C 354 3.72 -54.47 -9.79
C TYR C 354 4.66 -55.50 -10.37
N LEU C 355 5.37 -55.15 -11.45
CA LEU C 355 6.32 -56.09 -12.05
C LEU C 355 7.41 -56.44 -11.06
N PHE C 356 7.92 -55.47 -10.32
CA PHE C 356 9.01 -55.76 -9.39
C PHE C 356 8.52 -56.45 -8.12
N LEU C 357 7.35 -56.06 -7.60
CA LEU C 357 6.88 -56.59 -6.33
C LEU C 357 6.15 -57.92 -6.45
N GLN C 358 5.36 -58.11 -7.52
CA GLN C 358 4.70 -59.35 -7.87
C GLN C 358 3.42 -59.59 -7.05
N ASN C 359 3.11 -58.76 -6.06
CA ASN C 359 1.96 -58.98 -5.19
C ASN C 359 1.11 -57.73 -5.17
N ILE C 360 -0.21 -57.91 -5.18
CA ILE C 360 -1.11 -56.77 -5.22
C ILE C 360 -1.07 -56.00 -3.90
N ARG C 361 -1.01 -56.72 -2.78
CA ARG C 361 -0.99 -56.07 -1.49
C ARG C 361 0.28 -55.25 -1.29
N TYR C 362 1.44 -55.85 -1.62
CA TYR C 362 2.69 -55.11 -1.53
C TYR C 362 2.68 -53.90 -2.45
N THR C 363 2.08 -54.04 -3.63
CA THR C 363 2.09 -52.97 -4.62
C THR C 363 1.14 -51.84 -4.26
N LEU C 364 0.06 -52.13 -3.54
CA LEU C 364 -0.91 -51.08 -3.21
C LEU C 364 -0.31 -50.04 -2.28
N ILE C 365 0.50 -50.46 -1.31
CA ILE C 365 1.00 -49.53 -0.30
C ILE C 365 1.72 -48.35 -0.94
N PRO C 366 2.71 -48.54 -1.82
CA PRO C 366 3.29 -47.37 -2.50
C PRO C 366 2.28 -46.59 -3.33
N THR C 367 1.29 -47.27 -3.91
CA THR C 367 0.30 -46.59 -4.74
C THR C 367 -0.51 -45.59 -3.92
N ILE C 368 -0.87 -45.95 -2.69
CA ILE C 368 -1.69 -45.07 -1.85
C ILE C 368 -0.97 -43.76 -1.60
N VAL C 369 0.36 -43.77 -1.54
CA VAL C 369 1.11 -42.59 -1.15
C VAL C 369 1.14 -41.54 -2.26
N VAL C 370 0.98 -41.94 -3.51
CA VAL C 370 1.16 -41.02 -4.63
C VAL C 370 0.07 -39.95 -4.61
N PRO C 371 -1.22 -40.31 -4.67
CA PRO C 371 -2.25 -39.26 -4.68
C PRO C 371 -2.19 -38.35 -3.47
N ILE C 372 -1.92 -38.92 -2.29
CA ILE C 372 -1.93 -38.11 -1.06
C ILE C 372 -0.78 -37.11 -1.08
N SER C 373 0.41 -37.54 -1.51
CA SER C 373 1.54 -36.63 -1.59
C SER C 373 1.29 -35.53 -2.62
N LEU C 374 0.72 -35.89 -3.77
CA LEU C 374 0.40 -34.87 -4.77
C LEU C 374 -0.62 -33.88 -4.23
N LEU C 375 -1.61 -34.37 -3.47
CA LEU C 375 -2.62 -33.46 -2.93
C LEU C 375 -2.05 -32.56 -1.84
N GLY C 376 -1.13 -33.07 -1.04
CA GLY C 376 -0.43 -32.20 -0.09
C GLY C 376 0.37 -31.13 -0.79
N GLY C 377 1.06 -31.50 -1.88
CA GLY C 377 1.73 -30.50 -2.68
C GLY C 377 0.78 -29.47 -3.25
N PHE C 378 -0.40 -29.92 -3.68
CA PHE C 378 -1.41 -28.99 -4.18
C PHE C 378 -1.85 -28.01 -3.10
N ALA C 379 -2.06 -28.52 -1.89
CA ALA C 379 -2.44 -27.64 -0.78
C ALA C 379 -1.37 -26.60 -0.52
N PHE C 380 -0.10 -27.03 -0.49
CA PHE C 380 0.98 -26.09 -0.25
C PHE C 380 1.07 -25.06 -1.36
N ILE C 381 0.91 -25.50 -2.61
CA ILE C 381 0.98 -24.59 -3.75
C ILE C 381 -0.14 -23.56 -3.69
N SER C 382 -1.34 -24.00 -3.28
CA SER C 382 -2.43 -23.06 -3.09
C SER C 382 -2.11 -22.05 -2.01
N TYR C 383 -1.53 -22.50 -0.90
CA TYR C 383 -1.18 -21.59 0.19
C TYR C 383 -0.15 -20.55 -0.23
N MET C 384 0.67 -20.87 -1.25
CA MET C 384 1.70 -19.96 -1.72
C MET C 384 1.18 -18.96 -2.75
N GLY C 385 -0.10 -19.02 -3.10
CA GLY C 385 -0.66 -18.11 -4.08
C GLY C 385 -0.16 -18.33 -5.49
N MET C 386 -0.01 -19.58 -5.91
CA MET C 386 0.39 -19.92 -7.27
C MET C 386 -0.85 -20.31 -8.08
N SER C 387 -0.61 -20.82 -9.29
CA SER C 387 -1.67 -21.26 -10.18
C SER C 387 -1.37 -22.67 -10.67
N ILE C 388 -2.32 -23.23 -11.40
CA ILE C 388 -2.14 -24.50 -12.08
C ILE C 388 -1.71 -24.18 -13.51
N ASN C 389 -0.45 -24.47 -13.83
CA ASN C 389 0.11 -24.16 -15.14
C ASN C 389 0.93 -25.36 -15.60
N VAL C 390 1.45 -25.26 -16.82
CA VAL C 390 2.14 -26.41 -17.41
C VAL C 390 3.41 -26.75 -16.63
N LEU C 391 4.03 -25.75 -15.98
CA LEU C 391 5.23 -26.03 -15.20
C LEU C 391 4.91 -26.84 -13.95
N THR C 392 3.86 -26.46 -13.23
CA THR C 392 3.49 -27.21 -12.04
C THR C 392 2.99 -28.60 -12.39
N MET C 393 2.28 -28.72 -13.52
CA MET C 393 1.84 -30.04 -13.98
C MET C 393 3.04 -30.90 -14.37
N PHE C 394 4.03 -30.32 -15.04
CA PHE C 394 5.26 -31.05 -15.34
C PHE C 394 5.93 -31.51 -14.07
N ALA C 395 5.99 -30.64 -13.06
CA ALA C 395 6.57 -31.03 -11.79
C ALA C 395 5.83 -32.20 -11.16
N MET C 396 4.50 -32.16 -11.20
CA MET C 396 3.71 -33.28 -10.67
C MET C 396 4.03 -34.57 -11.41
N ILE C 397 4.00 -34.53 -12.74
CA ILE C 397 4.24 -35.73 -13.54
C ILE C 397 5.62 -36.29 -13.24
N LEU C 398 6.61 -35.40 -13.08
CA LEU C 398 7.97 -35.86 -12.77
C LEU C 398 8.03 -36.48 -11.39
N VAL C 399 7.41 -35.83 -10.40
CA VAL C 399 7.55 -36.29 -9.01
C VAL C 399 6.71 -37.52 -8.73
N ILE C 400 5.83 -37.93 -9.65
CA ILE C 400 5.09 -39.17 -9.45
C ILE C 400 6.06 -40.31 -9.20
N GLY C 401 7.14 -40.38 -9.96
CA GLY C 401 8.12 -41.44 -9.82
C GLY C 401 9.09 -41.26 -8.67
N ILE C 402 9.02 -40.16 -7.94
CA ILE C 402 9.92 -39.88 -6.84
C ILE C 402 9.27 -40.16 -5.49
N VAL C 403 7.99 -39.83 -5.34
CA VAL C 403 7.33 -40.02 -4.05
C VAL C 403 7.31 -41.49 -3.68
N VAL C 404 7.29 -42.38 -4.66
CA VAL C 404 7.23 -43.81 -4.39
C VAL C 404 8.54 -44.36 -3.83
N ASP C 405 9.61 -43.56 -3.83
CA ASP C 405 10.93 -44.09 -3.48
C ASP C 405 10.98 -44.53 -2.02
N ASP C 406 10.53 -43.68 -1.11
CA ASP C 406 10.59 -44.03 0.31
C ASP C 406 9.68 -45.21 0.62
N ALA C 407 8.46 -45.18 0.10
CA ALA C 407 7.53 -46.30 0.30
C ALA C 407 8.09 -47.57 -0.33
N ILE C 408 8.71 -47.44 -1.50
CA ILE C 408 9.30 -48.61 -2.16
C ILE C 408 10.40 -49.19 -1.29
N VAL C 409 11.24 -48.34 -0.71
CA VAL C 409 12.33 -48.82 0.14
C VAL C 409 11.77 -49.55 1.34
N VAL C 410 10.77 -48.97 1.99
CA VAL C 410 10.19 -49.59 3.18
C VAL C 410 9.56 -50.93 2.84
N VAL C 411 8.78 -50.99 1.76
CA VAL C 411 8.10 -52.22 1.40
C VAL C 411 9.12 -53.28 0.99
N GLU C 412 10.15 -52.88 0.25
CA GLU C 412 11.17 -53.85 -0.18
C GLU C 412 11.87 -54.45 1.03
N ASN C 413 12.25 -53.61 2.00
CA ASN C 413 12.91 -54.14 3.18
C ASN C 413 11.99 -55.07 3.96
N VAL C 414 10.72 -54.69 4.13
CA VAL C 414 9.78 -55.52 4.87
C VAL C 414 9.60 -56.86 4.19
N GLU C 415 9.43 -56.85 2.86
CA GLU C 415 9.27 -58.09 2.11
C GLU C 415 10.51 -58.97 2.23
N ARG C 416 11.69 -58.36 2.12
CA ARG C 416 12.92 -59.13 2.23
C ARG C 416 13.03 -59.79 3.61
N ILE C 417 12.71 -59.05 4.67
CA ILE C 417 12.79 -59.62 6.01
C ILE C 417 11.77 -60.74 6.18
N MET C 418 10.55 -60.55 5.68
CA MET C 418 9.55 -61.62 5.79
C MET C 418 10.00 -62.87 5.04
N ALA C 419 10.56 -62.70 3.84
CA ALA C 419 11.01 -63.86 3.07
C ALA C 419 12.18 -64.56 3.75
N GLY C 420 13.10 -63.79 4.32
CA GLY C 420 14.27 -64.37 4.95
C GLY C 420 14.03 -64.97 6.32
N GLU C 421 13.67 -64.14 7.29
CA GLU C 421 13.47 -64.61 8.66
C GLU C 421 12.09 -65.21 8.88
N GLY C 422 11.14 -64.99 7.99
CA GLY C 422 9.80 -65.53 8.17
C GLY C 422 9.09 -64.98 9.38
N LEU C 423 9.22 -63.67 9.62
CA LEU C 423 8.61 -63.05 10.78
C LEU C 423 7.16 -62.71 10.48
N PRO C 424 6.35 -62.43 11.52
CA PRO C 424 4.99 -61.97 11.24
C PRO C 424 5.05 -60.58 10.63
N PRO C 425 4.01 -60.15 9.92
CA PRO C 425 4.15 -58.85 9.26
C PRO C 425 4.46 -57.69 10.20
N LYS C 426 3.83 -57.62 11.36
CA LYS C 426 4.06 -56.54 12.32
C LYS C 426 5.47 -56.54 12.89
N GLU C 427 5.98 -57.72 13.23
CA GLU C 427 7.35 -57.84 13.75
C GLU C 427 8.35 -57.46 12.67
N ALA C 428 8.10 -57.87 11.44
CA ALA C 428 8.97 -57.52 10.33
C ALA C 428 9.00 -56.04 10.09
N THR C 429 7.87 -55.37 10.23
CA THR C 429 7.80 -53.93 10.02
C THR C 429 8.65 -53.17 11.01
N LYS C 430 8.66 -53.59 12.27
CA LYS C 430 9.42 -52.87 13.29
C LYS C 430 10.91 -53.01 13.02
N LYS C 431 11.36 -54.19 12.62
CA LYS C 431 12.76 -54.40 12.29
C LYS C 431 13.16 -53.60 11.06
N ALA C 432 12.34 -53.64 10.02
CA ALA C 432 12.66 -52.92 8.79
C ALA C 432 12.77 -51.42 9.04
N MET C 433 11.82 -50.86 9.79
CA MET C 433 11.86 -49.43 10.06
C MET C 433 13.14 -49.07 10.81
N GLY C 434 13.48 -49.86 11.82
CA GLY C 434 14.75 -49.62 12.50
C GLY C 434 15.93 -49.67 11.55
N GLN C 435 15.85 -50.54 10.55
CA GLN C 435 16.98 -50.72 9.64
C GLN C 435 17.13 -49.57 8.64
N ILE C 436 16.03 -49.01 8.15
CA ILE C 436 16.11 -48.08 7.01
C ILE C 436 15.59 -46.69 7.33
N SER C 437 15.37 -46.37 8.61
CA SER C 437 15.00 -44.98 8.93
C SER C 437 16.06 -44.00 8.44
N GLY C 438 17.34 -44.33 8.66
CA GLY C 438 18.40 -43.45 8.20
C GLY C 438 18.43 -43.28 6.69
N ALA C 439 18.21 -44.38 5.96
CA ALA C 439 18.16 -44.29 4.51
C ALA C 439 17.04 -43.37 4.05
N VAL C 440 15.85 -43.52 4.65
CA VAL C 440 14.74 -42.65 4.27
C VAL C 440 15.09 -41.19 4.55
N ILE C 441 15.68 -40.93 5.72
CA ILE C 441 16.01 -39.56 6.08
C ILE C 441 17.02 -38.97 5.09
N GLY C 442 18.04 -39.75 4.74
CA GLY C 442 19.05 -39.25 3.82
C GLY C 442 18.50 -38.97 2.42
N ILE C 443 17.66 -39.87 1.91
CA ILE C 443 17.04 -39.65 0.61
C ILE C 443 16.23 -38.36 0.63
N THR C 444 15.38 -38.21 1.65
CA THR C 444 14.57 -37.00 1.74
C THR C 444 15.46 -35.76 1.83
N ALA C 445 16.52 -35.83 2.62
CA ALA C 445 17.38 -34.68 2.82
C ALA C 445 18.00 -34.23 1.50
N VAL C 446 18.61 -35.16 0.76
CA VAL C 446 19.26 -34.78 -0.49
C VAL C 446 18.23 -34.23 -1.47
N LEU C 447 17.10 -34.92 -1.61
CA LEU C 447 16.12 -34.50 -2.62
C LEU C 447 15.56 -33.14 -2.31
N ILE C 448 15.30 -32.84 -1.03
CA ILE C 448 14.79 -31.52 -0.68
C ILE C 448 15.86 -30.46 -0.86
N SER C 449 17.09 -30.75 -0.43
CA SER C 449 18.14 -29.74 -0.44
C SER C 449 18.51 -29.33 -1.85
N VAL C 450 18.44 -30.25 -2.81
CA VAL C 450 18.83 -29.86 -4.17
C VAL C 450 17.85 -28.82 -4.72
N PHE C 451 16.58 -28.87 -4.33
CA PHE C 451 15.56 -27.99 -4.90
C PHE C 451 15.46 -26.65 -4.20
N VAL C 452 16.12 -26.45 -3.06
CA VAL C 452 16.02 -25.18 -2.34
C VAL C 452 16.56 -24.02 -3.16
N PRO C 453 17.76 -24.10 -3.76
CA PRO C 453 18.27 -22.93 -4.50
C PRO C 453 17.40 -22.50 -5.67
N LEU C 454 16.63 -23.41 -6.28
CA LEU C 454 15.81 -23.02 -7.42
C LEU C 454 14.83 -21.91 -7.05
N ALA C 455 14.38 -21.88 -5.80
CA ALA C 455 13.42 -20.88 -5.33
C ALA C 455 14.11 -19.63 -4.78
N MET C 456 15.33 -19.35 -5.21
CA MET C 456 16.10 -18.21 -4.70
C MET C 456 16.65 -17.38 -5.85
N PHE C 457 15.87 -17.20 -6.89
CA PHE C 457 16.24 -16.39 -8.04
C PHE C 457 15.09 -15.49 -8.44
N SER C 458 15.41 -14.42 -9.15
CA SER C 458 14.43 -13.42 -9.56
C SER C 458 14.33 -13.39 -11.09
N GLY C 459 13.29 -12.73 -11.57
CA GLY C 459 13.03 -12.63 -12.99
C GLY C 459 12.07 -13.70 -13.48
N ALA C 460 11.85 -13.69 -14.79
CA ALA C 460 10.96 -14.68 -15.40
C ALA C 460 11.46 -16.09 -15.16
N ALA C 461 12.74 -16.33 -15.48
CA ALA C 461 13.32 -17.64 -15.20
C ALA C 461 13.29 -17.94 -13.71
N GLY C 462 13.54 -16.93 -12.88
CA GLY C 462 13.45 -17.14 -11.45
C GLY C 462 12.06 -17.55 -11.01
N ASN C 463 11.03 -16.93 -11.58
CA ASN C 463 9.67 -17.29 -11.21
C ASN C 463 9.34 -18.72 -11.64
N ILE C 464 9.75 -19.11 -12.84
CA ILE C 464 9.50 -20.48 -13.31
C ILE C 464 10.22 -21.48 -12.41
N TYR C 465 11.48 -21.19 -12.08
CA TYR C 465 12.24 -22.04 -11.19
C TYR C 465 11.54 -22.16 -9.84
N LYS C 466 11.07 -21.04 -9.31
CA LYS C 466 10.43 -21.04 -8.00
C LYS C 466 9.20 -21.93 -7.99
N GLN C 467 8.34 -21.78 -9.00
CA GLN C 467 7.14 -22.61 -9.06
C GLN C 467 7.51 -24.08 -9.10
N PHE C 468 8.39 -24.46 -10.02
CA PHE C 468 8.76 -25.87 -10.17
C PHE C 468 9.34 -26.42 -8.88
N ALA C 469 10.27 -25.67 -8.27
CA ALA C 469 10.98 -26.14 -7.10
C ALA C 469 10.05 -26.30 -5.91
N LEU C 470 9.18 -25.31 -5.67
CA LEU C 470 8.28 -25.41 -4.53
C LEU C 470 7.32 -26.59 -4.70
N THR C 471 6.79 -26.78 -5.91
CA THR C 471 5.93 -27.94 -6.14
C THR C 471 6.67 -29.24 -5.79
N MET C 472 7.86 -29.42 -6.37
CA MET C 472 8.59 -30.68 -6.17
C MET C 472 8.92 -30.87 -4.69
N ALA C 473 9.40 -29.82 -4.03
CA ALA C 473 9.83 -29.95 -2.65
C ALA C 473 8.68 -30.27 -1.73
N SER C 474 7.54 -29.60 -1.90
CA SER C 474 6.39 -29.90 -1.06
C SER C 474 5.93 -31.34 -1.26
N SER C 475 5.86 -31.79 -2.51
CA SER C 475 5.45 -33.17 -2.75
C SER C 475 6.41 -34.16 -2.10
N ILE C 476 7.71 -33.91 -2.22
CA ILE C 476 8.70 -34.83 -1.67
C ILE C 476 8.62 -34.86 -0.14
N ALA C 477 8.46 -33.70 0.48
CA ALA C 477 8.36 -33.66 1.94
C ALA C 477 7.14 -34.43 2.42
N PHE C 478 6.00 -34.22 1.77
CA PHE C 478 4.81 -34.97 2.16
C PHE C 478 5.01 -36.47 1.95
N SER C 479 5.67 -36.85 0.85
CA SER C 479 5.92 -38.26 0.61
C SER C 479 6.77 -38.86 1.72
N ALA C 480 7.79 -38.14 2.17
CA ALA C 480 8.61 -38.63 3.27
C ALA C 480 7.77 -38.80 4.54
N PHE C 481 6.95 -37.80 4.86
CA PHE C 481 6.13 -37.89 6.06
C PHE C 481 5.21 -39.10 6.01
N LEU C 482 4.56 -39.33 4.87
CA LEU C 482 3.74 -40.54 4.72
C LEU C 482 4.58 -41.80 4.84
N ALA C 483 5.79 -41.80 4.28
CA ALA C 483 6.62 -42.99 4.35
C ALA C 483 6.95 -43.36 5.79
N LEU C 484 7.06 -42.37 6.68
CA LEU C 484 7.38 -42.66 8.07
C LEU C 484 6.15 -42.92 8.94
N THR C 485 4.94 -42.64 8.46
CA THR C 485 3.74 -42.78 9.29
C THR C 485 2.76 -43.82 8.75
N LEU C 486 2.30 -43.67 7.52
CA LEU C 486 1.22 -44.52 7.02
C LEU C 486 1.74 -45.84 6.47
N THR C 487 2.87 -45.80 5.77
CA THR C 487 3.41 -47.01 5.16
C THR C 487 3.70 -48.09 6.21
N PRO C 488 4.34 -47.80 7.33
CA PRO C 488 4.53 -48.85 8.35
C PRO C 488 3.23 -49.40 8.89
N ALA C 489 2.21 -48.55 9.07
CA ALA C 489 0.93 -49.04 9.57
C ALA C 489 0.30 -50.00 8.57
N LEU C 490 0.31 -49.65 7.29
CA LEU C 490 -0.22 -50.55 6.27
C LEU C 490 0.58 -51.84 6.21
N CYS C 491 1.91 -51.75 6.33
CA CYS C 491 2.73 -52.95 6.30
C CYS C 491 2.40 -53.87 7.47
N ALA C 492 2.19 -53.29 8.66
CA ALA C 492 1.94 -54.10 9.84
C ALA C 492 0.56 -54.74 9.79
N THR C 493 -0.44 -54.01 9.28
CA THR C 493 -1.82 -54.50 9.33
C THR C 493 -2.24 -55.24 8.07
N MET C 494 -2.18 -54.57 6.93
CA MET C 494 -2.81 -55.09 5.72
C MET C 494 -2.05 -56.28 5.13
N LEU C 495 -0.78 -56.46 5.47
CA LEU C 495 -0.01 -57.58 4.93
C LEU C 495 -0.31 -58.87 5.69
N LYS C 496 -0.21 -59.98 4.98
CA LYS C 496 -0.42 -61.30 5.56
C LYS C 496 0.87 -62.10 5.53
N THR C 497 1.00 -63.03 6.48
CA THR C 497 2.23 -63.79 6.63
C THR C 497 2.40 -64.78 5.48
N ILE C 498 3.65 -65.01 5.12
CA ILE C 498 4.02 -65.98 4.08
C ILE C 498 4.54 -67.24 4.77
N PRO C 499 3.83 -68.37 4.70
CA PRO C 499 4.33 -69.57 5.36
C PRO C 499 5.67 -70.00 4.80
N LYS C 500 6.54 -70.48 5.69
CA LYS C 500 7.86 -70.96 5.28
C LYS C 500 7.73 -72.33 4.63
N GLY C 501 8.59 -72.58 3.65
CA GLY C 501 8.55 -73.81 2.91
C GLY C 501 7.47 -73.89 1.86
N HIS C 502 6.78 -72.78 1.58
CA HIS C 502 5.73 -72.74 0.57
C HIS C 502 5.93 -71.51 -0.31
N HIS C 503 5.03 -71.36 -1.28
CA HIS C 503 4.99 -70.28 -2.26
C HIS C 503 6.29 -70.14 -3.06
N GLU C 504 7.19 -71.11 -2.96
CA GLU C 504 8.41 -71.07 -3.76
C GLU C 504 8.09 -71.41 -5.21
N GLU C 505 8.99 -71.01 -6.11
CA GLU C 505 8.84 -71.28 -7.53
C GLU C 505 7.71 -70.45 -8.12
N LYS C 506 7.80 -70.15 -9.42
CA LYS C 506 6.78 -69.38 -10.10
C LYS C 506 6.77 -69.75 -11.57
N LYS C 507 5.67 -69.46 -12.25
CA LYS C 507 5.49 -69.86 -13.63
C LYS C 507 4.92 -68.69 -14.42
N GLY C 508 5.21 -68.70 -15.73
CA GLY C 508 4.72 -67.67 -16.62
C GLY C 508 5.78 -66.62 -16.91
N PHE C 509 5.32 -65.38 -17.12
CA PHE C 509 6.24 -64.28 -17.35
C PHE C 509 6.96 -63.87 -16.07
N PHE C 510 6.29 -63.97 -14.93
CA PHE C 510 6.90 -63.59 -13.66
C PHE C 510 8.10 -64.47 -13.33
N GLY C 511 8.00 -65.77 -13.59
CA GLY C 511 9.13 -66.65 -13.34
C GLY C 511 10.33 -66.31 -14.21
N TRP C 512 10.07 -66.04 -15.50
CA TRP C 512 11.15 -65.64 -16.39
C TRP C 512 11.81 -64.36 -15.90
N PHE C 513 11.01 -63.36 -15.53
CA PHE C 513 11.59 -62.12 -15.04
C PHE C 513 12.39 -62.34 -13.78
N ASN C 514 11.89 -63.16 -12.86
CA ASN C 514 12.61 -63.41 -11.61
C ASN C 514 13.97 -64.04 -11.89
N LYS C 515 14.00 -65.09 -12.71
CA LYS C 515 15.27 -65.75 -12.98
C LYS C 515 16.24 -64.83 -13.73
N LYS C 516 15.72 -64.07 -14.70
CA LYS C 516 16.57 -63.15 -15.44
C LYS C 516 17.15 -62.08 -14.54
N PHE C 517 16.34 -61.53 -13.63
CA PHE C 517 16.83 -60.54 -12.68
C PHE C 517 17.85 -61.13 -11.73
N ASP C 518 17.68 -62.40 -11.34
CA ASP C 518 18.67 -63.04 -10.48
C ASP C 518 20.01 -63.15 -11.19
N SER C 519 19.98 -63.57 -12.47
CA SER C 519 21.22 -63.66 -13.23
C SER C 519 21.86 -62.28 -13.38
N TRP C 520 21.04 -61.26 -13.63
CA TRP C 520 21.56 -59.90 -13.73
C TRP C 520 22.23 -59.47 -12.43
N THR C 521 21.62 -59.79 -11.29
CA THR C 521 22.21 -59.42 -10.00
C THR C 521 23.53 -60.13 -9.78
N HIS C 522 23.61 -61.41 -10.10
CA HIS C 522 24.85 -62.15 -9.95
C HIS C 522 25.95 -61.53 -10.80
N GLY C 523 25.64 -61.26 -12.07
CA GLY C 523 26.61 -60.61 -12.92
C GLY C 523 27.03 -59.26 -12.38
N TYR C 524 26.07 -58.49 -11.89
CA TYR C 524 26.38 -57.15 -11.39
C TYR C 524 27.35 -57.23 -10.23
N GLU C 525 27.12 -58.15 -9.29
CA GLU C 525 28.02 -58.22 -8.13
C GLU C 525 29.40 -58.70 -8.53
N GLY C 526 29.48 -59.67 -9.45
CA GLY C 526 30.80 -60.08 -9.93
C GLY C 526 31.57 -58.95 -10.56
N ARG C 527 30.91 -58.20 -11.44
CA ARG C 527 31.60 -57.11 -12.13
C ARG C 527 31.91 -55.96 -11.20
N VAL C 528 31.08 -55.69 -10.20
CA VAL C 528 31.41 -54.60 -9.27
C VAL C 528 32.58 -55.01 -8.39
N ALA C 529 32.71 -56.30 -8.06
CA ALA C 529 33.92 -56.76 -7.40
C ALA C 529 35.14 -56.50 -8.26
N LYS C 530 35.09 -56.92 -9.53
CA LYS C 530 36.22 -56.66 -10.42
C LYS C 530 36.51 -55.17 -10.51
N VAL C 531 35.47 -54.34 -10.54
CA VAL C 531 35.64 -52.90 -10.63
C VAL C 531 36.38 -52.38 -9.42
N LEU C 532 35.99 -52.83 -8.24
CA LEU C 532 36.68 -52.38 -7.03
C LEU C 532 38.12 -52.85 -6.99
N ARG C 533 38.43 -53.96 -7.65
CA ARG C 533 39.80 -54.46 -7.62
C ARG C 533 40.77 -53.61 -8.44
N LYS C 534 40.29 -52.69 -9.27
CA LYS C 534 41.08 -51.97 -10.26
C LYS C 534 40.93 -50.46 -10.10
N THR C 535 41.15 -49.98 -8.88
CA THR C 535 40.76 -48.61 -8.52
C THR C 535 41.29 -47.58 -9.52
N PHE C 536 42.59 -47.62 -9.82
CA PHE C 536 43.21 -46.54 -10.59
C PHE C 536 42.64 -46.46 -11.99
N ARG C 537 42.55 -47.59 -12.69
CA ARG C 537 42.03 -47.58 -14.04
C ARG C 537 40.60 -47.07 -14.07
N MET C 538 39.78 -47.48 -13.11
CA MET C 538 38.40 -47.04 -13.09
C MET C 538 38.28 -45.56 -12.77
N MET C 539 39.18 -45.02 -11.94
CA MET C 539 39.15 -43.58 -11.69
C MET C 539 39.55 -42.79 -12.93
N VAL C 540 40.54 -43.26 -13.70
CA VAL C 540 40.89 -42.54 -14.91
C VAL C 540 39.74 -42.63 -15.92
N VAL C 541 39.05 -43.78 -15.97
CA VAL C 541 37.89 -43.90 -16.84
C VAL C 541 36.79 -42.94 -16.39
N TYR C 542 36.60 -42.80 -15.07
CA TYR C 542 35.61 -41.86 -14.57
C TYR C 542 35.95 -40.43 -14.94
N ILE C 543 37.22 -40.05 -14.84
CA ILE C 543 37.64 -38.71 -15.24
C ILE C 543 37.38 -38.50 -16.73
N GLY C 544 37.66 -39.51 -17.54
CA GLY C 544 37.35 -39.40 -18.96
C GLY C 544 35.87 -39.17 -19.21
N LEU C 545 35.02 -39.93 -18.52
CA LEU C 545 33.58 -39.75 -18.67
C LEU C 545 33.16 -38.35 -18.26
N ALA C 546 33.69 -37.85 -17.15
CA ALA C 546 33.28 -36.53 -16.66
C ALA C 546 33.71 -35.44 -17.64
N VAL C 547 34.92 -35.53 -18.18
CA VAL C 547 35.37 -34.51 -19.12
C VAL C 547 34.55 -34.58 -20.40
N VAL C 548 34.23 -35.78 -20.87
CA VAL C 548 33.41 -35.91 -22.06
C VAL C 548 32.02 -35.34 -21.81
N GLY C 549 31.48 -35.54 -20.61
CA GLY C 549 30.18 -34.97 -20.29
C GLY C 549 30.19 -33.45 -20.30
N VAL C 550 31.22 -32.85 -19.69
CA VAL C 550 31.32 -31.39 -19.71
C VAL C 550 31.48 -30.89 -21.14
N PHE C 551 32.29 -31.61 -21.93
CA PHE C 551 32.51 -31.23 -23.32
C PHE C 551 31.19 -31.23 -24.10
N LEU C 552 30.40 -32.29 -23.94
CA LEU C 552 29.12 -32.36 -24.62
C LEU C 552 28.18 -31.27 -24.14
N PHE C 553 28.20 -30.98 -22.84
CA PHE C 553 27.32 -29.95 -22.29
C PHE C 553 27.64 -28.58 -22.90
N MET C 554 28.93 -28.24 -23.02
CA MET C 554 29.29 -26.91 -23.46
C MET C 554 29.03 -26.67 -24.94
N ARG C 555 28.99 -27.73 -25.76
CA ARG C 555 28.67 -27.60 -27.18
C ARG C 555 27.17 -27.64 -27.45
N LEU C 556 26.38 -27.46 -26.43
CA LEU C 556 24.94 -27.64 -26.56
C LEU C 556 24.28 -26.28 -26.79
N PRO C 557 23.45 -26.11 -27.81
CA PRO C 557 22.85 -24.80 -28.06
C PRO C 557 22.00 -24.33 -26.88
N THR C 558 22.01 -23.02 -26.67
CA THR C 558 21.25 -22.39 -25.60
C THR C 558 19.99 -21.74 -26.16
N SER C 559 18.99 -21.59 -25.29
CA SER C 559 17.72 -20.97 -25.66
C SER C 559 16.97 -20.63 -24.39
N PHE C 560 15.72 -20.19 -24.54
CA PHE C 560 14.86 -19.85 -23.41
C PHE C 560 13.67 -20.80 -23.32
N LEU C 561 12.86 -20.88 -24.36
CA LEU C 561 11.74 -21.81 -24.42
C LEU C 561 11.58 -22.29 -25.86
N PRO C 562 11.11 -23.52 -26.05
CA PRO C 562 10.91 -24.01 -27.42
C PRO C 562 9.70 -23.37 -28.08
N THR C 563 9.71 -23.41 -29.42
CA THR C 563 8.58 -22.93 -30.18
C THR C 563 7.38 -23.86 -30.03
N GLU C 564 6.20 -23.29 -30.04
CA GLU C 564 4.96 -24.04 -29.84
C GLU C 564 3.94 -23.63 -30.89
N ASP C 565 3.04 -24.56 -31.20
CA ASP C 565 1.92 -24.31 -32.10
C ASP C 565 0.74 -23.87 -31.24
N GLN C 566 0.53 -22.56 -31.14
CA GLN C 566 -0.54 -22.01 -30.33
C GLN C 566 -1.82 -21.77 -31.10
N GLY C 567 -1.84 -22.06 -32.40
CA GLY C 567 -3.06 -22.04 -33.17
C GLY C 567 -3.30 -20.82 -34.02
N PHE C 568 -2.35 -19.89 -34.09
CA PHE C 568 -2.54 -18.71 -34.92
C PHE C 568 -1.18 -18.17 -35.34
N VAL C 569 -1.20 -17.30 -36.35
CA VAL C 569 -0.01 -16.71 -36.93
C VAL C 569 -0.19 -15.20 -36.94
N MET C 570 0.89 -14.48 -36.68
CA MET C 570 0.90 -13.01 -36.72
C MET C 570 1.39 -12.54 -38.08
N VAL C 571 0.70 -11.53 -38.63
CA VAL C 571 1.03 -10.99 -39.94
C VAL C 571 1.25 -9.49 -39.82
N SER C 572 2.36 -9.01 -40.37
CA SER C 572 2.69 -7.59 -40.38
C SER C 572 2.74 -7.12 -41.83
N VAL C 573 2.27 -5.89 -42.06
CA VAL C 573 2.26 -5.30 -43.40
C VAL C 573 2.76 -3.87 -43.30
N GLN C 574 3.68 -3.49 -44.19
CA GLN C 574 4.19 -2.13 -44.24
C GLN C 574 4.34 -1.70 -45.68
N LEU C 575 3.86 -0.49 -45.98
CA LEU C 575 4.00 0.12 -47.30
C LEU C 575 4.99 1.28 -47.24
N PRO C 576 5.46 1.75 -48.39
CA PRO C 576 6.45 2.84 -48.38
C PRO C 576 5.92 4.08 -47.69
N ALA C 577 6.83 4.82 -47.08
CA ALA C 577 6.45 6.02 -46.34
C ALA C 577 5.73 7.00 -47.25
N GLY C 578 4.65 7.59 -46.74
CA GLY C 578 3.85 8.52 -47.50
C GLY C 578 2.69 7.91 -48.23
N ALA C 579 2.44 6.61 -48.05
CA ALA C 579 1.33 5.94 -48.71
C ALA C 579 0.02 6.17 -47.96
N THR C 580 -1.08 6.05 -48.68
CA THR C 580 -2.40 6.33 -48.14
C THR C 580 -3.03 5.05 -47.59
N LYS C 581 -4.24 5.20 -47.04
CA LYS C 581 -4.97 4.06 -46.51
C LYS C 581 -5.58 3.20 -47.61
N GLU C 582 -5.89 3.80 -48.76
CA GLU C 582 -6.47 3.03 -49.87
C GLU C 582 -5.49 1.99 -50.38
N ARG C 583 -4.21 2.37 -50.54
CA ARG C 583 -3.20 1.43 -51.00
C ARG C 583 -2.99 0.32 -49.98
N THR C 584 -2.97 0.67 -48.69
CA THR C 584 -2.84 -0.35 -47.66
C THR C 584 -4.02 -1.31 -47.69
N ASP C 585 -5.22 -0.79 -47.94
CA ASP C 585 -6.39 -1.65 -48.04
C ASP C 585 -6.28 -2.59 -49.23
N ALA C 586 -5.79 -2.10 -50.37
CA ALA C 586 -5.57 -2.98 -51.51
C ALA C 586 -4.59 -4.09 -51.19
N THR C 587 -3.48 -3.74 -50.52
CA THR C 587 -2.50 -4.74 -50.13
C THR C 587 -3.11 -5.75 -49.16
N LEU C 588 -3.92 -5.27 -48.22
CA LEU C 588 -4.55 -6.17 -47.25
C LEU C 588 -5.54 -7.11 -47.92
N ALA C 589 -6.27 -6.63 -48.92
CA ALA C 589 -7.17 -7.50 -49.68
C ALA C 589 -6.38 -8.59 -50.40
N GLN C 590 -5.25 -8.22 -51.01
CA GLN C 590 -4.39 -9.21 -51.64
C GLN C 590 -3.91 -10.25 -50.62
N VAL C 591 -3.49 -9.78 -49.44
CA VAL C 591 -3.02 -10.68 -48.40
C VAL C 591 -4.15 -11.61 -47.95
N THR C 592 -5.38 -11.12 -47.88
CA THR C 592 -6.51 -11.94 -47.45
C THR C 592 -6.75 -13.10 -48.41
N GLN C 593 -6.62 -12.86 -49.71
CA GLN C 593 -6.79 -13.92 -50.69
C GLN C 593 -5.77 -15.03 -50.57
N LEU C 594 -4.52 -14.66 -50.31
CA LEU C 594 -3.46 -15.65 -50.15
C LEU C 594 -3.72 -16.53 -48.95
N ALA C 595 -4.17 -15.94 -47.85
CA ALA C 595 -4.48 -16.71 -46.65
C ALA C 595 -5.61 -17.67 -46.92
N LYS C 596 -6.60 -17.23 -47.68
CA LYS C 596 -7.73 -18.09 -48.01
C LYS C 596 -7.25 -19.29 -48.79
N SER C 597 -6.28 -19.10 -49.67
CA SER C 597 -5.76 -20.19 -50.47
C SER C 597 -5.14 -21.27 -49.60
N ILE C 598 -4.44 -20.89 -48.53
CA ILE C 598 -3.85 -21.87 -47.62
C ILE C 598 -5.04 -22.56 -46.94
N PRO C 599 -5.11 -23.91 -46.97
CA PRO C 599 -6.28 -24.62 -46.43
C PRO C 599 -6.24 -24.80 -44.91
N GLU C 600 -5.12 -24.52 -44.28
CA GLU C 600 -4.94 -24.68 -42.85
C GLU C 600 -5.44 -23.49 -42.03
N ILE C 601 -5.89 -22.42 -42.68
CA ILE C 601 -6.31 -21.20 -42.00
C ILE C 601 -7.82 -21.15 -41.93
N GLU C 602 -8.36 -20.94 -40.74
CA GLU C 602 -9.80 -20.88 -40.52
C GLU C 602 -10.34 -19.47 -40.75
N ASN C 603 -9.82 -18.50 -40.00
CA ASN C 603 -10.24 -17.10 -40.11
C ASN C 603 -9.01 -16.19 -40.18
N ILE C 604 -9.20 -15.02 -40.78
CA ILE C 604 -8.19 -13.99 -40.87
C ILE C 604 -8.80 -12.67 -40.43
N ILE C 605 -8.11 -11.97 -39.54
CA ILE C 605 -8.53 -10.64 -39.09
C ILE C 605 -7.41 -9.67 -39.45
N THR C 606 -7.75 -8.62 -40.18
CA THR C 606 -6.80 -7.59 -40.57
C THR C 606 -7.25 -6.24 -40.03
N VAL C 607 -6.28 -5.46 -39.56
CA VAL C 607 -6.53 -4.13 -39.01
C VAL C 607 -5.70 -3.13 -39.80
N SER C 608 -6.35 -2.10 -40.32
CA SER C 608 -5.67 -1.05 -41.07
C SER C 608 -5.37 0.14 -40.16
N GLY C 609 -4.21 0.74 -40.34
CA GLY C 609 -3.84 1.93 -39.62
C GLY C 609 -3.23 1.71 -38.26
N PHE C 610 -3.08 0.47 -37.83
CA PHE C 610 -2.51 0.16 -36.53
C PHE C 610 -1.61 -1.05 -36.66
N SER C 611 -0.46 -1.00 -36.00
CA SER C 611 0.48 -2.12 -35.96
C SER C 611 1.14 -2.14 -34.59
N PHE C 612 1.67 -3.30 -34.23
CA PHE C 612 2.43 -3.37 -32.98
C PHE C 612 3.73 -2.58 -33.10
N SER C 613 4.28 -2.45 -34.29
CA SER C 613 5.45 -1.62 -34.54
C SER C 613 5.04 -0.25 -35.06
N GLY C 614 4.20 0.44 -34.30
CA GLY C 614 3.80 1.79 -34.61
C GLY C 614 2.51 1.85 -35.41
N SER C 615 1.95 3.07 -35.49
CA SER C 615 0.71 3.33 -36.18
C SER C 615 0.92 4.35 -37.29
N GLY C 616 0.01 4.35 -38.25
CA GLY C 616 0.08 5.24 -39.39
C GLY C 616 -0.76 4.74 -40.52
N GLN C 617 -0.93 5.61 -41.51
CA GLN C 617 -1.77 5.27 -42.66
C GLN C 617 -1.20 4.12 -43.48
N ASN C 618 0.09 3.83 -43.33
CA ASN C 618 0.74 2.78 -44.11
C ASN C 618 1.05 1.53 -43.28
N MET C 619 0.47 1.41 -42.09
CA MET C 619 0.71 0.28 -41.21
C MET C 619 -0.54 -0.59 -41.13
N ALA C 620 -0.34 -1.89 -40.97
CA ALA C 620 -1.45 -2.83 -40.89
C ALA C 620 -1.01 -4.09 -40.17
N MET C 621 -1.99 -4.85 -39.72
CA MET C 621 -1.78 -6.11 -39.00
C MET C 621 -2.61 -7.21 -39.62
N GLY C 622 -2.42 -8.41 -39.07
CA GLY C 622 -3.24 -9.55 -39.44
C GLY C 622 -3.18 -10.60 -38.36
N PHE C 623 -4.30 -11.29 -38.15
CA PHE C 623 -4.39 -12.41 -37.24
C PHE C 623 -4.92 -13.60 -38.02
N ALA C 624 -4.05 -14.55 -38.33
CA ALA C 624 -4.42 -15.74 -39.09
C ALA C 624 -4.65 -16.89 -38.10
N ILE C 625 -5.91 -17.19 -37.84
CA ILE C 625 -6.27 -18.25 -36.91
C ILE C 625 -6.38 -19.55 -37.69
N LEU C 626 -5.71 -20.58 -37.20
CA LEU C 626 -5.65 -21.88 -37.88
C LEU C 626 -6.78 -22.78 -37.38
N LYS C 627 -7.00 -23.87 -38.10
CA LYS C 627 -8.02 -24.82 -37.73
C LYS C 627 -7.63 -25.51 -36.43
N ASP C 628 -8.52 -26.36 -35.93
CA ASP C 628 -8.28 -27.06 -34.68
C ASP C 628 -7.06 -27.98 -34.82
N TRP C 629 -6.37 -28.19 -33.70
CA TRP C 629 -5.12 -28.94 -33.74
C TRP C 629 -5.32 -30.35 -34.28
N ASN C 630 -6.44 -30.98 -33.92
CA ASN C 630 -6.68 -32.36 -34.35
C ASN C 630 -6.70 -32.48 -35.88
N GLU C 631 -7.09 -31.41 -36.58
CA GLU C 631 -7.25 -31.44 -38.02
C GLU C 631 -5.98 -31.01 -38.76
N ARG C 632 -4.89 -30.79 -38.05
CA ARG C 632 -3.65 -30.24 -38.62
C ARG C 632 -2.46 -31.08 -38.21
N THR C 633 -2.58 -32.39 -38.39
CA THR C 633 -1.52 -33.32 -37.99
C THR C 633 -1.00 -34.10 -39.19
N ALA C 634 -0.74 -33.41 -40.30
CA ALA C 634 -0.39 -34.05 -41.56
C ALA C 634 0.88 -33.47 -42.16
N SER C 635 1.91 -33.29 -41.33
CA SER C 635 3.27 -33.04 -41.81
C SER C 635 3.31 -31.86 -42.79
N GLY C 636 3.02 -30.68 -42.26
CA GLY C 636 2.98 -29.47 -43.05
C GLY C 636 1.84 -28.55 -42.64
N SER C 637 1.12 -28.93 -41.60
CA SER C 637 -0.01 -28.15 -41.10
C SER C 637 0.32 -27.44 -39.79
N ASP C 638 1.58 -27.43 -39.38
CA ASP C 638 1.97 -26.77 -38.15
C ASP C 638 2.16 -25.27 -38.37
N ALA C 639 2.24 -24.53 -37.26
CA ALA C 639 2.23 -23.08 -37.34
C ALA C 639 3.41 -22.55 -38.13
N VAL C 640 4.61 -23.09 -37.91
CA VAL C 640 5.80 -22.56 -38.57
C VAL C 640 5.75 -22.83 -40.07
N ALA C 641 5.27 -24.00 -40.47
CA ALA C 641 5.17 -24.31 -41.90
C ALA C 641 4.18 -23.37 -42.58
N VAL C 642 3.04 -23.12 -41.95
CA VAL C 642 2.04 -22.22 -42.51
C VAL C 642 2.60 -20.80 -42.58
N ALA C 643 3.33 -20.39 -41.55
CA ALA C 643 3.98 -19.08 -41.57
C ALA C 643 4.93 -18.96 -42.76
N GLY C 644 5.75 -19.98 -42.97
CA GLY C 644 6.68 -19.93 -44.09
C GLY C 644 5.97 -19.89 -45.43
N LYS C 645 4.92 -20.70 -45.59
CA LYS C 645 4.16 -20.70 -46.83
C LYS C 645 3.60 -19.32 -47.11
N LEU C 646 2.93 -18.72 -46.11
CA LEU C 646 2.31 -17.42 -46.32
C LEU C 646 3.36 -16.35 -46.59
N THR C 647 4.49 -16.40 -45.89
CA THR C 647 5.53 -15.40 -46.11
C THR C 647 6.09 -15.50 -47.53
N GLY C 648 6.31 -16.72 -48.01
CA GLY C 648 6.77 -16.88 -49.37
C GLY C 648 5.76 -16.37 -50.38
N MET C 649 4.48 -16.71 -50.17
CA MET C 649 3.44 -16.23 -51.07
C MET C 649 3.40 -14.70 -51.11
N MET C 650 3.52 -14.07 -49.95
CA MET C 650 3.51 -12.61 -49.90
C MET C 650 4.72 -12.02 -50.61
N MET C 651 5.92 -12.52 -50.29
CA MET C 651 7.13 -11.98 -50.91
C MET C 651 7.15 -12.22 -52.42
N GLY C 652 6.37 -13.17 -52.91
CA GLY C 652 6.29 -13.37 -54.34
C GLY C 652 5.20 -12.58 -55.03
N THR C 653 4.10 -12.32 -54.33
CA THR C 653 2.90 -11.75 -54.94
C THR C 653 2.72 -10.26 -54.66
N LEU C 654 3.01 -9.82 -53.44
CA LEU C 654 2.67 -8.45 -53.06
C LEU C 654 3.54 -7.44 -53.80
N LYS C 655 2.89 -6.44 -54.36
CA LYS C 655 3.52 -5.20 -54.79
C LYS C 655 3.01 -4.07 -53.90
N ASP C 656 3.75 -2.96 -53.90
CA ASP C 656 3.44 -1.77 -53.13
C ASP C 656 3.84 -1.90 -51.66
N GLY C 657 4.37 -3.05 -51.24
CA GLY C 657 4.78 -3.20 -49.86
C GLY C 657 5.27 -4.60 -49.59
N PHE C 658 5.50 -4.89 -48.32
CA PHE C 658 5.95 -6.21 -47.89
C PHE C 658 5.16 -6.64 -46.67
N GLY C 659 5.09 -7.95 -46.49
CA GLY C 659 4.45 -8.52 -45.31
C GLY C 659 5.15 -9.79 -44.89
N ILE C 660 5.11 -10.04 -43.58
CA ILE C 660 5.77 -11.19 -42.98
C ILE C 660 4.80 -11.85 -42.00
N ALA C 661 4.93 -13.16 -41.84
CA ALA C 661 3.93 -13.99 -41.18
C ALA C 661 4.55 -14.88 -40.12
N VAL C 662 5.38 -14.31 -39.24
CA VAL C 662 6.03 -15.08 -38.18
C VAL C 662 4.99 -15.64 -37.21
N VAL C 663 5.42 -16.57 -36.35
CA VAL C 663 4.57 -17.15 -35.31
C VAL C 663 4.78 -16.37 -34.03
N PRO C 664 3.82 -16.39 -33.09
CA PRO C 664 3.96 -15.60 -31.86
C PRO C 664 5.06 -16.16 -30.97
N PRO C 665 5.57 -15.37 -30.04
CA PRO C 665 6.59 -15.86 -29.12
C PRO C 665 5.99 -16.75 -28.05
N PRO C 666 6.81 -17.55 -27.35
CA PRO C 666 6.24 -18.49 -26.38
C PRO C 666 5.39 -17.84 -25.30
N ILE C 667 5.79 -16.67 -24.81
CA ILE C 667 5.05 -15.94 -23.79
C ILE C 667 4.73 -14.57 -24.33
N LEU C 668 3.43 -14.28 -24.49
CA LEU C 668 3.03 -13.00 -25.07
C LEU C 668 3.26 -11.85 -24.11
N GLU C 669 3.27 -12.12 -22.80
CA GLU C 669 3.45 -11.06 -21.82
C GLU C 669 4.85 -10.43 -21.89
N LEU C 670 5.84 -11.16 -22.42
CA LEU C 670 7.19 -10.61 -22.47
C LEU C 670 7.35 -9.60 -23.61
N GLY C 671 6.51 -9.67 -24.62
CA GLY C 671 6.58 -8.75 -25.74
C GLY C 671 5.70 -9.20 -26.88
N ASN C 672 5.40 -8.30 -27.81
CA ASN C 672 4.54 -8.61 -28.94
C ASN C 672 5.31 -9.07 -30.17
N GLY C 673 6.65 -9.04 -30.12
CA GLY C 673 7.46 -9.40 -31.27
C GLY C 673 7.95 -10.83 -31.19
N SER C 674 8.15 -11.43 -32.36
CA SER C 674 8.68 -12.78 -32.49
C SER C 674 10.11 -12.72 -32.98
N GLY C 675 11.00 -13.44 -32.31
CA GLY C 675 12.40 -13.42 -32.67
C GLY C 675 13.22 -12.56 -31.72
N LEU C 676 14.25 -11.92 -32.26
CA LEU C 676 15.13 -11.07 -31.47
C LEU C 676 14.76 -9.60 -31.68
N SER C 677 14.74 -8.85 -30.59
CA SER C 677 14.50 -7.41 -30.62
C SER C 677 15.78 -6.70 -30.20
N ILE C 678 16.28 -5.83 -31.06
CA ILE C 678 17.56 -5.15 -30.85
C ILE C 678 17.28 -3.65 -30.71
N ASN C 679 17.81 -3.06 -29.65
CA ASN C 679 17.82 -1.62 -29.46
C ASN C 679 19.24 -1.13 -29.67
N LEU C 680 19.51 -0.49 -30.80
CA LEU C 680 20.83 0.00 -31.12
C LEU C 680 20.97 1.45 -30.66
N GLN C 681 21.86 1.67 -29.70
CA GLN C 681 22.07 2.98 -29.10
C GLN C 681 23.29 3.65 -29.74
N ASP C 682 23.34 4.98 -29.61
CA ASP C 682 24.54 5.75 -29.86
C ASP C 682 24.85 6.60 -28.64
N ARG C 683 26.08 6.48 -28.14
CA ARG C 683 26.49 7.13 -26.90
C ARG C 683 27.44 8.29 -27.14
N ASN C 684 27.49 8.80 -28.37
CA ASN C 684 28.37 9.91 -28.71
C ASN C 684 27.62 11.07 -29.37
N ASN C 685 26.29 11.05 -29.35
CA ASN C 685 25.50 12.13 -29.93
C ASN C 685 25.91 12.37 -31.38
N THR C 686 26.10 11.26 -32.11
CA THR C 686 26.54 11.36 -33.50
C THR C 686 25.50 12.04 -34.37
N GLY C 687 24.23 11.71 -34.18
CA GLY C 687 23.15 12.30 -34.93
C GLY C 687 22.17 11.26 -35.43
N HIS C 688 21.12 11.74 -36.09
CA HIS C 688 20.08 10.86 -36.63
C HIS C 688 20.57 10.12 -37.87
N THR C 689 21.25 10.83 -38.77
CA THR C 689 21.65 10.23 -40.04
C THR C 689 22.70 9.14 -39.83
N ALA C 690 23.66 9.37 -38.94
CA ALA C 690 24.66 8.34 -38.66
C ALA C 690 24.01 7.11 -38.04
N LEU C 691 23.07 7.32 -37.12
CA LEU C 691 22.38 6.19 -36.51
C LEU C 691 21.59 5.41 -37.55
N LEU C 692 20.94 6.10 -38.48
CA LEU C 692 20.20 5.42 -39.53
C LEU C 692 21.14 4.62 -40.43
N ALA C 693 22.27 5.20 -40.79
CA ALA C 693 23.24 4.48 -41.62
C ALA C 693 23.75 3.24 -40.92
N LYS C 694 24.07 3.36 -39.63
CA LYS C 694 24.55 2.21 -38.88
C LYS C 694 23.48 1.13 -38.76
N ARG C 695 22.23 1.54 -38.56
CA ARG C 695 21.15 0.56 -38.48
C ARG C 695 20.97 -0.18 -39.80
N ASN C 696 21.05 0.54 -40.91
CA ASN C 696 20.93 -0.11 -42.21
C ASN C 696 22.10 -1.07 -42.45
N GLU C 697 23.31 -0.67 -42.05
CA GLU C 697 24.45 -1.57 -42.18
C GLU C 697 24.28 -2.81 -41.33
N LEU C 698 23.78 -2.65 -40.11
CA LEU C 698 23.54 -3.80 -39.25
C LEU C 698 22.48 -4.73 -39.83
N ILE C 699 21.44 -4.16 -40.45
CA ILE C 699 20.42 -4.98 -41.10
C ILE C 699 21.04 -5.77 -42.23
N GLN C 700 21.90 -5.14 -43.03
CA GLN C 700 22.54 -5.86 -44.13
C GLN C 700 23.46 -6.96 -43.59
N LYS C 701 24.17 -6.70 -42.49
CA LYS C 701 25.03 -7.73 -41.91
C LYS C 701 24.20 -8.90 -41.40
N MET C 702 23.08 -8.63 -40.72
CA MET C 702 22.21 -9.71 -40.27
C MET C 702 21.69 -10.51 -41.46
N ARG C 703 21.28 -9.84 -42.53
CA ARG C 703 21.07 -10.53 -43.78
C ARG C 703 22.42 -10.94 -44.35
N ALA C 704 22.40 -11.83 -45.33
CA ALA C 704 23.62 -12.35 -45.93
C ALA C 704 24.58 -12.92 -44.89
N SER C 705 24.03 -13.40 -43.77
CA SER C 705 24.81 -14.00 -42.69
C SER C 705 24.63 -15.51 -42.60
N GLY C 706 23.41 -15.99 -42.83
CA GLY C 706 23.08 -17.39 -42.71
C GLY C 706 22.47 -17.77 -41.37
N LEU C 707 22.63 -16.95 -40.36
CA LEU C 707 22.10 -17.23 -39.02
C LEU C 707 20.67 -16.73 -38.84
N PHE C 708 20.15 -15.96 -39.79
CA PHE C 708 18.81 -15.39 -39.71
C PHE C 708 18.03 -15.76 -40.96
N ASP C 709 16.74 -15.99 -40.79
CA ASP C 709 15.87 -16.18 -41.93
C ASP C 709 15.62 -14.83 -42.58
N PRO C 710 16.21 -14.52 -43.73
CA PRO C 710 15.95 -13.21 -44.35
C PRO C 710 14.46 -13.02 -44.58
N SER C 711 14.10 -11.79 -44.93
CA SER C 711 12.73 -11.33 -45.08
C SER C 711 12.09 -11.05 -43.74
N THR C 712 12.72 -11.41 -42.62
CA THR C 712 12.24 -11.08 -41.30
C THR C 712 13.05 -9.98 -40.63
N VAL C 713 14.20 -9.63 -41.21
CA VAL C 713 15.06 -8.57 -40.67
C VAL C 713 14.46 -7.24 -41.13
N ARG C 714 13.75 -6.57 -40.23
CA ARG C 714 13.05 -5.34 -40.56
C ARG C 714 13.31 -4.29 -39.48
N ALA C 715 13.29 -3.02 -39.90
CA ALA C 715 13.42 -1.91 -38.98
C ALA C 715 12.14 -1.75 -38.18
N GLY C 716 12.27 -1.53 -36.87
CA GLY C 716 11.11 -1.52 -36.01
C GLY C 716 10.23 -0.30 -36.17
N GLY C 717 10.84 0.88 -36.31
CA GLY C 717 10.09 2.11 -36.19
C GLY C 717 9.39 2.52 -37.46
N LEU C 718 8.89 3.75 -37.45
CA LEU C 718 8.30 4.34 -38.65
C LEU C 718 9.41 4.94 -39.53
N GLU C 719 9.26 4.75 -40.84
CA GLU C 719 10.26 5.21 -41.78
C GLU C 719 10.16 6.73 -41.99
N ASP C 720 11.31 7.35 -42.21
CA ASP C 720 11.33 8.77 -42.51
C ASP C 720 10.58 9.06 -43.81
N SER C 721 9.77 10.10 -43.79
CA SER C 721 8.89 10.42 -44.91
C SER C 721 9.10 11.87 -45.34
N PRO C 722 8.93 12.16 -46.64
CA PRO C 722 9.00 13.56 -47.09
C PRO C 722 7.90 14.40 -46.46
N GLN C 723 8.22 15.65 -46.20
CA GLN C 723 7.31 16.57 -45.51
C GLN C 723 7.28 17.90 -46.26
N LEU C 724 6.16 18.60 -46.12
CA LEU C 724 5.97 19.89 -46.75
C LEU C 724 6.25 20.99 -45.72
N LYS C 725 7.15 21.90 -46.07
CA LYS C 725 7.65 22.92 -45.16
C LYS C 725 7.22 24.30 -45.64
N ILE C 726 6.70 25.12 -44.72
CA ILE C 726 6.28 26.48 -45.01
C ILE C 726 7.24 27.43 -44.30
N ASP C 727 7.87 28.30 -45.07
CA ASP C 727 8.79 29.29 -44.53
C ASP C 727 8.20 30.67 -44.77
N ILE C 728 7.86 31.37 -43.70
CA ILE C 728 7.17 32.66 -43.77
C ILE C 728 8.20 33.76 -43.71
N ASN C 729 8.08 34.72 -44.63
CA ASN C 729 8.95 35.90 -44.66
C ASN C 729 8.21 37.03 -43.95
N ARG C 730 8.53 37.24 -42.68
CA ARG C 730 7.86 38.27 -41.90
C ARG C 730 8.09 39.66 -42.48
N ALA C 731 9.27 39.89 -43.06
CA ALA C 731 9.51 41.16 -43.73
C ALA C 731 8.52 41.38 -44.87
N ALA C 732 8.29 40.35 -45.67
CA ALA C 732 7.30 40.47 -46.75
C ALA C 732 5.89 40.64 -46.18
N ALA C 733 5.53 39.82 -45.19
CA ALA C 733 4.22 39.94 -44.57
C ALA C 733 3.99 41.35 -44.06
N ALA C 734 5.06 42.03 -43.62
CA ALA C 734 4.94 43.43 -43.22
C ALA C 734 4.83 44.33 -44.45
N ALA C 735 5.60 44.05 -45.48
CA ALA C 735 5.61 44.91 -46.66
C ALA C 735 4.23 44.96 -47.32
N GLN C 736 3.59 43.81 -47.51
CA GLN C 736 2.22 43.81 -48.01
C GLN C 736 1.20 44.12 -46.92
N GLY C 737 1.61 44.21 -45.66
CA GLY C 737 0.70 44.60 -44.61
C GLY C 737 -0.24 43.50 -44.20
N VAL C 738 0.27 42.27 -44.11
CA VAL C 738 -0.48 41.12 -43.64
C VAL C 738 0.18 40.63 -42.35
N SER C 739 -0.62 40.40 -41.32
CA SER C 739 -0.11 40.11 -39.99
C SER C 739 0.15 38.61 -39.84
N PHE C 740 1.07 38.28 -38.92
CA PHE C 740 1.44 36.89 -38.68
C PHE C 740 0.28 36.09 -38.11
N ALA C 741 -0.54 36.71 -37.26
CA ALA C 741 -1.67 35.99 -36.68
C ALA C 741 -2.65 35.55 -37.76
N ASP C 742 -2.86 36.41 -38.76
CA ASP C 742 -3.74 36.05 -39.87
C ASP C 742 -3.18 34.84 -40.62
N ILE C 743 -1.87 34.83 -40.86
CA ILE C 743 -1.26 33.69 -41.55
C ILE C 743 -1.44 32.42 -40.73
N ARG C 744 -1.23 32.52 -39.41
CA ARG C 744 -1.37 31.35 -38.56
C ARG C 744 -2.80 30.81 -38.60
N THR C 745 -3.80 31.69 -38.48
CA THR C 745 -5.18 31.22 -38.48
C THR C 745 -5.54 30.62 -39.83
N ALA C 746 -5.06 31.22 -40.93
CA ALA C 746 -5.33 30.65 -42.25
C ALA C 746 -4.76 29.26 -42.37
N LEU C 747 -3.49 29.08 -41.99
CA LEU C 747 -2.86 27.78 -42.09
C LEU C 747 -3.57 26.76 -41.21
N ALA C 748 -3.95 27.15 -40.00
CA ALA C 748 -4.64 26.22 -39.11
C ALA C 748 -5.99 25.82 -39.69
N SER C 749 -6.74 26.78 -40.23
CA SER C 749 -8.08 26.47 -40.72
C SER C 749 -8.04 25.64 -41.99
N ALA C 750 -6.96 25.76 -42.77
CA ALA C 750 -6.94 25.13 -44.09
C ALA C 750 -7.23 23.63 -44.01
N LEU C 751 -6.49 22.90 -43.16
CA LEU C 751 -6.54 21.43 -43.23
C LEU C 751 -6.41 20.75 -41.87
N SER C 752 -6.88 21.36 -40.77
CA SER C 752 -6.52 20.88 -39.44
C SER C 752 -7.66 20.28 -38.61
N SER C 753 -8.92 20.39 -39.02
CA SER C 753 -10.03 19.76 -38.30
C SER C 753 -10.19 20.32 -36.89
N SER C 754 -10.65 21.56 -36.82
CA SER C 754 -10.97 22.17 -35.54
C SER C 754 -12.19 21.53 -34.89
N TYR C 755 -12.16 21.45 -33.56
CA TYR C 755 -13.26 20.92 -32.75
C TYR C 755 -13.91 22.08 -32.02
N VAL C 756 -15.25 22.17 -32.11
CA VAL C 756 -15.98 23.37 -31.74
C VAL C 756 -16.77 23.19 -30.45
N SER C 757 -17.75 22.28 -30.45
CA SER C 757 -18.67 22.19 -29.33
C SER C 757 -19.31 20.81 -29.33
N ASP C 758 -20.22 20.59 -28.39
CA ASP C 758 -20.97 19.35 -28.25
C ASP C 758 -22.41 19.55 -28.67
N PHE C 759 -23.06 18.45 -29.06
CA PHE C 759 -24.48 18.46 -29.34
C PHE C 759 -25.10 17.18 -28.77
N PRO C 760 -26.38 17.22 -28.40
CA PRO C 760 -27.04 16.02 -27.89
C PRO C 760 -27.45 15.08 -29.01
N ASN C 761 -26.97 13.85 -28.95
CA ASN C 761 -27.25 12.82 -29.95
C ASN C 761 -27.87 11.62 -29.24
N GLN C 762 -29.18 11.45 -29.37
CA GLN C 762 -29.93 10.42 -28.66
C GLN C 762 -29.47 10.30 -27.22
N GLY C 763 -29.61 11.40 -26.48
CA GLY C 763 -29.37 11.38 -25.05
C GLY C 763 -27.93 11.31 -24.62
N ARG C 764 -27.00 11.75 -25.46
CA ARG C 764 -25.59 11.76 -25.10
C ARG C 764 -24.91 12.92 -25.80
N LEU C 765 -23.96 13.56 -25.13
CA LEU C 765 -23.22 14.67 -25.71
C LEU C 765 -22.09 14.13 -26.57
N GLN C 766 -21.98 14.64 -27.80
CA GLN C 766 -20.97 14.18 -28.74
C GLN C 766 -20.39 15.39 -29.47
N ARG C 767 -19.19 15.21 -29.99
CA ARG C 767 -18.41 16.32 -30.54
C ARG C 767 -19.06 16.90 -31.79
N VAL C 768 -18.87 18.20 -31.98
CA VAL C 768 -19.16 18.89 -33.23
C VAL C 768 -17.84 19.45 -33.75
N MET C 769 -17.44 19.02 -34.94
CA MET C 769 -16.15 19.39 -35.49
C MET C 769 -16.30 19.89 -36.92
N VAL C 770 -15.43 20.84 -37.28
CA VAL C 770 -15.47 21.52 -38.56
C VAL C 770 -14.16 21.28 -39.29
N GLN C 771 -14.25 21.07 -40.60
CA GLN C 771 -13.08 20.84 -41.43
C GLN C 771 -13.44 21.17 -42.87
N ALA C 772 -12.42 21.37 -43.69
CA ALA C 772 -12.61 21.55 -45.11
C ALA C 772 -12.91 20.23 -45.79
N ASP C 773 -13.70 20.27 -46.85
CA ASP C 773 -13.99 19.04 -47.57
C ASP C 773 -12.74 18.51 -48.26
N GLY C 774 -12.73 17.21 -48.51
CA GLY C 774 -11.53 16.56 -48.99
C GLY C 774 -10.96 17.19 -50.24
N ASP C 775 -11.82 17.75 -51.09
CA ASP C 775 -11.35 18.37 -52.33
C ASP C 775 -10.29 19.43 -52.06
N ALA C 776 -10.36 20.08 -50.90
CA ALA C 776 -9.53 21.25 -50.61
C ALA C 776 -8.30 20.93 -49.77
N ARG C 777 -8.05 19.66 -49.44
CA ARG C 777 -6.93 19.32 -48.57
C ARG C 777 -6.24 18.03 -49.04
N MET C 778 -6.00 17.91 -50.35
CA MET C 778 -5.40 16.71 -50.91
C MET C 778 -4.02 16.91 -51.52
N GLN C 779 -3.73 18.10 -52.05
CA GLN C 779 -2.51 18.33 -52.81
C GLN C 779 -1.78 19.55 -52.28
N PRO C 780 -0.48 19.66 -52.54
CA PRO C 780 0.27 20.86 -52.11
C PRO C 780 -0.27 22.14 -52.73
N ALA C 781 -0.88 22.08 -53.91
CA ALA C 781 -1.46 23.26 -54.51
C ALA C 781 -2.50 23.91 -53.59
N ASP C 782 -3.11 23.12 -52.71
CA ASP C 782 -4.07 23.66 -51.78
C ASP C 782 -3.42 24.60 -50.78
N ILE C 783 -2.21 24.26 -50.32
CA ILE C 783 -1.44 25.17 -49.49
C ILE C 783 -0.94 26.35 -50.32
N LEU C 784 -0.45 26.08 -51.54
CA LEU C 784 0.15 27.14 -52.35
C LEU C 784 -0.88 28.22 -52.70
N ASN C 785 -2.12 27.83 -52.99
CA ASN C 785 -3.13 28.79 -53.42
C ASN C 785 -3.80 29.51 -52.26
N LEU C 786 -3.32 29.32 -51.03
CA LEU C 786 -3.93 29.97 -49.89
C LEU C 786 -3.69 31.47 -49.92
N THR C 787 -4.66 32.22 -49.42
CA THR C 787 -4.55 33.67 -49.30
C THR C 787 -4.96 34.09 -47.89
N VAL C 788 -4.40 35.20 -47.43
CA VAL C 788 -4.57 35.66 -46.06
C VAL C 788 -5.39 36.94 -46.08
N PRO C 789 -6.22 37.21 -45.06
CA PRO C 789 -7.15 38.35 -45.16
C PRO C 789 -6.51 39.70 -45.45
N ASN C 790 -5.32 39.98 -44.92
CA ASN C 790 -4.64 41.27 -45.11
C ASN C 790 -5.32 42.37 -44.30
N SER C 791 -4.57 43.44 -44.02
CA SER C 791 -5.09 44.53 -43.21
C SER C 791 -6.24 45.26 -43.91
N SER C 792 -6.11 45.51 -45.21
CA SER C 792 -7.10 46.25 -45.96
C SER C 792 -8.20 45.37 -46.55
N GLY C 793 -8.15 44.06 -46.29
CA GLY C 793 -9.21 43.18 -46.76
C GLY C 793 -9.04 42.68 -48.17
N ILE C 794 -7.82 42.68 -48.70
CA ILE C 794 -7.53 42.18 -50.04
C ILE C 794 -6.72 40.91 -49.91
N ALA C 795 -7.19 39.84 -50.55
CA ALA C 795 -6.49 38.56 -50.50
C ALA C 795 -5.10 38.67 -51.11
N VAL C 796 -4.11 38.12 -50.42
CA VAL C 796 -2.72 38.17 -50.86
C VAL C 796 -2.27 36.73 -51.11
N PRO C 797 -1.63 36.43 -52.24
CA PRO C 797 -1.10 35.08 -52.44
C PRO C 797 -0.11 34.70 -51.35
N LEU C 798 -0.20 33.45 -50.89
CA LEU C 798 0.74 32.97 -49.87
C LEU C 798 2.15 32.88 -50.43
N SER C 799 2.29 32.52 -51.71
CA SER C 799 3.62 32.41 -52.29
C SER C 799 4.37 33.73 -52.26
N SER C 800 3.64 34.85 -52.32
CA SER C 800 4.29 36.15 -52.23
C SER C 800 4.96 36.34 -50.87
N ILE C 801 4.29 35.93 -49.81
CA ILE C 801 4.78 36.17 -48.45
C ILE C 801 5.53 34.99 -47.86
N ALA C 802 5.48 33.82 -48.49
CA ALA C 802 6.14 32.63 -47.97
C ALA C 802 6.55 31.73 -49.12
N THR C 803 7.46 30.81 -48.83
CA THR C 803 7.90 29.81 -49.79
C THR C 803 7.59 28.42 -49.23
N VAL C 804 7.33 27.48 -50.13
CA VAL C 804 7.06 26.10 -49.77
C VAL C 804 8.10 25.22 -50.44
N SER C 805 8.41 24.10 -49.80
CA SER C 805 9.41 23.18 -50.32
C SER C 805 9.20 21.81 -49.72
N TRP C 806 9.77 20.80 -50.38
CA TRP C 806 9.75 19.43 -49.92
C TRP C 806 11.05 19.11 -49.20
N GLN C 807 10.94 18.59 -47.98
CA GLN C 807 12.12 18.26 -47.18
C GLN C 807 11.83 17.02 -46.36
N MET C 808 12.81 16.13 -46.30
CA MET C 808 12.68 14.89 -45.55
C MET C 808 12.62 15.17 -44.06
N GLY C 809 11.74 14.47 -43.35
CA GLY C 809 11.55 14.69 -41.94
C GLY C 809 11.48 13.37 -41.19
N THR C 810 11.58 13.47 -39.87
CA THR C 810 11.59 12.31 -38.99
C THR C 810 10.18 12.06 -38.48
N GLU C 811 9.67 10.86 -38.73
CA GLU C 811 8.33 10.49 -38.28
C GLU C 811 8.31 9.93 -36.87
N GLN C 812 9.41 9.35 -36.41
CA GLN C 812 9.46 8.76 -35.07
C GLN C 812 10.87 8.89 -34.53
N SER C 813 10.97 9.30 -33.27
CA SER C 813 12.25 9.45 -32.59
C SER C 813 12.17 8.69 -31.27
N VAL C 814 13.17 7.85 -31.01
CA VAL C 814 13.12 6.90 -29.91
C VAL C 814 14.42 6.98 -29.12
N ARG C 815 14.29 6.90 -27.79
CA ARG C 815 15.43 6.81 -26.88
C ARG C 815 15.24 5.60 -25.99
N PHE C 816 16.33 4.89 -25.71
CA PHE C 816 16.30 3.72 -24.85
C PHE C 816 17.35 3.89 -23.76
N ASN C 817 16.89 3.92 -22.51
CA ASN C 817 17.78 4.08 -21.36
C ASN C 817 18.60 5.37 -21.47
N GLY C 818 17.96 6.43 -21.96
CA GLY C 818 18.57 7.74 -21.96
C GLY C 818 19.51 8.03 -23.11
N TYR C 819 19.54 7.20 -24.14
CA TYR C 819 20.33 7.45 -25.33
C TYR C 819 19.47 7.33 -26.56
N PRO C 820 19.78 8.05 -27.63
CA PRO C 820 19.06 7.85 -28.89
C PRO C 820 19.27 6.44 -29.40
N ALA C 821 18.20 5.86 -29.96
CA ALA C 821 18.24 4.46 -30.37
C ALA C 821 17.33 4.24 -31.57
N MET C 822 17.49 3.07 -32.19
CA MET C 822 16.59 2.61 -33.24
C MET C 822 16.35 1.11 -33.06
N GLU C 823 15.20 0.65 -33.52
CA GLU C 823 14.77 -0.72 -33.33
C GLU C 823 15.00 -1.55 -34.58
N LEU C 824 15.37 -2.81 -34.39
CA LEU C 824 15.41 -3.78 -35.48
C LEU C 824 15.23 -5.16 -34.88
N SER C 825 14.75 -6.08 -35.72
CA SER C 825 14.40 -7.42 -35.24
C SER C 825 14.51 -8.40 -36.39
N GLY C 826 14.60 -9.67 -36.04
CA GLY C 826 14.64 -10.74 -37.01
C GLY C 826 14.47 -12.08 -36.35
N SER C 827 14.12 -13.07 -37.17
CA SER C 827 13.97 -14.42 -36.64
C SER C 827 15.16 -15.28 -37.01
N PRO C 828 15.62 -16.18 -36.15
CA PRO C 828 16.73 -17.06 -36.51
C PRO C 828 16.33 -18.03 -37.61
N ALA C 829 17.35 -18.52 -38.33
CA ALA C 829 17.12 -19.44 -39.42
C ALA C 829 16.60 -20.77 -38.87
N THR C 830 16.37 -21.72 -39.79
CA THR C 830 15.65 -22.93 -39.43
C THR C 830 16.38 -23.72 -38.34
N GLY C 831 17.66 -24.01 -38.55
CA GLY C 831 18.39 -24.84 -37.62
C GLY C 831 19.22 -24.07 -36.62
N VAL C 832 18.92 -22.78 -36.45
CA VAL C 832 19.68 -21.90 -35.58
C VAL C 832 18.82 -21.58 -34.37
N SER C 833 19.43 -21.64 -33.19
CA SER C 833 18.73 -21.33 -31.95
C SER C 833 18.85 -19.84 -31.63
N THR C 834 18.09 -19.42 -30.63
CA THR C 834 18.09 -18.01 -30.25
C THR C 834 19.45 -17.56 -29.73
N GLY C 835 20.10 -18.40 -28.93
CA GLY C 835 21.38 -18.02 -28.36
C GLY C 835 22.45 -17.80 -29.41
N GLN C 836 22.48 -18.65 -30.44
CA GLN C 836 23.43 -18.47 -31.53
C GLN C 836 23.24 -17.12 -32.20
N ALA C 837 21.98 -16.78 -32.50
CA ALA C 837 21.70 -15.51 -33.16
C ALA C 837 22.07 -14.34 -32.27
N MET C 838 21.78 -14.43 -30.96
CA MET C 838 22.14 -13.36 -30.05
C MET C 838 23.65 -13.15 -30.03
N GLU C 839 24.42 -14.23 -29.96
CA GLU C 839 25.88 -14.10 -29.95
C GLU C 839 26.38 -13.49 -31.25
N ALA C 840 25.83 -13.93 -32.38
CA ALA C 840 26.24 -13.38 -33.67
C ALA C 840 25.95 -11.90 -33.75
N VAL C 841 24.77 -11.47 -33.30
CA VAL C 841 24.41 -10.06 -33.37
C VAL C 841 25.28 -9.24 -32.44
N GLN C 842 25.61 -9.78 -31.26
CA GLN C 842 26.52 -9.06 -30.37
C GLN C 842 27.88 -8.86 -31.02
N LYS C 843 28.40 -9.91 -31.68
CA LYS C 843 29.67 -9.76 -32.38
C LYS C 843 29.57 -8.73 -33.50
N MET C 844 28.46 -8.74 -34.25
CA MET C 844 28.29 -7.76 -35.32
C MET C 844 28.28 -6.34 -34.77
N VAL C 845 27.55 -6.12 -33.67
CA VAL C 845 27.49 -4.77 -33.10
C VAL C 845 28.85 -4.35 -32.58
N ASP C 846 29.62 -5.29 -32.02
CA ASP C 846 30.98 -4.97 -31.64
C ASP C 846 31.80 -4.56 -32.86
N GLU C 847 31.56 -5.22 -34.00
CA GLU C 847 32.24 -4.82 -35.23
C GLU C 847 31.84 -3.42 -35.68
N LEU C 848 30.60 -3.02 -35.42
CA LEU C 848 30.13 -1.71 -35.89
C LEU C 848 31.04 -0.59 -35.41
N GLY C 849 31.67 -0.75 -34.25
CA GLY C 849 32.61 0.22 -33.72
C GLY C 849 32.14 0.80 -32.39
N SER C 850 33.04 1.57 -31.79
CA SER C 850 32.74 2.21 -30.52
C SER C 850 31.75 3.35 -30.71
N GLY C 851 31.11 3.74 -29.62
CA GLY C 851 30.07 4.74 -29.65
C GLY C 851 28.69 4.20 -29.94
N TYR C 852 28.58 2.93 -30.29
CA TYR C 852 27.30 2.27 -30.54
C TYR C 852 27.26 1.01 -29.70
N SER C 853 26.17 0.82 -28.95
CA SER C 853 26.04 -0.30 -28.04
C SER C 853 24.74 -1.03 -28.28
N LEU C 854 24.68 -2.25 -27.77
CA LEU C 854 23.54 -3.14 -27.94
C LEU C 854 22.73 -3.18 -26.64
N GLU C 855 21.42 -3.06 -26.76
CA GLU C 855 20.50 -3.32 -25.65
C GLU C 855 19.46 -4.32 -26.13
N TRP C 856 19.30 -5.41 -25.39
CA TRP C 856 18.31 -6.41 -25.73
C TRP C 856 16.92 -5.95 -25.29
N GLY C 857 15.91 -6.59 -25.85
CA GLY C 857 14.53 -6.23 -25.54
C GLY C 857 13.64 -7.46 -25.50
N GLY C 858 12.52 -7.29 -24.82
CA GLY C 858 11.53 -8.37 -24.75
C GLY C 858 12.10 -9.62 -24.13
N GLN C 859 11.83 -10.76 -24.78
CA GLN C 859 12.33 -12.04 -24.30
C GLN C 859 13.85 -12.12 -24.35
N SER C 860 14.49 -11.33 -25.21
CA SER C 860 15.94 -11.41 -25.36
C SER C 860 16.66 -10.97 -24.09
N ARG C 861 16.12 -9.99 -23.36
CA ARG C 861 16.74 -9.58 -22.10
C ARG C 861 16.75 -10.73 -21.10
N GLU C 862 15.60 -11.40 -20.95
CA GLU C 862 15.52 -12.53 -20.04
C GLU C 862 16.46 -13.65 -20.48
N GLU C 863 16.52 -13.92 -21.78
CA GLU C 863 17.40 -14.98 -22.26
C GLU C 863 18.87 -14.63 -22.05
N ALA C 864 19.21 -13.34 -22.13
CA ALA C 864 20.58 -12.92 -21.87
C ALA C 864 20.93 -13.05 -20.39
N LYS C 865 19.95 -12.82 -19.51
CA LYS C 865 20.22 -12.92 -18.08
C LYS C 865 20.62 -14.33 -17.65
N GLY C 866 20.34 -15.34 -18.47
CA GLY C 866 20.51 -16.73 -18.05
C GLY C 866 21.89 -17.32 -18.17
N GLY C 867 22.90 -16.55 -18.62
CA GLY C 867 24.22 -17.12 -18.81
C GLY C 867 24.87 -17.54 -17.51
N SER C 868 24.89 -16.65 -16.52
CA SER C 868 25.54 -16.93 -15.25
C SER C 868 24.60 -17.58 -14.25
N GLN C 869 23.29 -17.37 -14.41
CA GLN C 869 22.33 -17.88 -13.46
C GLN C 869 22.40 -19.40 -13.35
N THR C 870 22.59 -20.09 -14.48
CA THR C 870 22.59 -21.54 -14.47
C THR C 870 23.81 -22.09 -13.75
N ILE C 871 24.99 -21.52 -14.01
CA ILE C 871 26.19 -21.95 -13.31
C ILE C 871 26.03 -21.72 -11.82
N ALA C 872 25.51 -20.55 -11.44
CA ALA C 872 25.26 -20.29 -10.03
C ALA C 872 24.29 -21.31 -9.44
N LEU C 873 23.23 -21.64 -10.18
CA LEU C 873 22.24 -22.59 -9.70
C LEU C 873 22.88 -23.94 -9.41
N TYR C 874 23.68 -24.43 -10.36
CA TYR C 874 24.32 -25.74 -10.16
C TYR C 874 25.29 -25.71 -8.99
N ALA C 875 26.07 -24.63 -8.86
CA ALA C 875 27.02 -24.54 -7.76
C ALA C 875 26.30 -24.52 -6.42
N LEU C 876 25.23 -23.73 -6.30
CA LEU C 876 24.49 -23.71 -5.05
C LEU C 876 23.82 -25.04 -4.75
N ALA C 877 23.30 -25.72 -5.76
CA ALA C 877 22.71 -27.04 -5.52
C ALA C 877 23.75 -27.99 -4.95
N ALA C 878 24.94 -28.02 -5.56
CA ALA C 878 26.00 -28.90 -5.07
C ALA C 878 26.41 -28.52 -3.64
N VAL C 879 26.56 -27.23 -3.38
CA VAL C 879 27.01 -26.79 -2.05
C VAL C 879 25.96 -27.15 -1.00
N ALA C 880 24.68 -26.94 -1.30
CA ALA C 880 23.64 -27.28 -0.35
C ALA C 880 23.62 -28.76 -0.05
N VAL C 881 23.75 -29.59 -1.09
CA VAL C 881 23.79 -31.03 -0.88
C VAL C 881 24.96 -31.40 0.03
N PHE C 882 26.13 -30.84 -0.26
CA PHE C 882 27.32 -31.13 0.53
C PHE C 882 27.11 -30.78 1.99
N LEU C 883 26.64 -29.56 2.27
CA LEU C 883 26.48 -29.11 3.64
C LEU C 883 25.44 -29.93 4.39
N VAL C 884 24.32 -30.23 3.74
CA VAL C 884 23.27 -30.99 4.42
C VAL C 884 23.78 -32.39 4.75
N LEU C 885 24.46 -33.04 3.81
CA LEU C 885 24.99 -34.37 4.09
C LEU C 885 26.00 -34.34 5.22
N ALA C 886 26.88 -33.33 5.23
CA ALA C 886 27.87 -33.24 6.30
C ALA C 886 27.20 -33.07 7.65
N ALA C 887 26.19 -32.21 7.74
CA ALA C 887 25.47 -32.05 8.99
C ALA C 887 24.74 -33.32 9.39
N LEU C 888 24.28 -34.10 8.40
CA LEU C 888 23.51 -35.30 8.70
C LEU C 888 24.39 -36.46 9.17
N TYR C 889 25.61 -36.58 8.65
CA TYR C 889 26.45 -37.74 8.95
C TYR C 889 27.72 -37.40 9.71
N GLU C 890 27.95 -36.14 10.07
CA GLU C 890 29.11 -35.76 10.86
C GLU C 890 30.41 -36.17 10.17
N SER C 891 30.61 -35.65 8.97
CA SER C 891 31.83 -35.92 8.22
C SER C 891 32.02 -34.82 7.18
N TRP C 892 33.25 -34.72 6.69
CA TRP C 892 33.57 -33.87 5.55
C TRP C 892 33.90 -34.68 4.31
N SER C 893 33.82 -36.00 4.37
CA SER C 893 34.25 -36.88 3.28
C SER C 893 33.12 -37.67 2.65
N ILE C 894 32.12 -38.09 3.44
CA ILE C 894 30.97 -38.79 2.86
C ILE C 894 30.24 -37.89 1.88
N PRO C 895 29.94 -36.64 2.18
CA PRO C 895 29.34 -35.77 1.16
C PRO C 895 30.23 -35.60 -0.05
N LEU C 896 31.54 -35.60 0.15
CA LEU C 896 32.47 -35.52 -0.97
C LEU C 896 32.35 -36.73 -1.88
N ALA C 897 32.19 -37.92 -1.29
CA ALA C 897 31.96 -39.12 -2.09
C ALA C 897 30.64 -39.03 -2.84
N VAL C 898 29.60 -38.47 -2.21
CA VAL C 898 28.32 -38.36 -2.88
C VAL C 898 28.42 -37.42 -4.08
N LEU C 899 29.10 -36.29 -3.93
CA LEU C 899 29.13 -35.29 -5.00
C LEU C 899 29.76 -35.83 -6.27
N LEU C 900 30.52 -36.92 -6.20
CA LEU C 900 31.20 -37.44 -7.38
C LEU C 900 30.23 -38.03 -8.41
N VAL C 901 28.95 -38.16 -8.07
CA VAL C 901 27.98 -38.75 -8.98
C VAL C 901 27.33 -37.73 -9.91
N MET C 902 27.35 -36.46 -9.55
CA MET C 902 26.70 -35.44 -10.39
C MET C 902 27.27 -35.41 -11.80
N PRO C 903 28.59 -35.51 -12.02
CA PRO C 903 29.08 -35.54 -13.41
C PRO C 903 28.49 -36.68 -14.23
N LEU C 904 28.19 -37.83 -13.61
CA LEU C 904 27.58 -38.91 -14.35
C LEU C 904 26.20 -38.51 -14.87
N GLY C 905 25.40 -37.87 -14.02
CA GLY C 905 24.09 -37.41 -14.46
C GLY C 905 24.20 -36.36 -15.55
N LEU C 906 25.14 -35.42 -15.41
CA LEU C 906 25.32 -34.42 -16.46
C LEU C 906 25.71 -35.06 -17.77
N ALA C 907 26.65 -36.01 -17.74
CA ALA C 907 27.05 -36.69 -18.96
C ALA C 907 25.88 -37.42 -19.59
N GLY C 908 25.07 -38.10 -18.77
CA GLY C 908 23.91 -38.79 -19.30
C GLY C 908 22.95 -37.84 -19.99
N ALA C 909 22.62 -36.74 -19.33
CA ALA C 909 21.66 -35.79 -19.90
C ALA C 909 22.18 -35.19 -21.20
N ALA C 910 23.43 -34.73 -21.19
CA ALA C 910 24.00 -34.10 -22.38
C ALA C 910 24.10 -35.09 -23.52
N ALA C 911 24.54 -36.32 -23.25
CA ALA C 911 24.63 -37.33 -24.29
C ALA C 911 23.25 -37.63 -24.85
N GLY C 912 22.22 -37.67 -23.99
CA GLY C 912 20.89 -37.93 -24.48
C GLY C 912 20.37 -36.84 -25.39
N VAL C 913 20.58 -35.58 -25.01
CA VAL C 913 20.11 -34.48 -25.84
C VAL C 913 20.84 -34.49 -27.19
N THR C 914 22.16 -34.66 -27.15
CA THR C 914 22.92 -34.71 -28.39
C THR C 914 22.46 -35.87 -29.28
N GLY C 915 22.22 -37.03 -28.68
CA GLY C 915 21.81 -38.18 -29.44
C GLY C 915 20.44 -38.04 -30.07
N ARG C 916 19.49 -37.48 -29.33
CA ARG C 916 18.17 -37.27 -29.90
C ARG C 916 18.23 -36.24 -31.02
N ASN C 917 19.06 -35.20 -30.87
CA ASN C 917 19.22 -34.25 -31.95
C ASN C 917 19.77 -34.94 -33.20
N LEU C 918 20.79 -35.79 -33.02
CA LEU C 918 21.35 -36.50 -34.17
C LEU C 918 20.32 -37.44 -34.81
N PHE C 919 19.57 -38.16 -33.97
CA PHE C 919 18.59 -39.11 -34.49
C PHE C 919 17.51 -38.38 -35.29
N GLU C 920 17.02 -37.26 -34.78
CA GLU C 920 16.02 -36.50 -35.51
C GLU C 920 16.58 -35.91 -36.79
N GLY C 921 17.82 -35.41 -36.75
CA GLY C 921 18.43 -34.91 -37.96
C GLY C 921 18.54 -35.97 -39.04
N LEU C 922 18.99 -37.17 -38.65
CA LEU C 922 19.07 -38.27 -39.61
C LEU C 922 17.69 -38.66 -40.11
N LEU C 923 16.69 -38.64 -39.23
CA LEU C 923 15.33 -38.97 -39.64
C LEU C 923 14.80 -38.00 -40.69
N GLY C 924 15.27 -36.76 -40.66
CA GLY C 924 14.84 -35.76 -41.62
C GLY C 924 14.07 -34.62 -40.99
N SER C 925 14.32 -34.37 -39.71
CA SER C 925 13.67 -33.31 -38.97
C SER C 925 14.69 -32.24 -38.59
N VAL C 926 14.18 -31.12 -38.11
CA VAL C 926 15.00 -30.01 -37.64
C VAL C 926 15.26 -30.23 -36.15
N PRO C 927 16.52 -30.37 -35.72
CA PRO C 927 16.78 -30.54 -34.28
C PRO C 927 16.22 -29.37 -33.48
N SER C 928 15.64 -29.70 -32.32
CA SER C 928 14.92 -28.72 -31.52
C SER C 928 15.31 -28.71 -30.05
N PHE C 929 16.00 -29.74 -29.55
CA PHE C 929 16.34 -29.80 -28.14
C PHE C 929 17.58 -28.98 -27.86
N ALA C 930 17.53 -28.14 -26.83
CA ALA C 930 18.59 -27.20 -26.53
C ALA C 930 18.73 -27.05 -25.02
N ASN C 931 19.70 -26.22 -24.63
CA ASN C 931 19.94 -25.91 -23.22
C ASN C 931 19.04 -24.74 -22.84
N ASP C 932 17.82 -25.07 -22.42
CA ASP C 932 16.81 -24.07 -22.10
C ASP C 932 16.26 -24.32 -20.69
N ILE C 933 15.17 -23.63 -20.34
CA ILE C 933 14.63 -23.71 -18.98
C ILE C 933 14.33 -25.17 -18.62
N TYR C 934 13.71 -25.90 -19.54
CA TYR C 934 13.37 -27.28 -19.26
C TYR C 934 14.62 -28.11 -18.98
N PHE C 935 15.70 -27.83 -19.70
CA PHE C 935 16.96 -28.53 -19.43
C PHE C 935 17.44 -28.25 -18.01
N GLN C 936 17.38 -27.00 -17.57
CA GLN C 936 17.87 -26.67 -16.24
C GLN C 936 17.06 -27.36 -15.16
N VAL C 937 15.73 -27.31 -15.25
CA VAL C 937 14.92 -27.98 -14.24
C VAL C 937 15.16 -29.49 -14.28
N GLY C 938 15.22 -30.07 -15.48
CA GLY C 938 15.45 -31.50 -15.58
C GLY C 938 16.80 -31.90 -15.03
N PHE C 939 17.82 -31.06 -15.21
CA PHE C 939 19.14 -31.42 -14.71
C PHE C 939 19.23 -31.27 -13.20
N VAL C 940 18.52 -30.29 -12.62
CA VAL C 940 18.46 -30.23 -11.16
C VAL C 940 17.78 -31.48 -10.61
N THR C 941 16.70 -31.92 -11.27
CA THR C 941 16.05 -33.17 -10.85
C THR C 941 17.01 -34.35 -10.99
N VAL C 942 17.76 -34.40 -12.08
CA VAL C 942 18.71 -35.49 -12.29
C VAL C 942 19.79 -35.46 -11.21
N MET C 943 20.22 -34.27 -10.82
CA MET C 943 21.19 -34.15 -9.73
C MET C 943 20.64 -34.75 -8.46
N GLY C 944 19.41 -34.38 -8.10
CA GLY C 944 18.82 -34.93 -6.89
C GLY C 944 18.67 -36.44 -6.92
N LEU C 945 18.27 -36.98 -8.07
CA LEU C 945 18.07 -38.42 -8.16
C LEU C 945 19.41 -39.18 -8.15
N SER C 946 20.43 -38.62 -8.79
CA SER C 946 21.76 -39.21 -8.67
C SER C 946 22.24 -39.19 -7.23
N ALA C 947 21.97 -38.09 -6.53
CA ALA C 947 22.36 -37.99 -5.14
C ALA C 947 21.69 -39.04 -4.28
N LYS C 948 20.38 -39.27 -4.49
CA LYS C 948 19.70 -40.27 -3.68
C LYS C 948 20.21 -41.68 -4.02
N ASN C 949 20.44 -41.94 -5.30
CA ASN C 949 21.00 -43.24 -5.68
C ASN C 949 22.34 -43.46 -4.98
N ALA C 950 23.20 -42.45 -4.96
CA ALA C 950 24.51 -42.59 -4.34
C ALA C 950 24.37 -42.81 -2.83
N ILE C 951 23.60 -41.96 -2.15
CA ILE C 951 23.53 -42.02 -0.70
C ILE C 951 22.95 -43.35 -0.25
N LEU C 952 22.08 -43.95 -1.06
CA LEU C 952 21.49 -45.23 -0.67
C LEU C 952 22.56 -46.28 -0.42
N ILE C 953 23.55 -46.38 -1.32
CA ILE C 953 24.68 -47.28 -1.09
C ILE C 953 25.59 -46.73 0.01
N ILE C 954 25.81 -45.42 0.01
CA ILE C 954 26.89 -44.85 0.81
C ILE C 954 26.60 -44.97 2.31
N GLU C 955 25.36 -44.70 2.72
CA GLU C 955 25.06 -44.72 4.15
C GLU C 955 25.18 -46.13 4.71
N PHE C 956 24.73 -47.13 3.95
CA PHE C 956 24.87 -48.51 4.42
C PHE C 956 26.33 -48.92 4.45
N ALA C 957 27.14 -48.51 3.46
CA ALA C 957 28.55 -48.82 3.51
C ALA C 957 29.22 -48.16 4.71
N LYS C 958 28.81 -46.93 5.03
CA LYS C 958 29.38 -46.23 6.18
C LYS C 958 29.04 -46.96 7.48
N ASP C 959 27.81 -47.47 7.58
CA ASP C 959 27.46 -48.28 8.74
C ASP C 959 28.29 -49.57 8.77
N LEU C 960 28.58 -50.13 7.59
CA LEU C 960 29.20 -51.45 7.54
C LEU C 960 30.69 -51.41 7.83
N GLN C 961 31.43 -50.39 7.35
CA GLN C 961 32.85 -50.34 7.69
C GLN C 961 33.05 -50.24 9.19
N ALA C 962 32.30 -49.38 9.85
CA ALA C 962 32.27 -49.43 11.29
C ALA C 962 31.83 -50.82 11.72
N GLN C 963 31.95 -51.09 13.01
CA GLN C 963 31.59 -52.40 13.54
C GLN C 963 32.22 -53.55 12.76
N GLY C 964 33.38 -53.31 12.13
CA GLY C 964 34.28 -54.40 11.83
C GLY C 964 34.84 -54.53 10.42
N LYS C 965 34.04 -54.30 9.39
CA LYS C 965 34.42 -54.72 8.05
C LYS C 965 35.34 -53.71 7.38
N SER C 966 36.18 -54.21 6.49
CA SER C 966 37.09 -53.36 5.74
C SER C 966 36.31 -52.52 4.74
N ALA C 967 37.04 -51.70 3.98
CA ALA C 967 36.37 -50.78 3.07
C ALA C 967 35.83 -51.51 1.86
N VAL C 968 36.66 -52.32 1.20
CA VAL C 968 36.23 -53.01 0.00
C VAL C 968 35.08 -53.96 0.31
N GLU C 969 35.18 -54.70 1.42
CA GLU C 969 34.12 -55.61 1.81
C GLU C 969 32.83 -54.86 2.07
N ALA C 970 32.90 -53.73 2.78
CA ALA C 970 31.70 -52.99 3.12
C ALA C 970 31.04 -52.44 1.86
N ALA C 971 31.84 -51.92 0.93
CA ALA C 971 31.28 -51.43 -0.33
C ALA C 971 30.62 -52.55 -1.11
N LEU C 972 31.27 -53.72 -1.17
CA LEU C 972 30.68 -54.85 -1.89
C LEU C 972 29.34 -55.23 -1.28
N GLU C 973 29.28 -55.34 0.04
CA GLU C 973 28.04 -55.77 0.68
C GLU C 973 26.94 -54.73 0.49
N ALA C 974 27.29 -53.45 0.61
CA ALA C 974 26.28 -52.41 0.39
C ALA C 974 25.73 -52.47 -1.02
N ALA C 975 26.61 -52.65 -2.01
CA ALA C 975 26.16 -52.77 -3.38
C ALA C 975 25.22 -53.96 -3.54
N ARG C 976 25.63 -55.12 -3.02
CA ARG C 976 24.84 -56.33 -3.20
C ARG C 976 23.46 -56.19 -2.57
N LEU C 977 23.39 -55.60 -1.38
CA LEU C 977 22.10 -55.49 -0.71
C LEU C 977 21.22 -54.39 -1.28
N ARG C 978 21.80 -53.27 -1.73
CA ARG C 978 21.00 -52.15 -2.20
C ARG C 978 20.79 -52.14 -3.70
N PHE C 979 21.29 -53.13 -4.42
CA PHE C 979 21.06 -53.16 -5.87
C PHE C 979 19.59 -53.08 -6.21
N ARG C 980 18.77 -53.94 -5.60
CA ARG C 980 17.37 -54.03 -5.98
C ARG C 980 16.58 -52.75 -5.73
N PRO C 981 16.65 -52.13 -4.54
CA PRO C 981 15.92 -50.86 -4.36
C PRO C 981 16.31 -49.80 -5.38
N ILE C 982 17.59 -49.72 -5.71
CA ILE C 982 18.06 -48.71 -6.66
C ILE C 982 17.41 -48.92 -8.02
N ILE C 983 17.47 -50.16 -8.53
CA ILE C 983 16.89 -50.45 -9.83
C ILE C 983 15.39 -50.17 -9.80
N MET C 984 14.71 -50.65 -8.75
CA MET C 984 13.27 -50.44 -8.64
C MET C 984 12.93 -48.96 -8.75
N THR C 985 13.47 -48.14 -7.84
CA THR C 985 13.08 -46.72 -7.82
C THR C 985 13.48 -46.01 -9.10
N SER C 986 14.72 -46.25 -9.56
CA SER C 986 15.21 -45.53 -10.73
C SER C 986 14.39 -45.85 -11.97
N PHE C 987 14.09 -47.13 -12.19
CA PHE C 987 13.31 -47.47 -13.37
C PHE C 987 11.85 -47.12 -13.20
N ALA C 988 11.34 -47.03 -11.97
CA ALA C 988 10.03 -46.45 -11.76
C ALA C 988 9.98 -45.03 -12.29
N PHE C 989 10.98 -44.21 -11.92
CA PHE C 989 11.05 -42.86 -12.44
C PHE C 989 11.21 -42.86 -13.97
N ILE C 990 12.06 -43.75 -14.48
CA ILE C 990 12.37 -43.76 -15.91
C ILE C 990 11.12 -44.07 -16.72
N LEU C 991 10.37 -45.10 -16.33
CA LEU C 991 9.16 -45.44 -17.06
C LEU C 991 8.06 -44.40 -16.83
N GLY C 992 8.04 -43.77 -15.66
CA GLY C 992 7.04 -42.76 -15.41
C GLY C 992 7.15 -41.54 -16.30
N VAL C 993 8.33 -41.30 -16.87
CA VAL C 993 8.55 -40.14 -17.72
C VAL C 993 8.55 -40.48 -19.20
N VAL C 994 8.35 -41.75 -19.56
CA VAL C 994 8.25 -42.10 -20.97
C VAL C 994 7.11 -41.37 -21.66
N PRO C 995 5.92 -41.25 -21.06
CA PRO C 995 4.84 -40.54 -21.76
C PRO C 995 5.19 -39.12 -22.13
N LEU C 996 5.98 -38.41 -21.32
CA LEU C 996 6.44 -37.08 -21.70
C LEU C 996 7.49 -37.15 -22.80
N TYR C 997 8.26 -38.24 -22.85
CA TYR C 997 9.32 -38.37 -23.85
C TYR C 997 8.75 -38.44 -25.26
N ILE C 998 7.63 -39.13 -25.45
CA ILE C 998 7.07 -39.36 -26.77
C ILE C 998 5.79 -38.55 -26.93
N ALA C 999 5.72 -37.41 -26.24
CA ALA C 999 4.51 -36.61 -26.25
C ALA C 999 4.18 -36.14 -27.67
N GLY C 1000 2.88 -36.07 -27.97
CA GLY C 1000 2.43 -35.52 -29.22
C GLY C 1000 1.18 -34.70 -29.01
N GLY C 1001 0.90 -33.84 -29.99
CA GLY C 1001 -0.29 -33.00 -29.93
C GLY C 1001 -0.02 -31.56 -29.58
N ALA C 1002 -0.85 -30.99 -28.72
CA ALA C 1002 -0.71 -29.58 -28.35
C ALA C 1002 0.19 -29.44 -27.13
N SER C 1003 1.22 -28.61 -27.26
CA SER C 1003 2.23 -28.39 -26.23
C SER C 1003 3.18 -29.58 -26.09
N SER C 1004 3.32 -30.38 -27.15
CA SER C 1004 4.19 -31.56 -27.07
C SER C 1004 5.66 -31.18 -27.02
N ALA C 1005 6.03 -30.00 -27.54
CA ALA C 1005 7.44 -29.62 -27.58
C ALA C 1005 8.02 -29.53 -26.17
N SER C 1006 7.31 -28.87 -25.26
CA SER C 1006 7.79 -28.74 -23.89
C SER C 1006 7.90 -30.09 -23.21
N GLN C 1007 6.89 -30.94 -23.40
CA GLN C 1007 6.90 -32.26 -22.79
C GLN C 1007 8.09 -33.07 -23.27
N ARG C 1008 8.34 -33.06 -24.58
CA ARG C 1008 9.48 -33.80 -25.12
C ARG C 1008 10.79 -33.20 -24.63
N ALA C 1009 10.87 -31.88 -24.54
CA ALA C 1009 12.11 -31.24 -24.10
C ALA C 1009 12.48 -31.66 -22.69
N ILE C 1010 11.51 -31.63 -21.77
CA ILE C 1010 11.81 -32.03 -20.39
C ILE C 1010 12.03 -33.53 -20.31
N GLY C 1011 11.25 -34.31 -21.07
CA GLY C 1011 11.34 -35.75 -20.99
C GLY C 1011 12.67 -36.29 -21.46
N THR C 1012 13.19 -35.75 -22.57
CA THR C 1012 14.48 -36.21 -23.07
C THR C 1012 15.56 -36.05 -22.01
N THR C 1013 15.65 -34.85 -21.43
CA THR C 1013 16.67 -34.58 -20.42
C THR C 1013 16.54 -35.55 -19.26
N VAL C 1014 15.35 -35.61 -18.65
CA VAL C 1014 15.21 -36.43 -17.44
C VAL C 1014 15.44 -37.88 -17.75
N PHE C 1015 14.86 -38.38 -18.85
CA PHE C 1015 14.96 -39.80 -19.19
C PHE C 1015 16.40 -40.22 -19.37
N TRP C 1016 17.10 -39.58 -20.31
CA TRP C 1016 18.47 -40.03 -20.59
C TRP C 1016 19.39 -39.78 -19.41
N GLY C 1017 19.25 -38.63 -18.74
CA GLY C 1017 20.06 -38.39 -17.57
C GLY C 1017 19.91 -39.48 -16.53
N MET C 1018 18.67 -39.78 -16.15
CA MET C 1018 18.45 -40.76 -15.11
C MET C 1018 18.95 -42.14 -15.53
N LEU C 1019 18.64 -42.55 -16.76
CA LEU C 1019 19.03 -43.90 -17.19
C LEU C 1019 20.54 -44.05 -17.21
N ILE C 1020 21.24 -43.15 -17.90
CA ILE C 1020 22.69 -43.30 -18.02
C ILE C 1020 23.35 -43.13 -16.67
N GLY C 1021 22.91 -42.14 -15.89
CA GLY C 1021 23.50 -41.93 -14.58
C GLY C 1021 23.32 -43.12 -13.66
N THR C 1022 22.14 -43.75 -13.69
CA THR C 1022 21.92 -44.92 -12.85
C THR C 1022 22.81 -46.08 -13.28
N LEU C 1023 22.86 -46.34 -14.58
CA LEU C 1023 23.66 -47.47 -15.05
C LEU C 1023 25.13 -47.27 -14.72
N LEU C 1024 25.62 -46.04 -14.78
CA LEU C 1024 27.00 -45.78 -14.41
C LEU C 1024 27.20 -45.81 -12.90
N SER C 1025 26.22 -45.32 -12.14
CA SER C 1025 26.36 -45.20 -10.69
C SER C 1025 26.41 -46.56 -10.03
N VAL C 1026 25.56 -47.49 -10.45
CA VAL C 1026 25.49 -48.80 -9.82
C VAL C 1026 26.86 -49.45 -9.80
N PHE C 1027 27.73 -49.02 -10.73
CA PHE C 1027 29.09 -49.52 -10.82
C PHE C 1027 30.12 -48.60 -10.18
N LEU C 1028 29.93 -47.29 -10.25
CA LEU C 1028 30.99 -46.36 -9.85
C LEU C 1028 30.89 -45.87 -8.42
N VAL C 1029 29.68 -45.81 -7.84
CA VAL C 1029 29.54 -45.26 -6.48
C VAL C 1029 30.41 -46.02 -5.49
N PRO C 1030 30.44 -47.36 -5.48
CA PRO C 1030 31.35 -48.05 -4.56
C PRO C 1030 32.81 -47.66 -4.77
N LEU C 1031 33.20 -47.43 -6.01
CA LEU C 1031 34.55 -46.95 -6.27
C LEU C 1031 34.79 -45.59 -5.64
N PHE C 1032 33.84 -44.67 -5.80
CA PHE C 1032 33.97 -43.37 -5.15
C PHE C 1032 34.17 -43.54 -3.66
N TYR C 1033 33.34 -44.37 -3.03
CA TYR C 1033 33.40 -44.49 -1.59
C TYR C 1033 34.73 -45.08 -1.15
N VAL C 1034 35.19 -46.13 -1.84
CA VAL C 1034 36.45 -46.76 -1.47
C VAL C 1034 37.60 -45.78 -1.61
N VAL C 1035 37.64 -45.02 -2.71
CA VAL C 1035 38.77 -44.13 -2.93
C VAL C 1035 38.74 -42.97 -1.93
N VAL C 1036 37.55 -42.43 -1.65
CA VAL C 1036 37.46 -41.35 -0.68
C VAL C 1036 37.90 -41.83 0.69
N ARG C 1037 37.49 -43.03 1.09
CA ARG C 1037 37.93 -43.56 2.37
C ARG C 1037 39.43 -43.82 2.37
N LYS C 1038 40.01 -44.19 1.24
CA LYS C 1038 41.45 -44.42 1.19
C LYS C 1038 42.22 -43.12 1.35
N PHE C 1039 41.86 -42.08 0.60
CA PHE C 1039 42.61 -40.83 0.67
C PHE C 1039 42.43 -40.14 2.00
N PHE C 1040 41.19 -40.06 2.49
CA PHE C 1040 40.89 -39.49 3.79
C PHE C 1040 40.68 -40.65 4.78
N LYS C 1041 41.50 -40.69 5.83
CA LYS C 1041 41.64 -41.86 6.67
C LYS C 1041 40.61 -41.93 7.78
N GLU C 1042 39.44 -41.31 7.60
CA GLU C 1042 38.38 -41.39 8.59
C GLU C 1042 38.81 -40.68 9.87
N THR C 1043 37.86 -40.45 10.77
CA THR C 1043 38.10 -39.72 12.00
C THR C 1043 37.48 -40.48 13.16
N ALA C 1044 38.07 -40.32 14.35
CA ALA C 1044 37.56 -40.99 15.53
C ALA C 1044 36.13 -40.56 15.84
N HIS C 1045 35.85 -39.27 15.73
CA HIS C 1045 34.48 -38.79 15.90
C HIS C 1045 33.55 -39.45 14.89
N GLU C 1046 33.99 -39.55 13.64
CA GLU C 1046 33.19 -40.18 12.60
C GLU C 1046 32.91 -41.65 12.94
N HIS C 1047 33.94 -42.36 13.39
CA HIS C 1047 33.77 -43.77 13.75
C HIS C 1047 32.79 -43.93 14.90
N GLU C 1048 32.90 -43.10 15.92
CA GLU C 1048 31.99 -43.19 17.06
C GLU C 1048 30.56 -42.92 16.62
N MET C 1049 30.36 -41.88 15.80
CA MET C 1049 29.02 -41.54 15.37
C MET C 1049 28.43 -42.61 14.45
N ALA C 1050 29.27 -43.31 13.68
CA ALA C 1050 28.77 -44.41 12.85
C ALA C 1050 28.40 -45.61 13.70
N VAL C 1051 29.27 -45.99 14.64
CA VAL C 1051 28.99 -47.12 15.52
C VAL C 1051 27.71 -46.86 16.29
N ARG C 1052 27.52 -45.63 16.75
CA ARG C 1052 26.19 -45.17 17.11
C ARG C 1052 25.34 -45.13 15.86
N HIS C 1053 24.10 -45.57 15.98
CA HIS C 1053 23.15 -45.70 14.88
C HIS C 1053 23.49 -46.90 13.99
N ALA C 1054 24.69 -47.47 14.10
CA ALA C 1054 24.88 -48.81 13.58
C ALA C 1054 24.41 -49.83 14.60
N SER C 1055 24.65 -49.55 15.88
CA SER C 1055 24.04 -50.34 16.94
C SER C 1055 22.52 -50.21 16.89
N LYS C 1056 22.02 -49.00 16.66
CA LYS C 1056 20.57 -48.78 16.63
C LYS C 1056 19.93 -49.43 15.42
N ALA C 1057 20.51 -49.20 14.22
CA ALA C 1057 19.93 -49.80 13.01
C ALA C 1057 19.98 -51.33 13.09
N GLY C 1058 21.10 -51.88 13.56
CA GLY C 1058 21.24 -53.32 13.69
C GLY C 1058 21.85 -53.97 12.47
N PHE D 1 12.62 29.68 -10.24
CA PHE D 1 13.80 29.46 -9.40
C PHE D 1 13.60 30.06 -8.02
N LYS D 2 12.60 30.91 -7.85
CA LYS D 2 12.30 31.45 -6.53
C LYS D 2 11.93 30.29 -5.64
N ARG D 3 11.25 29.29 -6.18
CA ARG D 3 10.82 28.13 -5.39
C ARG D 3 12.00 27.32 -4.83
N ILE D 4 13.06 27.14 -5.61
CA ILE D 4 14.25 26.44 -5.14
C ILE D 4 14.88 27.25 -4.01
N VAL D 5 14.93 28.56 -4.19
CA VAL D 5 15.48 29.43 -3.15
C VAL D 5 14.60 29.35 -1.91
N GLN D 6 13.29 29.29 -2.09
CA GLN D 6 12.35 29.22 -0.98
C GLN D 6 12.61 27.95 -0.19
N ARG D 7 12.86 26.85 -0.90
CA ARG D 7 13.16 25.59 -0.23
C ARG D 7 14.44 25.65 0.59
N ILE D 8 15.50 26.23 0.03
CA ILE D 8 16.79 26.27 0.72
C ILE D 8 16.68 27.10 1.99
N LYS D 9 16.07 28.23 1.94
CA LYS D 9 16.01 29.13 3.09
C LYS D 9 15.02 28.65 4.15
N ASP D 10 13.98 27.87 3.76
CA ASP D 10 13.07 27.31 4.73
C ASP D 10 13.83 26.31 5.59
N PHE D 11 14.66 25.50 4.96
CA PHE D 11 15.48 24.55 5.71
C PHE D 11 16.42 25.28 6.64
N LEU D 12 17.06 26.33 6.14
CA LEU D 12 18.00 27.11 6.95
C LEU D 12 17.31 27.79 8.11
N ARG D 13 16.12 28.35 7.83
CA ARG D 13 15.31 28.98 8.87
C ARG D 13 15.12 28.03 10.03
N ASN D 14 14.79 26.79 9.72
CA ASN D 14 14.51 25.79 10.74
C ASN D 14 15.72 25.49 11.63
N LEU D 15 16.90 25.34 11.05
CA LEU D 15 18.08 24.96 11.86
C LEU D 15 18.45 26.05 12.86
N VAL D 16 18.35 27.31 12.48
CA VAL D 16 18.70 28.42 13.37
C VAL D 16 17.78 29.59 13.09
#